data_6H23
#
_entry.id   6H23
#
_cell.length_a   115.504
_cell.length_b   97.153
_cell.length_c   127.249
_cell.angle_alpha   90.000
_cell.angle_beta   93.530
_cell.angle_gamma   90.000
#
_symmetry.space_group_name_H-M   'P 1 21 1'
#
loop_
_entity.id
_entity.type
_entity.pdbx_description
1 polymer 'ATP-dependent Clp protease proteolytic subunit, mitochondrial'
2 non-polymer ~{N}-(1,3-benzodioxol-5-ylmethyl)-5-[(2-chloranyl-4-fluoranyl-phenyl)methyl]-1,3,4-oxadiazole-2-carboxamide
3 non-polymer 1,2-ETHANEDIOL
4 water water
#
_entity_poly.entity_id   1
_entity_poly.type   'polypeptide(L)'
_entity_poly.pdbx_seq_one_letter_code
;PLIPIVVEQTGRGERAYDIYSRLLRERIVCVMGPIDDSVASLVIAQLLFLQSESNKKPIHMAINSPGGVVTAGLAIYDTM
QYILNPICTWCVGQAASMGSLLLAAGTPGMRHSLPNSRIMIHQPSGGARGQATDIAIQAEEIMKLKKQLYNIYAKHTKQS
LQVIESAMERDRYMSPMEAQEFGILDKVLVHPPQDGEDEPTLVQKEPVEAAPAAEPVPASTWSHPQFEK
;
_entity_poly.pdbx_strand_id   A,B,C,D,E,F,G,H,I,J,K,L,M,N
#
loop_
_chem_comp.id
_chem_comp.type
_chem_comp.name
_chem_comp.formula
EDO non-polymer 1,2-ETHANEDIOL 'C2 H6 O2'
FJT non-polymer ~{N}-(1,3-benzodioxol-5-ylmethyl)-5-[(2-chloranyl-4-fluoranyl-phenyl)methyl]-1,3,4-oxadiazole-2-carboxamide 'C18 H13 Cl F N3 O4'
#
# COMPACT_ATOMS: atom_id res chain seq x y z
N ASP A 18 0.82 36.34 -5.35
CA ASP A 18 1.82 35.32 -5.04
C ASP A 18 3.21 35.94 -4.97
N ILE A 19 3.97 35.56 -3.94
CA ILE A 19 5.32 36.10 -3.76
C ILE A 19 6.23 35.71 -4.92
N TYR A 20 6.02 34.52 -5.51
CA TYR A 20 6.83 34.10 -6.64
C TYR A 20 6.51 34.87 -7.91
N SER A 21 5.33 35.51 -7.98
CA SER A 21 5.04 36.39 -9.11
C SER A 21 5.75 37.73 -8.95
N ARG A 22 5.84 38.24 -7.73
CA ARG A 22 6.60 39.47 -7.50
C ARG A 22 8.09 39.25 -7.69
N LEU A 23 8.59 38.05 -7.38
CA LEU A 23 10.00 37.73 -7.64
C LEU A 23 10.32 37.90 -9.12
N LEU A 24 9.43 37.41 -10.00
CA LEU A 24 9.66 37.56 -11.43
C LEU A 24 9.63 39.03 -11.85
N ARG A 25 8.80 39.85 -11.19
CA ARG A 25 8.79 41.28 -11.46
C ARG A 25 10.10 41.96 -11.10
N GLU A 26 10.99 41.27 -10.38
CA GLU A 26 12.32 41.77 -10.08
C GLU A 26 13.40 40.97 -10.80
N ARG A 27 13.02 40.18 -11.79
CA ARG A 27 13.95 39.40 -12.62
C ARG A 27 14.76 38.42 -11.75
N ILE A 28 14.05 37.70 -10.88
CA ILE A 28 14.64 36.69 -10.03
C ILE A 28 13.97 35.36 -10.34
N VAL A 29 14.79 34.35 -10.67
CA VAL A 29 14.33 33.01 -10.97
C VAL A 29 14.88 32.06 -9.90
N CYS A 30 13.99 31.32 -9.26
CA CYS A 30 14.35 30.44 -8.16
C CYS A 30 14.59 29.02 -8.69
N VAL A 31 15.82 28.53 -8.53
CA VAL A 31 16.14 27.14 -8.84
C VAL A 31 16.39 26.42 -7.53
N MET A 32 15.33 26.02 -6.85
CA MET A 32 15.42 25.37 -5.56
C MET A 32 14.77 24.00 -5.64
N GLY A 33 15.33 23.05 -4.90
CA GLY A 33 14.88 21.68 -4.94
C GLY A 33 15.54 20.91 -6.06
N PRO A 34 15.21 19.63 -6.18
CA PRO A 34 15.79 18.82 -7.26
C PRO A 34 15.38 19.33 -8.63
N ILE A 35 16.18 18.98 -9.63
CA ILE A 35 15.99 19.43 -11.01
C ILE A 35 15.49 18.25 -11.83
N ASP A 36 14.30 18.40 -12.40
CA ASP A 36 13.75 17.43 -13.34
C ASP A 36 13.24 18.17 -14.57
N ASP A 37 12.68 17.41 -15.50
CA ASP A 37 12.12 18.02 -16.71
C ASP A 37 10.99 19.00 -16.37
N SER A 38 10.31 18.78 -15.24
CA SER A 38 9.23 19.67 -14.86
C SER A 38 9.75 21.03 -14.39
N VAL A 39 10.81 21.02 -13.56
CA VAL A 39 11.39 22.27 -13.09
C VAL A 39 12.01 23.05 -14.23
N ALA A 40 12.76 22.36 -15.11
CA ALA A 40 13.48 23.04 -16.18
C ALA A 40 12.54 23.80 -17.10
N SER A 41 11.37 23.21 -17.43
CA SER A 41 10.43 23.86 -18.32
C SER A 41 9.96 25.20 -17.76
N LEU A 42 9.63 25.23 -16.47
CA LEU A 42 9.21 26.49 -15.85
C LEU A 42 10.34 27.51 -15.86
N VAL A 43 11.54 27.09 -15.44
CA VAL A 43 12.68 28.01 -15.38
C VAL A 43 12.99 28.58 -16.76
N ILE A 44 12.99 27.72 -17.79
CA ILE A 44 13.27 28.17 -19.14
C ILE A 44 12.21 29.17 -19.59
N ALA A 45 10.94 28.90 -19.27
CA ALA A 45 9.87 29.84 -19.64
C ALA A 45 10.08 31.19 -18.98
N GLN A 46 10.46 31.20 -17.69
CA GLN A 46 10.70 32.46 -17.02
C GLN A 46 11.92 33.17 -17.61
N LEU A 47 12.94 32.41 -18.01
CA LEU A 47 14.12 33.01 -18.62
C LEU A 47 13.79 33.57 -20.00
N LEU A 48 13.09 32.78 -20.82
CA LEU A 48 12.63 33.28 -22.12
C LEU A 48 11.71 34.48 -21.96
N PHE A 49 10.93 34.51 -20.88
CA PHE A 49 10.05 35.65 -20.61
C PHE A 49 10.85 36.92 -20.36
N LEU A 50 11.82 36.84 -19.44
CA LEU A 50 12.58 38.03 -19.06
C LEU A 50 13.38 38.60 -20.21
N GLN A 51 13.83 37.77 -21.15
CA GLN A 51 14.54 38.30 -22.32
C GLN A 51 13.61 39.14 -23.18
N SER A 52 12.35 38.71 -23.32
CA SER A 52 11.40 39.48 -24.11
C SER A 52 11.15 40.84 -23.47
N GLU A 53 11.10 40.90 -22.14
CA GLU A 53 10.91 42.17 -21.45
C GLU A 53 12.10 43.10 -21.71
N SER A 54 13.32 42.55 -21.74
CA SER A 54 14.52 43.33 -22.01
C SER A 54 15.72 42.41 -22.20
N ASN A 55 16.35 42.44 -23.38
CA ASN A 55 17.56 41.68 -23.59
C ASN A 55 18.80 42.33 -22.96
N LYS A 56 18.62 43.36 -22.15
CA LYS A 56 19.73 44.07 -21.52
C LYS A 56 19.68 44.05 -20.00
N LYS A 57 18.50 44.08 -19.40
CA LYS A 57 18.41 44.04 -17.95
C LYS A 57 18.84 42.67 -17.45
N PRO A 58 19.68 42.59 -16.42
CA PRO A 58 20.19 41.30 -15.97
C PRO A 58 19.11 40.46 -15.31
N ILE A 59 19.41 39.17 -15.18
CA ILE A 59 18.52 38.19 -14.58
C ILE A 59 19.24 37.58 -13.38
N HIS A 60 18.51 37.40 -12.29
CA HIS A 60 19.06 36.85 -11.06
C HIS A 60 18.54 35.43 -10.87
N MET A 61 19.46 34.49 -10.68
CA MET A 61 19.13 33.07 -10.54
C MET A 61 19.53 32.62 -9.14
N ALA A 62 18.54 32.38 -8.29
CA ALA A 62 18.78 31.90 -6.94
C ALA A 62 18.80 30.37 -6.97
N ILE A 63 19.86 29.79 -6.42
CA ILE A 63 20.11 28.36 -6.51
C ILE A 63 20.20 27.80 -5.11
N ASN A 64 19.32 26.83 -4.80
CA ASN A 64 19.37 26.07 -3.57
C ASN A 64 18.93 24.64 -3.93
N SER A 65 19.81 23.91 -4.62
CA SER A 65 19.47 22.63 -5.20
C SER A 65 20.54 21.60 -4.89
N PRO A 66 20.15 20.35 -4.62
CA PRO A 66 21.12 19.27 -4.48
C PRO A 66 21.48 18.57 -5.79
N GLY A 67 20.95 19.03 -6.92
CA GLY A 67 21.19 18.42 -8.20
C GLY A 67 19.89 18.01 -8.89
N GLY A 68 19.97 16.96 -9.67
CA GLY A 68 18.80 16.43 -10.34
C GLY A 68 19.19 15.73 -11.64
N VAL A 69 18.24 15.73 -12.58
CA VAL A 69 18.47 15.08 -13.86
C VAL A 69 19.44 15.90 -14.69
N VAL A 70 20.39 15.20 -15.33
CA VAL A 70 21.42 15.88 -16.11
C VAL A 70 20.82 16.59 -17.31
N THR A 71 19.99 15.87 -18.08
CA THR A 71 19.39 16.46 -19.29
C THR A 71 18.58 17.71 -18.97
N ALA A 72 17.90 17.71 -17.83
CA ALA A 72 17.15 18.90 -17.42
C ALA A 72 18.10 20.04 -17.07
N GLY A 73 19.22 19.74 -16.42
CA GLY A 73 20.19 20.78 -16.11
C GLY A 73 20.87 21.34 -17.34
N LEU A 74 21.28 20.46 -18.27
CA LEU A 74 21.87 20.94 -19.52
C LEU A 74 20.86 21.77 -20.32
N ALA A 75 19.57 21.45 -20.19
CA ALA A 75 18.55 22.26 -20.83
C ALA A 75 18.54 23.67 -20.27
N ILE A 76 18.61 23.80 -18.94
CA ILE A 76 18.69 25.11 -18.31
C ILE A 76 20.00 25.79 -18.65
N TYR A 77 21.11 25.04 -18.65
CA TYR A 77 22.42 25.61 -18.92
C TYR A 77 22.48 26.23 -20.31
N ASP A 78 22.10 25.46 -21.33
CA ASP A 78 22.13 25.98 -22.69
C ASP A 78 21.24 27.22 -22.84
N THR A 79 20.12 27.26 -22.13
CA THR A 79 19.26 28.44 -22.19
C THR A 79 19.92 29.64 -21.54
N MET A 80 20.63 29.42 -20.42
CA MET A 80 21.38 30.49 -19.80
C MET A 80 22.43 31.04 -20.76
N GLN A 81 23.11 30.15 -21.48
CA GLN A 81 24.09 30.58 -22.47
C GLN A 81 23.42 31.18 -23.70
N TYR A 82 22.25 30.65 -24.06
CA TYR A 82 21.57 31.11 -25.27
C TYR A 82 21.20 32.58 -25.17
N ILE A 83 20.50 32.97 -24.11
CA ILE A 83 20.00 34.33 -24.03
C ILE A 83 21.14 35.32 -23.93
N LEU A 84 20.84 36.57 -24.26
CA LEU A 84 21.83 37.65 -24.28
C LEU A 84 21.93 38.38 -22.95
N ASN A 85 20.96 38.19 -22.06
CA ASN A 85 20.94 38.90 -20.80
C ASN A 85 22.12 38.46 -19.92
N PRO A 86 22.69 39.37 -19.14
CA PRO A 86 23.61 38.94 -18.09
C PRO A 86 22.84 38.21 -16.99
N ILE A 87 23.48 37.19 -16.41
CA ILE A 87 22.83 36.33 -15.44
C ILE A 87 23.67 36.30 -14.18
N CYS A 88 23.11 36.80 -13.08
CA CYS A 88 23.75 36.74 -11.76
C CYS A 88 23.30 35.48 -11.04
N THR A 89 24.25 34.63 -10.69
CA THR A 89 23.96 33.41 -9.94
C THR A 89 24.26 33.62 -8.47
N TRP A 90 23.37 33.11 -7.61
CA TRP A 90 23.50 33.24 -6.17
C TRP A 90 23.31 31.87 -5.55
N CYS A 91 24.35 31.36 -4.89
CA CYS A 91 24.27 30.07 -4.19
C CYS A 91 23.82 30.32 -2.75
N VAL A 92 22.63 29.82 -2.43
CA VAL A 92 22.06 29.94 -1.08
C VAL A 92 21.74 28.54 -0.58
N GLY A 93 22.23 28.23 0.62
CA GLY A 93 22.08 26.90 1.17
C GLY A 93 23.07 25.91 0.62
N GLN A 94 22.84 25.40 -0.58
CA GLN A 94 23.77 24.47 -1.19
C GLN A 94 23.57 24.47 -2.71
N ALA A 95 24.62 24.06 -3.41
CA ALA A 95 24.56 23.85 -4.86
C ALA A 95 25.42 22.62 -5.18
N ALA A 96 24.77 21.48 -5.36
CA ALA A 96 25.44 20.23 -5.62
C ALA A 96 25.01 19.67 -6.98
N SER A 97 25.87 18.82 -7.54
CA SER A 97 25.64 18.14 -8.82
C SER A 97 25.36 19.20 -9.87
N MET A 98 24.23 19.14 -10.59
CA MET A 98 23.92 20.14 -11.61
C MET A 98 23.77 21.54 -11.04
N GLY A 99 23.50 21.65 -9.74
CA GLY A 99 23.36 22.97 -9.13
C GLY A 99 24.64 23.78 -9.20
N SER A 100 25.78 23.13 -8.97
CA SER A 100 27.06 23.83 -9.10
C SER A 100 27.35 24.21 -10.54
N LEU A 101 26.87 23.42 -11.50
CA LEU A 101 27.06 23.76 -12.91
C LEU A 101 26.32 25.04 -13.27
N LEU A 102 25.06 25.16 -12.83
CA LEU A 102 24.32 26.40 -13.06
C LEU A 102 24.93 27.57 -12.31
N LEU A 103 25.53 27.31 -11.15
CA LEU A 103 26.17 28.39 -10.39
C LEU A 103 27.35 28.97 -11.15
N ALA A 104 28.22 28.11 -11.68
CA ALA A 104 29.37 28.59 -12.45
C ALA A 104 28.98 29.13 -13.82
N ALA A 105 27.78 28.83 -14.29
CA ALA A 105 27.36 29.26 -15.62
C ALA A 105 26.90 30.71 -15.68
N GLY A 106 26.96 31.44 -14.57
CA GLY A 106 26.61 32.85 -14.58
C GLY A 106 27.62 33.68 -15.33
N THR A 107 27.24 34.92 -15.63
CA THR A 107 28.15 35.84 -16.29
C THR A 107 29.35 36.08 -15.39
N PRO A 108 30.58 35.97 -15.91
CA PRO A 108 31.77 36.13 -15.07
C PRO A 108 31.79 37.47 -14.36
N GLY A 109 32.08 37.43 -13.06
CA GLY A 109 32.00 38.61 -12.22
C GLY A 109 30.67 38.80 -11.54
N MET A 110 29.66 37.97 -11.85
CA MET A 110 28.33 38.10 -11.27
C MET A 110 27.87 36.81 -10.61
N ARG A 111 28.80 35.92 -10.27
CA ARG A 111 28.50 34.66 -9.60
C ARG A 111 28.81 34.82 -8.12
N HIS A 112 27.78 34.88 -7.29
CA HIS A 112 27.93 35.18 -5.88
C HIS A 112 27.62 33.94 -5.04
N SER A 113 27.81 34.06 -3.74
CA SER A 113 27.50 32.99 -2.80
C SER A 113 27.46 33.57 -1.39
N LEU A 114 26.56 33.05 -0.57
CA LEU A 114 26.47 33.43 0.82
C LEU A 114 27.47 32.63 1.66
N PRO A 115 27.83 33.12 2.84
CA PRO A 115 29.01 32.56 3.53
C PRO A 115 28.87 31.10 3.94
N ASN A 116 27.69 30.65 4.34
CA ASN A 116 27.50 29.31 4.87
C ASN A 116 27.00 28.31 3.83
N SER A 117 27.01 28.68 2.55
CA SER A 117 26.58 27.75 1.51
C SER A 117 27.61 26.64 1.33
N ARG A 118 27.15 25.52 0.77
CA ARG A 118 27.99 24.36 0.47
C ARG A 118 27.93 24.09 -1.02
N ILE A 119 29.10 24.05 -1.67
CA ILE A 119 29.23 23.77 -3.09
C ILE A 119 29.80 22.37 -3.25
N MET A 120 29.19 21.58 -4.13
CA MET A 120 29.64 20.23 -4.42
C MET A 120 29.70 20.04 -5.92
N ILE A 121 30.81 19.50 -6.41
CA ILE A 121 31.01 19.26 -7.84
C ILE A 121 31.04 17.77 -8.17
N HIS A 122 31.15 16.91 -7.17
CA HIS A 122 31.06 15.47 -7.41
C HIS A 122 29.64 15.10 -7.80
N GLN A 123 29.53 14.19 -8.78
CA GLN A 123 28.23 13.72 -9.26
C GLN A 123 27.89 12.41 -8.55
N PRO A 124 27.10 12.42 -7.47
CA PRO A 124 26.80 11.18 -6.75
C PRO A 124 25.85 10.26 -7.52
N ILE A 135 15.74 8.63 -18.00
CA ILE A 135 15.43 7.24 -18.31
C ILE A 135 16.63 6.35 -18.06
N ALA A 136 16.51 5.08 -18.41
CA ALA A 136 17.62 4.14 -18.30
C ALA A 136 18.55 4.31 -19.50
N ILE A 137 19.83 4.53 -19.22
CA ILE A 137 20.80 4.86 -20.25
C ILE A 137 21.85 3.77 -20.31
N GLN A 138 22.56 3.73 -21.44
CA GLN A 138 23.64 2.80 -21.66
C GLN A 138 24.95 3.36 -21.09
N ALA A 139 25.96 2.49 -21.02
CA ALA A 139 27.24 2.88 -20.44
C ALA A 139 27.92 3.98 -21.24
N GLU A 140 27.93 3.84 -22.58
CA GLU A 140 28.58 4.83 -23.43
C GLU A 140 27.90 6.19 -23.32
N GLU A 141 26.56 6.21 -23.39
CA GLU A 141 25.85 7.47 -23.29
C GLU A 141 25.98 8.08 -21.90
N ILE A 142 26.16 7.26 -20.87
CA ILE A 142 26.37 7.80 -19.52
C ILE A 142 27.78 8.38 -19.40
N MET A 143 28.76 7.71 -20.02
CA MET A 143 30.11 8.25 -20.06
C MET A 143 30.19 9.46 -20.98
N LYS A 144 29.32 9.53 -21.98
CA LYS A 144 29.27 10.69 -22.86
C LYS A 144 28.75 11.92 -22.12
N LEU A 145 27.86 11.74 -21.15
CA LEU A 145 27.31 12.86 -20.41
C LEU A 145 28.34 13.45 -19.44
N LYS A 146 29.10 12.59 -18.77
CA LYS A 146 30.11 13.05 -17.82
C LYS A 146 31.17 13.91 -18.52
N LYS A 147 31.70 13.42 -19.64
CA LYS A 147 32.67 14.22 -20.40
C LYS A 147 32.06 15.54 -20.86
N GLN A 148 30.75 15.56 -21.13
CA GLN A 148 30.09 16.83 -21.42
C GLN A 148 30.07 17.74 -20.20
N LEU A 149 29.95 17.17 -19.00
CA LEU A 149 30.02 17.98 -17.79
C LEU A 149 31.45 18.44 -17.52
N TYR A 150 32.42 17.57 -17.79
CA TYR A 150 33.83 17.95 -17.64
C TYR A 150 34.15 19.20 -18.45
N ASN A 151 33.72 19.23 -19.71
CA ASN A 151 34.05 20.35 -20.59
C ASN A 151 33.34 21.62 -20.17
N ILE A 152 32.08 21.52 -19.73
CA ILE A 152 31.33 22.71 -19.35
C ILE A 152 31.95 23.35 -18.12
N TYR A 153 32.34 22.53 -17.12
CA TYR A 153 33.00 23.09 -15.95
C TYR A 153 34.32 23.76 -16.33
N ALA A 154 35.17 23.06 -17.07
CA ALA A 154 36.47 23.61 -17.46
C ALA A 154 36.32 24.92 -18.23
N LYS A 155 35.25 25.05 -19.01
CA LYS A 155 35.04 26.27 -19.78
C LYS A 155 34.75 27.46 -18.87
N HIS A 156 33.92 27.26 -17.84
CA HIS A 156 33.50 28.36 -16.98
C HIS A 156 34.40 28.58 -15.78
N THR A 157 35.09 27.54 -15.31
CA THR A 157 36.08 27.71 -14.25
C THR A 157 37.48 27.96 -14.76
N LYS A 158 37.69 27.92 -16.08
CA LYS A 158 39.01 28.16 -16.69
C LYS A 158 40.07 27.24 -16.12
N GLN A 159 39.71 25.98 -15.92
CA GLN A 159 40.62 24.95 -15.46
C GLN A 159 40.81 23.91 -16.56
N SER A 160 41.82 23.07 -16.37
CA SER A 160 42.07 21.99 -17.33
C SER A 160 41.14 20.81 -17.05
N LEU A 161 40.93 20.00 -18.09
CA LEU A 161 40.11 18.80 -17.92
C LEU A 161 40.69 17.88 -16.86
N GLN A 162 42.02 17.81 -16.77
CA GLN A 162 42.66 16.95 -15.77
C GLN A 162 42.33 17.40 -14.36
N VAL A 163 42.26 18.72 -14.13
CA VAL A 163 41.90 19.23 -12.80
C VAL A 163 40.44 18.93 -12.48
N ILE A 164 39.55 19.18 -13.44
CA ILE A 164 38.11 18.99 -13.21
C ILE A 164 37.82 17.53 -12.92
N GLU A 165 38.40 16.61 -13.71
CA GLU A 165 38.17 15.18 -13.50
C GLU A 165 38.61 14.75 -12.10
N SER A 166 39.79 15.21 -11.67
CA SER A 166 40.30 14.82 -10.35
C SER A 166 39.48 15.45 -9.24
N ALA A 167 38.99 16.67 -9.45
CA ALA A 167 38.17 17.33 -8.44
C ALA A 167 36.80 16.66 -8.32
N MET A 168 36.14 16.44 -9.46
CA MET A 168 34.83 15.80 -9.47
C MET A 168 34.86 14.36 -8.97
N GLU A 169 36.05 13.77 -8.82
CA GLU A 169 36.17 12.41 -8.31
C GLU A 169 36.02 12.33 -6.81
N ARG A 170 36.19 13.45 -6.10
CA ARG A 170 36.17 13.45 -4.64
C ARG A 170 34.75 13.72 -4.15
N ASP A 171 34.19 12.77 -3.39
CA ASP A 171 32.87 12.93 -2.78
C ASP A 171 33.01 13.86 -1.57
N ARG A 172 32.90 15.16 -1.83
CA ARG A 172 33.17 16.15 -0.81
C ARG A 172 32.52 17.47 -1.23
N TYR A 173 32.33 18.35 -0.26
CA TYR A 173 31.82 19.70 -0.49
C TYR A 173 32.94 20.72 -0.37
N MET A 174 32.75 21.86 -1.04
CA MET A 174 33.68 22.97 -1.00
C MET A 174 33.04 24.18 -0.31
N SER A 175 33.87 24.97 0.37
CA SER A 175 33.41 26.21 0.96
C SER A 175 33.29 27.27 -0.13
N PRO A 176 32.53 28.35 0.14
CA PRO A 176 32.41 29.42 -0.88
C PRO A 176 33.74 30.02 -1.28
N MET A 177 34.67 30.18 -0.34
CA MET A 177 36.00 30.68 -0.70
C MET A 177 36.79 29.63 -1.47
N GLU A 178 36.64 28.35 -1.10
CA GLU A 178 37.28 27.28 -1.85
C GLU A 178 36.81 27.27 -3.29
N ALA A 179 35.49 27.35 -3.51
CA ALA A 179 34.96 27.35 -4.87
C ALA A 179 35.33 28.62 -5.63
N GLN A 180 35.56 29.73 -4.92
CA GLN A 180 36.01 30.94 -5.57
C GLN A 180 37.44 30.80 -6.07
N GLU A 181 38.31 30.18 -5.27
CA GLU A 181 39.66 29.87 -5.72
C GLU A 181 39.67 28.90 -6.88
N PHE A 182 38.61 28.09 -7.03
CA PHE A 182 38.53 27.11 -8.09
C PHE A 182 37.99 27.69 -9.39
N GLY A 183 37.29 28.81 -9.34
CA GLY A 183 36.71 29.42 -10.53
C GLY A 183 35.23 29.21 -10.70
N ILE A 184 34.53 28.70 -9.68
CA ILE A 184 33.11 28.42 -9.81
C ILE A 184 32.28 29.67 -9.52
N LEU A 185 32.71 30.48 -8.55
CA LEU A 185 32.01 31.71 -8.21
C LEU A 185 33.03 32.81 -7.99
N ASP A 186 32.54 34.05 -8.00
CA ASP A 186 33.38 35.23 -7.98
C ASP A 186 33.40 35.98 -6.66
N LYS A 187 32.26 36.09 -5.98
CA LYS A 187 32.17 36.87 -4.75
C LYS A 187 31.49 36.08 -3.65
N VAL A 188 32.04 36.19 -2.45
CA VAL A 188 31.43 35.65 -1.24
C VAL A 188 31.04 36.84 -0.38
N LEU A 189 29.74 37.03 -0.15
CA LEU A 189 29.23 38.24 0.47
C LEU A 189 28.59 37.91 1.81
N VAL A 190 28.98 38.67 2.84
CA VAL A 190 28.29 38.62 4.12
C VAL A 190 27.21 39.70 4.20
N HIS A 191 27.54 40.91 3.78
CA HIS A 191 26.64 42.05 3.70
C HIS A 191 26.85 42.77 2.38
N PRO A 192 25.84 43.50 1.89
CA PRO A 192 26.01 44.20 0.61
C PRO A 192 26.94 45.39 0.72
N ASP B 18 -1.04 33.28 -15.78
CA ASP B 18 -0.25 32.06 -15.89
C ASP B 18 0.82 32.22 -16.95
N ILE B 19 2.06 31.81 -16.63
CA ILE B 19 3.16 31.93 -17.58
C ILE B 19 2.89 31.09 -18.83
N TYR B 20 2.21 29.96 -18.68
CA TYR B 20 1.90 29.11 -19.83
C TYR B 20 0.84 29.74 -20.72
N SER B 21 0.06 30.68 -20.18
CA SER B 21 -0.84 31.47 -21.01
C SER B 21 -0.10 32.56 -21.78
N ARG B 22 1.11 32.89 -21.36
CA ARG B 22 1.90 33.88 -22.09
C ARG B 22 2.68 33.23 -23.23
N LEU B 23 3.11 31.98 -23.03
CA LEU B 23 3.75 31.23 -24.12
C LEU B 23 2.83 31.14 -25.32
N LEU B 24 1.54 30.89 -25.11
CA LEU B 24 0.60 30.79 -26.23
C LEU B 24 0.48 32.11 -26.97
N ARG B 25 0.53 33.23 -26.25
CA ARG B 25 0.51 34.55 -26.88
C ARG B 25 1.73 34.81 -27.75
N GLU B 26 2.78 33.99 -27.63
CA GLU B 26 3.96 34.10 -28.48
C GLU B 26 4.12 32.91 -29.41
N ARG B 27 3.06 32.12 -29.59
CA ARG B 27 3.03 31.00 -30.53
C ARG B 27 4.08 29.94 -30.18
N ILE B 28 4.13 29.57 -28.91
CA ILE B 28 5.02 28.51 -28.43
C ILE B 28 4.18 27.40 -27.83
N VAL B 29 4.37 26.18 -28.33
CA VAL B 29 3.69 25.00 -27.81
C VAL B 29 4.76 24.10 -27.22
N CYS B 30 4.62 23.77 -25.94
CA CYS B 30 5.62 22.99 -25.22
C CYS B 30 5.22 21.52 -25.22
N VAL B 31 6.05 20.69 -25.84
CA VAL B 31 5.88 19.24 -25.78
C VAL B 31 7.01 18.69 -24.93
N MET B 32 6.98 18.99 -23.63
CA MET B 32 7.99 18.53 -22.70
C MET B 32 7.40 17.44 -21.81
N GLY B 33 8.25 16.49 -21.42
CA GLY B 33 7.81 15.34 -20.66
C GLY B 33 7.33 14.24 -21.57
N PRO B 34 6.93 13.10 -20.99
CA PRO B 34 6.44 11.99 -21.80
C PRO B 34 5.17 12.36 -22.56
N ILE B 35 4.91 11.58 -23.61
CA ILE B 35 3.78 11.83 -24.51
C ILE B 35 2.73 10.76 -24.23
N ASP B 36 1.53 11.19 -23.83
CA ASP B 36 0.40 10.32 -23.66
C ASP B 36 -0.82 10.94 -24.35
N ASP B 37 -1.96 10.26 -24.26
CA ASP B 37 -3.18 10.77 -24.86
C ASP B 37 -3.58 12.13 -24.28
N SER B 38 -3.19 12.40 -23.03
CA SER B 38 -3.54 13.69 -22.42
C SER B 38 -2.71 14.82 -23.01
N VAL B 39 -1.41 14.61 -23.19
CA VAL B 39 -0.54 15.63 -23.77
C VAL B 39 -0.96 15.93 -25.21
N ALA B 40 -1.26 14.88 -25.98
CA ALA B 40 -1.59 15.06 -27.40
C ALA B 40 -2.80 15.98 -27.57
N SER B 41 -3.79 15.85 -26.68
CA SER B 41 -4.99 16.69 -26.78
C SER B 41 -4.63 18.17 -26.67
N LEU B 42 -3.80 18.52 -25.69
CA LEU B 42 -3.39 19.91 -25.53
C LEU B 42 -2.59 20.41 -26.74
N VAL B 43 -1.57 19.65 -27.14
CA VAL B 43 -0.71 20.08 -28.25
C VAL B 43 -1.54 20.27 -29.51
N ILE B 44 -2.40 19.30 -29.82
CA ILE B 44 -3.27 19.40 -30.99
C ILE B 44 -4.24 20.58 -30.82
N ALA B 45 -4.82 20.72 -29.63
CA ALA B 45 -5.73 21.83 -29.39
C ALA B 45 -5.03 23.19 -29.52
N GLN B 46 -3.84 23.31 -28.95
CA GLN B 46 -3.09 24.56 -29.07
C GLN B 46 -2.66 24.83 -30.51
N LEU B 47 -2.32 23.79 -31.26
CA LEU B 47 -1.92 23.99 -32.64
C LEU B 47 -3.09 24.50 -33.48
N LEU B 48 -4.26 23.90 -33.31
CA LEU B 48 -5.46 24.38 -33.99
C LEU B 48 -5.78 25.83 -33.63
N PHE B 49 -5.48 26.23 -32.38
CA PHE B 49 -5.75 27.61 -31.96
C PHE B 49 -4.90 28.60 -32.74
N LEU B 50 -3.58 28.40 -32.76
CA LEU B 50 -2.69 29.35 -33.44
C LEU B 50 -2.97 29.40 -34.94
N GLN B 51 -3.46 28.31 -35.52
CA GLN B 51 -3.79 28.33 -36.94
C GLN B 51 -4.93 29.31 -37.22
N SER B 52 -5.93 29.36 -36.35
CA SER B 52 -7.02 30.32 -36.52
C SER B 52 -6.56 31.75 -36.34
N GLU B 53 -5.69 31.99 -35.35
CA GLU B 53 -5.17 33.34 -35.13
C GLU B 53 -4.37 33.81 -36.34
N SER B 54 -3.64 32.88 -36.97
CA SER B 54 -2.91 33.16 -38.20
C SER B 54 -2.45 31.86 -38.81
N ASN B 55 -2.97 31.52 -39.99
CA ASN B 55 -2.53 30.35 -40.73
C ASN B 55 -1.25 30.59 -41.50
N LYS B 56 -0.57 31.71 -41.27
CA LYS B 56 0.68 32.06 -41.95
C LYS B 56 1.82 32.28 -40.97
N LYS B 57 1.54 32.84 -39.79
CA LYS B 57 2.58 33.05 -38.81
C LYS B 57 3.07 31.71 -38.26
N PRO B 58 4.39 31.53 -38.13
CA PRO B 58 4.91 30.23 -37.71
C PRO B 58 4.62 29.91 -36.25
N ILE B 59 4.80 28.64 -35.92
CA ILE B 59 4.55 28.11 -34.58
C ILE B 59 5.85 27.51 -34.06
N HIS B 60 6.14 27.75 -32.78
CA HIS B 60 7.36 27.27 -32.15
C HIS B 60 7.03 26.12 -31.21
N MET B 61 7.73 25.00 -31.40
CA MET B 61 7.51 23.78 -30.62
C MET B 61 8.78 23.43 -29.86
N ALA B 62 8.76 23.61 -28.55
CA ALA B 62 9.89 23.27 -27.68
C ALA B 62 9.76 21.81 -27.24
N ILE B 63 10.82 21.04 -27.42
CA ILE B 63 10.79 19.60 -27.22
C ILE B 63 11.79 19.21 -26.15
N ASN B 64 11.30 18.56 -25.09
CA ASN B 64 12.12 17.93 -24.05
C ASN B 64 11.38 16.67 -23.60
N SER B 65 11.40 15.64 -24.45
CA SER B 65 10.60 14.46 -24.22
C SER B 65 11.41 13.19 -24.42
N PRO B 66 11.20 12.18 -23.58
CA PRO B 66 11.83 10.87 -23.81
C PRO B 66 11.01 9.91 -24.67
N GLY B 67 9.86 10.32 -25.18
CA GLY B 67 9.00 9.46 -25.97
C GLY B 67 7.61 9.34 -25.37
N GLY B 68 6.99 8.20 -25.61
CA GLY B 68 5.67 7.94 -25.05
C GLY B 68 4.91 6.98 -25.95
N VAL B 69 3.58 7.12 -25.90
CA VAL B 69 2.70 6.28 -26.71
C VAL B 69 2.82 6.67 -28.17
N VAL B 70 2.88 5.66 -29.05
CA VAL B 70 3.09 5.91 -30.48
C VAL B 70 1.91 6.67 -31.07
N THR B 71 0.69 6.19 -30.83
CA THR B 71 -0.49 6.82 -31.41
C THR B 71 -0.60 8.28 -30.97
N ALA B 72 -0.22 8.58 -29.72
CA ALA B 72 -0.23 9.96 -29.26
C ALA B 72 0.78 10.80 -30.01
N GLY B 73 1.96 10.23 -30.30
CA GLY B 73 2.94 10.96 -31.08
C GLY B 73 2.52 11.16 -32.53
N LEU B 74 2.00 10.10 -33.15
CA LEU B 74 1.50 10.22 -34.52
C LEU B 74 0.34 11.19 -34.62
N ALA B 75 -0.46 11.31 -33.55
CA ALA B 75 -1.54 12.30 -33.54
C ALA B 75 -0.99 13.71 -33.64
N ILE B 76 0.05 14.01 -32.86
CA ILE B 76 0.70 15.31 -32.94
C ILE B 76 1.39 15.48 -34.28
N TYR B 77 2.05 14.42 -34.76
CA TYR B 77 2.78 14.50 -36.03
C TYR B 77 1.86 14.83 -37.19
N ASP B 78 0.78 14.05 -37.35
CA ASP B 78 -0.16 14.28 -38.45
C ASP B 78 -0.76 15.68 -38.39
N THR B 79 -1.00 16.19 -37.19
CA THR B 79 -1.58 17.53 -37.05
C THR B 79 -0.56 18.60 -37.46
N MET B 80 0.71 18.38 -37.14
CA MET B 80 1.75 19.32 -37.57
C MET B 80 1.78 19.42 -39.09
N GLN B 81 1.61 18.31 -39.78
CA GLN B 81 1.59 18.33 -41.24
C GLN B 81 0.29 18.93 -41.76
N TYR B 82 -0.83 18.69 -41.08
CA TYR B 82 -2.13 19.12 -41.56
C TYR B 82 -2.21 20.64 -41.65
N ILE B 83 -1.87 21.34 -40.57
CA ILE B 83 -2.05 22.79 -40.51
C ILE B 83 -1.15 23.48 -41.54
N LEU B 84 -1.47 24.73 -41.84
CA LEU B 84 -0.77 25.50 -42.85
C LEU B 84 0.42 26.28 -42.29
N ASN B 85 0.49 26.44 -40.96
CA ASN B 85 1.54 27.24 -40.37
C ASN B 85 2.91 26.56 -40.54
N PRO B 86 3.97 27.34 -40.73
CA PRO B 86 5.32 26.80 -40.57
C PRO B 86 5.58 26.51 -39.09
N ILE B 87 6.37 25.47 -38.84
CA ILE B 87 6.62 25.01 -37.48
C ILE B 87 8.12 25.00 -37.22
N CYS B 88 8.55 25.82 -36.27
CA CYS B 88 9.93 25.85 -35.83
C CYS B 88 10.06 24.88 -34.65
N THR B 89 10.90 23.86 -34.81
CA THR B 89 11.12 22.88 -33.76
C THR B 89 12.42 23.19 -33.03
N TRP B 90 12.39 23.05 -31.71
CA TRP B 90 13.54 23.32 -30.85
C TRP B 90 13.74 22.15 -29.91
N CYS B 91 14.87 21.47 -30.02
CA CYS B 91 15.22 20.38 -29.12
C CYS B 91 15.97 20.94 -27.92
N VAL B 92 15.36 20.82 -26.75
CA VAL B 92 15.95 21.32 -25.50
C VAL B 92 16.02 20.16 -24.53
N GLY B 93 17.22 19.93 -23.98
CA GLY B 93 17.42 18.80 -23.10
C GLY B 93 17.61 17.49 -23.85
N GLN B 94 16.52 16.91 -24.32
CA GLN B 94 16.58 15.66 -25.06
C GLN B 94 15.35 15.53 -25.94
N ALA B 95 15.49 14.72 -27.00
CA ALA B 95 14.38 14.35 -27.88
C ALA B 95 14.63 12.90 -28.28
N ALA B 96 13.94 11.98 -27.63
CA ALA B 96 14.12 10.56 -27.87
C ALA B 96 12.83 9.93 -28.38
N SER B 97 12.97 8.82 -29.12
CA SER B 97 11.84 8.08 -29.64
C SER B 97 10.90 8.99 -30.42
N MET B 98 9.63 9.03 -30.02
CA MET B 98 8.67 9.88 -30.70
C MET B 98 9.04 11.35 -30.61
N GLY B 99 9.84 11.74 -29.60
CA GLY B 99 10.25 13.12 -29.48
C GLY B 99 11.12 13.57 -30.64
N SER B 100 12.05 12.71 -31.06
CA SER B 100 12.88 13.04 -32.21
C SER B 100 12.06 13.05 -33.51
N LEU B 101 11.02 12.22 -33.58
CA LEU B 101 10.17 12.23 -34.76
C LEU B 101 9.44 13.56 -34.90
N LEU B 102 8.91 14.09 -33.79
CA LEU B 102 8.31 15.42 -33.83
C LEU B 102 9.36 16.49 -34.15
N LEU B 103 10.59 16.28 -33.70
CA LEU B 103 11.67 17.22 -34.01
C LEU B 103 11.98 17.23 -35.50
N ALA B 104 12.12 16.05 -36.10
CA ALA B 104 12.42 15.97 -37.52
C ALA B 104 11.26 16.39 -38.39
N ALA B 105 10.05 16.45 -37.84
CA ALA B 105 8.86 16.82 -38.60
C ALA B 105 8.71 18.32 -38.80
N GLY B 106 9.64 19.12 -38.32
CA GLY B 106 9.56 20.56 -38.51
C GLY B 106 9.76 20.96 -39.95
N THR B 107 9.41 22.21 -40.22
CA THR B 107 9.59 22.77 -41.55
C THR B 107 11.08 22.81 -41.88
N PRO B 108 11.49 22.33 -43.05
CA PRO B 108 12.92 22.31 -43.39
C PRO B 108 13.52 23.71 -43.31
N GLY B 109 14.66 23.82 -42.64
CA GLY B 109 15.28 25.08 -42.34
C GLY B 109 14.87 25.69 -41.02
N MET B 110 13.92 25.08 -40.31
CA MET B 110 13.43 25.59 -39.03
C MET B 110 13.53 24.54 -37.92
N ARG B 111 14.38 23.53 -38.10
CA ARG B 111 14.59 22.50 -37.08
C ARG B 111 15.88 22.82 -36.34
N HIS B 112 15.75 23.25 -35.09
CA HIS B 112 16.87 23.73 -34.30
C HIS B 112 17.17 22.77 -33.15
N SER B 113 18.26 23.06 -32.44
CA SER B 113 18.66 22.32 -31.25
C SER B 113 19.73 23.13 -30.52
N LEU B 114 19.70 23.04 -29.20
CA LEU B 114 20.72 23.66 -28.37
C LEU B 114 21.95 22.75 -28.28
N PRO B 115 23.12 23.29 -27.91
CA PRO B 115 24.36 22.53 -28.12
C PRO B 115 24.47 21.25 -27.33
N ASN B 116 23.99 21.22 -26.08
CA ASN B 116 24.18 20.06 -25.22
C ASN B 116 22.98 19.13 -25.21
N SER B 117 22.02 19.31 -26.11
CA SER B 117 20.88 18.42 -26.18
C SER B 117 21.31 17.04 -26.70
N ARG B 118 20.41 16.08 -26.58
CA ARG B 118 20.67 14.70 -26.99
C ARG B 118 19.48 14.17 -27.77
N ILE B 119 19.73 13.73 -29.00
CA ILE B 119 18.68 13.24 -29.90
C ILE B 119 18.81 11.72 -29.98
N MET B 120 17.67 11.04 -29.84
CA MET B 120 17.62 9.59 -29.92
C MET B 120 16.46 9.17 -30.79
N ILE B 121 16.72 8.29 -31.76
CA ILE B 121 15.67 7.75 -32.63
C ILE B 121 15.44 6.26 -32.42
N HIS B 122 16.29 5.58 -31.65
CA HIS B 122 16.06 4.19 -31.31
C HIS B 122 14.80 4.05 -30.47
N GLN B 123 14.01 3.01 -30.76
CA GLN B 123 12.76 2.78 -30.04
C GLN B 123 12.99 1.81 -28.90
N PRO B 124 12.53 2.13 -27.68
CA PRO B 124 12.75 1.29 -26.49
C PRO B 124 11.92 0.00 -26.55
N ILE B 135 -3.34 0.86 -25.96
CA ILE B 135 -3.93 -0.41 -25.55
C ILE B 135 -2.88 -1.51 -25.61
N ALA B 136 -3.32 -2.73 -25.89
CA ALA B 136 -2.45 -3.88 -26.05
C ALA B 136 -2.43 -4.28 -27.52
N ILE B 137 -1.24 -4.46 -28.06
CA ILE B 137 -1.07 -4.68 -29.49
C ILE B 137 -0.60 -6.10 -29.75
N GLN B 138 -0.89 -6.58 -30.96
CA GLN B 138 -0.42 -7.87 -31.44
C GLN B 138 0.92 -7.70 -32.16
N ALA B 139 1.55 -8.84 -32.47
CA ALA B 139 2.86 -8.83 -33.10
C ALA B 139 2.83 -8.16 -34.47
N GLU B 140 1.82 -8.49 -35.29
CA GLU B 140 1.75 -7.90 -36.62
C GLU B 140 1.51 -6.40 -36.57
N GLU B 141 0.83 -5.90 -35.53
CA GLU B 141 0.47 -4.49 -35.47
C GLU B 141 1.58 -3.61 -34.91
N ILE B 142 2.37 -4.11 -33.95
CA ILE B 142 3.52 -3.37 -33.48
C ILE B 142 4.52 -3.16 -34.63
N MET B 143 4.60 -4.13 -35.55
CA MET B 143 5.46 -3.98 -36.71
C MET B 143 4.94 -2.90 -37.65
N LYS B 144 3.62 -2.83 -37.86
CA LYS B 144 3.07 -1.79 -38.73
C LYS B 144 3.39 -0.40 -38.22
N LEU B 145 3.29 -0.19 -36.90
CA LEU B 145 3.71 1.08 -36.33
C LEU B 145 5.20 1.30 -36.52
N LYS B 146 6.01 0.25 -36.38
CA LYS B 146 7.44 0.37 -36.60
C LYS B 146 7.74 0.76 -38.04
N LYS B 147 7.16 0.02 -39.00
CA LYS B 147 7.30 0.39 -40.40
C LYS B 147 6.72 1.77 -40.68
N GLN B 148 5.68 2.16 -39.94
CA GLN B 148 5.18 3.53 -40.07
C GLN B 148 6.20 4.55 -39.58
N LEU B 149 6.98 4.20 -38.55
CA LEU B 149 8.02 5.12 -38.07
C LEU B 149 9.18 5.18 -39.04
N TYR B 150 9.55 4.04 -39.64
CA TYR B 150 10.61 4.03 -40.64
C TYR B 150 10.30 4.98 -41.78
N ASN B 151 9.07 4.93 -42.30
CA ASN B 151 8.71 5.77 -43.45
C ASN B 151 8.65 7.25 -43.07
N ILE B 152 8.14 7.55 -41.89
CA ILE B 152 8.01 8.95 -41.48
C ILE B 152 9.38 9.62 -41.35
N TYR B 153 10.34 8.91 -40.75
CA TYR B 153 11.69 9.45 -40.66
C TYR B 153 12.27 9.70 -42.05
N ALA B 154 12.22 8.67 -42.91
CA ALA B 154 12.80 8.76 -44.25
C ALA B 154 12.24 9.92 -45.05
N LYS B 155 10.96 10.26 -44.86
CA LYS B 155 10.39 11.38 -45.59
C LYS B 155 11.02 12.70 -45.17
N HIS B 156 11.22 12.89 -43.87
CA HIS B 156 11.74 14.15 -43.35
C HIS B 156 13.26 14.16 -43.20
N THR B 157 13.88 13.00 -43.02
CA THR B 157 15.34 12.93 -42.96
C THR B 157 15.98 12.66 -44.31
N LYS B 158 15.18 12.41 -45.35
CA LYS B 158 15.64 12.17 -46.71
C LYS B 158 16.56 10.96 -46.84
N GLN B 159 16.65 10.12 -45.82
CA GLN B 159 17.47 8.93 -45.89
C GLN B 159 16.66 7.76 -46.42
N SER B 160 17.34 6.70 -46.79
CA SER B 160 16.68 5.49 -47.26
C SER B 160 16.20 4.67 -46.07
N LEU B 161 15.19 3.83 -46.32
CA LEU B 161 14.70 2.93 -45.28
C LEU B 161 15.80 2.00 -44.79
N GLN B 162 16.70 1.58 -45.68
CA GLN B 162 17.78 0.69 -45.29
C GLN B 162 18.70 1.33 -44.26
N VAL B 163 18.95 2.63 -44.39
CA VAL B 163 19.79 3.33 -43.42
C VAL B 163 19.09 3.45 -42.07
N ILE B 164 17.81 3.85 -42.09
CA ILE B 164 17.07 4.09 -40.86
C ILE B 164 16.90 2.80 -40.06
N GLU B 165 16.55 1.71 -40.71
CA GLU B 165 16.36 0.44 -40.00
C GLU B 165 17.62 0.04 -39.24
N SER B 166 18.78 0.17 -39.89
CA SER B 166 20.02 -0.17 -39.21
C SER B 166 20.36 0.84 -38.13
N ALA B 167 20.03 2.11 -38.34
CA ALA B 167 20.31 3.14 -37.34
C ALA B 167 19.40 2.99 -36.12
N MET B 168 18.09 2.86 -36.33
CA MET B 168 17.17 2.69 -35.21
C MET B 168 17.39 1.41 -34.44
N GLU B 169 18.20 0.48 -34.98
CA GLU B 169 18.52 -0.75 -34.29
C GLU B 169 19.58 -0.54 -33.22
N ARG B 170 20.31 0.57 -33.28
CA ARG B 170 21.41 0.85 -32.36
C ARG B 170 20.90 1.65 -31.16
N ASP B 171 21.07 1.08 -29.96
CA ASP B 171 20.69 1.74 -28.73
C ASP B 171 21.71 2.83 -28.41
N ARG B 172 21.46 4.05 -28.90
CA ARG B 172 22.46 5.10 -28.85
C ARG B 172 21.80 6.47 -28.93
N TYR B 173 22.52 7.47 -28.42
CA TYR B 173 22.16 8.87 -28.58
C TYR B 173 23.14 9.52 -29.53
N MET B 174 22.69 10.56 -30.23
CA MET B 174 23.54 11.34 -31.11
C MET B 174 23.60 12.78 -30.63
N SER B 175 24.70 13.45 -30.93
CA SER B 175 24.84 14.86 -30.61
C SER B 175 24.00 15.69 -31.58
N PRO B 176 23.70 16.94 -31.23
CA PRO B 176 22.91 17.79 -32.14
C PRO B 176 23.54 17.95 -33.51
N MET B 177 24.87 18.01 -33.58
CA MET B 177 25.53 18.12 -34.87
C MET B 177 25.43 16.82 -35.66
N GLU B 178 25.53 15.68 -34.98
CA GLU B 178 25.31 14.40 -35.64
C GLU B 178 23.89 14.31 -36.20
N ALA B 179 22.90 14.74 -35.41
CA ALA B 179 21.52 14.71 -35.89
C ALA B 179 21.31 15.68 -37.05
N GLN B 180 22.13 16.73 -37.13
CA GLN B 180 22.09 17.61 -38.30
C GLN B 180 22.65 16.92 -39.52
N GLU B 181 23.75 16.18 -39.35
CA GLU B 181 24.35 15.43 -40.45
C GLU B 181 23.47 14.29 -40.92
N PHE B 182 22.50 13.87 -40.10
CA PHE B 182 21.62 12.77 -40.46
C PHE B 182 20.34 13.24 -41.13
N GLY B 183 19.97 14.51 -40.97
CA GLY B 183 18.75 15.04 -41.54
C GLY B 183 17.62 15.23 -40.55
N ILE B 184 17.90 15.13 -39.25
CA ILE B 184 16.84 15.25 -38.26
C ILE B 184 16.59 16.71 -37.91
N LEU B 185 17.65 17.52 -37.84
CA LEU B 185 17.53 18.94 -37.56
C LEU B 185 18.47 19.71 -38.46
N ASP B 186 18.26 21.02 -38.54
CA ASP B 186 18.96 21.87 -39.49
C ASP B 186 20.02 22.75 -38.88
N LYS B 187 19.76 23.34 -37.70
CA LYS B 187 20.67 24.32 -37.12
C LYS B 187 20.95 24.00 -35.66
N VAL B 188 22.22 24.17 -35.27
CA VAL B 188 22.65 24.08 -33.88
C VAL B 188 23.15 25.46 -33.47
N LEU B 189 22.48 26.07 -32.49
CA LEU B 189 22.73 27.46 -32.11
C LEU B 189 23.27 27.54 -30.70
N VAL B 190 24.36 28.30 -30.53
CA VAL B 190 24.85 28.65 -29.20
C VAL B 190 24.26 29.96 -28.71
N HIS B 191 24.23 30.97 -29.58
CA HIS B 191 23.60 32.26 -29.32
C HIS B 191 22.75 32.66 -30.51
N PRO B 192 21.72 33.47 -30.29
CA PRO B 192 20.89 33.93 -31.41
C PRO B 192 21.61 35.00 -32.19
N PRO B 193 21.74 34.84 -33.52
CA PRO B 193 22.43 35.83 -34.35
C PRO B 193 21.46 36.79 -35.04
N TYR C 17 -9.70 32.22 -23.12
CA TYR C 17 -9.92 31.60 -21.81
C TYR C 17 -9.27 30.22 -21.75
N ASP C 18 -9.97 29.29 -21.09
CA ASP C 18 -9.52 27.90 -21.08
C ASP C 18 -9.47 27.38 -22.50
N ILE C 19 -8.40 26.63 -22.82
CA ILE C 19 -8.22 26.14 -24.18
C ILE C 19 -9.38 25.24 -24.60
N TYR C 20 -9.90 24.44 -23.66
CA TYR C 20 -11.03 23.59 -23.98
C TYR C 20 -12.33 24.38 -24.09
N SER C 21 -12.37 25.60 -23.58
CA SER C 21 -13.55 26.44 -23.75
C SER C 21 -13.61 27.05 -25.16
N ARG C 22 -12.48 27.48 -25.70
CA ARG C 22 -12.49 28.10 -27.02
C ARG C 22 -12.75 27.08 -28.13
N LEU C 23 -12.28 25.84 -27.94
CA LEU C 23 -12.62 24.78 -28.89
C LEU C 23 -14.14 24.60 -29.00
N LEU C 24 -14.84 24.64 -27.87
CA LEU C 24 -16.28 24.50 -27.88
C LEU C 24 -16.94 25.62 -28.66
N ARG C 25 -16.39 26.84 -28.58
CA ARG C 25 -16.87 27.96 -29.36
C ARG C 25 -16.68 27.75 -30.86
N GLU C 26 -15.91 26.73 -31.27
CA GLU C 26 -15.71 26.39 -32.66
C GLU C 26 -16.39 25.07 -33.03
N ARG C 27 -17.33 24.62 -32.19
CA ARG C 27 -18.12 23.42 -32.46
C ARG C 27 -17.23 22.18 -32.57
N ILE C 28 -16.30 22.05 -31.62
CA ILE C 28 -15.41 20.90 -31.55
C ILE C 28 -15.61 20.23 -30.20
N VAL C 29 -15.93 18.95 -30.22
CA VAL C 29 -16.09 18.13 -29.01
C VAL C 29 -15.01 17.06 -29.05
N CYS C 30 -14.20 17.00 -28.00
CA CYS C 30 -13.06 16.09 -27.95
C CYS C 30 -13.45 14.82 -27.25
N VAL C 31 -13.39 13.70 -27.96
CA VAL C 31 -13.57 12.38 -27.38
C VAL C 31 -12.22 11.70 -27.38
N MET C 32 -11.33 12.16 -26.49
CA MET C 32 -9.96 11.66 -26.42
C MET C 32 -9.75 11.03 -25.06
N GLY C 33 -9.33 9.76 -25.07
CA GLY C 33 -9.13 9.01 -23.85
C GLY C 33 -10.14 7.88 -23.73
N PRO C 34 -10.04 7.10 -22.65
CA PRO C 34 -11.00 6.01 -22.46
C PRO C 34 -12.42 6.53 -22.27
N ILE C 35 -13.37 5.65 -22.51
CA ILE C 35 -14.79 5.99 -22.46
C ILE C 35 -15.37 5.34 -21.22
N ASP C 36 -15.88 6.17 -20.30
CA ASP C 36 -16.60 5.72 -19.13
C ASP C 36 -17.87 6.55 -18.98
N ASP C 37 -18.63 6.26 -17.92
CA ASP C 37 -19.85 7.02 -17.66
C ASP C 37 -19.55 8.51 -17.45
N SER C 38 -18.36 8.84 -16.97
CA SER C 38 -18.00 10.24 -16.73
C SER C 38 -17.77 10.99 -18.03
N VAL C 39 -17.05 10.38 -18.97
CA VAL C 39 -16.76 11.04 -20.25
C VAL C 39 -18.04 11.29 -21.03
N ALA C 40 -18.93 10.30 -21.09
CA ALA C 40 -20.15 10.43 -21.90
C ALA C 40 -20.99 11.62 -21.45
N SER C 41 -21.09 11.83 -20.14
CA SER C 41 -21.88 12.94 -19.62
C SER C 41 -21.36 14.28 -20.14
N LEU C 42 -20.03 14.45 -20.14
CA LEU C 42 -19.44 15.68 -20.66
C LEU C 42 -19.74 15.84 -22.15
N VAL C 43 -19.47 14.80 -22.94
CA VAL C 43 -19.68 14.87 -24.38
C VAL C 43 -21.15 15.14 -24.70
N ILE C 44 -22.06 14.43 -24.03
CA ILE C 44 -23.48 14.62 -24.27
C ILE C 44 -23.90 16.04 -23.92
N ALA C 45 -23.41 16.57 -22.81
CA ALA C 45 -23.74 17.94 -22.44
C ALA C 45 -23.25 18.93 -23.49
N GLN C 46 -22.02 18.75 -23.97
CA GLN C 46 -21.50 19.62 -25.02
C GLN C 46 -22.25 19.44 -26.34
N LEU C 47 -22.70 18.22 -26.64
CA LEU C 47 -23.44 18.00 -27.88
C LEU C 47 -24.79 18.72 -27.84
N LEU C 48 -25.53 18.58 -26.74
CA LEU C 48 -26.76 19.34 -26.58
C LEU C 48 -26.49 20.84 -26.59
N PHE C 49 -25.33 21.25 -26.08
CA PHE C 49 -24.96 22.66 -26.04
C PHE C 49 -24.80 23.24 -27.44
N LEU C 50 -23.99 22.58 -28.27
CA LEU C 50 -23.71 23.11 -29.60
C LEU C 50 -24.96 23.15 -30.47
N GLN C 51 -25.92 22.25 -30.23
CA GLN C 51 -27.16 22.26 -30.98
C GLN C 51 -27.96 23.55 -30.71
N SER C 52 -27.91 24.04 -29.47
CA SER C 52 -28.63 25.27 -29.14
C SER C 52 -28.07 26.47 -29.90
N GLU C 53 -26.74 26.55 -30.06
CA GLU C 53 -26.16 27.64 -30.84
C GLU C 53 -26.64 27.59 -32.28
N SER C 54 -26.79 26.39 -32.83
CA SER C 54 -27.30 26.20 -34.18
C SER C 54 -27.64 24.75 -34.43
N ASN C 55 -28.91 24.45 -34.67
CA ASN C 55 -29.34 23.11 -35.04
C ASN C 55 -29.04 22.77 -36.50
N LYS C 56 -28.30 23.63 -37.20
CA LYS C 56 -27.95 23.44 -38.59
C LYS C 56 -26.45 23.44 -38.84
N LYS C 57 -25.70 24.24 -38.09
CA LYS C 57 -24.25 24.27 -38.25
C LYS C 57 -23.64 22.95 -37.77
N PRO C 58 -22.69 22.39 -38.53
CA PRO C 58 -22.14 21.08 -38.18
C PRO C 58 -21.30 21.12 -36.91
N ILE C 59 -21.06 19.93 -36.38
CA ILE C 59 -20.28 19.75 -35.15
C ILE C 59 -19.10 18.85 -35.48
N HIS C 60 -17.93 19.18 -34.94
CA HIS C 60 -16.71 18.44 -35.20
C HIS C 60 -16.35 17.64 -33.94
N MET C 61 -16.16 16.33 -34.12
CA MET C 61 -15.86 15.43 -33.01
C MET C 61 -14.48 14.82 -33.23
N ALA C 62 -13.52 15.24 -32.41
CA ALA C 62 -12.17 14.69 -32.47
C ALA C 62 -12.08 13.45 -31.58
N ILE C 63 -11.60 12.36 -32.16
CA ILE C 63 -11.63 11.06 -31.49
C ILE C 63 -10.21 10.53 -31.41
N ASN C 64 -9.74 10.24 -30.18
CA ASN C 64 -8.47 9.58 -29.91
C ASN C 64 -8.68 8.66 -28.71
N SER C 65 -9.37 7.54 -28.95
CA SER C 65 -9.78 6.67 -27.86
C SER C 65 -9.46 5.21 -28.18
N PRO C 66 -9.04 4.44 -27.18
CA PRO C 66 -8.86 3.00 -27.36
C PRO C 66 -10.11 2.18 -27.08
N GLY C 67 -11.24 2.83 -26.78
CA GLY C 67 -12.47 2.15 -26.45
C GLY C 67 -12.98 2.59 -25.09
N GLY C 68 -13.69 1.69 -24.43
CA GLY C 68 -14.20 1.97 -23.10
C GLY C 68 -15.47 1.19 -22.83
N VAL C 69 -16.30 1.76 -21.95
CA VAL C 69 -17.56 1.12 -21.59
C VAL C 69 -18.54 1.20 -22.76
N VAL C 70 -19.22 0.09 -23.02
CA VAL C 70 -20.14 0.03 -24.15
C VAL C 70 -21.34 0.95 -23.93
N THR C 71 -21.97 0.84 -22.76
CA THR C 71 -23.15 1.66 -22.48
C THR C 71 -22.82 3.14 -22.55
N ALA C 72 -21.63 3.52 -22.09
CA ALA C 72 -21.21 4.92 -22.20
C ALA C 72 -21.02 5.33 -23.65
N GLY C 73 -20.47 4.43 -24.47
CA GLY C 73 -20.33 4.72 -25.89
C GLY C 73 -21.67 4.79 -26.61
N LEU C 74 -22.56 3.84 -26.31
CA LEU C 74 -23.90 3.87 -26.90
C LEU C 74 -24.66 5.12 -26.47
N ALA C 75 -24.37 5.64 -25.28
CA ALA C 75 -25.00 6.89 -24.84
C ALA C 75 -24.61 8.04 -25.76
N ILE C 76 -23.32 8.15 -26.09
CA ILE C 76 -22.88 9.15 -27.04
C ILE C 76 -23.45 8.88 -28.42
N TYR C 77 -23.48 7.61 -28.82
CA TYR C 77 -23.99 7.24 -30.14
C TYR C 77 -25.44 7.66 -30.31
N ASP C 78 -26.31 7.25 -29.38
CA ASP C 78 -27.71 7.65 -29.44
C ASP C 78 -27.86 9.17 -29.41
N THR C 79 -27.00 9.84 -28.65
CA THR C 79 -27.05 11.30 -28.60
C THR C 79 -26.59 11.93 -29.90
N MET C 80 -25.56 11.35 -30.52
CA MET C 80 -25.11 11.84 -31.83
C MET C 80 -26.22 11.71 -32.88
N GLN C 81 -26.92 10.59 -32.89
CA GLN C 81 -27.99 10.40 -33.86
C GLN C 81 -29.22 11.22 -33.50
N TYR C 82 -29.47 11.42 -32.20
CA TYR C 82 -30.66 12.15 -31.76
C TYR C 82 -30.67 13.58 -32.30
N ILE C 83 -29.56 14.31 -32.10
CA ILE C 83 -29.53 15.72 -32.47
C ILE C 83 -29.64 15.87 -33.99
N LEU C 84 -29.99 17.08 -34.42
CA LEU C 84 -30.22 17.36 -35.82
C LEU C 84 -28.97 17.83 -36.56
N ASN C 85 -27.93 18.23 -35.84
CA ASN C 85 -26.74 18.76 -36.48
C ASN C 85 -26.01 17.67 -37.27
N PRO C 86 -25.40 18.04 -38.40
CA PRO C 86 -24.43 17.12 -39.01
C PRO C 86 -23.19 17.02 -38.14
N ILE C 87 -22.59 15.84 -38.14
CA ILE C 87 -21.49 15.52 -37.22
C ILE C 87 -20.28 15.09 -38.03
N CYS C 88 -19.22 15.89 -37.93
CA CYS C 88 -17.94 15.55 -38.54
C CYS C 88 -17.09 14.80 -37.53
N THR C 89 -16.74 13.57 -37.85
CA THR C 89 -15.88 12.76 -36.98
C THR C 89 -14.47 12.78 -37.53
N TRP C 90 -13.50 12.89 -36.63
CA TRP C 90 -12.09 12.95 -37.00
C TRP C 90 -11.31 11.95 -36.17
N CYS C 91 -10.73 10.95 -36.83
CA CYS C 91 -9.87 9.97 -36.16
C CYS C 91 -8.44 10.49 -36.18
N VAL C 92 -7.91 10.81 -35.00
CA VAL C 92 -6.56 11.29 -34.83
C VAL C 92 -5.85 10.38 -33.83
N GLY C 93 -4.69 9.86 -34.23
CA GLY C 93 -3.99 8.89 -33.41
C GLY C 93 -4.57 7.50 -33.55
N GLN C 94 -5.69 7.23 -32.89
CA GLN C 94 -6.34 5.94 -32.99
C GLN C 94 -7.80 6.06 -32.62
N ALA C 95 -8.60 5.12 -33.12
CA ALA C 95 -10.00 4.97 -32.74
C ALA C 95 -10.29 3.47 -32.71
N ALA C 96 -10.29 2.88 -31.52
CA ALA C 96 -10.46 1.45 -31.36
C ALA C 96 -11.72 1.16 -30.54
N SER C 97 -12.26 -0.05 -30.72
CA SER C 97 -13.46 -0.48 -30.00
C SER C 97 -14.60 0.52 -30.22
N MET C 98 -15.14 1.05 -29.12
CA MET C 98 -16.23 2.02 -29.24
C MET C 98 -15.82 3.28 -29.98
N GLY C 99 -14.51 3.59 -30.03
CA GLY C 99 -14.08 4.79 -30.74
C GLY C 99 -14.36 4.74 -32.23
N SER C 100 -14.14 3.57 -32.85
CA SER C 100 -14.45 3.43 -34.28
C SER C 100 -15.94 3.49 -34.53
N LEU C 101 -16.76 3.05 -33.57
CA LEU C 101 -18.20 3.14 -33.72
C LEU C 101 -18.65 4.60 -33.77
N LEU C 102 -18.12 5.44 -32.88
CA LEU C 102 -18.42 6.86 -32.93
C LEU C 102 -17.88 7.50 -34.20
N LEU C 103 -16.76 6.99 -34.71
CA LEU C 103 -16.20 7.51 -35.96
C LEU C 103 -17.14 7.25 -37.13
N ALA C 104 -17.62 6.00 -37.25
CA ALA C 104 -18.53 5.65 -38.33
C ALA C 104 -19.91 6.25 -38.16
N ALA C 105 -20.26 6.70 -36.96
CA ALA C 105 -21.59 7.25 -36.70
C ALA C 105 -21.74 8.68 -37.18
N GLY C 106 -20.72 9.26 -37.78
CA GLY C 106 -20.82 10.61 -38.31
C GLY C 106 -21.72 10.69 -39.52
N THR C 107 -22.05 11.92 -39.88
CA THR C 107 -22.88 12.16 -41.06
C THR C 107 -22.14 11.66 -42.30
N PRO C 108 -22.78 10.90 -43.17
CA PRO C 108 -22.08 10.35 -44.34
C PRO C 108 -21.47 11.45 -45.20
N GLY C 109 -20.20 11.24 -45.58
CA GLY C 109 -19.43 12.25 -46.26
C GLY C 109 -18.61 13.15 -45.35
N MET C 110 -18.75 13.02 -44.04
CA MET C 110 -18.03 13.87 -43.09
C MET C 110 -17.24 13.06 -42.07
N ARG C 111 -16.92 11.80 -42.38
CA ARG C 111 -16.13 10.95 -41.50
C ARG C 111 -14.70 10.93 -42.03
N HIS C 112 -13.80 11.60 -41.31
CA HIS C 112 -12.43 11.79 -41.75
C HIS C 112 -11.46 10.98 -40.89
N SER C 113 -10.19 11.02 -41.29
CA SER C 113 -9.09 10.41 -40.56
C SER C 113 -7.78 10.95 -41.09
N LEU C 114 -6.81 11.10 -40.20
CA LEU C 114 -5.48 11.51 -40.58
C LEU C 114 -4.67 10.29 -41.04
N PRO C 115 -3.58 10.50 -41.80
CA PRO C 115 -2.97 9.37 -42.50
C PRO C 115 -2.41 8.27 -41.61
N ASN C 116 -1.83 8.63 -40.46
CA ASN C 116 -1.18 7.65 -39.60
C ASN C 116 -2.08 7.14 -38.49
N SER C 117 -3.38 7.41 -38.55
CA SER C 117 -4.30 6.93 -37.53
C SER C 117 -4.45 5.40 -37.61
N ARG C 118 -5.07 4.84 -36.58
CA ARG C 118 -5.33 3.41 -36.49
C ARG C 118 -6.80 3.19 -36.14
N ILE C 119 -7.46 2.31 -36.88
CA ILE C 119 -8.87 2.00 -36.68
C ILE C 119 -8.98 0.52 -36.32
N MET C 120 -9.74 0.23 -35.26
CA MET C 120 -9.95 -1.14 -34.80
C MET C 120 -11.42 -1.34 -34.49
N ILE C 121 -11.98 -2.44 -34.99
CA ILE C 121 -13.37 -2.79 -34.72
C ILE C 121 -13.51 -4.03 -33.84
N HIS C 122 -12.43 -4.77 -33.62
CA HIS C 122 -12.47 -5.89 -32.70
C HIS C 122 -12.68 -5.42 -31.27
N GLN C 123 -13.54 -6.14 -30.54
CA GLN C 123 -13.71 -5.74 -29.14
C GLN C 123 -12.82 -6.60 -28.26
N PRO C 124 -12.00 -6.00 -27.40
CA PRO C 124 -11.06 -6.76 -26.55
C PRO C 124 -11.78 -7.52 -25.45
N ILE C 135 -21.91 -2.19 -14.19
CA ILE C 135 -21.88 -3.41 -13.39
C ILE C 135 -21.48 -4.60 -14.25
N ALA C 136 -21.45 -5.78 -13.63
CA ALA C 136 -21.20 -7.00 -14.37
C ALA C 136 -22.50 -7.50 -15.01
N ILE C 137 -22.35 -8.34 -16.02
CA ILE C 137 -23.48 -8.77 -16.84
C ILE C 137 -23.49 -10.28 -16.96
N GLN C 138 -24.68 -10.82 -17.22
CA GLN C 138 -24.84 -12.23 -17.51
C GLN C 138 -24.38 -12.54 -18.94
N ALA C 139 -24.27 -13.83 -19.23
CA ALA C 139 -23.82 -14.25 -20.56
C ALA C 139 -24.78 -13.81 -21.64
N GLU C 140 -26.09 -13.97 -21.40
CA GLU C 140 -27.08 -13.58 -22.40
C GLU C 140 -27.08 -12.07 -22.62
N GLU C 141 -26.75 -11.30 -21.59
CA GLU C 141 -26.85 -9.84 -21.67
C GLU C 141 -25.61 -9.19 -22.27
N ILE C 142 -24.49 -9.89 -22.32
CA ILE C 142 -23.35 -9.40 -23.09
C ILE C 142 -23.47 -9.80 -24.56
N MET C 143 -24.04 -10.98 -24.84
CA MET C 143 -24.29 -11.41 -26.21
C MET C 143 -25.34 -10.54 -26.89
N LYS C 144 -26.20 -9.88 -26.12
CA LYS C 144 -27.15 -8.94 -26.71
C LYS C 144 -26.47 -7.63 -27.10
N LEU C 145 -25.50 -7.18 -26.32
CA LEU C 145 -24.76 -5.96 -26.66
C LEU C 145 -23.95 -6.15 -27.94
N LYS C 146 -23.34 -7.32 -28.11
CA LYS C 146 -22.56 -7.58 -29.32
C LYS C 146 -23.44 -7.53 -30.56
N LYS C 147 -24.56 -8.26 -30.54
CA LYS C 147 -25.50 -8.17 -31.64
C LYS C 147 -26.04 -6.76 -31.82
N GLN C 148 -26.15 -6.00 -30.73
CA GLN C 148 -26.49 -4.59 -30.85
C GLN C 148 -25.39 -3.80 -31.53
N LEU C 149 -24.13 -4.18 -31.31
CA LEU C 149 -23.02 -3.52 -31.99
C LEU C 149 -22.96 -3.92 -33.46
N TYR C 150 -23.25 -5.19 -33.76
CA TYR C 150 -23.28 -5.64 -35.14
C TYR C 150 -24.20 -4.77 -35.99
N ASN C 151 -25.40 -4.51 -35.48
CA ASN C 151 -26.38 -3.74 -36.25
C ASN C 151 -25.94 -2.28 -36.38
N ILE C 152 -25.35 -1.71 -35.32
CA ILE C 152 -24.95 -0.31 -35.37
C ILE C 152 -23.85 -0.10 -36.39
N TYR C 153 -22.85 -1.00 -36.41
CA TYR C 153 -21.81 -0.91 -37.41
C TYR C 153 -22.39 -1.08 -38.81
N ALA C 154 -23.11 -2.19 -39.03
CA ALA C 154 -23.67 -2.49 -40.34
C ALA C 154 -24.59 -1.38 -40.85
N LYS C 155 -25.31 -0.71 -39.95
CA LYS C 155 -26.20 0.36 -40.39
C LYS C 155 -25.42 1.53 -40.98
N HIS C 156 -24.30 1.91 -40.35
CA HIS C 156 -23.53 3.07 -40.79
C HIS C 156 -22.44 2.71 -41.80
N THR C 157 -21.95 1.47 -41.79
CA THR C 157 -20.96 1.05 -42.77
C THR C 157 -21.58 0.41 -44.01
N LYS C 158 -22.88 0.11 -43.98
CA LYS C 158 -23.58 -0.48 -45.12
C LYS C 158 -22.98 -1.82 -45.54
N GLN C 159 -22.56 -2.61 -44.55
CA GLN C 159 -22.10 -3.98 -44.76
C GLN C 159 -23.13 -4.94 -44.17
N SER C 160 -22.97 -6.22 -44.50
CA SER C 160 -23.86 -7.22 -43.95
C SER C 160 -23.44 -7.60 -42.54
N LEU C 161 -24.41 -8.08 -41.76
CA LEU C 161 -24.10 -8.52 -40.40
C LEU C 161 -23.11 -9.66 -40.37
N GLN C 162 -23.19 -10.58 -41.35
CA GLN C 162 -22.27 -11.71 -41.39
C GLN C 162 -20.84 -11.24 -41.62
N VAL C 163 -20.67 -10.19 -42.44
CA VAL C 163 -19.33 -9.63 -42.65
C VAL C 163 -18.83 -8.95 -41.38
N ILE C 164 -19.69 -8.18 -40.72
CA ILE C 164 -19.29 -7.47 -39.50
C ILE C 164 -18.86 -8.46 -38.42
N GLU C 165 -19.61 -9.55 -38.26
CA GLU C 165 -19.27 -10.55 -37.25
C GLU C 165 -17.86 -11.10 -37.47
N SER C 166 -17.54 -11.45 -38.72
CA SER C 166 -16.23 -12.02 -39.02
C SER C 166 -15.11 -11.00 -38.87
N ALA C 167 -15.36 -9.73 -39.19
CA ALA C 167 -14.32 -8.72 -39.06
C ALA C 167 -13.98 -8.44 -37.60
N MET C 168 -15.00 -8.24 -36.77
CA MET C 168 -14.79 -7.99 -35.34
C MET C 168 -14.16 -9.18 -34.63
N GLU C 169 -14.09 -10.34 -35.26
CA GLU C 169 -13.46 -11.52 -34.67
C GLU C 169 -11.93 -11.47 -34.77
N ARG C 170 -11.38 -10.65 -35.66
CA ARG C 170 -9.94 -10.61 -35.90
C ARG C 170 -9.31 -9.53 -35.02
N ASP C 171 -8.37 -9.94 -34.17
CA ASP C 171 -7.63 -9.02 -33.31
C ASP C 171 -6.60 -8.29 -34.16
N ARG C 172 -7.02 -7.19 -34.77
CA ARG C 172 -6.16 -6.48 -35.73
C ARG C 172 -6.67 -5.06 -35.90
N TYR C 173 -5.78 -4.19 -36.37
CA TYR C 173 -6.09 -2.80 -36.69
C TYR C 173 -6.13 -2.60 -38.20
N MET C 174 -6.86 -1.58 -38.64
CA MET C 174 -6.98 -1.21 -40.04
C MET C 174 -6.34 0.15 -40.30
N SER C 175 -5.81 0.31 -41.52
CA SER C 175 -5.30 1.59 -41.97
C SER C 175 -6.45 2.51 -42.35
N PRO C 176 -6.21 3.83 -42.43
CA PRO C 176 -7.31 4.75 -42.80
C PRO C 176 -7.94 4.45 -44.15
N MET C 177 -7.14 4.06 -45.15
CA MET C 177 -7.71 3.72 -46.44
C MET C 177 -8.45 2.37 -46.36
N GLU C 178 -7.92 1.43 -45.58
CA GLU C 178 -8.61 0.17 -45.35
C GLU C 178 -9.97 0.41 -44.73
N ALA C 179 -10.05 1.28 -43.72
CA ALA C 179 -11.32 1.58 -43.07
C ALA C 179 -12.29 2.30 -43.98
N GLN C 180 -11.78 3.05 -44.97
CA GLN C 180 -12.66 3.66 -45.95
C GLN C 180 -13.25 2.60 -46.89
N GLU C 181 -12.42 1.65 -47.32
CA GLU C 181 -12.91 0.53 -48.13
C GLU C 181 -13.88 -0.35 -47.36
N PHE C 182 -13.98 -0.17 -46.03
CA PHE C 182 -14.92 -0.91 -45.20
C PHE C 182 -16.20 -0.13 -44.92
N GLY C 183 -16.17 1.19 -45.04
CA GLY C 183 -17.32 2.01 -44.78
C GLY C 183 -17.30 2.75 -43.46
N ILE C 184 -16.16 2.79 -42.77
CA ILE C 184 -16.11 3.43 -41.46
C ILE C 184 -15.89 4.93 -41.59
N LEU C 185 -15.06 5.35 -42.54
CA LEU C 185 -14.81 6.77 -42.78
C LEU C 185 -14.77 7.02 -44.28
N ASP C 186 -14.87 8.30 -44.65
CA ASP C 186 -15.04 8.69 -46.03
C ASP C 186 -13.80 9.33 -46.67
N LYS C 187 -13.05 10.15 -45.93
CA LYS C 187 -11.94 10.88 -46.51
C LYS C 187 -10.69 10.72 -45.65
N VAL C 188 -9.55 10.57 -46.31
CA VAL C 188 -8.24 10.57 -45.68
C VAL C 188 -7.50 11.81 -46.19
N LEU C 189 -7.22 12.74 -45.29
CA LEU C 189 -6.67 14.04 -45.66
C LEU C 189 -5.27 14.20 -45.07
N VAL C 190 -4.33 14.61 -45.91
CA VAL C 190 -3.04 15.06 -45.40
C VAL C 190 -3.04 16.56 -45.18
N HIS C 191 -3.59 17.31 -46.13
CA HIS C 191 -3.80 18.75 -46.05
C HIS C 191 -5.21 19.06 -46.53
N PRO C 192 -5.80 20.17 -46.08
CA PRO C 192 -7.16 20.51 -46.54
C PRO C 192 -7.17 21.03 -47.98
N TYR D 17 -20.02 30.00 -18.03
CA TYR D 17 -19.72 29.25 -16.83
C TYR D 17 -19.63 27.75 -17.11
N ASP D 18 -19.78 26.95 -16.06
CA ASP D 18 -19.69 25.50 -16.19
C ASP D 18 -20.84 24.97 -17.05
N ILE D 19 -20.52 24.00 -17.91
CA ILE D 19 -21.51 23.43 -18.82
C ILE D 19 -22.67 22.82 -18.05
N TYR D 20 -22.41 22.26 -16.86
CA TYR D 20 -23.50 21.70 -16.07
C TYR D 20 -24.39 22.78 -15.46
N SER D 21 -23.90 24.02 -15.37
CA SER D 21 -24.75 25.12 -14.93
C SER D 21 -25.67 25.59 -16.05
N ARG D 22 -25.17 25.66 -17.29
CA ARG D 22 -26.03 25.99 -18.42
C ARG D 22 -27.05 24.89 -18.68
N LEU D 23 -26.76 23.65 -18.27
CA LEU D 23 -27.79 22.63 -18.24
C LEU D 23 -28.84 22.95 -17.18
N LEU D 24 -28.40 23.40 -16.00
CA LEU D 24 -29.34 23.76 -14.94
C LEU D 24 -30.19 24.96 -15.33
N ARG D 25 -29.61 25.92 -16.05
CA ARG D 25 -30.36 27.06 -16.54
C ARG D 25 -31.44 26.66 -17.54
N GLU D 26 -31.42 25.42 -18.02
CA GLU D 26 -32.43 24.90 -18.93
C GLU D 26 -33.26 23.80 -18.28
N ARG D 27 -33.24 23.72 -16.95
CA ARG D 27 -34.05 22.78 -16.17
C ARG D 27 -33.69 21.33 -16.50
N ILE D 28 -32.39 21.04 -16.50
CA ILE D 28 -31.88 19.70 -16.74
C ILE D 28 -31.08 19.25 -15.53
N VAL D 29 -31.43 18.08 -14.98
CA VAL D 29 -30.74 17.49 -13.84
C VAL D 29 -30.12 16.16 -14.29
N CYS D 30 -28.81 16.03 -14.11
CA CYS D 30 -28.07 14.87 -14.58
C CYS D 30 -27.86 13.89 -13.43
N VAL D 31 -28.44 12.69 -13.55
CA VAL D 31 -28.17 11.60 -12.62
C VAL D 31 -27.42 10.50 -13.36
N MET D 32 -26.09 10.61 -13.41
CA MET D 32 -25.24 9.69 -14.13
C MET D 32 -24.20 9.09 -13.19
N GLY D 33 -23.93 7.80 -13.35
CA GLY D 33 -23.02 7.10 -12.47
C GLY D 33 -23.72 6.51 -11.27
N PRO D 34 -22.96 5.84 -10.41
CA PRO D 34 -23.56 5.24 -9.21
C PRO D 34 -24.14 6.32 -8.30
N ILE D 35 -25.07 5.89 -7.44
CA ILE D 35 -25.82 6.78 -6.57
C ILE D 35 -25.34 6.58 -5.14
N ASP D 36 -24.89 7.66 -4.51
CA ASP D 36 -24.54 7.68 -3.10
C ASP D 36 -25.21 8.88 -2.46
N ASP D 37 -24.96 9.08 -1.16
CA ASP D 37 -25.54 10.24 -0.46
C ASP D 37 -25.10 11.55 -1.09
N SER D 38 -23.93 11.57 -1.74
CA SER D 38 -23.45 12.78 -2.39
C SER D 38 -24.26 13.11 -3.63
N VAL D 39 -24.59 12.10 -4.44
CA VAL D 39 -25.38 12.33 -5.64
C VAL D 39 -26.76 12.84 -5.27
N ALA D 40 -27.38 12.22 -4.27
CA ALA D 40 -28.73 12.61 -3.87
C ALA D 40 -28.77 14.07 -3.41
N SER D 41 -27.74 14.51 -2.67
CA SER D 41 -27.71 15.88 -2.18
C SER D 41 -27.75 16.89 -3.33
N LEU D 42 -26.97 16.65 -4.38
CA LEU D 42 -26.98 17.54 -5.54
C LEU D 42 -28.35 17.52 -6.23
N VAL D 43 -28.86 16.33 -6.53
CA VAL D 43 -30.13 16.22 -7.25
C VAL D 43 -31.25 16.87 -6.47
N ILE D 44 -31.33 16.61 -5.16
CA ILE D 44 -32.37 17.20 -4.34
C ILE D 44 -32.22 18.72 -4.31
N ALA D 45 -30.99 19.20 -4.17
CA ALA D 45 -30.76 20.64 -4.19
C ALA D 45 -31.15 21.26 -5.52
N GLN D 46 -30.78 20.62 -6.63
CA GLN D 46 -31.16 21.14 -7.94
C GLN D 46 -32.66 21.03 -8.18
N LEU D 47 -33.31 19.99 -7.66
CA LEU D 47 -34.75 19.85 -7.84
C LEU D 47 -35.50 20.92 -7.08
N LEU D 48 -35.15 21.14 -5.81
CA LEU D 48 -35.76 22.21 -5.03
C LEU D 48 -35.49 23.58 -5.65
N PHE D 49 -34.33 23.75 -6.29
CA PHE D 49 -33.99 25.01 -6.92
C PHE D 49 -34.93 25.33 -8.08
N LEU D 50 -35.08 24.39 -9.02
CA LEU D 50 -35.90 24.63 -10.20
C LEU D 50 -37.36 24.87 -9.86
N GLN D 51 -37.84 24.28 -8.75
CA GLN D 51 -39.22 24.49 -8.34
C GLN D 51 -39.50 25.93 -7.97
N SER D 52 -38.53 26.60 -7.32
CA SER D 52 -38.73 27.99 -6.93
C SER D 52 -38.85 28.91 -8.15
N GLU D 53 -38.04 28.67 -9.18
CA GLU D 53 -38.13 29.48 -10.39
C GLU D 53 -39.48 29.32 -11.07
N SER D 54 -40.03 28.10 -11.04
CA SER D 54 -41.35 27.84 -11.61
C SER D 54 -41.83 26.46 -11.18
N ASN D 55 -42.92 26.41 -10.41
CA ASN D 55 -43.55 25.15 -10.02
C ASN D 55 -44.42 24.55 -11.11
N LYS D 56 -44.37 25.08 -12.34
CA LYS D 56 -45.18 24.59 -13.44
C LYS D 56 -44.35 24.13 -14.62
N LYS D 57 -43.22 24.78 -14.91
CA LYS D 57 -42.38 24.35 -16.01
C LYS D 57 -41.75 23.01 -15.67
N PRO D 58 -41.76 22.04 -16.60
CA PRO D 58 -41.25 20.71 -16.27
C PRO D 58 -39.74 20.70 -16.09
N ILE D 59 -39.26 19.61 -15.51
CA ILE D 59 -37.84 19.39 -15.23
C ILE D 59 -37.41 18.14 -15.98
N HIS D 60 -36.24 18.20 -16.59
CA HIS D 60 -35.70 17.11 -17.39
C HIS D 60 -34.59 16.42 -16.62
N MET D 61 -34.72 15.11 -16.45
CA MET D 61 -33.78 14.30 -15.68
C MET D 61 -33.12 13.27 -16.59
N ALA D 62 -31.84 13.47 -16.88
CA ALA D 62 -31.07 12.53 -17.69
C ALA D 62 -30.44 11.50 -16.76
N ILE D 63 -30.67 10.22 -17.06
CA ILE D 63 -30.28 9.12 -16.18
C ILE D 63 -29.37 8.17 -16.96
N ASN D 64 -28.17 7.94 -16.41
CA ASN D 64 -27.23 6.94 -16.93
C ASN D 64 -26.53 6.31 -15.72
N SER D 65 -27.25 5.44 -15.02
CA SER D 65 -26.77 4.92 -13.75
C SER D 65 -26.93 3.40 -13.67
N PRO D 66 -25.96 2.71 -13.09
CA PRO D 66 -26.10 1.27 -12.82
C PRO D 66 -26.75 0.94 -11.49
N GLY D 67 -27.22 1.95 -10.74
CA GLY D 67 -27.79 1.76 -9.43
C GLY D 67 -27.07 2.59 -8.38
N GLY D 68 -27.07 2.10 -7.17
CA GLY D 68 -26.36 2.78 -6.09
C GLY D 68 -27.01 2.49 -4.75
N VAL D 69 -26.85 3.45 -3.84
CA VAL D 69 -27.41 3.30 -2.50
C VAL D 69 -28.93 3.44 -2.55
N VAL D 70 -29.62 2.55 -1.85
CA VAL D 70 -31.08 2.53 -1.90
C VAL D 70 -31.65 3.77 -1.23
N THR D 71 -31.21 4.08 -0.01
CA THR D 71 -31.74 5.22 0.72
C THR D 71 -31.53 6.53 -0.03
N ALA D 72 -30.40 6.67 -0.71
CA ALA D 72 -30.15 7.87 -1.50
C ALA D 72 -31.10 7.95 -2.69
N GLY D 73 -31.39 6.82 -3.32
CA GLY D 73 -32.33 6.82 -4.42
C GLY D 73 -33.74 7.15 -3.98
N LEU D 74 -34.19 6.54 -2.88
CA LEU D 74 -35.50 6.87 -2.33
C LEU D 74 -35.57 8.33 -1.91
N ALA D 75 -34.45 8.90 -1.50
CA ALA D 75 -34.40 10.33 -1.21
C ALA D 75 -34.70 11.14 -2.46
N ILE D 76 -34.09 10.77 -3.58
CA ILE D 76 -34.39 11.42 -4.86
C ILE D 76 -35.82 11.13 -5.27
N TYR D 77 -36.27 9.87 -5.11
CA TYR D 77 -37.62 9.50 -5.51
C TYR D 77 -38.67 10.30 -4.74
N ASP D 78 -38.57 10.30 -3.41
CA ASP D 78 -39.53 11.05 -2.60
C ASP D 78 -39.54 12.53 -2.96
N THR D 79 -38.38 13.08 -3.31
CA THR D 79 -38.32 14.49 -3.71
C THR D 79 -38.98 14.70 -5.07
N MET D 80 -38.80 13.75 -5.99
CA MET D 80 -39.47 13.84 -7.29
C MET D 80 -40.98 13.85 -7.12
N GLN D 81 -41.50 13.02 -6.22
CA GLN D 81 -42.94 13.01 -5.97
C GLN D 81 -43.37 14.23 -5.17
N TYR D 82 -42.52 14.71 -4.28
CA TYR D 82 -42.86 15.86 -3.43
C TYR D 82 -43.12 17.10 -4.26
N ILE D 83 -42.18 17.44 -5.14
CA ILE D 83 -42.28 18.70 -5.87
C ILE D 83 -43.49 18.68 -6.80
N LEU D 84 -43.90 19.88 -7.21
CA LEU D 84 -45.09 20.04 -8.05
C LEU D 84 -44.78 20.00 -9.53
N ASN D 85 -43.52 20.15 -9.91
CA ASN D 85 -43.16 20.18 -11.32
C ASN D 85 -43.38 18.82 -11.96
N PRO D 86 -43.78 18.78 -13.23
CA PRO D 86 -43.70 17.55 -14.00
C PRO D 86 -42.25 17.18 -14.25
N ILE D 87 -41.98 15.88 -14.31
CA ILE D 87 -40.61 15.37 -14.41
C ILE D 87 -40.52 14.52 -15.67
N CYS D 88 -39.72 14.97 -16.62
CA CYS D 88 -39.40 14.19 -17.81
C CYS D 88 -38.13 13.40 -17.54
N THR D 89 -38.23 12.07 -17.58
CA THR D 89 -37.09 11.22 -17.35
C THR D 89 -36.55 10.70 -18.69
N TRP D 90 -35.22 10.64 -18.79
CA TRP D 90 -34.55 10.19 -20.00
C TRP D 90 -33.52 9.12 -19.66
N CYS D 91 -33.72 7.92 -20.19
CA CYS D 91 -32.75 6.85 -20.05
C CYS D 91 -31.79 6.91 -21.23
N VAL D 92 -30.53 7.24 -20.96
CA VAL D 92 -29.49 7.33 -21.97
C VAL D 92 -28.36 6.40 -21.53
N GLY D 93 -27.95 5.51 -22.42
CA GLY D 93 -26.94 4.52 -22.06
C GLY D 93 -27.57 3.36 -21.32
N GLN D 94 -27.85 3.54 -20.03
CA GLN D 94 -28.49 2.50 -19.25
C GLN D 94 -29.17 3.11 -18.03
N ALA D 95 -30.15 2.39 -17.51
CA ALA D 95 -30.80 2.73 -16.24
C ALA D 95 -31.08 1.41 -15.53
N ALA D 96 -30.22 1.06 -14.58
CA ALA D 96 -30.32 -0.22 -13.88
C ALA D 96 -30.52 0.02 -12.39
N SER D 97 -31.09 -0.99 -11.73
CA SER D 97 -31.33 -0.95 -10.29
C SER D 97 -32.12 0.29 -9.91
N MET D 98 -31.58 1.09 -8.99
CA MET D 98 -32.27 2.31 -8.58
C MET D 98 -32.43 3.30 -9.73
N GLY D 99 -31.60 3.20 -10.76
CA GLY D 99 -31.75 4.11 -11.90
C GLY D 99 -33.06 3.90 -12.64
N SER D 100 -33.46 2.65 -12.82
CA SER D 100 -34.74 2.36 -13.46
C SER D 100 -35.91 2.81 -12.59
N LEU D 101 -35.75 2.77 -11.28
CA LEU D 101 -36.81 3.25 -10.39
C LEU D 101 -37.03 4.75 -10.58
N LEU D 102 -35.93 5.53 -10.65
CA LEU D 102 -36.06 6.94 -10.95
C LEU D 102 -36.61 7.16 -12.35
N LEU D 103 -36.29 6.27 -13.29
CA LEU D 103 -36.82 6.37 -14.64
C LEU D 103 -38.32 6.19 -14.67
N ALA D 104 -38.82 5.15 -14.00
CA ALA D 104 -40.26 4.91 -13.96
C ALA D 104 -41.00 5.92 -13.10
N ALA D 105 -40.30 6.65 -12.23
CA ALA D 105 -40.91 7.62 -11.34
C ALA D 105 -41.24 8.93 -12.02
N GLY D 106 -40.96 9.06 -13.31
CA GLY D 106 -41.28 10.27 -14.03
C GLY D 106 -42.78 10.47 -14.18
N THR D 107 -43.14 11.68 -14.58
CA THR D 107 -44.55 12.00 -14.81
C THR D 107 -45.09 11.11 -15.92
N PRO D 108 -46.24 10.45 -15.73
CA PRO D 108 -46.76 9.55 -16.76
C PRO D 108 -46.97 10.27 -18.08
N GLY D 109 -46.50 9.65 -19.16
CA GLY D 109 -46.47 10.26 -20.46
C GLY D 109 -45.21 11.03 -20.78
N MET D 110 -44.30 11.17 -19.82
CA MET D 110 -43.07 11.93 -20.03
C MET D 110 -41.83 11.10 -19.71
N ARG D 111 -41.93 9.78 -19.73
CA ARG D 111 -40.80 8.90 -19.45
C ARG D 111 -40.25 8.38 -20.78
N HIS D 112 -39.05 8.85 -21.13
CA HIS D 112 -38.45 8.57 -22.43
C HIS D 112 -37.28 7.61 -22.28
N SER D 113 -36.73 7.21 -23.44
CA SER D 113 -35.54 6.37 -23.52
C SER D 113 -35.01 6.41 -24.94
N LEU D 114 -33.69 6.37 -25.06
CA LEU D 114 -33.05 6.32 -26.37
C LEU D 114 -32.95 4.88 -26.86
N PRO D 115 -32.79 4.67 -28.17
CA PRO D 115 -33.00 3.32 -28.72
C PRO D 115 -32.03 2.27 -28.23
N ASN D 116 -30.76 2.62 -28.02
CA ASN D 116 -29.74 1.64 -27.64
C ASN D 116 -29.53 1.55 -26.14
N SER D 117 -30.40 2.16 -25.35
CA SER D 117 -30.30 2.05 -23.90
C SER D 117 -30.66 0.63 -23.46
N ARG D 118 -30.43 0.35 -22.18
CA ARG D 118 -30.81 -0.92 -21.59
C ARG D 118 -31.30 -0.68 -20.17
N ILE D 119 -32.44 -1.26 -19.82
CA ILE D 119 -33.11 -1.04 -18.55
C ILE D 119 -33.03 -2.32 -17.74
N MET D 120 -32.67 -2.20 -16.47
CA MET D 120 -32.58 -3.34 -15.57
C MET D 120 -33.29 -2.99 -14.27
N ILE D 121 -34.18 -3.88 -13.83
CA ILE D 121 -34.90 -3.71 -12.58
C ILE D 121 -34.52 -4.73 -11.52
N HIS D 122 -33.74 -5.75 -11.89
CA HIS D 122 -33.21 -6.69 -10.92
C HIS D 122 -32.20 -5.99 -10.00
N GLN D 123 -32.27 -6.31 -8.70
CA GLN D 123 -31.38 -5.73 -7.70
C GLN D 123 -30.20 -6.64 -7.43
N PRO D 124 -28.97 -6.13 -7.45
CA PRO D 124 -27.75 -6.94 -7.23
C PRO D 124 -27.63 -7.39 -5.78
N ILE D 137 -26.78 -3.77 7.41
CA ILE D 137 -28.19 -3.84 7.74
C ILE D 137 -28.56 -5.27 8.13
N GLN D 138 -29.73 -5.43 8.74
CA GLN D 138 -30.21 -6.74 9.15
C GLN D 138 -31.08 -7.36 8.06
N ALA D 139 -31.37 -8.65 8.24
CA ALA D 139 -32.17 -9.38 7.25
C ALA D 139 -33.58 -8.80 7.17
N GLU D 140 -34.19 -8.55 8.33
CA GLU D 140 -35.54 -8.00 8.36
C GLU D 140 -35.62 -6.60 7.75
N GLU D 141 -34.49 -5.88 7.69
CA GLU D 141 -34.48 -4.55 7.12
C GLU D 141 -34.17 -4.53 5.63
N ILE D 142 -33.29 -5.44 5.18
CA ILE D 142 -33.05 -5.56 3.74
C ILE D 142 -34.33 -6.00 3.04
N MET D 143 -35.12 -6.86 3.68
CA MET D 143 -36.40 -7.26 3.12
C MET D 143 -37.40 -6.11 3.14
N LYS D 144 -37.38 -5.28 4.18
CA LYS D 144 -38.28 -4.13 4.23
C LYS D 144 -38.02 -3.17 3.07
N LEU D 145 -36.76 -3.05 2.63
CA LEU D 145 -36.43 -2.17 1.52
C LEU D 145 -36.85 -2.78 0.19
N LYS D 146 -36.67 -4.10 0.03
CA LYS D 146 -37.06 -4.76 -1.21
C LYS D 146 -38.57 -4.65 -1.44
N LYS D 147 -39.36 -5.01 -0.44
CA LYS D 147 -40.82 -4.84 -0.55
C LYS D 147 -41.20 -3.38 -0.77
N GLN D 148 -40.42 -2.46 -0.22
CA GLN D 148 -40.65 -1.04 -0.45
C GLN D 148 -40.40 -0.65 -1.90
N LEU D 149 -39.43 -1.30 -2.56
CA LEU D 149 -39.20 -1.04 -3.98
C LEU D 149 -40.28 -1.67 -4.85
N TYR D 150 -40.75 -2.87 -4.46
CA TYR D 150 -41.83 -3.53 -5.19
C TYR D 150 -43.02 -2.60 -5.36
N ASN D 151 -43.43 -1.94 -4.28
CA ASN D 151 -44.62 -1.09 -4.32
C ASN D 151 -44.41 0.12 -5.22
N ILE D 152 -43.21 0.70 -5.20
CA ILE D 152 -42.94 1.88 -6.01
C ILE D 152 -43.00 1.52 -7.49
N TYR D 153 -42.42 0.39 -7.87
CA TYR D 153 -42.49 -0.05 -9.27
C TYR D 153 -43.94 -0.33 -9.66
N ALA D 154 -44.64 -1.15 -8.87
CA ALA D 154 -46.03 -1.50 -9.17
C ALA D 154 -46.92 -0.27 -9.28
N LYS D 155 -46.63 0.77 -8.49
CA LYS D 155 -47.43 1.98 -8.55
C LYS D 155 -47.25 2.70 -9.88
N HIS D 156 -46.02 2.77 -10.39
CA HIS D 156 -45.74 3.56 -11.58
C HIS D 156 -45.84 2.75 -12.86
N THR D 157 -45.66 1.44 -12.81
CA THR D 157 -45.88 0.59 -13.97
C THR D 157 -47.28 -0.01 -14.03
N LYS D 158 -48.09 0.13 -12.98
CA LYS D 158 -49.45 -0.40 -12.93
C LYS D 158 -49.48 -1.91 -13.17
N GLN D 159 -48.48 -2.62 -12.68
CA GLN D 159 -48.40 -4.06 -12.81
C GLN D 159 -48.69 -4.71 -11.45
N SER D 160 -48.88 -6.02 -11.47
CA SER D 160 -49.17 -6.75 -10.25
C SER D 160 -47.91 -6.95 -9.42
N LEU D 161 -48.11 -7.11 -8.10
CA LEU D 161 -46.98 -7.34 -7.22
C LEU D 161 -46.26 -8.63 -7.57
N GLN D 162 -47.01 -9.67 -7.95
CA GLN D 162 -46.39 -10.92 -8.34
C GLN D 162 -45.58 -10.73 -9.62
N VAL D 163 -46.07 -9.88 -10.53
CA VAL D 163 -45.34 -9.63 -11.77
C VAL D 163 -44.03 -8.90 -11.48
N ILE D 164 -44.10 -7.86 -10.65
CA ILE D 164 -42.89 -7.10 -10.31
C ILE D 164 -41.89 -7.98 -9.59
N GLU D 165 -42.37 -8.74 -8.59
CA GLU D 165 -41.49 -9.64 -7.84
C GLU D 165 -40.86 -10.69 -8.77
N SER D 166 -41.67 -11.31 -9.62
CA SER D 166 -41.15 -12.34 -10.51
C SER D 166 -40.21 -11.75 -11.57
N ALA D 167 -40.50 -10.54 -12.03
CA ALA D 167 -39.62 -9.90 -13.02
C ALA D 167 -38.29 -9.51 -12.38
N MET D 168 -38.33 -8.88 -11.21
CA MET D 168 -37.11 -8.49 -10.52
C MET D 168 -36.27 -9.68 -10.08
N GLU D 169 -36.81 -10.89 -10.15
CA GLU D 169 -36.06 -12.09 -9.81
C GLU D 169 -35.10 -12.52 -10.92
N ARG D 170 -35.32 -12.06 -12.14
CA ARG D 170 -34.52 -12.48 -13.29
C ARG D 170 -33.37 -11.51 -13.48
N ASP D 171 -32.14 -12.02 -13.40
CA ASP D 171 -30.93 -11.22 -13.60
C ASP D 171 -30.77 -10.98 -15.10
N ARG D 172 -31.40 -9.91 -15.59
CA ARG D 172 -31.43 -9.65 -17.02
C ARG D 172 -31.78 -8.18 -17.25
N TYR D 173 -31.47 -7.71 -18.45
CA TYR D 173 -31.79 -6.35 -18.88
C TYR D 173 -32.97 -6.38 -19.84
N MET D 174 -33.67 -5.25 -19.92
CA MET D 174 -34.78 -5.08 -20.85
C MET D 174 -34.43 -4.05 -21.89
N SER D 175 -34.97 -4.24 -23.09
CA SER D 175 -34.81 -3.27 -24.16
C SER D 175 -35.75 -2.09 -23.93
N PRO D 176 -35.49 -0.95 -24.58
CA PRO D 176 -36.38 0.21 -24.41
C PRO D 176 -37.84 -0.09 -24.76
N MET D 177 -38.09 -0.91 -25.77
CA MET D 177 -39.46 -1.28 -26.09
C MET D 177 -40.05 -2.20 -25.05
N GLU D 178 -39.24 -3.12 -24.51
CA GLU D 178 -39.70 -3.98 -23.42
C GLU D 178 -40.11 -3.15 -22.21
N ALA D 179 -39.30 -2.17 -21.83
CA ALA D 179 -39.63 -1.35 -20.67
C ALA D 179 -40.89 -0.52 -20.91
N GLN D 180 -41.20 -0.21 -22.16
CA GLN D 180 -42.47 0.45 -22.46
C GLN D 180 -43.63 -0.52 -22.30
N GLU D 181 -43.49 -1.74 -22.82
CA GLU D 181 -44.50 -2.77 -22.67
C GLU D 181 -44.64 -3.27 -21.24
N PHE D 182 -43.85 -2.73 -20.31
CA PHE D 182 -43.89 -3.12 -18.91
C PHE D 182 -44.43 -2.01 -18.01
N GLY D 183 -44.41 -0.76 -18.46
CA GLY D 183 -44.87 0.36 -17.68
C GLY D 183 -43.76 1.20 -17.09
N ILE D 184 -42.52 0.99 -17.50
CA ILE D 184 -41.39 1.73 -16.94
C ILE D 184 -41.20 3.06 -17.66
N LEU D 185 -41.37 3.08 -18.97
CA LEU D 185 -41.24 4.30 -19.76
C LEU D 185 -42.33 4.32 -20.80
N ASP D 186 -42.55 5.50 -21.39
CA ASP D 186 -43.68 5.74 -22.27
C ASP D 186 -43.33 5.82 -23.74
N LYS D 187 -42.21 6.46 -24.09
CA LYS D 187 -41.85 6.72 -25.47
C LYS D 187 -40.40 6.36 -25.73
N VAL D 188 -40.14 5.75 -26.89
CA VAL D 188 -38.80 5.47 -27.38
C VAL D 188 -38.57 6.35 -28.60
N LEU D 189 -37.58 7.25 -28.51
CA LEU D 189 -37.39 8.29 -29.50
C LEU D 189 -36.05 8.08 -30.23
N VAL D 190 -36.11 8.13 -31.56
CA VAL D 190 -34.89 8.17 -32.36
C VAL D 190 -34.48 9.60 -32.68
N HIS D 191 -35.44 10.43 -33.08
CA HIS D 191 -35.24 11.85 -33.33
C HIS D 191 -36.35 12.65 -32.67
N PRO D 192 -36.09 13.93 -32.36
CA PRO D 192 -37.13 14.74 -31.72
C PRO D 192 -38.23 15.16 -32.71
N TYR E 17 -25.88 30.16 -10.06
CA TYR E 17 -25.01 30.26 -8.90
C TYR E 17 -24.75 28.90 -8.28
N ASP E 18 -23.81 28.84 -7.35
CA ASP E 18 -23.60 27.61 -6.59
C ASP E 18 -24.87 27.29 -5.80
N ILE E 19 -25.30 26.04 -5.86
CA ILE E 19 -26.53 25.67 -5.16
C ILE E 19 -26.35 25.80 -3.65
N TYR E 20 -25.16 25.47 -3.14
CA TYR E 20 -24.96 25.52 -1.70
C TYR E 20 -24.87 26.94 -1.15
N SER E 21 -24.52 27.91 -1.98
CA SER E 21 -24.65 29.30 -1.57
C SER E 21 -26.08 29.80 -1.69
N ARG E 22 -26.96 29.02 -2.32
CA ARG E 22 -28.36 29.36 -2.51
C ARG E 22 -29.28 28.70 -1.50
N LEU E 23 -28.94 27.49 -1.03
CA LEU E 23 -29.68 26.90 0.08
C LEU E 23 -29.66 27.81 1.30
N LEU E 24 -28.50 28.40 1.59
CA LEU E 24 -28.38 29.28 2.75
C LEU E 24 -29.27 30.51 2.63
N ARG E 25 -29.43 31.03 1.41
CA ARG E 25 -30.33 32.15 1.18
C ARG E 25 -31.79 31.80 1.45
N GLU E 26 -32.11 30.50 1.59
CA GLU E 26 -33.45 30.06 1.94
C GLU E 26 -33.49 29.44 3.33
N ARG E 27 -32.45 29.67 4.13
CA ARG E 27 -32.38 29.21 5.51
C ARG E 27 -32.49 27.68 5.57
N ILE E 28 -31.70 27.03 4.73
CA ILE E 28 -31.65 25.57 4.67
C ILE E 28 -30.22 25.14 5.02
N VAL E 29 -30.10 24.28 6.03
CA VAL E 29 -28.82 23.73 6.46
C VAL E 29 -28.87 22.23 6.21
N CYS E 30 -27.90 21.72 5.46
CA CYS E 30 -27.89 20.32 5.04
C CYS E 30 -27.04 19.49 5.99
N VAL E 31 -27.68 18.53 6.66
CA VAL E 31 -26.96 17.55 7.46
C VAL E 31 -27.04 16.20 6.76
N MET E 32 -26.20 16.02 5.74
CA MET E 32 -26.19 14.81 4.95
C MET E 32 -24.80 14.18 5.00
N GLY E 33 -24.76 12.85 4.96
CA GLY E 33 -23.54 12.11 5.13
C GLY E 33 -23.23 11.90 6.61
N PRO E 34 -22.13 11.21 6.89
CA PRO E 34 -21.74 10.98 8.29
C PRO E 34 -21.42 12.29 9.00
N ILE E 35 -21.50 12.24 10.33
CA ILE E 35 -21.29 13.41 11.18
C ILE E 35 -19.96 13.26 11.88
N ASP E 36 -19.06 14.22 11.65
CA ASP E 36 -17.79 14.31 12.34
C ASP E 36 -17.59 15.76 12.80
N ASP E 37 -16.43 16.02 13.43
CA ASP E 37 -16.13 17.36 13.91
C ASP E 37 -16.12 18.39 12.78
N SER E 38 -15.80 17.98 11.56
CA SER E 38 -15.78 18.93 10.45
C SER E 38 -17.18 19.34 10.05
N VAL E 39 -18.10 18.39 9.99
CA VAL E 39 -19.48 18.69 9.62
C VAL E 39 -20.12 19.61 10.67
N ALA E 40 -19.89 19.32 11.95
CA ALA E 40 -20.53 20.12 13.00
C ALA E 40 -20.13 21.58 12.92
N SER E 41 -18.84 21.85 12.66
CA SER E 41 -18.39 23.24 12.55
C SER E 41 -19.11 23.96 11.43
N LEU E 42 -19.26 23.30 10.27
CA LEU E 42 -20.00 23.89 9.16
C LEU E 42 -21.46 24.11 9.54
N VAL E 43 -22.11 23.09 10.08
CA VAL E 43 -23.52 23.19 10.45
C VAL E 43 -23.70 24.27 11.52
N ILE E 44 -22.85 24.28 12.54
CA ILE E 44 -22.95 25.27 13.60
C ILE E 44 -22.73 26.68 13.05
N ALA E 45 -21.74 26.85 12.18
CA ALA E 45 -21.49 28.17 11.60
C ALA E 45 -22.67 28.67 10.79
N GLN E 46 -23.28 27.80 9.97
CA GLN E 46 -24.44 28.20 9.19
C GLN E 46 -25.65 28.49 10.09
N LEU E 47 -25.79 27.74 11.18
CA LEU E 47 -26.90 27.98 12.09
C LEU E 47 -26.72 29.32 12.81
N LEU E 48 -25.52 29.58 13.32
CA LEU E 48 -25.23 30.88 13.93
C LEU E 48 -25.42 32.03 12.95
N PHE E 49 -25.11 31.79 11.67
CA PHE E 49 -25.30 32.84 10.66
C PHE E 49 -26.77 33.20 10.49
N LEU E 50 -27.62 32.18 10.28
CA LEU E 50 -29.02 32.43 10.00
C LEU E 50 -29.72 33.14 11.15
N GLN E 51 -29.26 32.94 12.39
CA GLN E 51 -29.84 33.66 13.51
C GLN E 51 -29.56 35.16 13.40
N SER E 52 -28.36 35.53 12.94
CA SER E 52 -28.03 36.95 12.79
C SER E 52 -28.91 37.61 11.75
N GLU E 53 -29.16 36.92 10.64
CA GLU E 53 -30.05 37.46 9.62
C GLU E 53 -31.47 37.64 10.16
N SER E 54 -31.91 36.73 11.03
CA SER E 54 -33.21 36.82 11.67
C SER E 54 -33.33 35.82 12.81
N ASN E 55 -33.50 36.31 14.03
CA ASN E 55 -33.73 35.43 15.17
C ASN E 55 -35.17 34.93 15.25
N LYS E 56 -35.99 35.20 14.22
CA LYS E 56 -37.38 34.80 14.20
C LYS E 56 -37.76 33.94 12.99
N LYS E 57 -37.14 34.18 11.84
CA LYS E 57 -37.46 33.38 10.67
C LYS E 57 -36.97 31.95 10.87
N PRO E 58 -37.79 30.95 10.57
CA PRO E 58 -37.40 29.57 10.86
C PRO E 58 -36.25 29.10 9.98
N ILE E 59 -35.63 28.01 10.41
CA ILE E 59 -34.50 27.40 9.73
C ILE E 59 -34.88 25.97 9.37
N HIS E 60 -34.52 25.56 8.16
CA HIS E 60 -34.85 24.23 7.66
C HIS E 60 -33.59 23.37 7.64
N MET E 61 -33.66 22.21 8.29
CA MET E 61 -32.53 21.31 8.42
C MET E 61 -32.88 19.99 7.75
N ALA E 62 -32.26 19.72 6.59
CA ALA E 62 -32.47 18.47 5.88
C ALA E 62 -31.44 17.45 6.35
N ILE E 63 -31.92 16.28 6.75
CA ILE E 63 -31.09 15.26 7.39
C ILE E 63 -31.16 14.00 6.54
N ASN E 64 -29.98 13.52 6.10
CA ASN E 64 -29.83 12.25 5.40
C ASN E 64 -28.50 11.66 5.88
N SER E 65 -28.50 11.15 7.11
CA SER E 65 -27.27 10.73 7.75
C SER E 65 -27.42 9.35 8.37
N PRO E 66 -26.38 8.53 8.30
CA PRO E 66 -26.39 7.24 9.01
C PRO E 66 -25.89 7.31 10.45
N GLY E 67 -25.58 8.51 10.95
CA GLY E 67 -25.05 8.68 12.29
C GLY E 67 -23.70 9.38 12.27
N GLY E 68 -22.89 9.06 13.24
CA GLY E 68 -21.54 9.61 13.31
C GLY E 68 -21.05 9.69 14.74
N VAL E 69 -20.16 10.65 14.97
CA VAL E 69 -19.56 10.83 16.29
C VAL E 69 -20.60 11.43 17.24
N VAL E 70 -20.63 10.90 18.46
CA VAL E 70 -21.63 11.35 19.44
C VAL E 70 -21.39 12.80 19.83
N THR E 71 -20.15 13.14 20.19
CA THR E 71 -19.84 14.51 20.60
C THR E 71 -20.13 15.50 19.49
N ALA E 72 -19.90 15.11 18.24
CA ALA E 72 -20.21 15.99 17.11
C ALA E 72 -21.71 16.23 16.99
N GLY E 73 -22.51 15.19 17.22
CA GLY E 73 -23.96 15.35 17.19
C GLY E 73 -24.48 16.22 18.32
N LEU E 74 -23.96 16.00 19.53
CA LEU E 74 -24.35 16.84 20.66
C LEU E 74 -23.97 18.29 20.45
N ALA E 75 -22.90 18.54 19.70
CA ALA E 75 -22.53 19.91 19.35
C ALA E 75 -23.63 20.58 18.53
N ILE E 76 -24.13 19.88 17.52
CA ILE E 76 -25.23 20.41 16.71
C ILE E 76 -26.51 20.51 17.54
N TYR E 77 -26.78 19.49 18.36
CA TYR E 77 -28.01 19.50 19.16
C TYR E 77 -28.06 20.70 20.09
N ASP E 78 -27.01 20.89 20.89
CA ASP E 78 -26.97 22.03 21.79
C ASP E 78 -27.07 23.34 21.03
N THR E 79 -26.49 23.39 19.83
CA THR E 79 -26.59 24.60 19.01
C THR E 79 -28.00 24.79 18.49
N MET E 80 -28.67 23.70 18.09
CA MET E 80 -30.06 23.81 17.66
C MET E 80 -30.94 24.33 18.79
N GLN E 81 -30.72 23.84 20.01
CA GLN E 81 -31.50 24.30 21.15
C GLN E 81 -31.09 25.70 21.60
N TYR E 82 -29.79 26.02 21.49
CA TYR E 82 -29.31 27.31 21.97
C TYR E 82 -29.96 28.45 21.21
N ILE E 83 -29.94 28.39 19.88
CA ILE E 83 -30.45 29.49 19.08
C ILE E 83 -31.95 29.64 19.29
N LEU E 84 -32.45 30.83 18.96
CA LEU E 84 -33.86 31.16 19.20
C LEU E 84 -34.76 30.82 18.02
N ASN E 85 -34.20 30.58 16.85
CA ASN E 85 -35.01 30.33 15.67
C ASN E 85 -35.75 29.00 15.80
N PRO E 86 -36.96 28.92 15.26
CA PRO E 86 -37.60 27.61 15.09
C PRO E 86 -36.87 26.82 14.01
N ILE E 87 -36.81 25.51 14.19
CA ILE E 87 -36.04 24.64 13.32
C ILE E 87 -36.95 23.56 12.76
N CYS E 88 -37.15 23.58 11.45
CA CYS E 88 -37.90 22.54 10.77
C CYS E 88 -36.92 21.47 10.30
N THR E 89 -37.08 20.26 10.79
CA THR E 89 -36.24 19.14 10.40
C THR E 89 -36.97 18.27 9.38
N TRP E 90 -36.22 17.81 8.38
CA TRP E 90 -36.76 16.99 7.31
C TRP E 90 -35.89 15.76 7.15
N CYS E 91 -36.47 14.58 7.37
CA CYS E 91 -35.79 13.32 7.16
C CYS E 91 -36.01 12.89 5.71
N VAL E 92 -34.94 12.88 4.93
CA VAL E 92 -34.97 12.47 3.54
C VAL E 92 -33.94 11.34 3.38
N GLY E 93 -34.37 10.22 2.83
CA GLY E 93 -33.49 9.08 2.73
C GLY E 93 -33.42 8.29 4.02
N GLN E 94 -32.65 8.78 5.00
CA GLN E 94 -32.54 8.08 6.27
C GLN E 94 -32.09 9.05 7.35
N ALA E 95 -32.39 8.70 8.60
CA ALA E 95 -31.89 9.40 9.77
C ALA E 95 -31.64 8.34 10.84
N ALA E 96 -30.39 7.91 10.97
CA ALA E 96 -30.02 6.85 11.89
C ALA E 96 -29.01 7.36 12.92
N SER E 97 -28.97 6.67 14.07
CA SER E 97 -28.05 7.01 15.13
C SER E 97 -28.22 8.47 15.54
N MET E 98 -27.13 9.24 15.49
CA MET E 98 -27.23 10.66 15.83
C MET E 98 -28.16 11.43 14.89
N GLY E 99 -28.41 10.91 13.69
CA GLY E 99 -29.31 11.59 12.78
C GLY E 99 -30.74 11.66 13.28
N SER E 100 -31.21 10.57 13.90
CA SER E 100 -32.56 10.56 14.47
C SER E 100 -32.67 11.52 15.65
N LEU E 101 -31.59 11.69 16.41
CA LEU E 101 -31.61 12.64 17.52
C LEU E 101 -31.79 14.07 17.01
N LEU E 102 -31.04 14.44 15.96
CA LEU E 102 -31.21 15.75 15.36
C LEU E 102 -32.58 15.91 14.74
N LEU E 103 -33.15 14.83 14.21
CA LEU E 103 -34.49 14.89 13.64
C LEU E 103 -35.53 15.18 14.71
N ALA E 104 -35.45 14.46 15.84
CA ALA E 104 -36.39 14.67 16.92
C ALA E 104 -36.16 15.98 17.66
N ALA E 105 -34.98 16.58 17.50
CA ALA E 105 -34.65 17.82 18.19
C ALA E 105 -35.25 19.05 17.54
N GLY E 106 -36.02 18.90 16.47
CA GLY E 106 -36.66 20.02 15.84
C GLY E 106 -37.74 20.64 16.70
N THR E 107 -38.16 21.83 16.29
CA THR E 107 -39.23 22.52 16.99
C THR E 107 -40.51 21.69 16.92
N PRO E 108 -41.21 21.47 18.04
CA PRO E 108 -42.39 20.62 18.02
C PRO E 108 -43.41 21.11 17.01
N GLY E 109 -43.92 20.19 16.19
CA GLY E 109 -44.78 20.53 15.09
C GLY E 109 -44.06 20.79 13.78
N MET E 110 -42.72 20.77 13.77
CA MET E 110 -41.94 21.06 12.58
C MET E 110 -40.96 19.93 12.23
N ARG E 111 -41.19 18.73 12.74
CA ARG E 111 -40.34 17.58 12.44
C ARG E 111 -41.03 16.73 11.38
N HIS E 112 -40.50 16.74 10.17
CA HIS E 112 -41.12 16.10 9.02
C HIS E 112 -40.33 14.88 8.58
N SER E 113 -40.88 14.18 7.59
CA SER E 113 -40.23 13.03 6.97
C SER E 113 -40.94 12.71 5.67
N LEU E 114 -40.16 12.27 4.69
CA LEU E 114 -40.71 11.83 3.42
C LEU E 114 -41.15 10.37 3.53
N PRO E 115 -42.04 9.91 2.63
CA PRO E 115 -42.72 8.63 2.90
C PRO E 115 -41.80 7.42 2.95
N ASN E 116 -40.76 7.37 2.11
CA ASN E 116 -39.89 6.20 2.06
C ASN E 116 -38.62 6.37 2.89
N SER E 117 -38.52 7.41 3.70
CA SER E 117 -37.38 7.57 4.57
C SER E 117 -37.44 6.53 5.70
N ARG E 118 -36.28 6.25 6.29
CA ARG E 118 -36.21 5.29 7.37
CA ARG E 118 -36.18 5.26 7.36
C ARG E 118 -35.47 5.90 8.56
N ILE E 119 -35.98 5.61 9.76
CA ILE E 119 -35.50 6.21 10.99
C ILE E 119 -34.98 5.11 11.91
N MET E 120 -33.79 5.34 12.48
CA MET E 120 -33.18 4.39 13.40
C MET E 120 -32.65 5.13 14.61
N ILE E 121 -32.98 4.64 15.80
CA ILE E 121 -32.48 5.21 17.06
C ILE E 121 -31.52 4.29 17.79
N HIS E 122 -31.41 3.03 17.37
CA HIS E 122 -30.41 2.15 17.95
C HIS E 122 -29.02 2.65 17.59
N GLN E 123 -28.11 2.63 18.56
CA GLN E 123 -26.81 3.14 18.16
C GLN E 123 -25.90 1.99 17.78
N PRO E 124 -25.29 2.00 16.58
CA PRO E 124 -24.42 0.93 16.13
C PRO E 124 -23.08 0.95 16.86
N ILE E 135 -11.89 9.26 18.94
CA ILE E 135 -11.37 9.34 20.30
C ILE E 135 -11.79 8.10 21.09
N ALA E 136 -10.86 7.54 21.86
CA ALA E 136 -11.12 6.37 22.67
C ALA E 136 -11.57 6.79 24.06
N ILE E 137 -12.42 5.96 24.67
CA ILE E 137 -13.06 6.28 25.94
C ILE E 137 -12.98 5.08 26.87
N GLN E 138 -13.37 5.31 28.12
CA GLN E 138 -13.45 4.29 29.15
C GLN E 138 -14.87 3.77 29.26
N ALA E 139 -15.03 2.67 30.01
CA ALA E 139 -16.34 2.03 30.13
C ALA E 139 -17.33 2.94 30.84
N GLU E 140 -16.91 3.57 31.94
CA GLU E 140 -17.80 4.47 32.68
C GLU E 140 -18.22 5.69 31.87
N GLU E 141 -17.42 6.08 30.87
CA GLU E 141 -17.71 7.28 30.11
C GLU E 141 -18.63 7.02 28.92
N ILE E 142 -18.57 5.83 28.32
CA ILE E 142 -19.48 5.51 27.23
C ILE E 142 -20.91 5.43 27.74
N MET E 143 -21.10 4.92 28.97
CA MET E 143 -22.43 4.88 29.56
C MET E 143 -22.96 6.28 29.87
N LYS E 144 -22.08 7.22 30.22
CA LYS E 144 -22.52 8.59 30.45
C LYS E 144 -23.08 9.20 29.17
N LEU E 145 -22.42 8.94 28.03
CA LEU E 145 -22.95 9.41 26.75
C LEU E 145 -24.25 8.71 26.40
N LYS E 146 -24.36 7.41 26.70
CA LYS E 146 -25.60 6.69 26.44
C LYS E 146 -26.75 7.26 27.26
N LYS E 147 -26.55 7.40 28.58
CA LYS E 147 -27.56 8.05 29.42
C LYS E 147 -27.82 9.48 28.96
N GLN E 148 -26.79 10.14 28.43
CA GLN E 148 -26.97 11.46 27.85
C GLN E 148 -27.84 11.40 26.60
N LEU E 149 -27.73 10.32 25.82
CA LEU E 149 -28.62 10.15 24.67
C LEU E 149 -30.02 9.77 25.12
N TYR E 150 -30.14 8.93 26.16
CA TYR E 150 -31.44 8.56 26.70
C TYR E 150 -32.26 9.79 27.07
N ASN E 151 -31.64 10.74 27.77
CA ASN E 151 -32.38 11.90 28.27
C ASN E 151 -32.82 12.81 27.13
N ILE E 152 -31.97 12.99 26.12
CA ILE E 152 -32.33 13.87 25.01
C ILE E 152 -33.48 13.27 24.21
N TYR E 153 -33.42 11.96 23.95
CA TYR E 153 -34.53 11.29 23.26
C TYR E 153 -35.81 11.38 24.07
N ALA E 154 -35.75 10.98 25.35
CA ALA E 154 -36.94 10.99 26.20
C ALA E 154 -37.56 12.37 26.32
N LYS E 155 -36.75 13.43 26.31
CA LYS E 155 -37.29 14.78 26.43
C LYS E 155 -38.12 15.16 25.22
N HIS E 156 -37.65 14.84 24.02
CA HIS E 156 -38.31 15.30 22.79
C HIS E 156 -39.40 14.36 22.30
N THR E 157 -39.34 13.08 22.64
CA THR E 157 -40.40 12.14 22.31
C THR E 157 -41.47 12.03 23.38
N LYS E 158 -41.22 12.57 24.58
CA LYS E 158 -42.13 12.45 25.72
C LYS E 158 -42.44 10.99 26.03
N GLN E 159 -41.38 10.19 26.13
CA GLN E 159 -41.47 8.79 26.53
C GLN E 159 -40.68 8.59 27.81
N SER E 160 -40.87 7.43 28.43
CA SER E 160 -40.11 7.12 29.64
C SER E 160 -38.71 6.65 29.29
N LEU E 161 -37.80 6.81 30.25
CA LEU E 161 -36.43 6.34 30.06
C LEU E 161 -36.41 4.83 29.84
N GLN E 162 -37.30 4.11 30.53
CA GLN E 162 -37.35 2.66 30.39
C GLN E 162 -37.74 2.24 28.98
N VAL E 163 -38.65 2.98 28.35
CA VAL E 163 -39.03 2.68 26.97
C VAL E 163 -37.87 2.95 26.02
N ILE E 164 -37.19 4.09 26.19
CA ILE E 164 -36.11 4.47 25.29
C ILE E 164 -34.98 3.44 25.35
N GLU E 165 -34.60 3.00 26.55
CA GLU E 165 -33.54 2.01 26.69
C GLU E 165 -33.87 0.73 25.94
N SER E 166 -35.09 0.22 26.11
CA SER E 166 -35.47 -1.01 25.43
C SER E 166 -35.61 -0.81 23.93
N ALA E 167 -36.04 0.39 23.50
CA ALA E 167 -36.18 0.66 22.08
C ALA E 167 -34.81 0.75 21.41
N MET E 168 -33.89 1.51 22.01
CA MET E 168 -32.54 1.65 21.46
C MET E 168 -31.77 0.33 21.48
N GLU E 169 -32.30 -0.68 22.17
CA GLU E 169 -31.68 -1.99 22.24
C GLU E 169 -31.95 -2.83 20.99
N ARG E 170 -32.95 -2.46 20.19
CA ARG E 170 -33.36 -3.24 19.02
C ARG E 170 -32.61 -2.75 17.79
N ASP E 171 -31.85 -3.65 17.16
CA ASP E 171 -31.15 -3.34 15.92
C ASP E 171 -32.17 -3.34 14.78
N ARG E 172 -32.80 -2.20 14.55
CA ARG E 172 -33.89 -2.12 13.58
C ARG E 172 -34.13 -0.66 13.21
N TYR E 173 -34.79 -0.48 12.07
CA TYR E 173 -35.21 0.83 11.59
C TYR E 173 -36.73 0.97 11.76
N MET E 174 -37.19 2.21 11.83
CA MET E 174 -38.61 2.51 11.95
C MET E 174 -39.11 3.21 10.69
N SER E 175 -40.39 2.99 10.39
CA SER E 175 -41.05 3.69 9.30
C SER E 175 -41.40 5.10 9.73
N PRO E 176 -41.64 6.00 8.76
CA PRO E 176 -42.02 7.38 9.13
C PRO E 176 -43.25 7.46 10.01
N MET E 177 -44.24 6.58 9.78
CA MET E 177 -45.42 6.57 10.64
C MET E 177 -45.10 6.05 12.03
N GLU E 178 -44.23 5.04 12.12
CA GLU E 178 -43.79 4.56 13.43
C GLU E 178 -43.11 5.67 14.22
N ALA E 179 -42.20 6.40 13.58
CA ALA E 179 -41.51 7.49 14.26
C ALA E 179 -42.43 8.64 14.61
N GLN E 180 -43.54 8.79 13.88
CA GLN E 180 -44.53 9.81 14.24
C GLN E 180 -45.26 9.42 15.52
N GLU E 181 -45.52 8.13 15.72
CA GLU E 181 -46.18 7.68 16.94
C GLU E 181 -45.21 7.67 18.12
N PHE E 182 -43.97 7.27 17.89
CA PHE E 182 -42.98 7.20 18.97
C PHE E 182 -42.61 8.58 19.51
N GLY E 183 -42.85 9.64 18.74
CA GLY E 183 -42.51 10.98 19.16
C GLY E 183 -41.28 11.58 18.51
N ILE E 184 -40.75 10.94 17.46
CA ILE E 184 -39.53 11.43 16.83
C ILE E 184 -39.85 12.52 15.82
N LEU E 185 -40.95 12.36 15.08
CA LEU E 185 -41.37 13.35 14.11
C LEU E 185 -42.87 13.53 14.21
N ASP E 186 -43.37 14.61 13.63
CA ASP E 186 -44.75 15.02 13.79
C ASP E 186 -45.62 14.79 12.56
N LYS E 187 -45.10 15.03 11.36
CA LYS E 187 -45.89 14.96 10.14
C LYS E 187 -45.16 14.14 9.09
N VAL E 188 -45.92 13.29 8.39
CA VAL E 188 -45.44 12.53 7.25
C VAL E 188 -46.16 13.03 6.01
N LEU E 189 -45.40 13.60 5.07
CA LEU E 189 -45.97 14.28 3.91
C LEU E 189 -45.59 13.53 2.63
N VAL E 190 -46.58 13.27 1.80
CA VAL E 190 -46.34 12.80 0.43
C VAL E 190 -46.27 13.97 -0.53
N HIS E 191 -47.20 14.91 -0.40
CA HIS E 191 -47.25 16.17 -1.10
C HIS E 191 -47.58 17.27 -0.09
N PRO E 192 -47.17 18.51 -0.35
CA PRO E 192 -47.48 19.57 0.62
C PRO E 192 -48.94 20.00 0.60
N ASP F 18 -17.91 33.76 2.40
CA ASP F 18 -17.47 32.51 3.00
C ASP F 18 -17.83 32.49 4.48
N ILE F 19 -18.35 31.35 4.94
CA ILE F 19 -18.76 31.25 6.34
C ILE F 19 -17.55 31.40 7.26
N TYR F 20 -16.39 30.88 6.83
CA TYR F 20 -15.18 31.06 7.63
C TYR F 20 -14.61 32.46 7.53
N SER F 21 -14.96 33.20 6.47
CA SER F 21 -14.59 34.61 6.40
C SER F 21 -15.53 35.47 7.24
N ARG F 22 -16.79 35.05 7.38
CA ARG F 22 -17.74 35.81 8.19
C ARG F 22 -17.54 35.52 9.68
N LEU F 23 -17.18 34.28 10.03
CA LEU F 23 -16.86 33.97 11.42
C LEU F 23 -15.80 34.92 11.96
N LEU F 24 -14.76 35.17 11.16
CA LEU F 24 -13.72 36.12 11.58
C LEU F 24 -14.27 37.54 11.64
N ARG F 25 -15.19 37.89 10.74
CA ARG F 25 -15.80 39.21 10.75
C ARG F 25 -16.63 39.45 12.00
N GLU F 26 -16.93 38.42 12.78
CA GLU F 26 -17.62 38.55 14.06
C GLU F 26 -16.70 38.26 15.23
N ARG F 27 -15.39 38.25 15.01
CA ARG F 27 -14.38 38.04 16.05
C ARG F 27 -14.56 36.68 16.71
N ILE F 28 -14.69 35.64 15.88
CA ILE F 28 -14.83 34.26 16.34
C ILE F 28 -13.67 33.46 15.77
N VAL F 29 -12.94 32.78 16.66
CA VAL F 29 -11.82 31.92 16.27
C VAL F 29 -12.18 30.49 16.63
N CYS F 30 -12.12 29.60 15.65
CA CYS F 30 -12.54 28.21 15.81
C CYS F 30 -11.33 27.33 16.07
N VAL F 31 -11.30 26.69 17.25
CA VAL F 31 -10.31 25.68 17.55
C VAL F 31 -10.99 24.32 17.61
N MET F 32 -11.07 23.63 16.47
N MET F 32 -11.08 23.65 16.47
CA MET F 32 -11.74 22.34 16.38
CA MET F 32 -11.72 22.34 16.35
C MET F 32 -10.83 21.31 15.73
C MET F 32 -10.70 21.33 15.86
N GLY F 33 -10.97 20.07 16.16
CA GLY F 33 -10.11 18.99 15.71
C GLY F 33 -8.83 18.94 16.53
N PRO F 34 -7.95 18.00 16.22
CA PRO F 34 -6.68 17.91 16.95
C PRO F 34 -5.85 19.17 16.75
N ILE F 35 -4.95 19.39 17.69
CA ILE F 35 -4.12 20.59 17.73
C ILE F 35 -2.69 20.22 17.36
N ASP F 36 -2.19 20.83 16.29
CA ASP F 36 -0.81 20.69 15.87
C ASP F 36 -0.23 22.07 15.61
N ASP F 37 1.03 22.12 15.18
CA ASP F 37 1.65 23.39 14.84
C ASP F 37 0.90 24.09 13.70
N SER F 38 0.22 23.30 12.85
CA SER F 38 -0.54 23.90 11.76
C SER F 38 -1.77 24.64 12.27
N VAL F 39 -2.49 24.04 13.22
CA VAL F 39 -3.64 24.71 13.80
C VAL F 39 -3.21 25.95 14.57
N ALA F 40 -2.15 25.82 15.38
CA ALA F 40 -1.71 26.95 16.21
C ALA F 40 -1.34 28.16 15.37
N SER F 41 -0.64 27.95 14.26
CA SER F 41 -0.26 29.07 13.40
C SER F 41 -1.48 29.81 12.88
N LEU F 42 -2.50 29.06 12.43
CA LEU F 42 -3.73 29.68 11.97
C LEU F 42 -4.43 30.44 13.10
N VAL F 43 -4.60 29.78 14.25
CA VAL F 43 -5.28 30.41 15.38
C VAL F 43 -4.52 31.66 15.84
N ILE F 44 -3.19 31.54 15.97
CA ILE F 44 -2.39 32.69 16.40
C ILE F 44 -2.51 33.84 15.42
N ALA F 45 -2.49 33.54 14.12
CA ALA F 45 -2.62 34.58 13.11
C ALA F 45 -3.95 35.31 13.24
N GLN F 46 -5.04 34.55 13.43
CA GLN F 46 -6.35 35.19 13.60
C GLN F 46 -6.42 35.98 14.90
N LEU F 47 -5.77 35.49 15.96
CA LEU F 47 -5.77 36.22 17.22
C LEU F 47 -4.98 37.51 17.11
N LEU F 48 -3.79 37.44 16.54
CA LEU F 48 -3.00 38.65 16.30
C LEU F 48 -3.73 39.61 15.37
N PHE F 49 -4.49 39.08 14.42
CA PHE F 49 -5.25 39.93 13.50
C PHE F 49 -6.34 40.69 14.25
N LEU F 50 -7.17 39.97 15.02
CA LEU F 50 -8.30 40.61 15.70
C LEU F 50 -7.84 41.63 16.74
N GLN F 51 -6.66 41.44 17.33
CA GLN F 51 -6.17 42.42 18.30
C GLN F 51 -5.89 43.76 17.63
N SER F 52 -5.33 43.73 16.42
CA SER F 52 -5.07 44.97 15.69
C SER F 52 -6.36 45.68 15.33
N GLU F 53 -7.39 44.92 14.95
CA GLU F 53 -8.68 45.52 14.62
C GLU F 53 -9.26 46.26 15.83
N SER F 54 -9.06 45.72 17.02
CA SER F 54 -9.50 46.35 18.25
C SER F 54 -8.87 45.66 19.46
N ASN F 55 -8.04 46.37 20.21
CA ASN F 55 -7.48 45.83 21.45
C ASN F 55 -8.46 45.88 22.61
N LYS F 56 -9.73 46.21 22.34
CA LYS F 56 -10.76 46.29 23.37
C LYS F 56 -11.95 45.39 23.10
N LYS F 57 -12.31 45.19 21.84
CA LYS F 57 -13.44 44.32 21.52
C LYS F 57 -13.08 42.87 21.85
N PRO F 58 -13.96 42.14 22.52
CA PRO F 58 -13.62 40.77 22.93
C PRO F 58 -13.56 39.82 21.74
N ILE F 59 -12.95 38.66 21.98
CA ILE F 59 -12.77 37.62 20.98
C ILE F 59 -13.44 36.35 21.49
N HIS F 60 -14.15 35.66 20.60
CA HIS F 60 -14.87 34.45 20.94
C HIS F 60 -14.15 33.25 20.37
N MET F 61 -13.85 32.27 21.24
CA MET F 61 -13.09 31.08 20.86
C MET F 61 -13.96 29.85 21.05
N ALA F 62 -14.40 29.26 19.94
CA ALA F 62 -15.18 28.03 19.98
C ALA F 62 -14.22 26.85 19.93
N ILE F 63 -14.35 25.94 20.89
CA ILE F 63 -13.40 24.85 21.07
C ILE F 63 -14.15 23.52 20.98
N ASN F 64 -13.71 22.65 20.06
CA ASN F 64 -14.22 21.30 19.93
C ASN F 64 -13.03 20.39 19.58
N SER F 65 -12.20 20.12 20.60
CA SER F 65 -10.94 19.44 20.36
C SER F 65 -10.74 18.32 21.38
N PRO F 66 -10.17 17.18 20.95
CA PRO F 66 -9.79 16.12 21.87
C PRO F 66 -8.38 16.26 22.43
N GLY F 67 -7.67 17.34 22.10
CA GLY F 67 -6.30 17.54 22.54
C GLY F 67 -5.35 17.73 21.37
N GLY F 68 -4.11 17.34 21.58
CA GLY F 68 -3.11 17.41 20.53
C GLY F 68 -1.72 17.59 21.14
N VAL F 69 -0.84 18.21 20.35
CA VAL F 69 0.54 18.44 20.77
C VAL F 69 0.58 19.53 21.84
N VAL F 70 1.38 19.30 22.88
CA VAL F 70 1.44 20.22 24.01
C VAL F 70 2.02 21.56 23.60
N THR F 71 3.18 21.55 22.91
CA THR F 71 3.83 22.80 22.54
C THR F 71 2.93 23.68 21.68
N ALA F 72 2.13 23.05 20.79
CA ALA F 72 1.19 23.82 20.00
C ALA F 72 0.09 24.41 20.89
N GLY F 73 -0.36 23.65 21.88
CA GLY F 73 -1.37 24.17 22.80
C GLY F 73 -0.81 25.28 23.67
N LEU F 74 0.40 25.09 24.21
CA LEU F 74 1.05 26.14 24.98
C LEU F 74 1.32 27.36 24.12
N ALA F 75 1.53 27.15 22.82
CA ALA F 75 1.69 28.27 21.90
C ALA F 75 0.44 29.11 21.84
N ILE F 76 -0.73 28.46 21.70
CA ILE F 76 -2.00 29.18 21.72
C ILE F 76 -2.23 29.81 23.10
N TYR F 77 -1.90 29.08 24.16
CA TYR F 77 -2.10 29.59 25.51
C TYR F 77 -1.32 30.88 25.74
N ASP F 78 -0.01 30.85 25.43
CA ASP F 78 0.80 32.04 25.60
C ASP F 78 0.29 33.20 24.75
N THR F 79 -0.23 32.90 23.56
CA THR F 79 -0.76 33.96 22.71
C THR F 79 -2.08 34.50 23.26
N MET F 80 -2.93 33.61 23.79
CA MET F 80 -4.18 34.06 24.41
C MET F 80 -3.91 34.99 25.57
N GLN F 81 -2.91 34.68 26.40
CA GLN F 81 -2.61 35.52 27.54
C GLN F 81 -1.91 36.81 27.13
N TYR F 82 -1.09 36.78 26.08
CA TYR F 82 -0.31 37.95 25.70
C TYR F 82 -1.21 39.12 25.32
N ILE F 83 -2.17 38.89 24.41
CA ILE F 83 -2.97 39.99 23.88
C ILE F 83 -3.82 40.60 24.99
N LEU F 84 -4.31 41.82 24.72
CA LEU F 84 -5.07 42.60 25.69
C LEU F 84 -6.57 42.34 25.61
N ASN F 85 -7.05 41.72 24.53
CA ASN F 85 -8.47 41.51 24.34
C ASN F 85 -9.02 40.54 25.37
N PRO F 86 -10.27 40.76 25.82
CA PRO F 86 -10.96 39.70 26.56
C PRO F 86 -11.30 38.55 25.62
N ILE F 87 -11.24 37.32 26.15
CA ILE F 87 -11.42 36.13 25.33
C ILE F 87 -12.52 35.29 25.95
N CYS F 88 -13.61 35.12 25.20
CA CYS F 88 -14.70 34.24 25.61
C CYS F 88 -14.46 32.85 25.03
N THR F 89 -14.34 31.85 25.90
CA THR F 89 -14.15 30.47 25.49
C THR F 89 -15.46 29.71 25.58
N TRP F 90 -15.71 28.87 24.58
CA TRP F 90 -16.93 28.07 24.50
C TRP F 90 -16.55 26.63 24.21
N CYS F 91 -16.92 25.73 25.13
CA CYS F 91 -16.72 24.30 24.91
C CYS F 91 -17.95 23.76 24.20
N VAL F 92 -17.76 23.31 22.97
CA VAL F 92 -18.84 22.76 22.15
C VAL F 92 -18.43 21.37 21.73
N GLY F 93 -19.30 20.39 21.99
CA GLY F 93 -18.97 19.00 21.73
C GLY F 93 -18.09 18.44 22.83
N GLN F 94 -16.80 18.76 22.79
CA GLN F 94 -15.89 18.30 23.83
C GLN F 94 -14.66 19.20 23.85
N ALA F 95 -13.99 19.21 25.00
CA ALA F 95 -12.71 19.88 25.16
C ALA F 95 -11.87 19.00 26.09
N ALA F 96 -10.98 18.21 25.50
CA ALA F 96 -10.16 17.28 26.26
C ALA F 96 -8.69 17.61 26.08
N SER F 97 -7.89 17.17 27.06
CA SER F 97 -6.42 17.32 27.07
C SER F 97 -6.11 18.81 26.92
N MET F 98 -5.30 19.21 25.94
CA MET F 98 -4.95 20.62 25.76
C MET F 98 -6.17 21.48 25.45
N GLY F 99 -7.25 20.89 24.95
CA GLY F 99 -8.45 21.68 24.68
C GLY F 99 -9.06 22.26 25.92
N SER F 100 -9.09 21.48 27.01
CA SER F 100 -9.59 21.99 28.28
C SER F 100 -8.67 23.05 28.86
N LEU F 101 -7.36 22.96 28.59
CA LEU F 101 -6.44 23.99 29.05
C LEU F 101 -6.74 25.33 28.39
N LEU F 102 -7.00 25.32 27.08
CA LEU F 102 -7.42 26.54 26.40
C LEU F 102 -8.78 27.01 26.90
N LEU F 103 -9.65 26.08 27.29
CA LEU F 103 -10.96 26.45 27.82
C LEU F 103 -10.82 27.20 29.13
N ALA F 104 -10.01 26.69 30.05
CA ALA F 104 -9.81 27.35 31.33
C ALA F 104 -8.97 28.62 31.20
N ALA F 105 -8.26 28.78 30.09
CA ALA F 105 -7.41 29.95 29.88
C ALA F 105 -8.19 31.17 29.42
N GLY F 106 -9.51 31.06 29.28
CA GLY F 106 -10.31 32.21 28.91
C GLY F 106 -10.37 33.25 30.00
N THR F 107 -10.86 34.43 29.62
CA THR F 107 -11.01 35.51 30.58
C THR F 107 -11.99 35.10 31.67
N PRO F 108 -11.65 35.25 32.95
CA PRO F 108 -12.56 34.82 34.03
C PRO F 108 -13.91 35.51 33.92
N GLY F 109 -14.97 34.72 34.03
CA GLY F 109 -16.32 35.19 33.82
C GLY F 109 -16.80 35.07 32.39
N MET F 110 -15.95 34.66 31.46
CA MET F 110 -16.30 34.53 30.06
C MET F 110 -16.03 33.14 29.51
N ARG F 111 -15.90 32.14 30.38
CA ARG F 111 -15.64 30.77 29.98
C ARG F 111 -16.96 29.98 30.05
N HIS F 112 -17.50 29.64 28.89
CA HIS F 112 -18.79 28.99 28.79
C HIS F 112 -18.64 27.55 28.33
N SER F 113 -19.77 26.84 28.29
CA SER F 113 -19.85 25.48 27.80
C SER F 113 -21.32 25.15 27.59
N LEU F 114 -21.60 24.37 26.55
CA LEU F 114 -22.96 23.93 26.31
C LEU F 114 -23.27 22.69 27.14
N PRO F 115 -24.56 22.39 27.38
CA PRO F 115 -24.90 21.43 28.44
C PRO F 115 -24.39 20.01 28.20
N ASN F 116 -24.35 19.54 26.95
CA ASN F 116 -23.99 18.17 26.67
C ASN F 116 -22.52 18.00 26.31
N SER F 117 -21.69 19.02 26.55
CA SER F 117 -20.27 18.94 26.28
C SER F 117 -19.59 17.97 27.25
N ARG F 118 -18.37 17.57 26.88
CA ARG F 118 -17.54 16.68 27.68
C ARG F 118 -16.19 17.33 27.90
N ILE F 119 -15.82 17.54 29.16
CA ILE F 119 -14.57 18.18 29.53
C ILE F 119 -13.65 17.14 30.17
N MET F 120 -12.42 17.08 29.71
CA MET F 120 -11.43 16.14 30.24
C MET F 120 -10.11 16.85 30.44
N ILE F 121 -9.52 16.66 31.62
CA ILE F 121 -8.22 17.24 31.94
C ILE F 121 -7.13 16.18 32.08
N HIS F 122 -7.48 14.90 32.11
CA HIS F 122 -6.50 13.82 32.11
C HIS F 122 -5.76 13.79 30.77
N GLN F 123 -4.44 13.58 30.84
CA GLN F 123 -3.58 13.52 29.66
C GLN F 123 -3.39 12.09 29.19
N PRO F 124 -3.55 11.80 27.90
CA PRO F 124 -3.45 10.44 27.36
C PRO F 124 -2.02 9.89 27.38
N ASP F 134 5.74 16.72 18.16
CA ASP F 134 6.51 17.29 17.06
C ASP F 134 7.78 16.48 16.84
N ILE F 135 8.42 16.07 17.93
CA ILE F 135 9.63 15.26 17.89
C ILE F 135 9.72 14.46 19.17
N ALA F 136 10.52 13.41 19.15
CA ALA F 136 10.70 12.57 20.32
C ALA F 136 11.36 13.36 21.44
N ILE F 137 10.93 13.09 22.67
CA ILE F 137 11.40 13.82 23.84
C ILE F 137 11.92 12.84 24.87
N GLN F 138 12.85 13.30 25.69
CA GLN F 138 13.43 12.49 26.75
C GLN F 138 12.49 12.43 27.95
N ALA F 139 12.83 11.53 28.88
CA ALA F 139 11.99 11.32 30.05
C ALA F 139 11.89 12.57 30.92
N GLU F 140 13.03 13.23 31.19
CA GLU F 140 13.00 14.43 32.02
C GLU F 140 12.23 15.57 31.37
N GLU F 141 12.11 15.57 30.04
CA GLU F 141 11.48 16.68 29.34
C GLU F 141 10.00 16.47 29.07
N ILE F 142 9.44 15.33 29.49
CA ILE F 142 7.99 15.17 29.50
C ILE F 142 7.42 15.59 30.86
N MET F 143 8.16 15.38 31.94
CA MET F 143 7.72 15.86 33.25
C MET F 143 7.73 17.37 33.31
N LYS F 144 8.74 18.02 32.70
CA LYS F 144 8.75 19.48 32.65
C LYS F 144 7.53 20.02 31.92
N LEU F 145 7.06 19.29 30.89
CA LEU F 145 5.82 19.69 30.24
C LEU F 145 4.61 19.39 31.12
N LYS F 146 4.63 18.24 31.80
CA LYS F 146 3.54 17.88 32.70
C LYS F 146 3.45 18.86 33.86
N LYS F 147 4.57 19.09 34.55
CA LYS F 147 4.59 20.08 35.62
C LYS F 147 4.23 21.47 35.12
N GLN F 148 4.56 21.79 33.87
CA GLN F 148 4.14 23.05 33.27
C GLN F 148 2.63 23.12 33.09
N LEU F 149 1.99 21.97 32.82
CA LEU F 149 0.53 21.95 32.70
C LEU F 149 -0.14 22.09 34.05
N TYR F 150 0.43 21.44 35.08
CA TYR F 150 -0.13 21.56 36.44
C TYR F 150 -0.26 23.01 36.87
N ASN F 151 0.79 23.81 36.65
CA ASN F 151 0.79 25.19 37.12
C ASN F 151 -0.25 26.02 36.38
N ILE F 152 -0.41 25.79 35.08
CA ILE F 152 -1.38 26.55 34.29
C ILE F 152 -2.80 26.24 34.73
N TYR F 153 -3.11 24.96 34.97
CA TYR F 153 -4.44 24.60 35.46
C TYR F 153 -4.72 25.23 36.83
N ALA F 154 -3.80 25.05 37.78
CA ALA F 154 -3.99 25.62 39.10
C ALA F 154 -4.15 27.14 39.05
N LYS F 155 -3.47 27.80 38.11
CA LYS F 155 -3.59 29.24 37.98
C LYS F 155 -4.98 29.65 37.51
N HIS F 156 -5.52 28.94 36.51
CA HIS F 156 -6.78 29.34 35.89
C HIS F 156 -8.00 28.69 36.53
N THR F 157 -7.84 27.54 37.19
CA THR F 157 -8.95 26.92 37.90
C THR F 157 -9.05 27.37 39.36
N LYS F 158 -8.00 28.00 39.88
CA LYS F 158 -7.92 28.46 41.26
C LYS F 158 -7.95 27.31 42.27
N GLN F 159 -7.58 26.10 41.84
CA GLN F 159 -7.41 24.97 42.73
C GLN F 159 -5.93 24.82 43.10
N SER F 160 -5.66 24.00 44.10
CA SER F 160 -4.30 23.73 44.48
C SER F 160 -3.67 22.70 43.54
N LEU F 161 -2.34 22.74 43.45
CA LEU F 161 -1.63 21.80 42.58
C LEU F 161 -1.88 20.36 43.00
N GLN F 162 -1.97 20.11 44.31
CA GLN F 162 -2.20 18.76 44.80
C GLN F 162 -3.57 18.24 44.37
N VAL F 163 -4.56 19.12 44.33
CA VAL F 163 -5.89 18.71 43.86
C VAL F 163 -5.86 18.45 42.36
N ILE F 164 -5.22 19.33 41.60
CA ILE F 164 -5.18 19.19 40.14
C ILE F 164 -4.46 17.91 39.75
N GLU F 165 -3.30 17.66 40.36
CA GLU F 165 -2.52 16.47 40.04
C GLU F 165 -3.32 15.19 40.28
N SER F 166 -4.02 15.10 41.42
CA SER F 166 -4.80 13.90 41.71
C SER F 166 -5.97 13.75 40.76
N ALA F 167 -6.57 14.87 40.32
CA ALA F 167 -7.67 14.80 39.39
C ALA F 167 -7.21 14.36 38.01
N MET F 168 -6.11 14.93 37.52
CA MET F 168 -5.59 14.57 36.20
C MET F 168 -5.15 13.12 36.11
N GLU F 169 -5.02 12.43 37.24
CA GLU F 169 -4.65 11.02 37.21
C GLU F 169 -5.83 10.11 36.86
N ARG F 170 -7.06 10.61 36.98
CA ARG F 170 -8.25 9.81 36.74
C ARG F 170 -8.68 9.95 35.29
N ASP F 171 -8.71 8.82 34.57
CA ASP F 171 -9.15 8.78 33.18
C ASP F 171 -10.68 8.88 33.12
N ARG F 172 -11.19 10.10 33.08
CA ARG F 172 -12.63 10.32 33.13
C ARG F 172 -12.93 11.71 32.60
N TYR F 173 -14.18 11.90 32.19
CA TYR F 173 -14.69 13.18 31.71
C TYR F 173 -15.58 13.82 32.77
N MET F 174 -15.68 15.14 32.70
CA MET F 174 -16.54 15.91 33.58
C MET F 174 -17.67 16.55 32.79
N SER F 175 -18.81 16.71 33.45
CA SER F 175 -19.93 17.43 32.86
C SER F 175 -19.66 18.93 32.92
N PRO F 176 -20.36 19.71 32.10
CA PRO F 176 -20.18 21.18 32.17
C PRO F 176 -20.42 21.74 33.56
N MET F 177 -21.39 21.18 34.28
CA MET F 177 -21.62 21.63 35.65
C MET F 177 -20.51 21.16 36.57
N GLU F 178 -19.99 19.95 36.36
CA GLU F 178 -18.83 19.49 37.12
C GLU F 178 -17.63 20.40 36.89
N ALA F 179 -17.36 20.73 35.63
CA ALA F 179 -16.25 21.62 35.33
C ALA F 179 -16.51 23.03 35.82
N GLN F 180 -17.78 23.42 35.97
CA GLN F 180 -18.10 24.70 36.58
C GLN F 180 -17.79 24.68 38.07
N GLU F 181 -18.08 23.56 38.74
CA GLU F 181 -17.76 23.42 40.15
C GLU F 181 -16.26 23.29 40.38
N PHE F 182 -15.54 22.71 39.42
CA PHE F 182 -14.10 22.49 39.55
C PHE F 182 -13.29 23.75 39.29
N GLY F 183 -13.85 24.73 38.60
CA GLY F 183 -13.15 25.96 38.30
C GLY F 183 -12.64 26.10 36.87
N ILE F 184 -13.07 25.22 35.97
CA ILE F 184 -12.57 25.27 34.59
C ILE F 184 -13.34 26.30 33.77
N LEU F 185 -14.65 26.40 34.01
CA LEU F 185 -15.48 27.36 33.29
C LEU F 185 -16.43 28.02 34.27
N ASP F 186 -17.03 29.12 33.83
CA ASP F 186 -17.81 30.00 34.69
C ASP F 186 -19.32 29.89 34.50
N LYS F 187 -19.79 29.72 33.25
CA LYS F 187 -21.21 29.70 32.97
C LYS F 187 -21.56 28.49 32.12
N VAL F 188 -22.65 27.83 32.48
CA VAL F 188 -23.23 26.77 31.67
C VAL F 188 -24.60 27.26 31.20
N LEU F 189 -24.74 27.46 29.89
CA LEU F 189 -25.93 28.08 29.33
C LEU F 189 -26.65 27.09 28.41
N VAL F 190 -27.95 26.97 28.60
CA VAL F 190 -28.80 26.28 27.63
C VAL F 190 -29.34 27.27 26.61
N HIS F 191 -29.76 28.43 27.09
CA HIS F 191 -30.20 29.56 26.29
C HIS F 191 -29.55 30.81 26.87
N PRO F 192 -29.38 31.87 26.05
CA PRO F 192 -28.71 33.06 26.59
C PRO F 192 -29.58 33.85 27.56
N TYR G 17 -5.90 39.34 1.71
CA TYR G 17 -6.85 38.27 1.50
C TYR G 17 -6.66 37.18 2.55
N ASP G 18 -5.93 36.13 2.15
CA ASP G 18 -5.48 35.11 3.08
C ASP G 18 -4.87 35.75 4.31
N ILE G 19 -5.12 35.15 5.48
CA ILE G 19 -4.60 35.72 6.72
C ILE G 19 -3.08 35.84 6.65
N TYR G 20 -2.42 34.93 5.92
CA TYR G 20 -0.98 35.02 5.75
C TYR G 20 -0.58 36.18 4.85
N SER G 21 -1.49 36.65 4.01
CA SER G 21 -1.30 37.87 3.24
C SER G 21 -1.59 39.13 4.05
N ARG G 22 -2.00 38.97 5.31
CA ARG G 22 -2.22 40.10 6.21
C ARG G 22 -1.13 40.24 7.25
N LEU G 23 -0.51 39.15 7.67
CA LEU G 23 0.74 39.24 8.43
C LEU G 23 1.82 39.92 7.61
N LEU G 24 1.89 39.59 6.32
CA LEU G 24 2.91 40.17 5.44
C LEU G 24 2.76 41.68 5.32
N ARG G 25 1.51 42.17 5.29
CA ARG G 25 1.27 43.60 5.29
C ARG G 25 1.70 44.27 6.59
N GLU G 26 1.98 43.49 7.63
CA GLU G 26 2.46 44.00 8.92
C GLU G 26 3.89 43.59 9.21
N ARG G 27 4.63 43.13 8.19
CA ARG G 27 6.04 42.78 8.30
C ARG G 27 6.27 41.63 9.30
N ILE G 28 5.50 40.57 9.16
CA ILE G 28 5.65 39.36 9.99
C ILE G 28 5.90 38.18 9.07
N VAL G 29 6.98 37.45 9.35
CA VAL G 29 7.35 36.25 8.59
C VAL G 29 7.26 35.05 9.54
N CYS G 30 6.48 34.05 9.14
CA CYS G 30 6.22 32.88 9.97
C CYS G 30 7.17 31.75 9.56
N VAL G 31 8.01 31.32 10.50
CA VAL G 31 8.85 30.15 10.30
C VAL G 31 8.29 29.04 11.19
N MET G 32 7.04 28.69 10.97
CA MET G 32 6.33 27.71 11.79
C MET G 32 6.31 26.37 11.06
N GLY G 33 6.73 25.31 11.77
CA GLY G 33 6.75 23.99 11.21
C GLY G 33 8.15 23.53 10.87
N PRO G 34 8.28 22.29 10.38
CA PRO G 34 9.61 21.79 10.01
C PRO G 34 10.21 22.60 8.88
N ILE G 35 11.53 22.53 8.77
CA ILE G 35 12.30 23.32 7.81
C ILE G 35 12.84 22.40 6.72
N ASP G 36 12.46 22.66 5.48
CA ASP G 36 13.02 22.01 4.30
C ASP G 36 13.34 23.10 3.28
N ASP G 37 13.82 22.68 2.11
CA ASP G 37 14.12 23.64 1.06
C ASP G 37 12.87 24.44 0.65
N SER G 38 11.69 23.84 0.83
CA SER G 38 10.45 24.52 0.47
C SER G 38 10.12 25.64 1.44
N VAL G 39 10.27 25.40 2.75
CA VAL G 39 9.98 26.44 3.74
C VAL G 39 10.96 27.61 3.58
N ALA G 40 12.25 27.30 3.41
CA ALA G 40 13.26 28.36 3.32
C ALA G 40 13.00 29.27 2.13
N SER G 41 12.54 28.70 1.01
CA SER G 41 12.29 29.49 -0.19
C SER G 41 11.28 30.61 0.06
N LEU G 42 10.18 30.29 0.75
CA LEU G 42 9.19 31.31 1.08
C LEU G 42 9.79 32.37 2.00
N VAL G 43 10.45 31.95 3.08
CA VAL G 43 11.02 32.89 4.03
C VAL G 43 12.03 33.79 3.33
N ILE G 44 12.90 33.21 2.49
CA ILE G 44 13.87 34.01 1.76
C ILE G 44 13.16 35.00 0.84
N ALA G 45 12.11 34.54 0.16
CA ALA G 45 11.33 35.43 -0.70
C ALA G 45 10.63 36.51 0.12
N GLN G 46 10.03 36.12 1.25
CA GLN G 46 9.33 37.10 2.09
C GLN G 46 10.30 38.09 2.73
N LEU G 47 11.51 37.63 3.09
CA LEU G 47 12.48 38.54 3.71
C LEU G 47 12.99 39.58 2.72
N LEU G 48 13.39 39.14 1.53
CA LEU G 48 13.80 40.10 0.49
C LEU G 48 12.68 41.05 0.12
N PHE G 49 11.44 40.59 0.21
CA PHE G 49 10.30 41.45 -0.10
C PHE G 49 10.24 42.63 0.86
N LEU G 50 10.25 42.35 2.16
CA LEU G 50 10.13 43.42 3.15
C LEU G 50 11.31 44.38 3.13
N GLN G 51 12.53 43.89 2.82
CA GLN G 51 13.67 44.80 2.77
C GLN G 51 13.58 45.76 1.60
N SER G 52 13.15 45.28 0.43
CA SER G 52 13.05 46.16 -0.73
C SER G 52 12.00 47.24 -0.50
N GLU G 53 10.87 46.87 0.10
CA GLU G 53 9.85 47.85 0.42
C GLU G 53 10.34 48.86 1.45
N SER G 54 11.18 48.43 2.39
CA SER G 54 11.77 49.32 3.38
C SER G 54 12.94 48.65 4.10
N ASN G 55 14.14 49.18 3.92
CA ASN G 55 15.33 48.70 4.61
C ASN G 55 15.48 49.26 6.03
N LYS G 56 14.47 49.91 6.57
CA LYS G 56 14.58 50.49 7.91
C LYS G 56 13.56 49.95 8.90
N LYS G 57 12.35 49.67 8.44
CA LYS G 57 11.34 49.12 9.34
C LYS G 57 11.72 47.70 9.74
N PRO G 58 11.64 47.35 11.02
CA PRO G 58 12.07 46.02 11.45
C PRO G 58 11.13 44.93 10.95
N ILE G 59 11.63 43.70 11.02
CA ILE G 59 10.90 42.52 10.56
C ILE G 59 10.73 41.57 11.74
N HIS G 60 9.53 41.01 11.86
CA HIS G 60 9.19 40.13 12.97
C HIS G 60 9.11 38.69 12.48
N MET G 61 9.84 37.79 13.14
CA MET G 61 9.93 36.38 12.76
C MET G 61 9.37 35.52 13.88
N ALA G 62 8.20 34.93 13.66
CA ALA G 62 7.59 34.03 14.63
C ALA G 62 8.06 32.60 14.34
N ILE G 63 8.57 31.93 15.38
CA ILE G 63 9.22 30.63 15.23
C ILE G 63 8.51 29.60 16.09
N ASN G 64 8.04 28.52 15.46
CA ASN G 64 7.48 27.35 16.14
C ASN G 64 7.92 26.12 15.35
N SER G 65 9.20 25.76 15.47
CA SER G 65 9.76 24.72 14.63
C SER G 65 10.56 23.71 15.46
N PRO G 66 10.49 22.43 15.11
CA PRO G 66 11.37 21.42 15.74
C PRO G 66 12.70 21.23 15.04
N GLY G 67 13.00 22.02 14.01
CA GLY G 67 14.23 21.88 13.25
C GLY G 67 13.96 21.64 11.77
N GLY G 68 14.87 20.94 11.13
CA GLY G 68 14.73 20.59 9.74
C GLY G 68 16.09 20.42 9.07
N VAL G 69 16.12 20.68 7.77
CA VAL G 69 17.35 20.55 7.00
C VAL G 69 18.33 21.65 7.38
N VAL G 70 19.59 21.27 7.57
CA VAL G 70 20.60 22.24 8.03
C VAL G 70 20.86 23.29 6.96
N THR G 71 21.13 22.87 5.73
CA THR G 71 21.42 23.83 4.66
C THR G 71 20.25 24.77 4.42
N ALA G 72 19.02 24.28 4.56
CA ALA G 72 17.86 25.14 4.42
C ALA G 72 17.80 26.17 5.55
N GLY G 73 18.18 25.76 6.76
CA GLY G 73 18.23 26.72 7.86
C GLY G 73 19.32 27.75 7.67
N LEU G 74 20.51 27.32 7.25
CA LEU G 74 21.59 28.25 6.97
C LEU G 74 21.22 29.23 5.85
N ALA G 75 20.36 28.79 4.92
CA ALA G 75 19.86 29.69 3.90
C ALA G 75 19.09 30.84 4.52
N ILE G 76 18.23 30.54 5.50
CA ILE G 76 17.51 31.59 6.21
C ILE G 76 18.49 32.43 7.03
N TYR G 77 19.45 31.78 7.69
CA TYR G 77 20.42 32.50 8.52
C TYR G 77 21.23 33.49 7.69
N ASP G 78 21.85 33.01 6.60
CA ASP G 78 22.62 33.90 5.75
C ASP G 78 21.76 35.03 5.21
N THR G 79 20.49 34.75 4.91
CA THR G 79 19.59 35.79 4.43
C THR G 79 19.23 36.77 5.54
N MET G 80 19.04 36.27 6.77
CA MET G 80 18.78 37.17 7.89
C MET G 80 19.93 38.14 8.11
N GLN G 81 21.17 37.64 8.00
CA GLN G 81 22.32 38.52 8.19
C GLN G 81 22.54 39.42 6.98
N TYR G 82 22.23 38.94 5.77
CA TYR G 82 22.50 39.72 4.57
C TYR G 82 21.71 41.02 4.57
N ILE G 83 20.39 40.94 4.80
CA ILE G 83 19.54 42.11 4.70
C ILE G 83 19.90 43.13 5.78
N LEU G 84 19.45 44.37 5.56
CA LEU G 84 19.79 45.48 6.44
C LEU G 84 18.82 45.64 7.60
N ASN G 85 17.64 45.03 7.52
CA ASN G 85 16.64 45.23 8.55
C ASN G 85 17.04 44.57 9.87
N PRO G 86 16.69 45.18 11.00
CA PRO G 86 16.70 44.44 12.26
C PRO G 86 15.58 43.42 12.26
N ILE G 87 15.83 42.27 12.91
CA ILE G 87 14.90 41.15 12.86
C ILE G 87 14.53 40.76 14.28
N CYS G 88 13.23 40.87 14.58
CA CYS G 88 12.69 40.45 15.87
C CYS G 88 12.27 38.98 15.78
N THR G 89 12.87 38.15 16.61
CA THR G 89 12.57 36.73 16.67
C THR G 89 11.65 36.44 17.85
N TRP G 90 10.69 35.55 17.65
CA TRP G 90 9.73 35.16 18.68
C TRP G 90 9.67 33.65 18.75
N CYS G 91 10.05 33.09 19.91
CA CYS G 91 9.93 31.66 20.15
C CYS G 91 8.55 31.39 20.72
N VAL G 92 7.73 30.69 19.95
CA VAL G 92 6.35 30.37 20.34
C VAL G 92 6.19 28.87 20.27
N GLY G 93 5.74 28.27 21.37
CA GLY G 93 5.62 26.83 21.42
C GLY G 93 6.96 26.17 21.67
N GLN G 94 7.78 26.09 20.62
CA GLN G 94 9.09 25.48 20.73
C GLN G 94 9.99 26.03 19.62
N ALA G 95 11.30 26.01 19.87
CA ALA G 95 12.30 26.34 18.86
C ALA G 95 13.47 25.39 19.12
N ALA G 96 13.54 24.31 18.34
CA ALA G 96 14.53 23.27 18.54
C ALA G 96 15.41 23.13 17.30
N SER G 97 16.61 22.58 17.51
CA SER G 97 17.54 22.38 16.41
C SER G 97 17.79 23.68 15.66
N MET G 98 17.54 23.65 14.34
CA MET G 98 17.76 24.86 13.54
C MET G 98 16.83 26.00 13.95
N GLY G 99 15.70 25.71 14.60
CA GLY G 99 14.81 26.77 15.02
C GLY G 99 15.42 27.72 16.03
N SER G 100 16.16 27.17 17.01
CA SER G 100 16.82 28.01 18.00
C SER G 100 17.95 28.82 17.38
N LEU G 101 18.61 28.28 16.35
CA LEU G 101 19.66 29.03 15.66
C LEU G 101 19.08 30.28 15.01
N LEU G 102 17.95 30.13 14.31
CA LEU G 102 17.28 31.30 13.77
C LEU G 102 16.77 32.21 14.88
N LEU G 103 16.37 31.63 16.01
CA LEU G 103 15.93 32.42 17.15
C LEU G 103 17.06 33.26 17.73
N ALA G 104 18.22 32.64 17.95
CA ALA G 104 19.36 33.35 18.50
C ALA G 104 19.99 34.31 17.51
N ALA G 105 19.71 34.15 16.22
CA ALA G 105 20.29 35.01 15.19
C ALA G 105 19.59 36.34 15.05
N GLY G 106 18.58 36.63 15.88
CA GLY G 106 17.91 37.90 15.80
C GLY G 106 18.80 39.06 16.23
N THR G 107 18.34 40.26 15.92
CA THR G 107 19.07 41.46 16.29
C THR G 107 19.16 41.55 17.81
N PRO G 108 20.34 41.79 18.38
CA PRO G 108 20.47 41.81 19.84
C PRO G 108 19.53 42.82 20.48
N GLY G 109 18.82 42.38 21.50
CA GLY G 109 17.77 43.18 22.12
C GLY G 109 16.39 42.97 21.54
N MET G 110 16.26 42.17 20.48
CA MET G 110 14.97 41.95 19.83
C MET G 110 14.62 40.47 19.72
N ARG G 111 15.24 39.63 20.54
CA ARG G 111 14.96 38.19 20.55
C ARG G 111 14.06 37.88 21.73
N HIS G 112 12.82 37.52 21.45
CA HIS G 112 11.80 37.31 22.46
C HIS G 112 11.48 35.83 22.61
N SER G 113 10.63 35.55 23.59
CA SER G 113 10.10 34.21 23.84
C SER G 113 8.92 34.35 24.78
N LEU G 114 7.91 33.53 24.57
CA LEU G 114 6.77 33.51 25.46
C LEU G 114 7.04 32.57 26.63
N PRO G 115 6.30 32.72 27.75
CA PRO G 115 6.75 32.08 28.99
C PRO G 115 6.80 30.56 28.95
N ASN G 116 5.88 29.91 28.23
CA ASN G 116 5.80 28.45 28.24
C ASN G 116 6.51 27.81 27.06
N SER G 117 7.31 28.56 26.31
CA SER G 117 8.05 27.99 25.19
C SER G 117 9.16 27.07 25.69
N ARG G 118 9.72 26.29 24.76
CA ARG G 118 10.81 25.37 25.03
C ARG G 118 11.86 25.52 23.94
N ILE G 119 13.08 25.86 24.35
CA ILE G 119 14.19 26.09 23.43
C ILE G 119 15.16 24.93 23.53
N MET G 120 15.58 24.40 22.38
CA MET G 120 16.51 23.28 22.31
C MET G 120 17.57 23.58 21.26
N ILE G 121 18.84 23.41 21.63
CA ILE G 121 19.96 23.62 20.72
C ILE G 121 20.69 22.33 20.39
N HIS G 122 20.39 21.23 21.09
CA HIS G 122 20.96 19.94 20.74
C HIS G 122 20.43 19.49 19.38
N GLN G 123 21.31 18.92 18.56
CA GLN G 123 20.85 18.47 17.26
C GLN G 123 20.43 17.01 17.33
N PRO G 124 19.24 16.65 16.85
CA PRO G 124 18.79 15.27 16.98
C PRO G 124 19.57 14.33 16.09
N SER G 125 19.94 13.19 16.64
CA SER G 125 20.66 12.17 15.89
C SER G 125 19.77 11.54 14.83
N ASP G 134 19.79 18.52 1.34
CA ASP G 134 18.67 17.62 1.08
C ASP G 134 19.15 16.25 0.63
N ILE G 135 20.46 16.09 0.53
CA ILE G 135 21.06 14.85 0.09
C ILE G 135 21.86 14.23 1.23
N ALA G 136 22.37 13.02 0.99
CA ALA G 136 23.14 12.31 2.00
C ALA G 136 24.58 12.79 1.98
N ILE G 137 25.13 13.04 3.15
CA ILE G 137 26.46 13.62 3.26
C ILE G 137 27.46 12.53 3.66
N GLN G 138 28.74 12.88 3.64
CA GLN G 138 29.81 12.01 4.10
C GLN G 138 30.16 12.34 5.54
N ALA G 139 30.96 11.47 6.15
CA ALA G 139 31.29 11.65 7.57
C ALA G 139 32.07 12.94 7.80
N GLU G 140 33.06 13.23 6.96
CA GLU G 140 33.85 14.44 7.14
C GLU G 140 33.01 15.69 6.94
N GLU G 141 31.98 15.63 6.08
CA GLU G 141 31.20 16.82 5.79
C GLU G 141 30.07 17.06 6.79
N ILE G 142 29.85 16.14 7.73
CA ILE G 142 28.92 16.43 8.82
C ILE G 142 29.62 17.23 9.90
N MET G 143 30.90 16.94 10.16
CA MET G 143 31.66 17.75 11.11
C MET G 143 31.93 19.15 10.57
N LYS G 144 32.10 19.28 9.25
CA LYS G 144 32.16 20.61 8.65
C LYS G 144 30.89 21.40 8.91
N LEU G 145 29.76 20.71 9.06
CA LEU G 145 28.49 21.40 9.31
C LEU G 145 28.28 21.66 10.79
N LYS G 146 28.64 20.71 11.65
CA LYS G 146 28.49 20.92 13.09
C LYS G 146 29.37 22.07 13.57
N LYS G 147 30.65 22.07 13.19
CA LYS G 147 31.52 23.20 13.50
C LYS G 147 30.97 24.48 12.89
N GLN G 148 30.29 24.38 11.75
CA GLN G 148 29.62 25.54 11.18
C GLN G 148 28.48 26.01 12.08
N LEU G 149 27.79 25.07 12.73
CA LEU G 149 26.75 25.43 13.68
C LEU G 149 27.35 25.93 15.01
N TYR G 150 28.44 25.30 15.46
CA TYR G 150 29.11 25.73 16.68
C TYR G 150 29.47 27.22 16.62
N ASN G 151 30.06 27.66 15.52
CA ASN G 151 30.54 29.04 15.43
C ASN G 151 29.39 30.03 15.44
N ILE G 152 28.28 29.70 14.78
CA ILE G 152 27.13 30.61 14.74
C ILE G 152 26.51 30.76 16.12
N TYR G 153 26.37 29.66 16.86
CA TYR G 153 25.83 29.74 18.21
C TYR G 153 26.73 30.57 19.10
N ALA G 154 28.02 30.22 19.17
CA ALA G 154 28.96 30.95 20.02
C ALA G 154 29.01 32.43 19.65
N LYS G 155 28.82 32.75 18.37
CA LYS G 155 28.84 34.14 17.93
C LYS G 155 27.67 34.93 18.52
N HIS G 156 26.48 34.34 18.53
CA HIS G 156 25.29 35.08 18.96
C HIS G 156 24.99 34.94 20.44
N THR G 157 25.42 33.85 21.08
CA THR G 157 25.27 33.74 22.54
C THR G 157 26.48 34.26 23.30
N LYS G 158 27.61 34.47 22.61
CA LYS G 158 28.83 34.99 23.22
C LYS G 158 29.33 34.08 24.35
N GLN G 159 29.09 32.78 24.21
CA GLN G 159 29.68 31.76 25.06
C GLN G 159 30.94 31.23 24.39
N SER G 160 31.72 30.46 25.15
CA SER G 160 32.91 29.87 24.58
C SER G 160 32.57 28.66 23.72
N LEU G 161 33.47 28.34 22.78
CA LEU G 161 33.25 27.19 21.92
C LEU G 161 33.16 25.90 22.72
N GLN G 162 33.96 25.79 23.78
CA GLN G 162 33.92 24.58 24.61
C GLN G 162 32.58 24.43 25.30
N VAL G 163 31.97 25.55 25.72
CA VAL G 163 30.66 25.48 26.35
C VAL G 163 29.59 25.07 25.34
N ILE G 164 29.62 25.67 24.15
CA ILE G 164 28.61 25.36 23.13
C ILE G 164 28.70 23.90 22.73
N GLU G 165 29.92 23.40 22.50
CA GLU G 165 30.09 21.99 22.16
C GLU G 165 29.54 21.10 23.27
N SER G 166 29.86 21.43 24.52
CA SER G 166 29.38 20.64 25.65
C SER G 166 27.89 20.80 25.87
N ALA G 167 27.35 22.00 25.60
CA ALA G 167 25.91 22.23 25.80
C ALA G 167 25.08 21.47 24.77
N MET G 168 25.47 21.56 23.49
CA MET G 168 24.74 20.85 22.43
C MET G 168 24.80 19.34 22.59
N GLU G 169 25.67 18.84 23.46
CA GLU G 169 25.76 17.40 23.72
C GLU G 169 24.66 16.89 24.62
N ARG G 170 23.98 17.78 25.36
CA ARG G 170 22.95 17.37 26.31
C ARG G 170 21.60 17.36 25.62
N ASP G 171 20.97 16.19 25.57
CA ASP G 171 19.64 16.03 25.00
C ASP G 171 18.64 16.61 25.99
N ARG G 172 18.36 17.90 25.85
CA ARG G 172 17.58 18.62 26.84
C ARG G 172 16.98 19.87 26.21
N TYR G 173 15.91 20.37 26.81
CA TYR G 173 15.29 21.62 26.45
C TYR G 173 15.59 22.66 27.52
N MET G 174 15.56 23.93 27.12
CA MET G 174 15.77 25.03 28.04
C MET G 174 14.51 25.86 28.19
N SER G 175 14.31 26.40 29.37
CA SER G 175 13.23 27.34 29.60
C SER G 175 13.60 28.71 29.03
N PRO G 176 12.62 29.58 28.79
CA PRO G 176 12.96 30.93 28.29
C PRO G 176 13.92 31.68 29.20
N MET G 177 13.80 31.51 30.52
CA MET G 177 14.75 32.13 31.42
C MET G 177 16.11 31.44 31.34
N GLU G 178 16.11 30.11 31.23
CA GLU G 178 17.35 29.38 31.02
C GLU G 178 18.01 29.80 29.70
N ALA G 179 17.22 29.86 28.62
CA ALA G 179 17.76 30.24 27.33
C ALA G 179 18.18 31.71 27.29
N GLN G 180 17.56 32.56 28.12
CA GLN G 180 17.99 33.95 28.20
C GLN G 180 19.35 34.07 28.89
N GLU G 181 19.51 33.40 30.03
CA GLU G 181 20.77 33.42 30.75
C GLU G 181 21.90 32.82 29.94
N PHE G 182 21.58 32.00 28.94
CA PHE G 182 22.60 31.40 28.08
C PHE G 182 22.99 32.33 26.93
N GLY G 183 22.16 33.29 26.58
CA GLY G 183 22.44 34.21 25.49
C GLY G 183 21.68 33.95 24.20
N ILE G 184 20.65 33.10 24.24
CA ILE G 184 19.92 32.77 23.01
C ILE G 184 18.84 33.81 22.73
N LEU G 185 18.18 34.31 23.78
CA LEU G 185 17.15 35.32 23.62
C LEU G 185 17.32 36.37 24.71
N ASP G 186 16.66 37.51 24.53
CA ASP G 186 16.88 38.69 25.36
C ASP G 186 15.76 38.97 26.36
N LYS G 187 14.50 38.80 25.97
CA LYS G 187 13.37 39.16 26.81
C LYS G 187 12.36 38.02 26.88
N VAL G 188 11.84 37.79 28.07
CA VAL G 188 10.73 36.84 28.29
C VAL G 188 9.52 37.66 28.73
N LEU G 189 8.48 37.67 27.90
CA LEU G 189 7.33 38.53 28.08
C LEU G 189 6.07 37.71 28.31
N VAL G 190 5.30 38.09 29.33
CA VAL G 190 3.95 37.55 29.49
C VAL G 190 2.93 38.45 28.80
N HIS G 191 3.05 39.75 29.02
CA HIS G 191 2.27 40.79 28.34
C HIS G 191 3.22 41.92 27.95
N PRO G 192 2.86 42.67 26.90
CA PRO G 192 3.70 43.81 26.52
C PRO G 192 3.50 44.97 27.48
N PRO G 193 4.58 45.60 27.94
CA PRO G 193 4.45 46.72 28.89
C PRO G 193 3.96 48.00 28.24
N TYR H 17 13.01 -37.53 -3.06
CA TYR H 17 13.97 -36.44 -2.94
C TYR H 17 13.60 -35.27 -3.83
N ASP H 18 14.03 -34.08 -3.44
CA ASP H 18 13.84 -32.90 -4.28
C ASP H 18 14.48 -33.12 -5.64
N ILE H 19 13.77 -32.71 -6.70
CA ILE H 19 14.32 -32.88 -8.05
C ILE H 19 15.59 -32.08 -8.19
N TYR H 20 15.70 -30.94 -7.50
CA TYR H 20 16.95 -30.19 -7.51
C TYR H 20 18.05 -30.88 -6.73
N SER H 21 17.69 -31.81 -5.84
CA SER H 21 18.69 -32.63 -5.17
C SER H 21 19.17 -33.75 -6.08
N ARG H 22 18.25 -34.41 -6.79
CA ARG H 22 18.63 -35.46 -7.73
C ARG H 22 19.43 -34.88 -8.90
N LEU H 23 19.07 -33.67 -9.34
CA LEU H 23 19.85 -32.98 -10.36
C LEU H 23 21.32 -32.90 -9.98
N LEU H 24 21.61 -32.59 -8.71
CA LEU H 24 22.99 -32.50 -8.26
C LEU H 24 23.69 -33.85 -8.34
N ARG H 25 22.96 -34.94 -8.06
CA ARG H 25 23.53 -36.27 -8.18
C ARG H 25 23.91 -36.62 -9.61
N GLU H 26 23.46 -35.84 -10.59
CA GLU H 26 23.85 -36.00 -11.99
C GLU H 26 24.71 -34.84 -12.47
N ARG H 27 25.25 -34.06 -11.54
CA ARG H 27 26.19 -32.97 -11.84
C ARG H 27 25.55 -31.93 -12.76
N ILE H 28 24.35 -31.47 -12.39
CA ILE H 28 23.63 -30.44 -13.12
C ILE H 28 23.42 -29.25 -12.19
N VAL H 29 23.83 -28.08 -12.64
CA VAL H 29 23.65 -26.82 -11.91
C VAL H 29 22.72 -25.95 -12.74
N CYS H 30 21.61 -25.53 -12.13
CA CYS H 30 20.57 -24.78 -12.83
C CYS H 30 20.77 -23.29 -12.60
N VAL H 31 21.03 -22.55 -13.68
CA VAL H 31 21.09 -21.10 -13.65
C VAL H 31 19.88 -20.55 -14.40
N MET H 32 18.75 -20.42 -13.72
CA MET H 32 17.51 -19.99 -14.33
C MET H 32 16.92 -18.85 -13.53
N GLY H 33 16.29 -17.90 -14.23
CA GLY H 33 15.78 -16.70 -13.62
C GLY H 33 16.83 -15.61 -13.57
N PRO H 34 16.48 -14.44 -13.04
CA PRO H 34 17.46 -13.37 -12.93
C PRO H 34 18.62 -13.75 -12.02
N ILE H 35 19.74 -13.07 -12.21
CA ILE H 35 20.97 -13.37 -11.48
C ILE H 35 21.22 -12.25 -10.49
N ASP H 36 21.28 -12.59 -9.20
CA ASP H 36 21.64 -11.66 -8.14
C ASP H 36 22.69 -12.31 -7.25
N ASP H 37 23.09 -11.59 -6.20
CA ASP H 37 24.05 -12.13 -5.26
C ASP H 37 23.55 -13.41 -4.61
N SER H 38 22.24 -13.57 -4.48
CA SER H 38 21.69 -14.78 -3.89
C SER H 38 21.81 -15.97 -4.84
N VAL H 39 21.50 -15.76 -6.12
CA VAL H 39 21.63 -16.84 -7.10
C VAL H 39 23.09 -17.24 -7.25
N ALA H 40 23.99 -16.26 -7.34
CA ALA H 40 25.40 -16.54 -7.52
C ALA H 40 25.95 -17.39 -6.38
N SER H 41 25.51 -17.11 -5.15
CA SER H 41 25.98 -17.87 -3.99
C SER H 41 25.63 -19.35 -4.13
N LEU H 42 24.41 -19.65 -4.57
CA LEU H 42 24.02 -21.04 -4.77
C LEU H 42 24.87 -21.71 -5.85
N VAL H 43 24.99 -21.07 -7.02
CA VAL H 43 25.72 -21.66 -8.12
C VAL H 43 27.18 -21.89 -7.75
N ILE H 44 27.81 -20.89 -7.13
CA ILE H 44 29.20 -21.03 -6.72
C ILE H 44 29.34 -22.13 -5.69
N ALA H 45 28.42 -22.19 -4.73
CA ALA H 45 28.47 -23.24 -3.70
C ALA H 45 28.32 -24.62 -4.32
N GLN H 46 27.38 -24.79 -5.25
CA GLN H 46 27.19 -26.08 -5.90
C GLN H 46 28.39 -26.46 -6.77
N LEU H 47 29.04 -25.47 -7.39
CA LEU H 47 30.19 -25.76 -8.24
C LEU H 47 31.38 -26.26 -7.40
N LEU H 48 31.66 -25.59 -6.29
CA LEU H 48 32.72 -26.04 -5.39
C LEU H 48 32.45 -27.44 -4.87
N PHE H 49 31.17 -27.78 -4.64
CA PHE H 49 30.84 -29.12 -4.17
C PHE H 49 31.19 -30.19 -5.20
N LEU H 50 30.72 -30.01 -6.43
CA LEU H 50 30.94 -31.03 -7.47
C LEU H 50 32.42 -31.24 -7.75
N GLN H 51 33.25 -30.22 -7.58
CA GLN H 51 34.69 -30.39 -7.76
C GLN H 51 35.26 -31.35 -6.72
N SER H 52 34.76 -31.27 -5.49
CA SER H 52 35.22 -32.19 -4.45
C SER H 52 34.80 -33.61 -4.76
N GLU H 53 33.58 -33.81 -5.26
CA GLU H 53 33.16 -35.15 -5.65
C GLU H 53 34.04 -35.70 -6.76
N SER H 54 34.47 -34.82 -7.66
CA SER H 54 35.41 -35.17 -8.72
C SER H 54 35.91 -33.90 -9.40
N ASN H 55 37.22 -33.65 -9.30
CA ASN H 55 37.81 -32.53 -10.02
C ASN H 55 38.03 -32.85 -11.50
N LYS H 56 37.49 -33.97 -11.97
CA LYS H 56 37.60 -34.40 -13.35
C LYS H 56 36.25 -34.62 -14.03
N LYS H 57 35.23 -35.06 -13.30
CA LYS H 57 33.92 -35.29 -13.89
C LYS H 57 33.29 -33.97 -14.32
N PRO H 58 32.69 -33.91 -15.51
CA PRO H 58 32.16 -32.64 -16.00
C PRO H 58 30.95 -32.18 -15.23
N ILE H 59 30.63 -30.90 -15.39
CA ILE H 59 29.50 -30.26 -14.73
C ILE H 59 28.60 -29.67 -15.80
N HIS H 60 27.28 -29.83 -15.61
CA HIS H 60 26.29 -29.38 -16.56
C HIS H 60 25.57 -28.14 -16.02
N MET H 61 25.55 -27.08 -16.82
CA MET H 61 24.94 -25.81 -16.41
C MET H 61 23.78 -25.49 -17.35
N ALA H 62 22.57 -25.61 -16.84
CA ALA H 62 21.37 -25.27 -17.61
C ALA H 62 21.02 -23.81 -17.39
N ILE H 63 20.86 -23.07 -18.49
CA ILE H 63 20.70 -21.62 -18.45
C ILE H 63 19.38 -21.23 -19.10
N ASN H 64 18.54 -20.53 -18.34
CA ASN H 64 17.30 -19.92 -18.84
C ASN H 64 17.16 -18.61 -18.07
N SER H 65 17.97 -17.62 -18.46
CA SER H 65 18.07 -16.39 -17.69
C SER H 65 17.96 -15.17 -18.57
N PRO H 66 17.29 -14.12 -18.10
CA PRO H 66 17.25 -12.84 -18.83
C PRO H 66 18.39 -11.90 -18.50
N GLY H 67 19.34 -12.33 -17.66
CA GLY H 67 20.44 -11.47 -17.23
C GLY H 67 20.48 -11.36 -15.72
N GLY H 68 20.95 -10.22 -15.25
CA GLY H 68 20.97 -9.96 -13.82
C GLY H 68 22.09 -8.98 -13.47
N VAL H 69 22.55 -9.11 -12.23
CA VAL H 69 23.61 -8.24 -11.72
C VAL H 69 24.93 -8.58 -12.38
N VAL H 70 25.67 -7.55 -12.80
CA VAL H 70 26.93 -7.78 -13.50
C VAL H 70 27.96 -8.44 -12.58
N THR H 71 28.17 -7.86 -11.40
CA THR H 71 29.14 -8.41 -10.46
C THR H 71 28.76 -9.83 -10.05
N ALA H 72 27.46 -10.10 -9.91
CA ALA H 72 27.01 -11.45 -9.58
C ALA H 72 27.30 -12.41 -10.72
N GLY H 73 27.12 -11.96 -11.97
CA GLY H 73 27.46 -12.80 -13.11
C GLY H 73 28.95 -13.05 -13.21
N LEU H 74 29.76 -11.99 -13.02
CA LEU H 74 31.21 -12.15 -13.01
C LEU H 74 31.67 -13.07 -11.89
N ALA H 75 30.93 -13.10 -10.78
CA ALA H 75 31.26 -14.00 -9.69
C ALA H 75 31.16 -15.46 -10.14
N ILE H 76 30.07 -15.81 -10.83
CA ILE H 76 29.93 -17.16 -11.37
C ILE H 76 30.97 -17.41 -12.46
N TYR H 77 31.19 -16.41 -13.31
CA TYR H 77 32.15 -16.58 -14.42
C TYR H 77 33.54 -16.90 -13.90
N ASP H 78 34.07 -16.08 -12.98
CA ASP H 78 35.38 -16.35 -12.42
C ASP H 78 35.44 -17.71 -11.74
N THR H 79 34.34 -18.13 -11.11
CA THR H 79 34.31 -19.43 -10.45
C THR H 79 34.32 -20.56 -11.48
N MET H 80 33.61 -20.39 -12.59
CA MET H 80 33.65 -21.38 -13.67
C MET H 80 35.06 -21.52 -14.21
N GLN H 81 35.78 -20.41 -14.39
CA GLN H 81 37.14 -20.46 -14.88
C GLN H 81 38.10 -21.02 -13.84
N TYR H 82 37.85 -20.72 -12.56
CA TYR H 82 38.77 -21.15 -11.51
C TYR H 82 38.84 -22.68 -11.43
N ILE H 83 37.68 -23.34 -11.33
CA ILE H 83 37.67 -24.78 -11.12
C ILE H 83 38.23 -25.52 -12.34
N LEU H 84 38.63 -26.77 -12.12
CA LEU H 84 39.28 -27.58 -13.14
C LEU H 84 38.30 -28.42 -13.95
N ASN H 85 37.07 -28.59 -13.49
CA ASN H 85 36.13 -29.46 -14.18
C ASN H 85 35.74 -28.88 -15.54
N PRO H 86 35.50 -29.73 -16.53
CA PRO H 86 34.86 -29.27 -17.76
C PRO H 86 33.41 -28.90 -17.49
N ILE H 87 32.93 -27.87 -18.17
CA ILE H 87 31.61 -27.31 -17.92
C ILE H 87 30.82 -27.30 -19.22
N CYS H 88 29.72 -28.06 -19.26
CA CYS H 88 28.81 -28.06 -20.38
C CYS H 88 27.70 -27.05 -20.12
N THR H 89 27.58 -26.06 -21.01
CA THR H 89 26.55 -25.03 -20.90
C THR H 89 25.40 -25.35 -21.85
N TRP H 90 24.18 -25.11 -21.37
CA TRP H 90 22.97 -25.37 -22.15
C TRP H 90 22.08 -24.13 -22.11
N CYS H 91 21.83 -23.55 -23.28
CA CYS H 91 20.90 -22.43 -23.41
C CYS H 91 19.51 -23.00 -23.64
N VAL H 92 18.62 -22.79 -22.67
CA VAL H 92 17.26 -23.28 -22.75
C VAL H 92 16.32 -22.09 -22.57
N GLY H 93 15.39 -21.92 -23.51
CA GLY H 93 14.52 -20.78 -23.45
C GLY H 93 15.18 -19.51 -23.95
N GLN H 94 16.01 -18.90 -23.10
CA GLN H 94 16.72 -17.68 -23.47
C GLN H 94 17.96 -17.53 -22.58
N ALA H 95 18.94 -16.79 -23.10
CA ALA H 95 20.12 -16.40 -22.34
C ALA H 95 20.51 -15.00 -22.80
N ALA H 96 20.14 -13.99 -22.01
CA ALA H 96 20.40 -12.60 -22.35
C ALA H 96 21.29 -11.96 -21.30
N SER H 97 21.98 -10.90 -21.72
CA SER H 97 22.86 -10.07 -20.88
C SER H 97 23.87 -11.00 -20.21
N MET H 98 23.99 -11.01 -18.89
CA MET H 98 24.95 -11.87 -18.20
C MET H 98 24.67 -13.35 -18.42
N GLY H 99 23.43 -13.71 -18.76
CA GLY H 99 23.14 -15.11 -19.00
C GLY H 99 23.87 -15.68 -20.20
N SER H 100 23.93 -14.90 -21.28
CA SER H 100 24.67 -15.32 -22.46
C SER H 100 26.18 -15.37 -22.22
N LEU H 101 26.69 -14.50 -21.34
CA LEU H 101 28.11 -14.52 -21.04
C LEU H 101 28.52 -15.83 -20.37
N LEU H 102 27.72 -16.30 -19.41
CA LEU H 102 27.98 -17.60 -18.80
C LEU H 102 27.83 -18.72 -19.83
N LEU H 103 26.94 -18.54 -20.81
CA LEU H 103 26.75 -19.55 -21.84
C LEU H 103 28.03 -19.72 -22.67
N ALA H 104 28.63 -18.61 -23.10
CA ALA H 104 29.85 -18.67 -23.89
C ALA H 104 31.06 -19.08 -23.05
N ALA H 105 30.95 -18.99 -21.72
CA ALA H 105 32.05 -19.32 -20.83
C ALA H 105 32.24 -20.81 -20.62
N GLY H 106 31.43 -21.65 -21.27
CA GLY H 106 31.59 -23.08 -21.14
C GLY H 106 32.87 -23.59 -21.79
N THR H 107 33.20 -24.83 -21.46
CA THR H 107 34.38 -25.47 -22.05
C THR H 107 34.21 -25.58 -23.56
N PRO H 108 35.21 -25.18 -24.34
CA PRO H 108 35.07 -25.24 -25.81
C PRO H 108 34.74 -26.65 -26.27
N GLY H 109 33.72 -26.76 -27.13
CA GLY H 109 33.20 -28.04 -27.54
C GLY H 109 32.07 -28.56 -26.67
N MET H 110 31.73 -27.86 -25.59
CA MET H 110 30.67 -28.29 -24.68
C MET H 110 29.62 -27.21 -24.47
N ARG H 111 29.51 -26.24 -25.38
CA ARG H 111 28.53 -25.17 -25.28
C ARG H 111 27.38 -25.50 -26.22
N HIS H 112 26.23 -25.83 -25.66
CA HIS H 112 25.08 -26.29 -26.43
C HIS H 112 23.95 -25.26 -26.41
N SER H 113 22.92 -25.55 -27.20
CA SER H 113 21.70 -24.75 -27.24
C SER H 113 20.62 -25.54 -27.95
N LEU H 114 19.38 -25.39 -27.50
CA LEU H 114 18.22 -26.01 -28.11
C LEU H 114 17.70 -25.14 -29.26
N PRO H 115 16.92 -25.72 -30.18
CA PRO H 115 16.65 -25.00 -31.44
C PRO H 115 15.87 -23.71 -31.29
N ASN H 116 14.91 -23.64 -30.36
CA ASN H 116 14.05 -22.47 -30.24
C ASN H 116 14.53 -21.49 -29.17
N SER H 117 15.72 -21.68 -28.64
CA SER H 117 16.27 -20.74 -27.69
C SER H 117 16.62 -19.43 -28.40
N ARG H 118 16.85 -18.38 -27.59
CA ARG H 118 17.24 -17.10 -28.12
CA ARG H 118 17.19 -17.06 -28.08
C ARG H 118 18.35 -16.51 -27.25
N ILE H 119 19.38 -16.01 -27.92
CA ILE H 119 20.59 -15.52 -27.27
C ILE H 119 20.70 -14.02 -27.51
N MET H 120 20.98 -13.28 -26.44
CA MET H 120 21.14 -11.83 -26.53
C MET H 120 22.39 -11.43 -25.76
N ILE H 121 23.25 -10.64 -26.39
CA ILE H 121 24.45 -10.14 -25.74
C ILE H 121 24.40 -8.65 -25.49
N HIS H 122 23.42 -7.95 -26.05
CA HIS H 122 23.20 -6.55 -25.74
C HIS H 122 22.75 -6.40 -24.28
N GLN H 123 23.25 -5.36 -23.62
CA GLN H 123 22.98 -5.05 -22.23
C GLN H 123 21.82 -4.06 -22.10
N PRO H 124 21.04 -4.13 -21.00
CA PRO H 124 19.88 -3.27 -20.85
C PRO H 124 20.24 -1.81 -20.66
N ASP H 134 23.85 -3.78 -6.92
CA ASP H 134 24.61 -3.43 -5.73
C ASP H 134 24.42 -1.97 -5.38
N ILE H 135 25.53 -1.27 -5.12
CA ILE H 135 25.45 0.14 -4.82
C ILE H 135 25.43 0.95 -6.11
N ALA H 136 25.06 2.21 -5.98
CA ALA H 136 25.06 3.13 -7.10
C ALA H 136 26.49 3.41 -7.56
N ILE H 137 26.73 3.22 -8.84
CA ILE H 137 28.07 3.27 -9.40
C ILE H 137 28.24 4.57 -10.19
N GLN H 138 29.48 5.04 -10.23
CA GLN H 138 29.84 6.22 -11.00
C GLN H 138 29.92 5.88 -12.49
N ALA H 139 30.04 6.93 -13.30
CA ALA H 139 30.07 6.75 -14.75
C ALA H 139 31.28 5.93 -15.17
N GLU H 140 32.45 6.23 -14.61
CA GLU H 140 33.67 5.51 -14.95
C GLU H 140 33.58 4.05 -14.53
N GLU H 141 32.74 3.72 -13.54
CA GLU H 141 32.62 2.34 -13.11
CA GLU H 141 32.61 2.33 -13.10
C GLU H 141 31.74 1.52 -14.04
N ILE H 142 30.74 2.14 -14.67
CA ILE H 142 29.89 1.40 -15.60
C ILE H 142 30.65 1.06 -16.87
N MET H 143 31.54 1.96 -17.32
CA MET H 143 32.39 1.66 -18.47
C MET H 143 33.42 0.58 -18.14
N LYS H 144 34.00 0.64 -16.94
CA LYS H 144 34.95 -0.40 -16.55
C LYS H 144 34.29 -1.77 -16.54
N LEU H 145 33.02 -1.84 -16.13
CA LEU H 145 32.30 -3.11 -16.21
C LEU H 145 31.96 -3.44 -17.66
N LYS H 146 31.58 -2.43 -18.44
CA LYS H 146 31.27 -2.67 -19.86
C LYS H 146 32.50 -3.16 -20.61
N LYS H 147 33.63 -2.45 -20.46
CA LYS H 147 34.87 -2.91 -21.05
C LYS H 147 35.28 -4.28 -20.51
N GLN H 148 34.94 -4.57 -19.26
CA GLN H 148 35.18 -5.90 -18.72
C GLN H 148 34.32 -6.96 -19.40
N LEU H 149 33.10 -6.59 -19.79
CA LEU H 149 32.25 -7.53 -20.52
C LEU H 149 32.71 -7.68 -21.97
N TYR H 150 33.14 -6.57 -22.59
CA TYR H 150 33.66 -6.64 -23.96
C TYR H 150 34.79 -7.66 -24.08
N ASN H 151 35.75 -7.62 -23.16
CA ASN H 151 36.92 -8.49 -23.26
C ASN H 151 36.56 -9.95 -23.02
N ILE H 152 35.64 -10.22 -22.08
CA ILE H 152 35.29 -11.59 -21.78
C ILE H 152 34.60 -12.25 -22.97
N TYR H 153 33.71 -11.52 -23.64
CA TYR H 153 33.07 -12.06 -24.84
C TYR H 153 34.11 -12.36 -25.91
N ALA H 154 34.95 -11.38 -26.24
CA ALA H 154 35.95 -11.56 -27.29
C ALA H 154 36.89 -12.72 -27.01
N LYS H 155 37.22 -12.97 -25.75
CA LYS H 155 38.11 -14.09 -25.44
C LYS H 155 37.45 -15.42 -25.75
N HIS H 156 36.17 -15.58 -25.39
CA HIS H 156 35.48 -16.85 -25.51
C HIS H 156 34.79 -17.04 -26.85
N THR H 157 34.45 -15.95 -27.54
CA THR H 157 33.89 -16.03 -28.88
C THR H 157 34.95 -15.99 -29.97
N LYS H 158 36.21 -15.67 -29.63
CA LYS H 158 37.28 -15.52 -30.61
C LYS H 158 36.93 -14.47 -31.67
N GLN H 159 36.24 -13.42 -31.24
CA GLN H 159 35.89 -12.31 -32.11
C GLN H 159 36.72 -11.09 -31.76
N SER H 160 36.69 -10.11 -32.67
CA SER H 160 37.41 -8.85 -32.44
C SER H 160 36.57 -7.93 -31.55
N LEU H 161 37.27 -7.00 -30.88
CA LEU H 161 36.59 -6.02 -30.04
C LEU H 161 35.64 -5.16 -30.86
N GLN H 162 35.99 -4.86 -32.11
CA GLN H 162 35.13 -4.07 -32.96
C GLN H 162 33.82 -4.78 -33.22
N VAL H 163 33.86 -6.10 -33.38
CA VAL H 163 32.65 -6.87 -33.60
C VAL H 163 31.81 -6.92 -32.33
N ILE H 164 32.44 -7.16 -31.18
CA ILE H 164 31.71 -7.30 -29.93
C ILE H 164 30.98 -6.01 -29.58
N GLU H 165 31.70 -4.88 -29.63
CA GLU H 165 31.08 -3.61 -29.30
C GLU H 165 29.95 -3.25 -30.26
N SER H 166 30.17 -3.45 -31.56
CA SER H 166 29.12 -3.12 -32.53
C SER H 166 27.92 -4.03 -32.39
N ALA H 167 28.14 -5.30 -32.05
CA ALA H 167 27.02 -6.22 -31.86
C ALA H 167 26.25 -5.88 -30.61
N MET H 168 26.95 -5.65 -29.49
CA MET H 168 26.29 -5.30 -28.23
C MET H 168 25.56 -3.96 -28.32
N GLU H 169 25.79 -3.17 -29.36
CA GLU H 169 25.07 -1.92 -29.54
C GLU H 169 23.67 -2.15 -30.10
N ARG H 170 23.43 -3.31 -30.70
CA ARG H 170 22.16 -3.62 -31.33
C ARG H 170 21.24 -4.31 -30.33
N ASP H 171 20.09 -3.68 -30.06
CA ASP H 171 19.07 -4.26 -29.19
C ASP H 171 18.37 -5.36 -29.98
N ARG H 172 18.90 -6.58 -29.90
CA ARG H 172 18.46 -7.65 -30.77
C ARG H 172 18.82 -9.00 -30.16
N TYR H 173 18.07 -10.03 -30.57
CA TYR H 173 18.32 -11.41 -30.20
C TYR H 173 18.87 -12.16 -31.40
N MET H 174 19.63 -13.23 -31.12
CA MET H 174 20.18 -14.09 -32.14
C MET H 174 19.60 -15.49 -32.04
N SER H 175 19.49 -16.16 -33.19
CA SER H 175 19.08 -17.55 -33.22
C SER H 175 20.24 -18.45 -32.78
N PRO H 176 19.94 -19.68 -32.37
CA PRO H 176 21.03 -20.59 -31.97
C PRO H 176 22.08 -20.80 -33.05
N MET H 177 21.65 -20.88 -34.32
CA MET H 177 22.62 -20.99 -35.41
C MET H 177 23.37 -19.69 -35.60
N GLU H 178 22.70 -18.56 -35.43
CA GLU H 178 23.36 -17.26 -35.47
C GLU H 178 24.43 -17.16 -34.40
N ALA H 179 24.10 -17.56 -33.16
CA ALA H 179 25.05 -17.48 -32.07
C ALA H 179 26.19 -18.49 -32.24
N GLN H 180 25.96 -19.59 -32.95
CA GLN H 180 27.05 -20.52 -33.23
C GLN H 180 28.03 -19.93 -34.22
N GLU H 181 27.52 -19.30 -35.29
CA GLU H 181 28.38 -18.59 -36.24
C GLU H 181 29.17 -17.48 -35.56
N PHE H 182 28.68 -16.96 -34.44
CA PHE H 182 29.33 -15.87 -33.74
C PHE H 182 30.39 -16.33 -32.74
N GLY H 183 30.32 -17.58 -32.30
CA GLY H 183 31.27 -18.11 -31.34
C GLY H 183 30.76 -18.21 -29.92
N ILE H 184 29.46 -18.06 -29.70
CA ILE H 184 28.91 -18.09 -28.36
C ILE H 184 28.70 -19.52 -27.89
N LEU H 185 28.25 -20.39 -28.79
CA LEU H 185 28.03 -21.79 -28.47
C LEU H 185 28.53 -22.63 -29.64
N ASP H 186 28.69 -23.92 -29.38
CA ASP H 186 29.32 -24.85 -30.31
C ASP H 186 28.34 -25.75 -31.03
N LYS H 187 27.30 -26.23 -30.35
CA LYS H 187 26.40 -27.21 -30.90
C LYS H 187 24.96 -26.76 -30.73
N VAL H 188 24.17 -26.93 -31.79
CA VAL H 188 22.72 -26.72 -31.74
C VAL H 188 22.08 -28.07 -32.02
N LEU H 189 21.38 -28.62 -31.02
CA LEU H 189 20.84 -29.97 -31.10
C LEU H 189 19.33 -29.94 -31.01
N VAL H 190 18.69 -30.66 -31.92
CA VAL H 190 17.26 -30.95 -31.81
C VAL H 190 17.05 -32.23 -31.02
N HIS H 191 17.87 -33.23 -31.29
CA HIS H 191 17.95 -34.49 -30.58
C HIS H 191 19.42 -34.77 -30.30
N PRO H 192 19.72 -35.56 -29.27
CA PRO H 192 21.14 -35.80 -28.96
C PRO H 192 21.83 -36.71 -29.97
N TYR I 17 23.69 -33.36 2.13
CA TYR I 17 23.14 -32.37 3.05
C TYR I 17 22.99 -31.01 2.36
N ASP I 18 22.50 -30.03 3.12
CA ASP I 18 22.44 -28.66 2.62
C ASP I 18 23.83 -28.22 2.19
N ILE I 19 23.90 -27.54 1.05
CA ILE I 19 25.20 -27.12 0.52
C ILE I 19 25.90 -26.19 1.50
N TYR I 20 25.14 -25.33 2.19
CA TYR I 20 25.75 -24.42 3.15
C TYR I 20 26.25 -25.16 4.38
N SER I 21 25.73 -26.36 4.64
CA SER I 21 26.31 -27.20 5.67
C SER I 21 27.57 -27.88 5.14
N ARG I 22 27.55 -28.24 3.85
CA ARG I 22 28.74 -28.79 3.22
C ARG I 22 29.85 -27.73 3.15
N LEU I 23 29.49 -26.47 2.90
CA LEU I 23 30.46 -25.39 3.01
C LEU I 23 31.02 -25.33 4.42
N LEU I 24 30.14 -25.42 5.43
CA LEU I 24 30.59 -25.36 6.82
C LEU I 24 31.45 -26.56 7.17
N ARG I 25 31.13 -27.74 6.64
CA ARG I 25 31.96 -28.93 6.86
C ARG I 25 33.32 -28.80 6.19
N GLU I 26 33.53 -27.82 5.32
CA GLU I 26 34.82 -27.57 4.69
C GLU I 26 35.45 -26.27 5.15
N ARG I 27 34.97 -25.71 6.26
CA ARG I 27 35.53 -24.50 6.86
C ARG I 27 35.47 -23.32 5.89
N ILE I 28 34.30 -23.12 5.29
CA ILE I 28 34.04 -22.01 4.39
C ILE I 28 32.90 -21.18 4.97
N VAL I 29 33.15 -19.88 5.13
CA VAL I 29 32.16 -18.94 5.64
C VAL I 29 31.81 -17.97 4.53
N CYS I 30 30.53 -17.88 4.20
CA CYS I 30 30.05 -17.08 3.09
C CYS I 30 29.59 -15.73 3.62
N VAL I 31 30.26 -14.66 3.19
CA VAL I 31 29.80 -13.30 3.49
C VAL I 31 29.32 -12.66 2.20
N MET I 32 28.05 -12.91 1.88
N MET I 32 28.07 -12.93 1.84
CA MET I 32 27.42 -12.41 0.66
CA MET I 32 27.45 -12.37 0.65
C MET I 32 26.25 -11.50 0.99
C MET I 32 26.35 -11.40 1.05
N GLY I 33 25.97 -10.54 0.11
CA GLY I 33 24.90 -9.61 0.33
C GLY I 33 25.24 -8.54 1.35
N PRO I 34 24.30 -7.64 1.62
CA PRO I 34 24.56 -6.59 2.61
C PRO I 34 24.77 -7.17 4.00
N ILE I 35 25.45 -6.39 4.83
CA ILE I 35 25.81 -6.80 6.19
C ILE I 35 24.97 -6.02 7.18
N ASP I 36 24.20 -6.74 8.00
CA ASP I 36 23.47 -6.18 9.11
C ASP I 36 23.73 -7.05 10.34
N ASP I 37 23.09 -6.71 11.46
CA ASP I 37 23.28 -7.51 12.67
C ASP I 37 22.86 -8.96 12.47
N SER I 38 21.95 -9.21 11.54
CA SER I 38 21.50 -10.58 11.32
C SER I 38 22.61 -11.42 10.68
N VAL I 39 23.29 -10.86 9.69
CA VAL I 39 24.39 -11.57 9.04
C VAL I 39 25.54 -11.78 10.02
N ALA I 40 25.90 -10.73 10.77
CA ALA I 40 27.05 -10.82 11.67
C ALA I 40 26.89 -11.92 12.71
N SER I 41 25.67 -12.09 13.24
CA SER I 41 25.45 -13.12 14.24
C SER I 41 25.77 -14.50 13.71
N LEU I 42 25.33 -14.80 12.48
CA LEU I 42 25.64 -16.09 11.88
C LEU I 42 27.14 -16.26 11.64
N VAL I 43 27.77 -15.26 11.02
CA VAL I 43 29.20 -15.35 10.71
C VAL I 43 30.02 -15.55 11.99
N ILE I 44 29.70 -14.79 13.04
CA ILE I 44 30.41 -14.94 14.30
C ILE I 44 30.17 -16.33 14.88
N ALA I 45 28.93 -16.81 14.82
CA ALA I 45 28.63 -18.16 15.30
C ALA I 45 29.39 -19.21 14.51
N GLN I 46 29.44 -19.07 13.18
CA GLN I 46 30.17 -20.03 12.36
C GLN I 46 31.67 -19.97 12.62
N LEU I 47 32.20 -18.77 12.87
CA LEU I 47 33.63 -18.64 13.15
C LEU I 47 33.98 -19.24 14.50
N LEU I 48 33.22 -18.91 15.54
CA LEU I 48 33.44 -19.54 16.84
C LEU I 48 33.25 -21.05 16.77
N PHE I 49 32.34 -21.51 15.91
CA PHE I 49 32.14 -22.96 15.75
C PHE I 49 33.38 -23.61 15.15
N LEU I 50 33.87 -23.09 14.03
CA LEU I 50 35.01 -23.71 13.35
C LEU I 50 36.26 -23.67 14.22
N GLN I 51 36.39 -22.66 15.08
CA GLN I 51 37.53 -22.62 16.00
C GLN I 51 37.46 -23.78 16.99
N SER I 52 36.26 -24.12 17.46
CA SER I 52 36.11 -25.23 18.39
C SER I 52 36.47 -26.55 17.72
N GLU I 53 36.09 -26.72 16.46
CA GLU I 53 36.46 -27.94 15.73
C GLU I 53 37.98 -28.03 15.58
N SER I 54 38.64 -26.90 15.36
CA SER I 54 40.09 -26.85 15.26
C SER I 54 40.60 -25.42 15.30
N ASN I 55 41.37 -25.06 16.33
CA ASN I 55 42.00 -23.75 16.40
C ASN I 55 43.26 -23.66 15.55
N LYS I 56 43.54 -24.65 14.72
CA LYS I 56 44.73 -24.67 13.87
C LYS I 56 44.41 -24.77 12.38
N LYS I 57 43.36 -25.50 12.02
CA LYS I 57 43.00 -25.61 10.62
C LYS I 57 42.47 -24.26 10.13
N PRO I 58 42.91 -23.78 8.97
CA PRO I 58 42.50 -22.44 8.52
C PRO I 58 41.02 -22.39 8.17
N ILE I 59 40.52 -21.17 8.08
CA ILE I 59 39.12 -20.90 7.77
C ILE I 59 39.06 -20.04 6.52
N HIS I 60 38.14 -20.38 5.62
CA HIS I 60 37.99 -19.68 4.35
C HIS I 60 36.73 -18.83 4.39
N MET I 61 36.90 -17.54 4.09
CA MET I 61 35.80 -16.58 4.13
C MET I 61 35.58 -16.03 2.72
N ALA I 62 34.48 -16.43 2.09
CA ALA I 62 34.12 -15.94 0.77
C ALA I 62 33.28 -14.67 0.90
N ILE I 63 33.70 -13.61 0.21
CA ILE I 63 33.11 -12.29 0.35
C ILE I 63 32.57 -11.83 -0.99
N ASN I 64 31.27 -11.51 -1.02
CA ASN I 64 30.61 -10.90 -2.16
C ASN I 64 29.58 -9.91 -1.61
N SER I 65 30.06 -8.79 -1.08
CA SER I 65 29.20 -7.87 -0.35
C SER I 65 29.45 -6.43 -0.80
N PRO I 66 28.40 -5.61 -0.86
CA PRO I 66 28.58 -4.18 -1.13
C PRO I 66 28.80 -3.34 0.12
N GLY I 67 28.88 -3.96 1.30
CA GLY I 67 29.00 -3.24 2.55
C GLY I 67 27.88 -3.60 3.50
N GLY I 68 27.51 -2.63 4.31
CA GLY I 68 26.40 -2.81 5.22
C GLY I 68 26.58 -1.94 6.46
N VAL I 69 26.00 -2.40 7.56
CA VAL I 69 26.09 -1.66 8.81
C VAL I 69 27.51 -1.75 9.35
N VAL I 70 28.03 -0.61 9.81
CA VAL I 70 29.42 -0.55 10.24
C VAL I 70 29.64 -1.39 11.50
N THR I 71 28.80 -1.19 12.52
CA THR I 71 28.97 -1.94 13.77
C THR I 71 28.89 -3.44 13.55
N ALA I 72 28.03 -3.88 12.63
CA ALA I 72 27.95 -5.30 12.33
C ALA I 72 29.23 -5.80 11.68
N GLY I 73 29.83 -4.98 10.81
CA GLY I 73 31.09 -5.37 10.19
C GLY I 73 32.23 -5.42 11.20
N LEU I 74 32.32 -4.40 12.07
CA LEU I 74 33.36 -4.41 13.10
C LEU I 74 33.22 -5.59 14.04
N ALA I 75 31.99 -6.08 14.23
CA ALA I 75 31.79 -7.29 15.03
C ALA I 75 32.49 -8.47 14.37
N ILE I 76 32.34 -8.62 13.06
CA ILE I 76 33.05 -9.68 12.34
C ILE I 76 34.54 -9.43 12.37
N TYR I 77 34.97 -8.17 12.18
CA TYR I 77 36.39 -7.86 12.17
C TYR I 77 37.05 -8.22 13.50
N ASP I 78 36.48 -7.74 14.61
CA ASP I 78 37.03 -8.06 15.92
C ASP I 78 37.03 -9.56 16.16
N THR I 79 36.01 -10.27 15.66
CA THR I 79 35.95 -11.71 15.83
C THR I 79 37.00 -12.41 14.98
N MET I 80 37.23 -11.92 13.76
CA MET I 80 38.28 -12.50 12.92
C MET I 80 39.64 -12.38 13.58
N GLN I 81 39.93 -11.23 14.19
CA GLN I 81 41.22 -11.05 14.85
C GLN I 81 41.30 -11.82 16.16
N TYR I 82 40.17 -11.94 16.87
CA TYR I 82 40.18 -12.60 18.18
C TYR I 82 40.61 -14.06 18.07
N ILE I 83 39.97 -14.82 17.17
CA ILE I 83 40.22 -16.26 17.10
C ILE I 83 41.64 -16.53 16.66
N LEU I 84 42.10 -17.75 16.92
CA LEU I 84 43.47 -18.15 16.63
C LEU I 84 43.64 -18.72 15.24
N ASN I 85 42.55 -19.09 14.57
CA ASN I 85 42.64 -19.72 13.26
C ASN I 85 43.19 -18.74 12.23
N PRO I 86 43.97 -19.22 11.26
CA PRO I 86 44.24 -18.41 10.08
C PRO I 86 42.98 -18.28 9.24
N ILE I 87 42.81 -17.12 8.61
CA ILE I 87 41.59 -16.82 7.88
C ILE I 87 41.98 -16.43 6.46
N CYS I 88 41.55 -17.24 5.49
CA CYS I 88 41.76 -16.96 4.08
C CYS I 88 40.54 -16.22 3.53
N THR I 89 40.78 -15.02 3.00
CA THR I 89 39.72 -14.22 2.41
C THR I 89 39.74 -14.37 0.90
N TRP I 90 38.57 -14.48 0.30
CA TRP I 90 38.41 -14.65 -1.15
C TRP I 90 37.38 -13.63 -1.61
N CYS I 91 37.80 -12.69 -2.45
CA CYS I 91 36.90 -11.70 -3.03
C CYS I 91 36.34 -12.25 -4.34
N VAL I 92 35.04 -12.50 -4.37
CA VAL I 92 34.35 -13.00 -5.56
C VAL I 92 33.20 -12.05 -5.85
N GLY I 93 33.14 -11.57 -7.08
CA GLY I 93 32.15 -10.57 -7.46
C GLY I 93 32.55 -9.17 -7.08
N GLN I 94 32.37 -8.78 -5.82
CA GLN I 94 32.76 -7.45 -5.36
C GLN I 94 32.94 -7.43 -3.85
N ALA I 95 33.73 -6.47 -3.39
CA ALA I 95 33.91 -6.20 -1.96
C ALA I 95 34.02 -4.69 -1.77
N ALA I 96 32.92 -4.07 -1.37
CA ALA I 96 32.84 -2.63 -1.17
C ALA I 96 32.51 -2.31 0.28
N SER I 97 32.88 -1.10 0.69
CA SER I 97 32.60 -0.56 2.03
C SER I 97 33.16 -1.54 3.07
N MET I 98 32.36 -2.03 4.01
CA MET I 98 32.85 -2.96 5.02
C MET I 98 33.35 -4.26 4.42
N GLY I 99 32.91 -4.63 3.22
CA GLY I 99 33.35 -5.87 2.62
C GLY I 99 34.84 -5.89 2.33
N SER I 100 35.38 -4.77 1.83
CA SER I 100 36.82 -4.69 1.61
C SER I 100 37.59 -4.68 2.93
N LEU I 101 36.99 -4.11 3.98
CA LEU I 101 37.64 -4.14 5.30
C LEU I 101 37.77 -5.57 5.81
N LEU I 102 36.70 -6.37 5.68
CA LEU I 102 36.79 -7.78 6.01
C LEU I 102 37.74 -8.50 5.06
N LEU I 103 37.80 -8.06 3.81
CA LEU I 103 38.73 -8.66 2.84
C LEU I 103 40.18 -8.42 3.24
N ALA I 104 40.52 -7.18 3.58
CA ALA I 104 41.90 -6.86 3.97
C ALA I 104 42.26 -7.40 5.34
N ALA I 105 41.28 -7.77 6.15
CA ALA I 105 41.52 -8.25 7.50
C ALA I 105 41.99 -9.70 7.55
N GLY I 106 42.16 -10.35 6.41
CA GLY I 106 42.64 -11.71 6.39
C GLY I 106 44.09 -11.81 6.82
N THR I 107 44.50 -13.04 7.08
CA THR I 107 45.89 -13.30 7.47
C THR I 107 46.82 -12.90 6.33
N PRO I 108 47.89 -12.15 6.61
CA PRO I 108 48.78 -11.71 5.52
C PRO I 108 49.33 -12.89 4.75
N GLY I 109 49.26 -12.80 3.42
CA GLY I 109 49.58 -13.90 2.55
C GLY I 109 48.41 -14.78 2.19
N MET I 110 47.23 -14.54 2.77
CA MET I 110 46.04 -15.34 2.52
C MET I 110 44.87 -14.49 2.05
N ARG I 111 45.13 -13.29 1.53
CA ARG I 111 44.09 -12.40 1.02
C ARG I 111 44.06 -12.53 -0.50
N HIS I 112 43.00 -13.15 -1.02
CA HIS I 112 42.89 -13.47 -2.44
C HIS I 112 41.82 -12.62 -3.10
N SER I 113 41.71 -12.77 -4.43
CA SER I 113 40.70 -12.14 -5.23
C SER I 113 40.67 -12.81 -6.60
N LEU I 114 39.47 -12.92 -7.17
CA LEU I 114 39.32 -13.44 -8.50
C LEU I 114 39.53 -12.32 -9.53
N PRO I 115 39.83 -12.65 -10.79
CA PRO I 115 40.33 -11.62 -11.71
C PRO I 115 39.33 -10.52 -11.99
N ASN I 116 38.04 -10.84 -12.08
CA ASN I 116 37.02 -9.86 -12.44
C ASN I 116 36.31 -9.30 -11.21
N SER I 117 36.84 -9.55 -10.02
CA SER I 117 36.24 -9.00 -8.81
C SER I 117 36.43 -7.47 -8.77
N ARG I 118 35.63 -6.84 -7.92
CA ARG I 118 35.63 -5.38 -7.78
CA ARG I 118 35.62 -5.38 -7.78
C ARG I 118 35.88 -5.03 -6.32
N ILE I 119 36.85 -4.16 -6.08
CA ILE I 119 37.23 -3.76 -4.73
C ILE I 119 36.96 -2.27 -4.58
N MET I 120 36.26 -1.91 -3.49
CA MET I 120 35.96 -0.51 -3.19
C MET I 120 36.17 -0.28 -1.70
N ILE I 121 36.91 0.77 -1.35
CA ILE I 121 37.12 1.15 0.03
C ILE I 121 36.49 2.47 0.40
N HIS I 122 35.99 3.23 -0.57
CA HIS I 122 35.24 4.45 -0.29
C HIS I 122 33.93 4.10 0.41
N GLN I 123 33.59 4.87 1.44
CA GLN I 123 32.35 4.65 2.18
C GLN I 123 31.27 5.58 1.68
N PRO I 124 30.05 5.08 1.38
CA PRO I 124 28.98 5.92 0.85
C PRO I 124 28.42 6.90 1.87
N ASP I 134 21.86 0.75 11.98
CA ASP I 134 20.87 0.36 12.99
C ASP I 134 20.07 1.54 13.51
N ILE I 135 20.67 2.31 14.40
CA ILE I 135 20.04 3.47 15.00
C ILE I 135 20.76 4.71 14.53
N ALA I 136 20.11 5.86 14.72
CA ALA I 136 20.69 7.14 14.35
C ALA I 136 21.92 7.45 15.21
N ILE I 137 22.69 8.44 14.77
CA ILE I 137 23.95 8.80 15.42
C ILE I 137 24.17 10.30 15.32
N GLN I 138 24.97 10.82 16.24
CA GLN I 138 25.41 12.21 16.18
C GLN I 138 26.59 12.34 15.21
N ALA I 139 26.93 13.60 14.91
CA ALA I 139 28.00 13.88 13.96
C ALA I 139 29.34 13.36 14.46
N GLU I 140 29.64 13.59 15.74
CA GLU I 140 30.92 13.17 16.29
C GLU I 140 31.07 11.65 16.27
N GLU I 141 29.95 10.93 16.41
CA GLU I 141 30.04 9.47 16.39
C GLU I 141 30.33 8.94 15.00
N ILE I 142 29.83 9.60 13.95
CA ILE I 142 30.11 9.14 12.59
C ILE I 142 31.57 9.34 12.25
N MET I 143 32.16 10.47 12.70
CA MET I 143 33.58 10.68 12.51
C MET I 143 34.41 9.76 13.41
N LYS I 144 33.89 9.41 14.60
CA LYS I 144 34.53 8.38 15.41
C LYS I 144 34.60 7.06 14.64
N LEU I 145 33.49 6.66 14.05
CA LEU I 145 33.46 5.43 13.26
C LEU I 145 34.37 5.52 12.05
N LYS I 146 34.41 6.68 11.40
CA LYS I 146 35.25 6.85 10.22
C LYS I 146 36.73 6.69 10.56
N LYS I 147 37.22 7.43 11.57
CA LYS I 147 38.60 7.25 12.00
C LYS I 147 38.86 5.84 12.50
N GLN I 148 37.85 5.19 13.07
CA GLN I 148 38.01 3.79 13.46
C GLN I 148 38.21 2.91 12.22
N LEU I 149 37.58 3.26 11.10
CA LEU I 149 37.82 2.53 9.87
C LEU I 149 39.18 2.88 9.27
N TYR I 150 39.57 4.16 9.35
CA TYR I 150 40.89 4.58 8.87
C TYR I 150 42.00 3.76 9.52
N ASN I 151 41.94 3.60 10.84
CA ASN I 151 43.01 2.93 11.56
C ASN I 151 43.10 1.45 11.20
N ILE I 152 41.94 0.81 11.00
CA ILE I 152 41.93 -0.61 10.69
C ILE I 152 42.54 -0.87 9.32
N TYR I 153 42.21 -0.04 8.33
CA TYR I 153 42.81 -0.20 7.00
C TYR I 153 44.32 0.00 7.06
N ALA I 154 44.78 1.10 7.65
CA ALA I 154 46.21 1.37 7.71
C ALA I 154 46.98 0.25 8.39
N LYS I 155 46.37 -0.42 9.37
CA LYS I 155 47.06 -1.51 10.05
C LYS I 155 47.30 -2.69 9.12
N HIS I 156 46.30 -3.07 8.32
CA HIS I 156 46.41 -4.27 7.50
C HIS I 156 46.98 -4.03 6.11
N THR I 157 46.85 -2.82 5.57
CA THR I 157 47.49 -2.52 4.29
C THR I 157 48.88 -1.92 4.44
N LYS I 158 49.33 -1.66 5.67
CA LYS I 158 50.66 -1.12 5.95
C LYS I 158 50.92 0.20 5.21
N GLN I 159 49.85 0.92 4.90
CA GLN I 159 49.94 2.25 4.32
C GLN I 159 49.79 3.31 5.40
N SER I 160 50.10 4.55 5.03
CA SER I 160 49.93 5.64 5.98
C SER I 160 48.46 6.06 6.05
N LEU I 161 48.09 6.66 7.19
CA LEU I 161 46.72 7.10 7.36
C LEU I 161 46.32 8.18 6.36
N GLN I 162 47.25 9.08 6.01
CA GLN I 162 46.91 10.12 5.05
C GLN I 162 46.62 9.52 3.67
N VAL I 163 47.31 8.44 3.31
CA VAL I 163 47.03 7.77 2.04
C VAL I 163 45.63 7.17 2.07
N ILE I 164 45.27 6.51 3.18
CA ILE I 164 43.96 5.89 3.30
C ILE I 164 42.87 6.95 3.21
N GLU I 165 43.04 8.05 3.95
CA GLU I 165 42.06 9.13 3.92
C GLU I 165 41.89 9.69 2.51
N SER I 166 43.00 9.94 1.81
CA SER I 166 42.92 10.50 0.47
C SER I 166 42.35 9.49 -0.52
N ALA I 167 42.65 8.20 -0.34
CA ALA I 167 42.11 7.18 -1.23
C ALA I 167 40.61 7.01 -1.00
N MET I 168 40.20 6.89 0.26
CA MET I 168 38.79 6.75 0.60
C MET I 168 37.96 7.97 0.22
N GLU I 169 38.60 9.08 -0.15
CA GLU I 169 37.88 10.28 -0.57
C GLU I 169 37.37 10.15 -2.00
N ARG I 170 37.93 9.25 -2.80
CA ARG I 170 37.56 9.10 -4.20
C ARG I 170 36.48 8.02 -4.35
N ASP I 171 35.34 8.41 -4.92
CA ASP I 171 34.28 7.45 -5.21
C ASP I 171 34.70 6.62 -6.40
N ARG I 172 35.37 5.49 -6.15
CA ARG I 172 36.01 4.72 -7.21
C ARG I 172 36.19 3.28 -6.74
N TYR I 173 36.31 2.38 -7.72
CA TYR I 173 36.61 0.99 -7.49
C TYR I 173 38.03 0.69 -7.94
N MET I 174 38.62 -0.35 -7.37
CA MET I 174 39.96 -0.79 -7.74
C MET I 174 39.87 -2.17 -8.38
N SER I 175 40.78 -2.43 -9.31
CA SER I 175 40.88 -3.75 -9.88
C SER I 175 41.60 -4.67 -8.89
N PRO I 176 41.44 -5.99 -9.04
CA PRO I 176 42.13 -6.91 -8.11
C PRO I 176 43.64 -6.73 -8.08
N MET I 177 44.24 -6.44 -9.24
CA MET I 177 45.68 -6.19 -9.27
C MET I 177 46.02 -4.84 -8.65
N GLU I 178 45.17 -3.83 -8.89
CA GLU I 178 45.37 -2.51 -8.29
C GLU I 178 45.36 -2.59 -6.77
N ALA I 179 44.40 -3.31 -6.20
CA ALA I 179 44.31 -3.43 -4.75
C ALA I 179 45.46 -4.23 -4.16
N GLN I 180 46.11 -5.10 -4.96
CA GLN I 180 47.27 -5.82 -4.46
C GLN I 180 48.47 -4.89 -4.26
N GLU I 181 48.64 -3.91 -5.14
CA GLU I 181 49.67 -2.90 -4.92
C GLU I 181 49.38 -2.03 -3.71
N PHE I 182 48.10 -1.92 -3.33
CA PHE I 182 47.69 -1.05 -2.23
C PHE I 182 47.80 -1.73 -0.86
N GLY I 183 47.81 -3.05 -0.81
CA GLY I 183 47.89 -3.77 0.44
C GLY I 183 46.59 -4.37 0.92
N ILE I 184 45.56 -4.39 0.09
CA ILE I 184 44.27 -4.91 0.53
C ILE I 184 44.22 -6.42 0.38
N LEU I 185 44.80 -6.94 -0.71
CA LEU I 185 44.85 -8.37 -0.94
C LEU I 185 46.23 -8.72 -1.48
N ASP I 186 46.54 -10.01 -1.43
CA ASP I 186 47.88 -10.50 -1.73
C ASP I 186 48.00 -11.22 -3.06
N LYS I 187 46.98 -12.00 -3.44
CA LYS I 187 47.07 -12.83 -4.64
C LYS I 187 45.83 -12.62 -5.50
N VAL I 188 46.05 -12.53 -6.81
CA VAL I 188 44.99 -12.50 -7.81
C VAL I 188 45.12 -13.78 -8.62
N LEU I 189 44.13 -14.65 -8.54
CA LEU I 189 44.20 -15.99 -9.09
C LEU I 189 43.18 -16.17 -10.20
N VAL I 190 43.64 -16.67 -11.34
CA VAL I 190 42.75 -17.13 -12.40
C VAL I 190 42.46 -18.62 -12.25
N HIS I 191 43.49 -19.40 -11.96
CA HIS I 191 43.40 -20.83 -11.70
C HIS I 191 44.22 -21.14 -10.46
N PRO I 192 43.90 -22.23 -9.75
CA PRO I 192 44.66 -22.58 -8.53
C PRO I 192 46.04 -23.14 -8.82
N TYR J 17 23.67 -29.61 14.63
CA TYR J 17 22.36 -29.17 14.15
C TYR J 17 22.41 -27.71 13.74
N ASP J 18 21.33 -26.99 14.03
CA ASP J 18 21.32 -25.54 13.87
C ASP J 18 22.49 -24.93 14.63
N ILE J 19 23.17 -23.97 14.00
CA ILE J 19 24.31 -23.34 14.65
C ILE J 19 23.88 -22.66 15.94
N TYR J 20 22.67 -22.10 15.97
CA TYR J 20 22.16 -21.52 17.21
C TYR J 20 21.73 -22.59 18.21
N SER J 21 21.42 -23.79 17.74
CA SER J 21 21.13 -24.91 18.62
C SER J 21 22.39 -25.55 19.18
N ARG J 22 23.54 -25.30 18.55
CA ARG J 22 24.82 -25.76 19.08
C ARG J 22 25.39 -24.76 20.08
N LEU J 23 25.14 -23.47 19.87
CA LEU J 23 25.51 -22.45 20.85
C LEU J 23 24.91 -22.74 22.21
N LEU J 24 23.64 -23.16 22.24
CA LEU J 24 22.99 -23.45 23.51
C LEU J 24 23.67 -24.61 24.24
N ARG J 25 24.16 -25.60 23.49
CA ARG J 25 24.93 -26.68 24.10
C ARG J 25 26.26 -26.20 24.67
N GLU J 26 26.67 -24.97 24.36
CA GLU J 26 27.89 -24.38 24.90
C GLU J 26 27.60 -23.25 25.87
N ARG J 27 26.36 -23.14 26.33
CA ARG J 27 25.96 -22.14 27.33
C ARG J 27 26.22 -20.72 26.83
N ILE J 28 25.82 -20.45 25.59
CA ILE J 28 25.93 -19.13 24.99
C ILE J 28 24.54 -18.67 24.61
N VAL J 29 24.15 -17.49 25.11
CA VAL J 29 22.86 -16.89 24.81
C VAL J 29 23.11 -15.60 24.05
N CYS J 30 22.50 -15.48 22.87
CA CYS J 30 22.73 -14.35 21.98
C CYS J 30 21.65 -13.29 22.18
N VAL J 31 22.07 -12.10 22.62
CA VAL J 31 21.17 -10.95 22.68
C VAL J 31 21.60 -9.96 21.60
N MET J 32 21.29 -10.29 20.36
CA MET J 32 21.59 -9.43 19.22
C MET J 32 20.31 -8.86 18.64
N GLY J 33 20.44 -7.75 17.93
CA GLY J 33 19.30 -7.04 17.40
C GLY J 33 18.50 -6.36 18.49
N PRO J 34 17.43 -5.66 18.11
CA PRO J 34 16.60 -5.00 19.12
C PRO J 34 15.94 -5.98 20.07
N ILE J 35 15.57 -5.47 21.24
CA ILE J 35 14.99 -6.26 22.32
C ILE J 35 13.52 -5.91 22.44
N ASP J 36 12.66 -6.91 22.29
CA ASP J 36 11.22 -6.75 22.51
C ASP J 36 10.74 -7.88 23.41
N ASP J 37 9.42 -7.90 23.67
CA ASP J 37 8.84 -8.96 24.49
C ASP J 37 9.11 -10.33 23.90
N SER J 38 9.27 -10.41 22.58
CA SER J 38 9.57 -11.69 21.94
C SER J 38 10.98 -12.15 22.26
N VAL J 39 11.95 -11.23 22.21
CA VAL J 39 13.34 -11.57 22.52
C VAL J 39 13.47 -12.02 23.97
N ALA J 40 12.84 -11.28 24.89
CA ALA J 40 12.98 -11.59 26.31
C ALA J 40 12.46 -13.00 26.63
N SER J 41 11.34 -13.40 26.03
CA SER J 41 10.79 -14.72 26.29
C SER J 41 11.77 -15.82 25.89
N LEU J 42 12.39 -15.68 24.72
CA LEU J 42 13.36 -16.67 24.26
C LEU J 42 14.58 -16.71 25.18
N VAL J 43 15.16 -15.54 25.47
CA VAL J 43 16.35 -15.47 26.30
C VAL J 43 16.09 -16.03 27.70
N ILE J 44 14.95 -15.65 28.31
CA ILE J 44 14.64 -16.13 29.66
C ILE J 44 14.52 -17.65 29.68
N ALA J 45 13.89 -18.23 28.66
CA ALA J 45 13.77 -19.68 28.61
C ALA J 45 15.14 -20.34 28.51
N GLN J 46 16.04 -19.78 27.70
CA GLN J 46 17.39 -20.33 27.58
C GLN J 46 18.17 -20.17 28.89
N LEU J 47 17.95 -19.07 29.60
CA LEU J 47 18.63 -18.85 30.86
C LEU J 47 18.15 -19.85 31.91
N LEU J 48 16.82 -20.00 32.03
CA LEU J 48 16.26 -20.98 32.95
C LEU J 48 16.70 -22.40 32.58
N PHE J 49 16.85 -22.68 31.29
CA PHE J 49 17.30 -24.00 30.84
C PHE J 49 18.73 -24.29 31.29
N LEU J 50 19.66 -23.38 30.99
CA LEU J 50 21.06 -23.60 31.31
C LEU J 50 21.28 -23.72 32.82
N GLN J 51 20.45 -23.02 33.61
CA GLN J 51 20.54 -23.12 35.07
C GLN J 51 20.15 -24.52 35.55
N SER J 52 19.16 -25.13 34.92
CA SER J 52 18.71 -26.46 35.34
C SER J 52 19.80 -27.50 35.13
N GLU J 53 20.53 -27.43 34.02
CA GLU J 53 21.62 -28.38 33.79
C GLU J 53 22.72 -28.23 34.84
N SER J 54 22.98 -26.99 35.27
CA SER J 54 23.98 -26.73 36.30
C SER J 54 23.88 -25.31 36.81
N ASN J 55 23.57 -25.15 38.10
CA ASN J 55 23.54 -23.85 38.74
C ASN J 55 24.93 -23.33 39.09
N LYS J 56 25.99 -23.98 38.61
CA LYS J 56 27.37 -23.58 38.88
C LYS J 56 28.16 -23.24 37.64
N LYS J 57 27.91 -23.91 36.52
CA LYS J 57 28.63 -23.60 35.29
C LYS J 57 28.20 -22.23 34.79
N PRO J 58 29.14 -21.37 34.39
CA PRO J 58 28.77 -20.01 33.98
C PRO J 58 28.01 -20.00 32.66
N ILE J 59 27.38 -18.86 32.39
CA ILE J 59 26.59 -18.64 31.18
C ILE J 59 27.17 -17.45 30.44
N HIS J 60 27.26 -17.57 29.12
CA HIS J 60 27.84 -16.54 28.26
C HIS J 60 26.74 -15.82 27.50
N MET J 61 26.72 -14.50 27.61
CA MET J 61 25.70 -13.66 26.97
C MET J 61 26.39 -12.73 25.99
N ALA J 62 26.21 -13.00 24.70
CA ALA J 62 26.76 -12.15 23.64
C ALA J 62 25.74 -11.07 23.29
N ILE J 63 26.17 -9.82 23.29
CA ILE J 63 25.27 -8.67 23.15
C ILE J 63 25.71 -7.85 21.94
N ASN J 64 24.78 -7.67 20.99
CA ASN J 64 24.95 -6.78 19.85
C ASN J 64 23.59 -6.13 19.59
N SER J 65 23.21 -5.19 20.46
CA SER J 65 21.87 -4.63 20.43
C SER J 65 21.90 -3.12 20.53
N PRO J 66 21.02 -2.42 19.81
CA PRO J 66 20.87 -0.97 19.96
C PRO J 66 19.89 -0.56 21.05
N GLY J 67 19.34 -1.52 21.79
CA GLY J 67 18.35 -1.24 22.82
C GLY J 67 17.06 -2.02 22.55
N GLY J 68 15.96 -1.44 22.97
CA GLY J 68 14.67 -2.05 22.74
C GLY J 68 13.68 -1.63 23.82
N VAL J 69 12.71 -2.51 24.07
CA VAL J 69 11.68 -2.24 25.06
C VAL J 69 12.30 -2.29 26.45
N VAL J 70 11.97 -1.31 27.29
CA VAL J 70 12.55 -1.25 28.63
C VAL J 70 12.07 -2.41 29.49
N THR J 71 10.76 -2.63 29.53
CA THR J 71 10.21 -3.71 30.33
C THR J 71 10.74 -5.06 29.90
N ALA J 72 10.96 -5.25 28.59
CA ALA J 72 11.54 -6.49 28.10
C ALA J 72 12.98 -6.65 28.57
N GLY J 73 13.74 -5.56 28.58
CA GLY J 73 15.11 -5.62 29.07
C GLY J 73 15.18 -5.89 30.56
N LEU J 74 14.34 -5.20 31.34
CA LEU J 74 14.30 -5.45 32.78
C LEU J 74 13.85 -6.88 33.08
N ALA J 75 13.03 -7.47 32.21
CA ALA J 75 12.66 -8.86 32.36
C ALA J 75 13.89 -9.76 32.28
N ILE J 76 14.75 -9.52 31.29
CA ILE J 76 15.99 -10.27 31.20
C ILE J 76 16.91 -9.95 32.38
N TYR J 77 16.98 -8.68 32.78
CA TYR J 77 17.85 -8.29 33.87
C TYR J 77 17.49 -9.02 35.16
N ASP J 78 16.22 -8.95 35.56
CA ASP J 78 15.79 -9.64 36.77
C ASP J 78 16.08 -11.13 36.69
N THR J 79 15.97 -11.72 35.50
CA THR J 79 16.29 -13.14 35.35
C THR J 79 17.80 -13.36 35.49
N MET J 80 18.61 -12.44 34.97
CA MET J 80 20.05 -12.55 35.14
C MET J 80 20.45 -12.51 36.61
N GLN J 81 19.84 -11.61 37.39
CA GLN J 81 20.14 -11.53 38.81
C GLN J 81 19.53 -12.68 39.59
N TYR J 82 18.35 -13.16 39.14
CA TYR J 82 17.65 -14.21 39.87
C TYR J 82 18.46 -15.50 39.94
N ILE J 83 18.94 -15.98 38.79
CA ILE J 83 19.61 -17.26 38.72
C ILE J 83 20.93 -17.23 39.48
N LEU J 84 21.44 -18.43 39.79
CA LEU J 84 22.67 -18.59 40.56
C LEU J 84 23.92 -18.61 39.70
N ASN J 85 23.76 -18.84 38.40
CA ASN J 85 24.93 -18.98 37.53
C ASN J 85 25.67 -17.65 37.40
N PRO J 86 26.99 -17.68 37.31
CA PRO J 86 27.72 -16.49 36.84
C PRO J 86 27.46 -16.29 35.36
N ILE J 87 27.40 -15.02 34.96
CA ILE J 87 27.05 -14.66 33.59
C ILE J 87 28.18 -13.83 33.01
N CYS J 88 28.82 -14.35 31.97
CA CYS J 88 29.86 -13.63 31.25
C CYS J 88 29.20 -12.86 30.10
N THR J 89 29.33 -11.53 30.14
CA THR J 89 28.78 -10.68 29.09
C THR J 89 29.89 -10.26 28.15
N TRP J 90 29.56 -10.23 26.86
CA TRP J 90 30.51 -9.87 25.81
C TRP J 90 29.85 -8.83 24.92
N CYS J 91 30.45 -7.64 24.86
CA CYS J 91 29.96 -6.58 23.97
C CYS J 91 30.62 -6.77 22.61
N VAL J 92 29.81 -7.12 21.63
CA VAL J 92 30.28 -7.35 20.26
C VAL J 92 29.48 -6.44 19.34
N GLY J 93 30.18 -5.66 18.53
CA GLY J 93 29.52 -4.70 17.67
C GLY J 93 29.13 -3.44 18.40
N GLN J 94 28.02 -3.50 19.16
CA GLN J 94 27.57 -2.35 19.91
C GLN J 94 26.68 -2.81 21.05
N ALA J 95 26.59 -1.96 22.07
CA ALA J 95 25.65 -2.16 23.18
C ALA J 95 25.13 -0.78 23.59
N ALA J 96 23.95 -0.43 23.10
CA ALA J 96 23.35 0.87 23.34
C ALA J 96 22.02 0.71 24.07
N SER J 97 21.62 1.77 24.77
CA SER J 97 20.34 1.84 25.49
C SER J 97 20.26 0.65 26.44
N MET J 98 19.22 -0.19 26.37
CA MET J 98 19.08 -1.33 27.26
C MET J 98 20.20 -2.35 27.08
N GLY J 99 20.89 -2.34 25.93
CA GLY J 99 21.96 -3.30 25.71
C GLY J 99 23.12 -3.14 26.66
N SER J 100 23.50 -1.90 26.96
CA SER J 100 24.57 -1.66 27.92
C SER J 100 24.16 -2.07 29.33
N LEU J 101 22.87 -1.96 29.66
CA LEU J 101 22.41 -2.36 30.98
C LEU J 101 22.62 -3.85 31.20
N LEU J 102 22.25 -4.68 30.22
CA LEU J 102 22.53 -6.10 30.31
C LEU J 102 24.03 -6.38 30.31
N LEU J 103 24.81 -5.57 29.60
CA LEU J 103 26.25 -5.72 29.60
C LEU J 103 26.83 -5.43 30.99
N ALA J 104 26.41 -4.33 31.60
CA ALA J 104 26.89 -3.97 32.93
C ALA J 104 26.32 -4.88 34.01
N ALA J 105 25.23 -5.61 33.71
CA ALA J 105 24.60 -6.49 34.69
C ALA J 105 25.30 -7.83 34.84
N GLY J 106 26.41 -8.05 34.13
CA GLY J 106 27.13 -9.30 34.24
C GLY J 106 27.81 -9.44 35.60
N THR J 107 28.24 -10.66 35.87
CA THR J 107 28.95 -10.93 37.11
C THR J 107 30.25 -10.14 37.15
N PRO J 108 30.54 -9.44 38.26
CA PRO J 108 31.75 -8.61 38.30
C PRO J 108 33.00 -9.42 38.02
N GLY J 109 33.84 -8.89 37.13
CA GLY J 109 35.00 -9.61 36.65
C GLY J 109 34.77 -10.41 35.38
N MET J 110 33.53 -10.47 34.89
CA MET J 110 33.19 -11.25 33.70
C MET J 110 32.51 -10.41 32.62
N ARG J 111 32.67 -9.09 32.67
CA ARG J 111 32.07 -8.19 31.68
C ARG J 111 33.15 -7.79 30.68
N HIS J 112 33.04 -8.29 29.45
CA HIS J 112 34.05 -8.13 28.41
C HIS J 112 33.55 -7.21 27.31
N SER J 113 34.44 -6.92 26.37
CA SER J 113 34.13 -6.14 25.18
C SER J 113 35.24 -6.29 24.17
N LEU J 114 34.88 -6.32 22.89
CA LEU J 114 35.90 -6.35 21.84
C LEU J 114 36.34 -4.92 21.52
N PRO J 115 37.52 -4.75 20.92
CA PRO J 115 38.12 -3.40 20.88
C PRO J 115 37.34 -2.37 20.09
N ASN J 116 36.70 -2.75 18.99
CA ASN J 116 36.04 -1.78 18.13
C ASN J 116 34.56 -1.62 18.44
N SER J 117 34.08 -2.18 19.53
CA SER J 117 32.68 -2.01 19.93
C SER J 117 32.42 -0.58 20.41
N ARG J 118 31.16 -0.19 20.37
CA ARG J 118 30.70 1.08 20.94
C ARG J 118 29.69 0.78 22.04
N ILE J 119 29.81 1.50 23.15
CA ILE J 119 28.92 1.34 24.31
C ILE J 119 28.17 2.64 24.53
N MET J 120 26.86 2.56 24.68
CA MET J 120 26.01 3.72 24.91
C MET J 120 25.02 3.44 26.02
N ILE J 121 24.91 4.35 26.98
CA ILE J 121 23.95 4.25 28.07
C ILE J 121 22.88 5.32 28.01
N HIS J 122 23.03 6.32 27.13
CA HIS J 122 21.99 7.32 26.91
C HIS J 122 20.77 6.66 26.27
N GLN J 123 19.58 7.06 26.74
CA GLN J 123 18.30 6.55 26.26
C GLN J 123 17.72 7.47 25.19
N PRO J 124 17.25 6.92 24.07
CA PRO J 124 16.72 7.71 22.95
C PRO J 124 15.40 8.39 23.29
N ILE J 135 2.56 -0.42 24.13
CA ILE J 135 1.58 0.20 25.01
C ILE J 135 2.09 1.56 25.47
N ALA J 136 1.17 2.51 25.58
CA ALA J 136 1.52 3.87 25.98
C ALA J 136 1.49 4.02 27.49
N ILE J 137 2.35 4.90 27.99
CA ILE J 137 2.49 5.14 29.42
C ILE J 137 2.21 6.61 29.70
N GLN J 138 2.04 6.92 30.97
CA GLN J 138 1.86 8.29 31.41
C GLN J 138 3.23 8.93 31.71
N ALA J 139 3.21 10.25 31.91
CA ALA J 139 4.46 10.99 32.11
C ALA J 139 5.19 10.54 33.37
N GLU J 140 4.48 10.36 34.48
CA GLU J 140 5.13 9.95 35.72
C GLU J 140 5.75 8.56 35.60
N GLU J 141 5.20 7.69 34.76
CA GLU J 141 5.65 6.30 34.74
C GLU J 141 6.94 6.13 33.96
N ILE J 142 7.09 6.81 32.83
CA ILE J 142 8.38 6.79 32.14
C ILE J 142 9.45 7.43 33.01
N MET J 143 9.08 8.46 33.78
CA MET J 143 10.00 9.03 34.75
C MET J 143 10.24 8.07 35.91
N LYS J 144 9.26 7.23 36.24
CA LYS J 144 9.48 6.18 37.21
C LYS J 144 10.46 5.13 36.67
N LEU J 145 10.53 4.98 35.34
CA LEU J 145 11.36 3.95 34.74
C LEU J 145 12.81 4.41 34.60
N LYS J 146 13.02 5.69 34.26
CA LYS J 146 14.39 6.20 34.13
C LYS J 146 15.13 6.09 35.46
N LYS J 147 14.51 6.56 36.55
CA LYS J 147 15.12 6.38 37.86
C LYS J 147 15.31 4.90 38.17
N GLN J 148 14.43 4.03 37.65
CA GLN J 148 14.65 2.61 37.79
C GLN J 148 15.89 2.18 37.02
N LEU J 149 16.16 2.81 35.89
CA LEU J 149 17.40 2.54 35.15
C LEU J 149 18.60 3.17 35.83
N TYR J 150 18.43 4.39 36.38
CA TYR J 150 19.50 5.05 37.11
C TYR J 150 20.05 4.17 38.22
N ASN J 151 19.16 3.59 39.02
CA ASN J 151 19.61 2.81 40.17
C ASN J 151 20.34 1.54 39.75
N ILE J 152 19.86 0.88 38.69
CA ILE J 152 20.50 -0.34 38.25
C ILE J 152 21.89 -0.06 37.71
N TYR J 153 22.03 1.01 36.92
CA TYR J 153 23.35 1.41 36.43
C TYR J 153 24.25 1.78 37.59
N ALA J 154 23.79 2.67 38.47
CA ALA J 154 24.60 3.08 39.61
C ALA J 154 24.98 1.88 40.48
N LYS J 155 24.10 0.89 40.57
CA LYS J 155 24.39 -0.30 41.37
C LYS J 155 25.55 -1.11 40.78
N HIS J 156 25.58 -1.28 39.47
CA HIS J 156 26.56 -2.17 38.84
C HIS J 156 27.86 -1.47 38.44
N THR J 157 27.82 -0.16 38.20
CA THR J 157 29.04 0.60 37.94
C THR J 157 29.64 1.23 39.19
N LYS J 158 29.01 1.07 40.35
CA LYS J 158 29.49 1.62 41.62
C LYS J 158 29.63 3.13 41.60
N GLN J 159 29.02 3.81 40.63
CA GLN J 159 29.10 5.26 40.53
C GLN J 159 27.95 5.90 41.30
N SER J 160 28.06 7.22 41.50
CA SER J 160 27.01 7.97 42.16
C SER J 160 25.85 8.24 41.21
N LEU J 161 24.67 8.46 41.78
CA LEU J 161 23.50 8.76 40.96
C LEU J 161 23.70 10.03 40.13
N GLN J 162 24.40 11.02 40.69
CA GLN J 162 24.63 12.26 39.96
C GLN J 162 25.46 12.01 38.69
N VAL J 163 26.42 11.08 38.78
CA VAL J 163 27.23 10.76 37.62
C VAL J 163 26.39 10.06 36.55
N ILE J 164 25.58 9.09 36.97
CA ILE J 164 24.75 8.34 36.02
C ILE J 164 23.75 9.27 35.34
N GLU J 165 23.08 10.11 36.12
CA GLU J 165 22.12 11.05 35.55
C GLU J 165 22.78 11.98 34.55
N SER J 166 23.94 12.53 34.92
CA SER J 166 24.65 13.45 34.03
C SER J 166 25.22 12.75 32.81
N ALA J 167 25.67 11.50 32.96
CA ALA J 167 26.22 10.75 31.84
C ALA J 167 25.14 10.42 30.81
N MET J 168 24.01 9.90 31.28
CA MET J 168 22.90 9.56 30.38
C MET J 168 22.32 10.78 29.68
N GLU J 169 22.70 11.99 30.09
CA GLU J 169 22.25 13.20 29.43
C GLU J 169 22.97 13.46 28.13
N ARG J 170 24.13 12.84 27.92
CA ARG J 170 24.95 13.08 26.74
C ARG J 170 24.61 12.06 25.65
N ASP J 171 24.17 12.55 24.50
CA ASP J 171 23.91 11.70 23.34
C ASP J 171 25.27 11.33 22.75
N ARG J 172 25.85 10.25 23.25
CA ARG J 172 27.23 9.92 22.94
C ARG J 172 27.48 8.44 23.19
N TYR J 173 28.51 7.91 22.51
CA TYR J 173 29.00 6.56 22.71
C TYR J 173 30.34 6.61 23.42
N MET J 174 30.67 5.52 24.11
CA MET J 174 31.93 5.38 24.80
C MET J 174 32.78 4.29 24.16
N SER J 175 34.09 4.45 24.26
CA SER J 175 34.99 3.40 23.81
C SER J 175 34.99 2.28 24.84
N PRO J 176 35.41 1.07 24.45
CA PRO J 176 35.43 -0.03 25.44
C PRO J 176 36.28 0.26 26.66
N MET J 177 37.40 0.94 26.49
CA MET J 177 38.22 1.31 27.64
C MET J 177 37.58 2.42 28.45
N GLU J 178 36.93 3.37 27.78
CA GLU J 178 36.18 4.41 28.49
C GLU J 178 35.08 3.80 29.34
N ALA J 179 34.32 2.87 28.77
CA ALA J 179 33.26 2.23 29.53
C ALA J 179 33.82 1.36 30.66
N GLN J 180 35.06 0.88 30.50
CA GLN J 180 35.72 0.18 31.60
C GLN J 180 36.08 1.15 32.72
N GLU J 181 36.53 2.35 32.37
CA GLU J 181 36.78 3.39 33.37
C GLU J 181 35.53 3.72 34.14
N PHE J 182 34.36 3.58 33.52
CA PHE J 182 33.10 4.00 34.12
C PHE J 182 32.46 2.93 34.99
N GLY J 183 32.85 1.66 34.82
CA GLY J 183 32.27 0.58 35.58
C GLY J 183 31.27 -0.27 34.84
N ILE J 184 31.17 -0.12 33.53
CA ILE J 184 30.18 -0.88 32.77
C ILE J 184 30.72 -2.26 32.44
N LEU J 185 32.01 -2.35 32.11
CA LEU J 185 32.65 -3.63 31.83
C LEU J 185 34.03 -3.64 32.48
N ASP J 186 34.59 -4.84 32.61
CA ASP J 186 35.82 -5.04 33.35
C ASP J 186 37.04 -5.29 32.48
N LYS J 187 36.90 -6.04 31.40
CA LYS J 187 38.03 -6.42 30.57
C LYS J 187 37.74 -6.13 29.10
N VAL J 188 38.75 -5.61 28.41
CA VAL J 188 38.70 -5.41 26.96
C VAL J 188 39.74 -6.34 26.34
N LEU J 189 39.28 -7.30 25.55
CA LEU J 189 40.14 -8.35 25.03
C LEU J 189 40.26 -8.22 23.51
N VAL J 190 41.49 -8.26 23.02
CA VAL J 190 41.74 -8.39 21.59
C VAL J 190 41.89 -9.84 21.19
N HIS J 191 42.62 -10.62 21.99
CA HIS J 191 42.79 -12.05 21.84
C HIS J 191 42.60 -12.70 23.19
N PRO J 192 42.22 -13.98 23.24
CA PRO J 192 42.06 -14.63 24.54
C PRO J 192 43.39 -14.94 25.22
N TYR K 17 14.49 -30.77 22.76
CA TYR K 17 13.86 -30.28 21.55
C TYR K 17 13.74 -28.76 21.59
N ASP K 18 12.67 -28.25 20.97
CA ASP K 18 12.36 -26.83 21.06
C ASP K 18 12.23 -26.43 22.51
N ILE K 19 12.76 -25.24 22.84
CA ILE K 19 12.74 -24.79 24.23
C ILE K 19 11.31 -24.69 24.74
N TYR K 20 10.37 -24.30 23.88
CA TYR K 20 8.98 -24.22 24.31
C TYR K 20 8.36 -25.60 24.54
N SER K 21 8.93 -26.64 23.94
CA SER K 21 8.50 -28.00 24.25
C SER K 21 9.10 -28.51 25.55
N ARG K 22 10.18 -27.89 26.02
CA ARG K 22 10.79 -28.29 27.29
C ARG K 22 10.14 -27.58 28.48
N LEU K 23 9.82 -26.28 28.33
CA LEU K 23 9.06 -25.61 29.38
C LEU K 23 7.79 -26.38 29.72
N LEU K 24 7.09 -26.90 28.70
CA LEU K 24 5.90 -27.68 28.96
C LEU K 24 6.22 -28.95 29.72
N ARG K 25 7.36 -29.58 29.40
CA ARG K 25 7.83 -30.73 30.16
C ARG K 25 8.23 -30.36 31.59
N GLU K 26 8.36 -29.07 31.89
CA GLU K 26 8.65 -28.59 33.23
C GLU K 26 7.47 -27.85 33.84
N ARG K 27 6.28 -28.00 33.27
CA ARG K 27 5.05 -27.40 33.78
C ARG K 27 5.14 -25.89 33.87
N ILE K 28 5.62 -25.28 32.78
CA ILE K 28 5.72 -23.83 32.66
C ILE K 28 4.88 -23.40 31.46
N VAL K 29 3.95 -22.47 31.70
CA VAL K 29 3.09 -21.92 30.66
C VAL K 29 3.40 -20.45 30.52
N CYS K 30 3.75 -20.02 29.31
CA CYS K 30 4.16 -18.65 29.04
C CYS K 30 2.97 -17.83 28.55
N VAL K 31 2.60 -16.81 29.30
CA VAL K 31 1.60 -15.84 28.87
C VAL K 31 2.32 -14.52 28.62
N MET K 32 3.04 -14.43 27.51
CA MET K 32 3.83 -13.26 27.17
C MET K 32 3.34 -12.67 25.85
N GLY K 33 3.48 -11.35 25.73
CA GLY K 33 2.97 -10.63 24.58
C GLY K 33 1.51 -10.32 24.76
N PRO K 34 0.91 -9.63 23.77
CA PRO K 34 -0.52 -9.31 23.87
C PRO K 34 -1.37 -10.57 23.87
N ILE K 35 -2.59 -10.42 24.41
CA ILE K 35 -3.50 -11.54 24.59
C ILE K 35 -4.66 -11.38 23.60
N ASP K 36 -4.82 -12.38 22.74
CA ASP K 36 -5.95 -12.47 21.83
C ASP K 36 -6.52 -13.88 21.91
N ASP K 37 -7.56 -14.15 21.10
CA ASP K 37 -8.15 -15.48 21.10
C ASP K 37 -7.13 -16.55 20.69
N SER K 38 -6.11 -16.16 19.91
CA SER K 38 -5.10 -17.13 19.49
C SER K 38 -4.19 -17.54 20.65
N VAL K 39 -3.75 -16.57 21.45
CA VAL K 39 -2.88 -16.87 22.59
C VAL K 39 -3.62 -17.71 23.61
N ALA K 40 -4.88 -17.35 23.92
CA ALA K 40 -5.64 -18.05 24.94
C ALA K 40 -5.80 -19.53 24.62
N SER K 41 -6.01 -19.85 23.33
CA SER K 41 -6.18 -21.24 22.93
C SER K 41 -4.96 -22.08 23.29
N LEU K 42 -3.76 -21.56 23.04
CA LEU K 42 -2.55 -22.29 23.41
C LEU K 42 -2.47 -22.47 24.92
N VAL K 43 -2.66 -21.38 25.67
CA VAL K 43 -2.54 -21.44 27.13
C VAL K 43 -3.54 -22.44 27.71
N ILE K 44 -4.79 -22.37 27.27
CA ILE K 44 -5.81 -23.30 27.76
C ILE K 44 -5.45 -24.74 27.38
N ALA K 45 -4.99 -24.94 26.15
CA ALA K 45 -4.57 -26.27 25.72
C ALA K 45 -3.41 -26.77 26.57
N GLN K 46 -2.43 -25.90 26.84
CA GLN K 46 -1.30 -26.27 27.67
C GLN K 46 -1.74 -26.53 29.12
N LEU K 47 -2.73 -25.78 29.61
CA LEU K 47 -3.21 -25.96 30.97
C LEU K 47 -3.94 -27.30 31.13
N LEU K 48 -4.86 -27.60 30.21
CA LEU K 48 -5.55 -28.88 30.25
C LEU K 48 -4.60 -30.06 30.11
N PHE K 49 -3.52 -29.89 29.34
CA PHE K 49 -2.56 -30.98 29.19
C PHE K 49 -1.87 -31.30 30.52
N LEU K 50 -1.32 -30.27 31.17
CA LEU K 50 -0.58 -30.51 32.41
C LEU K 50 -1.48 -31.10 33.49
N GLN K 51 -2.77 -30.77 33.49
CA GLN K 51 -3.69 -31.35 34.46
C GLN K 51 -3.86 -32.85 34.23
N SER K 52 -3.90 -33.27 32.97
CA SER K 52 -4.04 -34.70 32.68
C SER K 52 -2.85 -35.48 33.19
N GLU K 53 -1.64 -34.92 33.05
CA GLU K 53 -0.45 -35.58 33.57
C GLU K 53 -0.51 -35.72 35.09
N SER K 54 -1.08 -34.72 35.77
CA SER K 54 -1.23 -34.76 37.22
C SER K 54 -2.16 -33.66 37.72
N ASN K 55 -3.27 -34.03 38.35
CA ASN K 55 -4.17 -33.06 38.95
C ASN K 55 -3.67 -32.56 40.31
N LYS K 56 -2.43 -32.89 40.68
CA LYS K 56 -1.86 -32.47 41.95
C LYS K 56 -0.57 -31.67 41.81
N LYS K 57 0.25 -31.97 40.81
CA LYS K 57 1.49 -31.22 40.62
C LYS K 57 1.18 -29.80 40.18
N PRO K 58 1.84 -28.80 40.77
CA PRO K 58 1.52 -27.40 40.45
C PRO K 58 1.95 -27.03 39.03
N ILE K 59 1.41 -25.91 38.58
CA ILE K 59 1.66 -25.37 37.24
C ILE K 59 2.25 -23.97 37.39
N HIS K 60 3.25 -23.66 36.58
CA HIS K 60 3.93 -22.38 36.62
C HIS K 60 3.51 -21.54 35.42
N MET K 61 3.02 -20.33 35.69
CA MET K 61 2.52 -19.44 34.65
C MET K 61 3.36 -18.16 34.64
N ALA K 62 4.19 -18.00 33.60
CA ALA K 62 4.99 -16.80 33.43
C ALA K 62 4.22 -15.75 32.64
N ILE K 63 4.15 -14.54 33.19
CA ILE K 63 3.32 -13.48 32.62
C ILE K 63 4.21 -12.29 32.29
N ASN K 64 4.21 -11.88 31.01
CA ASN K 64 4.85 -10.66 30.56
C ASN K 64 3.97 -10.09 29.44
N SER K 65 2.83 -9.53 29.83
CA SER K 65 1.82 -9.11 28.88
C SER K 65 1.32 -7.72 29.20
N PRO K 66 1.05 -6.89 28.20
CA PRO K 66 0.41 -5.59 28.44
C PRO K 66 -1.11 -5.62 28.45
N GLY K 67 -1.72 -6.81 28.33
CA GLY K 67 -3.17 -6.94 28.28
C GLY K 67 -3.62 -7.63 27.00
N GLY K 68 -4.81 -7.29 26.55
CA GLY K 68 -5.34 -7.83 25.32
C GLY K 68 -6.85 -7.87 25.35
N VAL K 69 -7.41 -8.83 24.62
CA VAL K 69 -8.86 -8.97 24.53
C VAL K 69 -9.40 -9.47 25.86
N VAL K 70 -10.51 -8.87 26.31
CA VAL K 70 -11.06 -9.20 27.62
C VAL K 70 -11.58 -10.62 27.64
N THR K 71 -12.39 -10.99 26.65
CA THR K 71 -12.97 -12.33 26.62
C THR K 71 -11.89 -13.41 26.57
N ALA K 72 -10.77 -13.13 25.88
CA ALA K 72 -9.67 -14.08 25.86
C ALA K 72 -9.01 -14.21 27.23
N GLY K 73 -8.89 -13.09 27.94
CA GLY K 73 -8.34 -13.14 29.29
C GLY K 73 -9.26 -13.87 30.26
N LEU K 74 -10.56 -13.58 30.20
CA LEU K 74 -11.52 -14.30 31.02
C LEU K 74 -11.54 -15.78 30.67
N ALA K 75 -11.25 -16.11 29.41
CA ALA K 75 -11.16 -17.51 29.01
C ALA K 75 -10.03 -18.21 29.76
N ILE K 76 -8.85 -17.58 29.82
CA ILE K 76 -7.75 -18.14 30.59
C ILE K 76 -8.08 -18.14 32.08
N TYR K 77 -8.70 -17.05 32.56
CA TYR K 77 -9.04 -16.97 33.98
C TYR K 77 -9.98 -18.08 34.40
N ASP K 78 -11.08 -18.26 33.67
CA ASP K 78 -12.03 -19.33 34.00
C ASP K 78 -11.36 -20.69 33.96
N THR K 79 -10.39 -20.88 33.06
CA THR K 79 -9.67 -22.14 33.00
C THR K 79 -8.76 -22.31 34.21
N MET K 80 -8.13 -21.22 34.67
CA MET K 80 -7.30 -21.29 35.87
C MET K 80 -8.12 -21.74 37.07
N GLN K 81 -9.34 -21.21 37.20
CA GLN K 81 -10.20 -21.64 38.30
C GLN K 81 -10.76 -23.04 38.07
N TYR K 82 -11.01 -23.40 36.80
CA TYR K 82 -11.60 -24.70 36.50
C TYR K 82 -10.69 -25.85 36.95
N ILE K 83 -9.43 -25.83 36.51
CA ILE K 83 -8.55 -26.95 36.81
C ILE K 83 -8.24 -27.00 38.30
N LEU K 84 -7.79 -28.17 38.74
CA LEU K 84 -7.52 -28.41 40.16
C LEU K 84 -6.08 -28.13 40.57
N ASN K 85 -5.17 -28.00 39.60
CA ASN K 85 -3.77 -27.81 39.94
C ASN K 85 -3.55 -26.47 40.62
N PRO K 86 -2.61 -26.40 41.56
CA PRO K 86 -2.15 -25.09 42.03
C PRO K 86 -1.37 -24.39 40.94
N ILE K 87 -1.52 -23.08 40.86
CA ILE K 87 -0.92 -22.29 39.79
C ILE K 87 -0.07 -21.19 40.40
N CYS K 88 1.23 -21.24 40.14
CA CYS K 88 2.15 -20.19 40.57
C CYS K 88 2.26 -19.17 39.45
N THR K 89 1.91 -17.92 39.75
CA THR K 89 1.99 -16.84 38.78
C THR K 89 3.26 -16.03 39.02
N TRP K 90 3.91 -15.65 37.93
CA TRP K 90 5.16 -14.90 37.99
C TRP K 90 5.06 -13.70 37.07
N CYS K 91 5.14 -12.50 37.63
CA CYS K 91 5.17 -11.28 36.85
C CYS K 91 6.61 -10.95 36.51
N VAL K 92 6.96 -11.02 35.23
CA VAL K 92 8.29 -10.73 34.74
C VAL K 92 8.18 -9.64 33.71
N GLY K 93 8.94 -8.56 33.88
CA GLY K 93 8.82 -7.42 33.00
C GLY K 93 7.63 -6.55 33.34
N GLN K 94 6.43 -6.98 32.94
CA GLN K 94 5.23 -6.23 33.26
C GLN K 94 4.03 -7.17 33.17
N ALA K 95 2.96 -6.80 33.88
CA ALA K 95 1.66 -7.46 33.80
C ALA K 95 0.59 -6.39 33.95
N ALA K 96 0.04 -5.94 32.82
CA ALA K 96 -0.92 -4.86 32.79
C ALA K 96 -2.25 -5.33 32.21
N SER K 97 -3.31 -4.60 32.57
CA SER K 97 -4.66 -4.86 32.06
C SER K 97 -5.02 -6.31 32.36
N MET K 98 -5.40 -7.11 31.36
CA MET K 98 -5.75 -8.50 31.61
C MET K 98 -4.60 -9.30 32.18
N GLY K 99 -3.36 -8.84 31.95
CA GLY K 99 -2.21 -9.55 32.50
C GLY K 99 -2.18 -9.56 34.01
N SER K 100 -2.53 -8.43 34.63
CA SER K 100 -2.57 -8.38 36.09
C SER K 100 -3.68 -9.25 36.66
N LEU K 101 -4.79 -9.39 35.92
CA LEU K 101 -5.86 -10.27 36.38
C LEU K 101 -5.39 -11.71 36.46
N LEU K 102 -4.66 -12.18 35.44
CA LEU K 102 -4.11 -13.52 35.48
C LEU K 102 -3.07 -13.66 36.60
N LEU K 103 -2.32 -12.59 36.88
CA LEU K 103 -1.35 -12.64 37.96
C LEU K 103 -2.02 -12.79 39.31
N ALA K 104 -3.04 -11.97 39.58
CA ALA K 104 -3.73 -12.04 40.86
C ALA K 104 -4.60 -13.28 40.98
N ALA K 105 -4.93 -13.94 39.88
CA ALA K 105 -5.79 -15.12 39.89
C ALA K 105 -5.04 -16.39 40.28
N GLY K 106 -3.74 -16.29 40.59
CA GLY K 106 -2.98 -17.45 40.99
C GLY K 106 -3.41 -17.99 42.34
N THR K 107 -2.92 -19.19 42.64
CA THR K 107 -3.22 -19.82 43.92
C THR K 107 -2.66 -18.96 45.05
N PRO K 108 -3.46 -18.66 46.08
CA PRO K 108 -2.99 -17.78 47.16
C PRO K 108 -1.73 -18.32 47.82
N GLY K 109 -0.75 -17.45 48.00
CA GLY K 109 0.56 -17.83 48.49
C GLY K 109 1.56 -18.20 47.43
N MET K 110 1.16 -18.24 46.16
CA MET K 110 2.04 -18.62 45.06
C MET K 110 2.08 -17.56 43.95
N ARG K 111 1.73 -16.32 44.28
CA ARG K 111 1.75 -15.23 43.30
C ARG K 111 3.02 -14.42 43.52
N HIS K 112 3.95 -14.53 42.57
CA HIS K 112 5.28 -13.94 42.68
C HIS K 112 5.42 -12.77 41.72
N SER K 113 6.57 -12.11 41.81
CA SER K 113 6.95 -11.03 40.91
C SER K 113 8.43 -10.76 41.07
N LEU K 114 9.09 -10.40 39.97
CA LEU K 114 10.49 -10.04 40.01
C LEU K 114 10.63 -8.57 40.38
N PRO K 115 11.81 -8.15 40.87
CA PRO K 115 11.89 -6.83 41.52
C PRO K 115 11.60 -5.64 40.62
N ASN K 116 11.99 -5.69 39.35
CA ASN K 116 11.84 -4.56 38.46
C ASN K 116 10.59 -4.63 37.59
N SER K 117 9.67 -5.55 37.91
CA SER K 117 8.43 -5.65 37.15
C SER K 117 7.51 -4.45 37.44
N ARG K 118 6.51 -4.30 36.58
CA ARG K 118 5.49 -3.27 36.74
C ARG K 118 4.11 -3.91 36.61
N ILE K 119 3.20 -3.54 37.51
CA ILE K 119 1.85 -4.08 37.52
C ILE K 119 0.87 -2.93 37.32
N MET K 120 -0.09 -3.12 36.41
CA MET K 120 -1.11 -2.12 36.12
C MET K 120 -2.47 -2.82 36.05
N ILE K 121 -3.44 -2.25 36.76
CA ILE K 121 -4.80 -2.77 36.76
C ILE K 121 -5.79 -1.83 36.09
N HIS K 122 -5.38 -0.61 35.74
CA HIS K 122 -6.24 0.28 34.97
C HIS K 122 -6.50 -0.29 33.58
N GLN K 123 -7.76 -0.20 33.14
CA GLN K 123 -8.14 -0.71 31.83
C GLN K 123 -8.14 0.41 30.81
N PRO K 124 -7.49 0.23 29.65
CA PRO K 124 -7.41 1.27 28.62
C PRO K 124 -8.75 1.53 27.93
N ILE K 135 -14.90 -7.76 17.08
CA ILE K 135 -16.27 -7.26 17.03
C ILE K 135 -16.54 -6.33 18.20
N ALA K 136 -17.03 -5.13 17.90
CA ALA K 136 -17.33 -4.15 18.93
C ALA K 136 -18.57 -4.57 19.70
N ILE K 137 -18.90 -3.79 20.73
CA ILE K 137 -20.02 -4.07 21.61
C ILE K 137 -20.74 -2.76 21.93
N GLN K 138 -21.92 -2.89 22.53
CA GLN K 138 -22.70 -1.74 22.96
C GLN K 138 -22.17 -1.20 24.29
N ALA K 139 -22.67 -0.01 24.65
CA ALA K 139 -22.21 0.64 25.86
C ALA K 139 -22.57 -0.16 27.10
N GLU K 140 -23.79 -0.69 27.16
CA GLU K 140 -24.21 -1.47 28.32
C GLU K 140 -23.39 -2.75 28.47
N GLU K 141 -22.72 -3.20 27.40
CA GLU K 141 -21.99 -4.45 27.43
C GLU K 141 -20.58 -4.30 28.01
N ILE K 142 -19.88 -3.22 27.67
CA ILE K 142 -18.54 -3.01 28.21
C ILE K 142 -18.61 -2.82 29.72
N MET K 143 -19.68 -2.17 30.22
CA MET K 143 -19.85 -2.04 31.65
C MET K 143 -20.15 -3.38 32.31
N LYS K 144 -20.86 -4.27 31.61
CA LYS K 144 -21.05 -5.62 32.14
C LYS K 144 -19.72 -6.34 32.29
N LEU K 145 -18.71 -5.95 31.50
CA LEU K 145 -17.39 -6.54 31.58
C LEU K 145 -16.52 -5.87 32.65
N LYS K 146 -16.61 -4.55 32.78
CA LYS K 146 -15.84 -3.86 33.82
C LYS K 146 -16.26 -4.31 35.20
N LYS K 147 -17.58 -4.33 35.47
CA LYS K 147 -18.07 -4.87 36.73
C LYS K 147 -17.70 -6.34 36.88
N GLN K 148 -17.60 -7.07 35.76
CA GLN K 148 -17.11 -8.43 35.78
C GLN K 148 -15.64 -8.47 36.18
N LEU K 149 -14.86 -7.46 35.75
CA LEU K 149 -13.46 -7.36 36.17
C LEU K 149 -13.35 -6.88 37.61
N TYR K 150 -14.21 -5.95 38.02
CA TYR K 150 -14.22 -5.48 39.40
C TYR K 150 -14.35 -6.64 40.38
N ASN K 151 -15.28 -7.54 40.13
CA ASN K 151 -15.54 -8.63 41.06
C ASN K 151 -14.37 -9.60 41.11
N ILE K 152 -13.76 -9.87 39.95
CA ILE K 152 -12.65 -10.82 39.91
C ILE K 152 -11.44 -10.26 40.66
N TYR K 153 -11.14 -8.98 40.48
CA TYR K 153 -10.05 -8.36 41.23
C TYR K 153 -10.33 -8.40 42.72
N ALA K 154 -11.51 -7.91 43.13
CA ALA K 154 -11.88 -7.90 44.54
C ALA K 154 -11.87 -9.30 45.14
N LYS K 155 -12.19 -10.31 44.34
CA LYS K 155 -12.21 -11.69 44.85
C LYS K 155 -10.81 -12.15 45.25
N HIS K 156 -9.81 -11.85 44.41
CA HIS K 156 -8.46 -12.35 44.65
C HIS K 156 -7.59 -11.40 45.46
N THR K 157 -7.90 -10.10 45.44
CA THR K 157 -7.19 -9.13 46.27
C THR K 157 -7.84 -8.92 47.63
N LYS K 158 -9.02 -9.50 47.86
CA LYS K 158 -9.74 -9.37 49.13
C LYS K 158 -10.00 -7.91 49.48
N GLN K 159 -10.24 -7.07 48.48
CA GLN K 159 -10.53 -5.67 48.68
C GLN K 159 -12.01 -5.40 48.43
N SER K 160 -12.44 -4.22 48.82
CA SER K 160 -13.82 -3.82 48.59
C SER K 160 -14.00 -3.36 47.15
N LEU K 161 -15.25 -3.43 46.67
CA LEU K 161 -15.52 -2.98 45.31
C LEU K 161 -15.17 -1.51 45.12
N GLN K 162 -15.38 -0.69 46.15
CA GLN K 162 -15.03 0.72 46.03
C GLN K 162 -13.53 0.91 45.87
N VAL K 163 -12.72 0.10 46.55
CA VAL K 163 -11.27 0.22 46.43
C VAL K 163 -10.83 -0.20 45.03
N ILE K 164 -11.35 -1.31 44.53
CA ILE K 164 -10.97 -1.78 43.20
C ILE K 164 -11.38 -0.76 42.15
N GLU K 165 -12.60 -0.25 42.24
CA GLU K 165 -13.08 0.77 41.30
C GLU K 165 -12.22 2.03 41.36
N SER K 166 -11.89 2.49 42.57
CA SER K 166 -11.15 3.74 42.71
C SER K 166 -9.72 3.61 42.20
N ALA K 167 -9.11 2.43 42.37
CA ALA K 167 -7.75 2.23 41.88
C ALA K 167 -7.73 2.17 40.35
N MET K 168 -8.64 1.40 39.76
CA MET K 168 -8.71 1.25 38.31
C MET K 168 -9.03 2.54 37.58
N GLU K 169 -9.43 3.59 38.29
CA GLU K 169 -9.68 4.88 37.66
C GLU K 169 -8.38 5.63 37.37
N ARG K 170 -7.29 5.27 38.03
CA ARG K 170 -6.02 5.95 37.90
C ARG K 170 -5.16 5.27 36.84
N ASP K 171 -4.77 6.03 35.82
CA ASP K 171 -3.86 5.53 34.79
C ASP K 171 -2.46 5.47 35.37
N ARG K 172 -2.10 4.33 35.97
CA ARG K 172 -0.87 4.24 36.75
C ARG K 172 -0.42 2.78 36.84
N TYR K 173 0.88 2.61 37.09
CA TYR K 173 1.50 1.31 37.33
C TYR K 173 1.86 1.17 38.80
N MET K 174 1.90 -0.08 39.27
CA MET K 174 2.30 -0.37 40.63
C MET K 174 3.60 -1.17 40.65
N SER K 175 4.40 -0.95 41.69
CA SER K 175 5.60 -1.74 41.93
C SER K 175 5.22 -3.07 42.56
N PRO K 176 6.11 -4.07 42.51
CA PRO K 176 5.78 -5.36 43.14
C PRO K 176 5.44 -5.23 44.62
N MET K 177 6.12 -4.35 45.35
CA MET K 177 5.76 -4.13 46.75
C MET K 177 4.44 -3.38 46.87
N GLU K 178 4.21 -2.43 45.98
CA GLU K 178 2.93 -1.73 45.94
C GLU K 178 1.79 -2.71 45.66
N ALA K 179 1.97 -3.56 44.66
CA ALA K 179 0.95 -4.55 44.30
C ALA K 179 0.82 -5.66 45.34
N GLN K 180 1.86 -5.92 46.13
CA GLN K 180 1.76 -6.92 47.18
C GLN K 180 0.84 -6.47 48.30
N GLU K 181 1.01 -5.23 48.77
CA GLU K 181 0.12 -4.69 49.79
C GLU K 181 -1.31 -4.66 49.31
N PHE K 182 -1.52 -4.27 48.04
CA PHE K 182 -2.85 -4.21 47.48
C PHE K 182 -3.52 -5.58 47.41
N GLY K 183 -2.74 -6.66 47.45
CA GLY K 183 -3.27 -8.00 47.38
C GLY K 183 -3.13 -8.69 46.04
N ILE K 184 -2.34 -8.15 45.12
CA ILE K 184 -2.25 -8.72 43.79
C ILE K 184 -1.26 -9.89 43.76
N LEU K 185 -0.15 -9.77 44.50
CA LEU K 185 0.83 -10.84 44.55
C LEU K 185 1.29 -11.01 45.99
N ASP K 186 1.93 -12.14 46.27
CA ASP K 186 2.26 -12.55 47.63
C ASP K 186 3.73 -12.42 47.97
N LYS K 187 4.64 -12.74 47.05
CA LYS K 187 6.06 -12.76 47.34
C LYS K 187 6.82 -11.97 46.28
N VAL K 188 7.79 -11.19 46.72
CA VAL K 188 8.73 -10.48 45.84
C VAL K 188 10.12 -11.08 46.06
N LEU K 189 10.66 -11.71 45.04
CA LEU K 189 11.90 -12.47 45.15
C LEU K 189 12.99 -11.84 44.28
N VAL K 190 14.15 -11.61 44.88
CA VAL K 190 15.35 -11.31 44.11
C VAL K 190 16.14 -12.57 43.80
N HIS K 191 16.32 -13.39 44.83
CA HIS K 191 16.90 -14.73 44.76
C HIS K 191 16.07 -15.64 45.65
N PRO K 192 16.04 -16.96 45.35
CA PRO K 192 15.26 -17.86 46.21
C PRO K 192 15.94 -18.11 47.55
N TYR L 17 5.62 -32.24 18.47
CA TYR L 17 4.29 -32.85 18.55
C TYR L 17 3.25 -31.80 18.93
N ASP L 18 2.36 -31.51 17.98
CA ASP L 18 1.40 -30.44 18.15
C ASP L 18 0.47 -30.71 19.33
N ILE L 19 0.25 -29.69 20.15
CA ILE L 19 -0.66 -29.80 21.29
C ILE L 19 -2.08 -30.08 20.80
N TYR L 20 -2.42 -29.58 19.63
CA TYR L 20 -3.75 -29.82 19.06
C TYR L 20 -3.93 -31.28 18.63
N SER L 21 -2.84 -32.03 18.50
CA SER L 21 -2.94 -33.46 18.26
C SER L 21 -3.32 -34.21 19.53
N ARG L 22 -2.61 -33.93 20.63
CA ARG L 22 -2.98 -34.54 21.90
C ARG L 22 -4.34 -34.06 22.41
N LEU L 23 -4.85 -32.96 21.86
CA LEU L 23 -6.25 -32.61 22.09
C LEU L 23 -7.17 -33.54 21.30
N LEU L 24 -6.83 -33.83 20.04
CA LEU L 24 -7.65 -34.71 19.24
C LEU L 24 -7.65 -36.13 19.81
N ARG L 25 -6.52 -36.55 20.39
CA ARG L 25 -6.48 -37.84 21.08
C ARG L 25 -7.38 -37.87 22.31
N GLU L 26 -7.88 -36.71 22.75
CA GLU L 26 -8.83 -36.63 23.85
C GLU L 26 -10.22 -36.23 23.38
N ARG L 27 -10.47 -36.29 22.07
CA ARG L 27 -11.78 -36.02 21.48
C ARG L 27 -12.25 -34.60 21.81
N ILE L 28 -11.37 -33.64 21.60
CA ILE L 28 -11.66 -32.23 21.81
C ILE L 28 -11.51 -31.50 20.49
N VAL L 29 -12.55 -30.79 20.08
CA VAL L 29 -12.55 -30.01 18.84
C VAL L 29 -12.67 -28.54 19.21
N CYS L 30 -11.70 -27.75 18.76
CA CYS L 30 -11.63 -26.33 19.09
C CYS L 30 -12.23 -25.52 17.96
N VAL L 31 -13.31 -24.80 18.26
CA VAL L 31 -13.90 -23.86 17.32
C VAL L 31 -13.62 -22.45 17.83
N MET L 32 -12.45 -21.91 17.51
CA MET L 32 -12.02 -20.63 18.03
C MET L 32 -11.65 -19.72 16.87
N GLY L 33 -11.90 -18.42 17.05
CA GLY L 33 -11.75 -17.46 15.99
C GLY L 33 -12.99 -17.43 15.11
N PRO L 34 -12.99 -16.56 14.10
CA PRO L 34 -14.14 -16.50 13.19
C PRO L 34 -14.31 -17.81 12.44
N ILE L 35 -15.52 -18.04 11.95
CA ILE L 35 -15.89 -19.26 11.26
C ILE L 35 -16.05 -18.95 9.78
N ASP L 36 -15.24 -19.59 8.95
CA ASP L 36 -15.34 -19.51 7.50
C ASP L 36 -15.26 -20.93 6.93
N ASP L 37 -15.31 -21.02 5.60
CA ASP L 37 -15.24 -22.33 4.96
C ASP L 37 -13.97 -23.08 5.30
N SER L 38 -12.89 -22.37 5.62
CA SER L 38 -11.64 -23.03 5.99
C SER L 38 -11.75 -23.67 7.36
N VAL L 39 -12.32 -22.94 8.34
CA VAL L 39 -12.48 -23.49 9.68
C VAL L 39 -13.44 -24.67 9.66
N ALA L 40 -14.57 -24.52 8.95
CA ALA L 40 -15.58 -25.58 8.93
C ALA L 40 -15.01 -26.88 8.37
N SER L 41 -14.15 -26.79 7.35
CA SER L 41 -13.57 -27.98 6.74
C SER L 41 -12.78 -28.78 7.77
N LEU L 42 -11.96 -28.10 8.57
CA LEU L 42 -11.20 -28.79 9.61
C LEU L 42 -12.11 -29.40 10.65
N VAL L 43 -13.06 -28.62 11.18
CA VAL L 43 -13.94 -29.10 12.24
C VAL L 43 -14.74 -30.31 11.76
N ILE L 44 -15.30 -30.24 10.55
CA ILE L 44 -16.05 -31.36 10.01
C ILE L 44 -15.15 -32.57 9.82
N ALA L 45 -13.93 -32.35 9.32
CA ALA L 45 -12.99 -33.44 9.15
C ALA L 45 -12.63 -34.07 10.49
N GLN L 46 -12.42 -33.25 11.52
CA GLN L 46 -12.11 -33.77 12.84
C GLN L 46 -13.30 -34.52 13.43
N LEU L 47 -14.53 -34.06 13.14
CA LEU L 47 -15.71 -34.74 13.66
C LEU L 47 -15.91 -36.10 13.00
N LEU L 48 -15.81 -36.16 11.68
CA LEU L 48 -15.91 -37.45 10.99
C LEU L 48 -14.82 -38.41 11.43
N PHE L 49 -13.62 -37.89 11.74
CA PHE L 49 -12.54 -38.75 12.21
C PHE L 49 -12.88 -39.40 13.54
N LEU L 50 -13.27 -38.59 14.52
CA LEU L 50 -13.53 -39.12 15.86
C LEU L 50 -14.69 -40.12 15.85
N GLN L 51 -15.64 -39.95 14.92
CA GLN L 51 -16.73 -40.91 14.81
C GLN L 51 -16.24 -42.29 14.39
N SER L 52 -15.25 -42.33 13.50
CA SER L 52 -14.71 -43.62 13.07
C SER L 52 -14.03 -44.36 14.21
N GLU L 53 -13.29 -43.63 15.06
CA GLU L 53 -12.67 -44.26 16.21
C GLU L 53 -13.71 -44.86 17.15
N SER L 54 -14.85 -44.17 17.29
CA SER L 54 -15.96 -44.65 18.10
C SER L 54 -17.21 -43.81 17.88
N ASN L 55 -18.27 -44.41 17.34
CA ASN L 55 -19.54 -43.71 17.21
C ASN L 55 -20.31 -43.67 18.52
N LYS L 56 -19.67 -44.04 19.63
CA LYS L 56 -20.30 -44.07 20.95
C LYS L 56 -19.59 -43.19 21.96
N LYS L 57 -18.27 -43.07 21.89
CA LYS L 57 -17.55 -42.21 22.83
C LYS L 57 -17.88 -40.75 22.56
N PRO L 58 -18.17 -39.97 23.59
CA PRO L 58 -18.59 -38.58 23.36
C PRO L 58 -17.45 -37.70 22.86
N ILE L 59 -17.83 -36.55 22.31
CA ILE L 59 -16.92 -35.57 21.75
C ILE L 59 -17.12 -34.23 22.43
N HIS L 60 -16.03 -33.55 22.74
CA HIS L 60 -16.06 -32.25 23.40
C HIS L 60 -15.70 -31.16 22.41
N MET L 61 -16.55 -30.15 22.30
CA MET L 61 -16.36 -29.05 21.35
C MET L 61 -16.19 -27.76 22.13
N ALA L 62 -14.98 -27.21 22.13
CA ALA L 62 -14.67 -25.96 22.79
C ALA L 62 -14.93 -24.80 21.83
N ILE L 63 -15.70 -23.82 22.27
CA ILE L 63 -16.17 -22.74 21.42
C ILE L 63 -15.70 -21.42 22.00
N ASN L 64 -14.94 -20.66 21.19
CA ASN L 64 -14.54 -19.30 21.50
C ASN L 64 -14.55 -18.51 20.19
N SER L 65 -15.75 -18.21 19.69
CA SER L 65 -15.89 -17.63 18.37
C SER L 65 -16.87 -16.46 18.41
N PRO L 66 -16.59 -15.40 17.66
CA PRO L 66 -17.56 -14.30 17.52
C PRO L 66 -18.57 -14.49 16.39
N GLY L 67 -18.55 -15.62 15.70
CA GLY L 67 -19.43 -15.87 14.59
C GLY L 67 -18.68 -16.18 13.31
N GLY L 68 -19.28 -15.83 12.19
CA GLY L 68 -18.67 -16.01 10.89
C GLY L 68 -19.73 -16.21 9.82
N VAL L 69 -19.33 -16.92 8.77
CA VAL L 69 -20.23 -17.17 7.64
C VAL L 69 -21.31 -18.15 8.05
N VAL L 70 -22.55 -17.86 7.66
CA VAL L 70 -23.68 -18.68 8.07
C VAL L 70 -23.60 -20.07 7.45
N THR L 71 -23.41 -20.14 6.14
CA THR L 71 -23.36 -21.44 5.47
C THR L 71 -22.22 -22.29 6.00
N ALA L 72 -21.09 -21.66 6.32
CA ALA L 72 -19.99 -22.41 6.94
C ALA L 72 -20.38 -22.88 8.34
N GLY L 73 -21.10 -22.05 9.08
CA GLY L 73 -21.58 -22.45 10.39
C GLY L 73 -22.65 -23.53 10.30
N LEU L 74 -23.62 -23.37 9.39
CA LEU L 74 -24.64 -24.39 9.21
C LEU L 74 -24.04 -25.71 8.75
N ALA L 75 -22.91 -25.65 8.03
CA ALA L 75 -22.21 -26.87 7.64
C ALA L 75 -21.75 -27.65 8.85
N ILE L 76 -21.18 -26.97 9.84
CA ILE L 76 -20.78 -27.62 11.08
C ILE L 76 -22.00 -28.12 11.83
N TYR L 77 -23.08 -27.32 11.87
CA TYR L 77 -24.27 -27.70 12.60
C TYR L 77 -24.86 -29.02 12.09
N ASP L 78 -25.11 -29.10 10.79
CA ASP L 78 -25.66 -30.32 10.22
C ASP L 78 -24.72 -31.51 10.45
N THR L 79 -23.41 -31.28 10.44
CA THR L 79 -22.47 -32.35 10.69
C THR L 79 -22.52 -32.81 12.14
N MET L 80 -22.69 -31.86 13.07
CA MET L 80 -22.86 -32.23 14.47
C MET L 80 -24.09 -33.10 14.66
N GLN L 81 -25.18 -32.77 13.99
CA GLN L 81 -26.41 -33.56 14.10
C GLN L 81 -26.29 -34.88 13.34
N TYR L 82 -25.57 -34.90 12.21
CA TYR L 82 -25.50 -36.11 11.39
C TYR L 82 -24.86 -37.26 12.17
N ILE L 83 -23.69 -37.02 12.76
CA ILE L 83 -22.97 -38.10 13.42
C ILE L 83 -23.76 -38.59 14.63
N LEU L 84 -23.43 -39.81 15.07
CA LEU L 84 -24.16 -40.45 16.16
C LEU L 84 -23.57 -40.15 17.52
N ASN L 85 -22.34 -39.62 17.58
CA ASN L 85 -21.69 -39.38 18.86
C ASN L 85 -22.42 -38.29 19.65
N PRO L 86 -22.43 -38.39 20.97
CA PRO L 86 -22.83 -37.26 21.80
C PRO L 86 -21.79 -36.16 21.73
N ILE L 87 -22.25 -34.93 21.80
CA ILE L 87 -21.38 -33.76 21.63
C ILE L 87 -21.53 -32.86 22.85
N CYS L 88 -20.45 -32.73 23.62
CA CYS L 88 -20.40 -31.81 24.74
C CYS L 88 -19.84 -30.49 24.26
N THR L 89 -20.63 -29.43 24.38
CA THR L 89 -20.20 -28.09 23.97
C THR L 89 -19.77 -27.29 25.20
N TRP L 90 -18.70 -26.54 25.05
CA TRP L 90 -18.14 -25.72 26.12
C TRP L 90 -17.92 -24.31 25.59
N CYS L 91 -18.60 -23.34 26.18
CA CYS L 91 -18.41 -21.94 25.83
C CYS L 91 -17.29 -21.36 26.69
N VAL L 92 -16.20 -20.98 26.03
CA VAL L 92 -15.02 -20.44 26.68
C VAL L 92 -14.75 -19.06 26.08
N GLY L 93 -14.65 -18.06 26.94
CA GLY L 93 -14.49 -16.69 26.47
C GLY L 93 -15.79 -16.09 25.99
N GLN L 94 -16.20 -16.45 24.78
CA GLN L 94 -17.46 -15.96 24.24
C GLN L 94 -17.93 -16.92 23.15
N ALA L 95 -19.24 -16.87 22.89
CA ALA L 95 -19.86 -17.60 21.79
C ALA L 95 -20.95 -16.70 21.22
N ALA L 96 -20.64 -16.02 20.12
CA ALA L 96 -21.56 -15.06 19.51
C ALA L 96 -21.92 -15.48 18.09
N SER L 97 -23.07 -15.00 17.63
CA SER L 97 -23.59 -15.22 16.28
C SER L 97 -23.67 -16.73 16.05
N MET L 98 -23.06 -17.27 15.00
CA MET L 98 -23.10 -18.71 14.73
C MET L 98 -22.44 -19.53 15.83
N GLY L 99 -21.55 -18.92 16.61
CA GLY L 99 -20.90 -19.65 17.68
C GLY L 99 -21.89 -20.11 18.75
N SER L 100 -22.84 -19.24 19.11
CA SER L 100 -23.87 -19.65 20.06
C SER L 100 -24.79 -20.71 19.47
N LEU L 101 -25.00 -20.70 18.16
CA LEU L 101 -25.81 -21.72 17.53
C LEU L 101 -25.16 -23.10 17.69
N LEU L 102 -23.86 -23.19 17.45
CA LEU L 102 -23.14 -24.44 17.70
C LEU L 102 -23.15 -24.80 19.18
N LEU L 103 -23.14 -23.80 20.06
CA LEU L 103 -23.18 -24.07 21.49
C LEU L 103 -24.51 -24.73 21.87
N ALA L 104 -25.62 -24.18 21.38
CA ALA L 104 -26.93 -24.74 21.68
C ALA L 104 -27.17 -26.07 20.97
N ALA L 105 -26.37 -26.39 19.95
CA ALA L 105 -26.55 -27.61 19.17
C ALA L 105 -25.96 -28.83 19.85
N GLY L 106 -25.42 -28.70 21.06
CA GLY L 106 -24.89 -29.85 21.76
C GLY L 106 -25.96 -30.83 22.19
N THR L 107 -25.51 -32.01 22.59
CA THR L 107 -26.41 -33.04 23.07
C THR L 107 -27.12 -32.56 24.33
N PRO L 108 -28.44 -32.69 24.42
CA PRO L 108 -29.16 -32.18 25.60
C PRO L 108 -28.62 -32.77 26.89
N GLY L 109 -28.35 -31.90 27.86
CA GLY L 109 -27.70 -32.29 29.09
C GLY L 109 -26.19 -32.20 29.05
N MET L 110 -25.59 -31.89 27.91
CA MET L 110 -24.15 -31.83 27.76
C MET L 110 -23.66 -30.48 27.21
N ARG L 111 -24.46 -29.43 27.33
CA ARG L 111 -24.09 -28.10 26.87
C ARG L 111 -23.64 -27.29 28.08
N HIS L 112 -22.34 -27.01 28.16
CA HIS L 112 -21.73 -26.38 29.32
C HIS L 112 -21.27 -24.96 28.97
N SER L 113 -20.80 -24.26 29.99
CA SER L 113 -20.22 -22.92 29.84
C SER L 113 -19.45 -22.57 31.10
N LEU L 114 -18.37 -21.83 30.92
CA LEU L 114 -17.58 -21.35 32.04
C LEU L 114 -18.21 -20.08 32.60
N PRO L 115 -17.90 -19.72 33.86
CA PRO L 115 -18.72 -18.70 34.53
C PRO L 115 -18.67 -17.31 33.92
N ASN L 116 -17.52 -16.88 33.40
CA ASN L 116 -17.37 -15.53 32.88
C ASN L 116 -17.54 -15.45 31.36
N SER L 117 -18.00 -16.52 30.72
CA SER L 117 -18.22 -16.48 29.28
C SER L 117 -19.40 -15.56 28.94
N ARG L 118 -19.48 -15.20 27.67
CA ARG L 118 -20.56 -14.34 27.18
C ARG L 118 -21.20 -15.00 25.96
N ILE L 119 -22.53 -14.99 25.92
CA ILE L 119 -23.29 -15.63 24.85
C ILE L 119 -24.09 -14.57 24.13
N MET L 120 -24.02 -14.59 22.80
CA MET L 120 -24.75 -13.66 21.96
C MET L 120 -25.38 -14.42 20.81
N ILE L 121 -26.68 -14.21 20.60
CA ILE L 121 -27.40 -14.81 19.48
C ILE L 121 -27.85 -13.79 18.45
N HIS L 122 -27.71 -12.50 18.74
CA HIS L 122 -27.98 -11.45 17.77
C HIS L 122 -26.99 -11.52 16.60
N GLN L 123 -27.49 -11.26 15.40
CA GLN L 123 -26.69 -11.27 14.17
C GLN L 123 -26.22 -9.87 13.85
N PRO L 124 -24.93 -9.68 13.54
CA PRO L 124 -24.34 -8.36 13.28
C PRO L 124 -24.82 -7.75 11.96
N ILE L 135 -20.36 -15.25 -0.16
CA ILE L 135 -20.75 -14.68 -1.44
C ILE L 135 -21.70 -13.49 -1.22
N ALA L 136 -22.33 -13.04 -2.29
CA ALA L 136 -23.31 -11.96 -2.24
C ALA L 136 -24.69 -12.53 -2.54
N ILE L 137 -25.65 -12.24 -1.66
CA ILE L 137 -26.96 -12.87 -1.72
C ILE L 137 -28.03 -11.80 -1.95
N GLN L 138 -29.24 -12.28 -2.23
CA GLN L 138 -30.40 -11.43 -2.47
C GLN L 138 -31.16 -11.20 -1.17
N ALA L 139 -32.12 -10.27 -1.22
CA ALA L 139 -32.88 -9.91 -0.03
C ALA L 139 -33.70 -11.10 0.47
N GLU L 140 -34.38 -11.79 -0.44
CA GLU L 140 -35.16 -12.96 -0.07
C GLU L 140 -34.30 -14.09 0.46
N GLU L 141 -33.02 -14.11 0.09
CA GLU L 141 -32.15 -15.21 0.49
CA GLU L 141 -32.16 -15.22 0.50
C GLU L 141 -31.67 -15.05 1.93
N ILE L 142 -31.32 -13.83 2.32
CA ILE L 142 -30.87 -13.61 3.70
C ILE L 142 -32.00 -13.92 4.67
N MET L 143 -33.24 -13.60 4.29
CA MET L 143 -34.39 -13.92 5.12
C MET L 143 -34.64 -15.43 5.16
N LYS L 144 -34.35 -16.14 4.08
CA LYS L 144 -34.43 -17.60 4.09
C LYS L 144 -33.47 -18.18 5.12
N LEU L 145 -32.23 -17.68 5.14
CA LEU L 145 -31.26 -18.14 6.12
C LEU L 145 -31.64 -17.69 7.53
N LYS L 146 -32.16 -16.46 7.66
CA LYS L 146 -32.54 -15.96 8.97
C LYS L 146 -33.65 -16.81 9.59
N LYS L 147 -34.74 -17.03 8.84
CA LYS L 147 -35.79 -17.94 9.30
C LYS L 147 -35.25 -19.34 9.52
N GLN L 148 -34.25 -19.73 8.72
CA GLN L 148 -33.59 -21.02 8.93
C GLN L 148 -32.85 -21.05 10.26
N LEU L 149 -32.31 -19.91 10.70
CA LEU L 149 -31.67 -19.82 12.01
C LEU L 149 -32.71 -19.82 13.13
N TYR L 150 -33.84 -19.14 12.91
CA TYR L 150 -34.92 -19.14 13.90
C TYR L 150 -35.32 -20.56 14.28
N ASN L 151 -35.50 -21.42 13.28
CA ASN L 151 -35.99 -22.78 13.53
C ASN L 151 -34.96 -23.60 14.29
N ILE L 152 -33.68 -23.44 13.97
CA ILE L 152 -32.63 -24.20 14.64
C ILE L 152 -32.55 -23.81 16.10
N TYR L 153 -32.60 -22.52 16.40
CA TYR L 153 -32.60 -22.08 17.79
C TYR L 153 -33.81 -22.62 18.53
N ALA L 154 -35.01 -22.41 17.99
CA ALA L 154 -36.23 -22.87 18.64
C ALA L 154 -36.20 -24.38 18.89
N LYS L 155 -35.57 -25.13 17.98
CA LYS L 155 -35.50 -26.58 18.15
C LYS L 155 -34.67 -26.98 19.35
N HIS L 156 -33.51 -26.34 19.55
CA HIS L 156 -32.60 -26.74 20.61
C HIS L 156 -32.82 -25.99 21.92
N THR L 157 -33.35 -24.77 21.86
CA THR L 157 -33.70 -24.04 23.08
C THR L 157 -35.14 -24.24 23.52
N LYS L 158 -35.95 -24.91 22.70
CA LYS L 158 -37.35 -25.20 23.04
C LYS L 158 -38.15 -23.92 23.32
N GLN L 159 -37.75 -22.82 22.71
CA GLN L 159 -38.47 -21.56 22.82
C GLN L 159 -39.35 -21.36 21.60
N SER L 160 -40.25 -20.39 21.68
CA SER L 160 -41.13 -20.09 20.56
C SER L 160 -40.41 -19.27 19.51
N LEU L 161 -40.91 -19.36 18.27
CA LEU L 161 -40.33 -18.61 17.16
C LEU L 161 -40.40 -17.11 17.41
N GLN L 162 -41.50 -16.64 18.02
CA GLN L 162 -41.64 -15.21 18.28
C GLN L 162 -40.60 -14.73 19.29
N VAL L 163 -40.28 -15.56 20.29
CA VAL L 163 -39.26 -15.19 21.27
C VAL L 163 -37.89 -15.10 20.62
N ILE L 164 -37.54 -16.09 19.77
CA ILE L 164 -36.24 -16.10 19.12
C ILE L 164 -36.07 -14.86 18.26
N GLU L 165 -37.10 -14.49 17.50
CA GLU L 165 -37.04 -13.28 16.67
C GLU L 165 -36.78 -12.05 17.53
N SER L 166 -37.48 -11.94 18.66
CA SER L 166 -37.30 -10.79 19.54
C SER L 166 -35.94 -10.80 20.21
N ALA L 167 -35.44 -11.99 20.55
CA ALA L 167 -34.13 -12.09 21.19
C ALA L 167 -33.01 -11.75 20.22
N MET L 168 -33.03 -12.35 19.03
CA MET L 168 -32.01 -12.09 18.03
C MET L 168 -32.04 -10.65 17.52
N GLU L 169 -33.11 -9.90 17.80
CA GLU L 169 -33.19 -8.51 17.41
C GLU L 169 -32.44 -7.59 18.36
N ARG L 170 -32.15 -8.05 19.56
CA ARG L 170 -31.52 -7.23 20.59
C ARG L 170 -30.01 -7.38 20.53
N ASP L 171 -29.31 -6.27 20.29
CA ASP L 171 -27.85 -6.26 20.30
C ASP L 171 -27.37 -6.35 21.73
N ARG L 172 -27.19 -7.56 22.24
CA ARG L 172 -26.90 -7.77 23.65
C ARG L 172 -26.22 -9.12 23.83
N TYR L 173 -25.49 -9.25 24.92
CA TYR L 173 -24.86 -10.50 25.33
C TYR L 173 -25.60 -11.07 26.54
N MET L 174 -25.52 -12.37 26.71
CA MET L 174 -26.12 -13.04 27.86
C MET L 174 -25.04 -13.67 28.73
N SER L 175 -25.31 -13.72 30.03
CA SER L 175 -24.43 -14.41 30.95
C SER L 175 -24.66 -15.92 30.84
N PRO L 176 -23.71 -16.72 31.32
CA PRO L 176 -23.91 -18.18 31.27
C PRO L 176 -25.19 -18.63 31.95
N MET L 177 -25.55 -17.97 33.06
CA MET L 177 -26.81 -18.30 33.72
C MET L 177 -28.00 -17.82 32.91
N GLU L 178 -27.88 -16.65 32.28
CA GLU L 178 -28.94 -16.17 31.40
C GLU L 178 -29.17 -17.13 30.24
N ALA L 179 -28.09 -17.60 29.61
CA ALA L 179 -28.21 -18.52 28.49
C ALA L 179 -28.77 -19.87 28.93
N GLN L 180 -28.60 -20.24 30.19
CA GLN L 180 -29.25 -21.45 30.70
C GLN L 180 -30.76 -21.25 30.81
N GLU L 181 -31.18 -20.09 31.27
CA GLU L 181 -32.61 -19.79 31.38
C GLU L 181 -33.25 -19.68 30.00
N PHE L 182 -32.49 -19.26 28.99
CA PHE L 182 -33.01 -19.17 27.63
C PHE L 182 -33.09 -20.53 26.94
N GLY L 183 -32.33 -21.51 27.42
CA GLY L 183 -32.32 -22.82 26.81
C GLY L 183 -31.12 -23.11 25.93
N ILE L 184 -30.08 -22.28 25.99
CA ILE L 184 -28.93 -22.46 25.11
C ILE L 184 -27.96 -23.48 25.67
N LEU L 185 -27.75 -23.48 26.98
CA LEU L 185 -26.85 -24.44 27.61
C LEU L 185 -27.47 -24.95 28.89
N ASP L 186 -26.90 -26.04 29.41
CA ASP L 186 -27.48 -26.80 30.51
C ASP L 186 -26.77 -26.59 31.83
N LYS L 187 -25.44 -26.52 31.84
CA LYS L 187 -24.67 -26.47 33.07
C LYS L 187 -23.65 -25.34 33.02
N VAL L 188 -23.52 -24.64 34.15
CA VAL L 188 -22.47 -23.64 34.34
C VAL L 188 -21.58 -24.17 35.47
N LEU L 189 -20.32 -24.46 35.14
CA LEU L 189 -19.41 -25.14 36.05
C LEU L 189 -18.24 -24.24 36.41
N VAL L 190 -17.95 -24.15 37.71
CA VAL L 190 -16.71 -23.53 38.17
C VAL L 190 -15.61 -24.56 38.32
N HIS L 191 -15.94 -25.72 38.89
CA HIS L 191 -15.05 -26.86 39.02
C HIS L 191 -15.78 -28.11 38.56
N PRO L 192 -15.06 -29.14 38.11
CA PRO L 192 -15.73 -30.36 37.66
C PRO L 192 -16.29 -31.20 38.80
N TYR M 17 -1.42 -38.87 9.86
CA TYR M 17 -0.80 -37.57 10.00
C TYR M 17 -1.83 -36.45 9.88
N ASP M 18 -1.64 -35.58 8.89
CA ASP M 18 -2.61 -34.52 8.63
C ASP M 18 -3.99 -35.10 8.36
N ILE M 19 -5.01 -34.45 8.92
CA ILE M 19 -6.38 -34.94 8.77
C ILE M 19 -6.78 -35.02 7.30
N TYR M 20 -6.24 -34.12 6.47
CA TYR M 20 -6.57 -34.17 5.05
C TYR M 20 -5.89 -35.34 4.35
N SER M 21 -4.81 -35.87 4.92
CA SER M 21 -4.23 -37.11 4.42
C SER M 21 -4.99 -38.32 4.94
N ARG M 22 -5.48 -38.26 6.18
CA ARG M 22 -6.31 -39.34 6.70
C ARG M 22 -7.62 -39.44 5.91
N LEU M 23 -8.17 -38.31 5.50
CA LEU M 23 -9.37 -38.30 4.67
C LEU M 23 -9.15 -39.05 3.36
N LEU M 24 -7.98 -38.85 2.74
CA LEU M 24 -7.69 -39.53 1.47
C LEU M 24 -7.63 -41.04 1.66
N ARG M 25 -7.10 -41.49 2.80
CA ARG M 25 -7.08 -42.92 3.11
C ARG M 25 -8.48 -43.49 3.31
N GLU M 26 -9.50 -42.65 3.39
CA GLU M 26 -10.88 -43.08 3.51
C GLU M 26 -11.67 -42.80 2.24
N ARG M 27 -10.99 -42.52 1.14
CA ARG M 27 -11.62 -42.27 -0.17
C ARG M 27 -12.58 -41.08 -0.07
N ILE M 28 -12.10 -40.00 0.54
CA ILE M 28 -12.85 -38.77 0.67
C ILE M 28 -12.05 -37.66 -0.01
N VAL M 29 -12.69 -36.98 -0.96
CA VAL M 29 -12.08 -35.86 -1.67
C VAL M 29 -12.85 -34.60 -1.30
N CYS M 30 -12.14 -33.61 -0.76
CA CYS M 30 -12.77 -32.40 -0.26
C CYS M 30 -12.71 -31.33 -1.35
N VAL M 31 -13.88 -30.90 -1.81
CA VAL M 31 -13.99 -29.77 -2.72
C VAL M 31 -14.65 -28.64 -1.96
N MET M 32 -13.87 -27.92 -1.16
CA MET M 32 -14.37 -26.85 -0.32
C MET M 32 -13.65 -25.55 -0.68
N GLY M 33 -14.37 -24.44 -0.52
CA GLY M 33 -13.85 -23.15 -0.93
C GLY M 33 -14.03 -22.93 -2.42
N PRO M 34 -13.62 -21.76 -2.91
CA PRO M 34 -13.73 -21.49 -4.34
C PRO M 34 -12.87 -22.43 -5.17
N ILE M 35 -13.25 -22.55 -6.44
CA ILE M 35 -12.61 -23.47 -7.38
C ILE M 35 -11.79 -22.66 -8.37
N ASP M 36 -10.50 -22.94 -8.44
CA ASP M 36 -9.61 -22.36 -9.44
C ASP M 36 -8.79 -23.49 -10.06
N ASP M 37 -7.90 -23.12 -10.98
CA ASP M 37 -7.04 -24.11 -11.62
C ASP M 37 -6.17 -24.84 -10.60
N SER M 38 -5.85 -24.19 -9.49
CA SER M 38 -5.04 -24.83 -8.45
C SER M 38 -5.81 -25.90 -7.71
N VAL M 39 -7.07 -25.63 -7.37
CA VAL M 39 -7.88 -26.61 -6.67
C VAL M 39 -8.10 -27.84 -7.54
N ALA M 40 -8.38 -27.63 -8.83
CA ALA M 40 -8.66 -28.74 -9.73
C ALA M 40 -7.49 -29.73 -9.77
N SER M 41 -6.26 -29.21 -9.77
CA SER M 41 -5.10 -30.09 -9.79
C SER M 41 -5.11 -31.04 -8.59
N LEU M 42 -5.43 -30.53 -7.40
CA LEU M 42 -5.53 -31.38 -6.22
C LEU M 42 -6.66 -32.40 -6.40
N VAL M 43 -7.87 -31.92 -6.74
CA VAL M 43 -9.02 -32.80 -6.86
C VAL M 43 -8.79 -33.85 -7.94
N ILE M 44 -8.31 -33.42 -9.11
CA ILE M 44 -8.07 -34.35 -10.21
C ILE M 44 -7.00 -35.39 -9.82
N ALA M 45 -5.92 -34.94 -9.18
CA ALA M 45 -4.89 -35.87 -8.76
C ALA M 45 -5.41 -36.87 -7.73
N GLN M 46 -6.18 -36.39 -6.75
CA GLN M 46 -6.73 -37.29 -5.74
C GLN M 46 -7.73 -38.26 -6.36
N LEU M 47 -8.49 -37.82 -7.36
CA LEU M 47 -9.43 -38.73 -8.01
C LEU M 47 -8.68 -39.80 -8.80
N LEU M 48 -7.67 -39.38 -9.57
CA LEU M 48 -6.84 -40.35 -10.29
C LEU M 48 -6.14 -41.31 -9.34
N PHE M 49 -5.75 -40.83 -8.15
CA PHE M 49 -5.11 -41.70 -7.18
C PHE M 49 -6.06 -42.77 -6.66
N LEU M 50 -7.24 -42.35 -6.19
CA LEU M 50 -8.18 -43.30 -5.59
C LEU M 50 -8.64 -44.34 -6.59
N GLN M 51 -8.69 -44.00 -7.89
CA GLN M 51 -9.04 -44.99 -8.89
C GLN M 51 -8.00 -46.08 -8.98
N SER M 52 -6.72 -45.72 -8.84
CA SER M 52 -5.65 -46.72 -8.88
C SER M 52 -5.75 -47.67 -7.70
N GLU M 53 -6.10 -47.16 -6.51
CA GLU M 53 -6.25 -48.04 -5.35
C GLU M 53 -7.37 -49.05 -5.59
N SER M 54 -8.45 -48.63 -6.26
CA SER M 54 -9.56 -49.51 -6.61
C SER M 54 -10.47 -48.80 -7.59
N ASN M 55 -10.61 -49.34 -8.80
CA ASN M 55 -11.54 -48.78 -9.78
C ASN M 55 -12.99 -49.16 -9.50
N LYS M 56 -13.28 -49.77 -8.36
CA LYS M 56 -14.63 -50.18 -7.99
C LYS M 56 -15.12 -49.58 -6.69
N LYS M 57 -14.23 -49.39 -5.71
CA LYS M 57 -14.65 -48.81 -4.44
C LYS M 57 -15.06 -47.35 -4.66
N PRO M 58 -16.17 -46.91 -4.09
CA PRO M 58 -16.66 -45.56 -4.37
C PRO M 58 -15.76 -44.49 -3.78
N ILE M 59 -15.96 -43.28 -4.27
CA ILE M 59 -15.22 -42.11 -3.84
C ILE M 59 -16.22 -41.10 -3.30
N HIS M 60 -15.90 -40.48 -2.18
CA HIS M 60 -16.80 -39.52 -1.54
C HIS M 60 -16.26 -38.11 -1.74
N MET M 61 -17.11 -37.24 -2.29
CA MET M 61 -16.74 -35.87 -2.60
C MET M 61 -17.59 -34.93 -1.76
N ALA M 62 -16.97 -34.31 -0.76
CA ALA M 62 -17.65 -33.34 0.09
C ALA M 62 -17.52 -31.97 -0.54
N ILE M 63 -18.65 -31.29 -0.72
CA ILE M 63 -18.71 -30.04 -1.48
C ILE M 63 -19.25 -28.95 -0.58
N ASN M 64 -18.45 -27.88 -0.41
CA ASN M 64 -18.86 -26.66 0.28
C ASN M 64 -18.22 -25.50 -0.49
N SER M 65 -18.75 -25.19 -1.65
CA SER M 65 -18.12 -24.23 -2.55
C SER M 65 -19.14 -23.23 -3.08
N PRO M 66 -18.75 -21.97 -3.22
CA PRO M 66 -19.61 -20.98 -3.87
C PRO M 66 -19.45 -20.89 -5.38
N GLY M 67 -18.61 -21.74 -5.97
CA GLY M 67 -18.36 -21.69 -7.41
C GLY M 67 -16.88 -21.50 -7.69
N GLY M 68 -16.61 -20.85 -8.81
CA GLY M 68 -15.25 -20.54 -9.20
C GLY M 68 -15.13 -20.44 -10.71
N VAL M 69 -13.93 -20.73 -11.21
CA VAL M 69 -13.68 -20.67 -12.64
C VAL M 69 -14.40 -21.82 -13.34
N VAL M 70 -15.05 -21.51 -14.47
CA VAL M 70 -15.84 -22.51 -15.17
C VAL M 70 -14.94 -23.59 -15.75
N THR M 71 -13.89 -23.20 -16.48
CA THR M 71 -13.00 -24.18 -17.09
C THR M 71 -12.34 -25.05 -16.03
N ALA M 72 -12.01 -24.48 -14.87
CA ALA M 72 -11.46 -25.28 -13.78
C ALA M 72 -12.51 -26.24 -13.24
N GLY M 73 -13.77 -25.80 -13.15
CA GLY M 73 -14.83 -26.68 -12.71
C GLY M 73 -15.11 -27.80 -13.70
N LEU M 74 -15.16 -27.46 -14.99
CA LEU M 74 -15.37 -28.48 -16.03
C LEU M 74 -14.25 -29.51 -16.04
N ALA M 75 -13.04 -29.10 -15.64
CA ALA M 75 -11.92 -30.04 -15.53
C ALA M 75 -12.22 -31.12 -14.49
N ILE M 76 -12.74 -30.72 -13.33
CA ILE M 76 -13.13 -31.69 -12.31
C ILE M 76 -14.28 -32.55 -12.80
N TYR M 77 -15.27 -31.92 -13.47
CA TYR M 77 -16.42 -32.65 -13.96
C TYR M 77 -16.02 -33.74 -14.94
N ASP M 78 -15.23 -33.38 -15.95
CA ASP M 78 -14.77 -34.36 -16.94
C ASP M 78 -13.99 -35.48 -16.27
N THR M 79 -13.23 -35.17 -15.22
CA THR M 79 -12.47 -36.19 -14.52
C THR M 79 -13.38 -37.12 -13.74
N MET M 80 -14.44 -36.57 -13.14
CA MET M 80 -15.41 -37.40 -12.44
C MET M 80 -16.06 -38.42 -13.37
N GLN M 81 -16.40 -38.01 -14.59
CA GLN M 81 -17.03 -38.93 -15.53
C GLN M 81 -16.02 -39.92 -16.12
N TYR M 82 -14.77 -39.49 -16.31
CA TYR M 82 -13.79 -40.37 -16.95
C TYR M 82 -13.54 -41.62 -16.11
N ILE M 83 -13.25 -41.44 -14.82
CA ILE M 83 -12.89 -42.59 -13.98
C ILE M 83 -14.08 -43.54 -13.85
N LEU M 84 -13.78 -44.77 -13.47
CA LEU M 84 -14.79 -45.81 -13.37
C LEU M 84 -15.44 -45.90 -12.00
N ASN M 85 -14.84 -45.31 -10.98
CA ASN M 85 -15.37 -45.43 -9.64
C ASN M 85 -16.71 -44.70 -9.51
N PRO M 86 -17.64 -45.23 -8.73
CA PRO M 86 -18.80 -44.43 -8.34
C PRO M 86 -18.38 -43.32 -7.39
N ILE M 87 -19.06 -42.18 -7.50
CA ILE M 87 -18.71 -41.00 -6.74
C ILE M 87 -19.94 -40.57 -5.95
N CYS M 88 -19.84 -40.62 -4.63
CA CYS M 88 -20.90 -40.15 -3.75
C CYS M 88 -20.62 -38.68 -3.43
N THR M 89 -21.55 -37.82 -3.81
CA THR M 89 -21.42 -36.38 -3.57
C THR M 89 -22.25 -35.99 -2.35
N TRP M 90 -21.69 -35.10 -1.54
CA TRP M 90 -22.34 -34.64 -0.32
C TRP M 90 -22.29 -33.12 -0.32
N CYS M 91 -23.46 -32.49 -0.33
CA CYS M 91 -23.55 -31.03 -0.25
C CYS M 91 -23.60 -30.62 1.21
N VAL M 92 -22.57 -29.91 1.65
CA VAL M 92 -22.44 -29.43 3.03
C VAL M 92 -22.27 -27.92 2.99
N GLY M 93 -23.12 -27.21 3.72
CA GLY M 93 -23.09 -25.76 3.71
C GLY M 93 -23.80 -25.17 2.50
N GLN M 94 -23.15 -25.17 1.35
CA GLN M 94 -23.76 -24.65 0.13
C GLN M 94 -23.06 -25.25 -1.08
N ALA M 95 -23.77 -25.22 -2.21
CA ALA M 95 -23.20 -25.63 -3.49
C ALA M 95 -23.77 -24.68 -4.54
N ALA M 96 -22.97 -23.68 -4.92
CA ALA M 96 -23.38 -22.66 -5.88
C ALA M 96 -22.46 -22.68 -7.09
N SER M 97 -22.99 -22.18 -8.21
CA SER M 97 -22.27 -22.03 -9.49
C SER M 97 -21.73 -23.41 -9.87
N MET M 98 -20.42 -23.55 -10.12
CA MET M 98 -19.86 -24.84 -10.50
C MET M 98 -20.01 -25.89 -9.40
N GLY M 99 -20.21 -25.47 -8.16
CA GLY M 99 -20.37 -26.43 -7.07
C GLY M 99 -21.61 -27.27 -7.24
N SER M 100 -22.72 -26.66 -7.69
CA SER M 100 -23.94 -27.42 -7.92
C SER M 100 -23.77 -28.38 -9.10
N LEU M 101 -22.95 -28.01 -10.09
CA LEU M 101 -22.68 -28.90 -11.20
C LEU M 101 -21.96 -30.16 -10.74
N LEU M 102 -20.95 -30.00 -9.89
CA LEU M 102 -20.25 -31.15 -9.34
C LEU M 102 -21.16 -32.00 -8.46
N LEU M 103 -22.10 -31.37 -7.75
CA LEU M 103 -23.02 -32.13 -6.91
C LEU M 103 -23.94 -33.01 -7.76
N ALA M 104 -24.53 -32.44 -8.81
CA ALA M 104 -25.41 -33.21 -9.69
C ALA M 104 -24.64 -34.20 -10.54
N ALA M 105 -23.33 -34.03 -10.68
CA ALA M 105 -22.51 -34.92 -11.50
C ALA M 105 -22.17 -36.22 -10.80
N GLY M 106 -22.63 -36.42 -9.58
CA GLY M 106 -22.39 -37.66 -8.87
C GLY M 106 -23.14 -38.81 -9.50
N THR M 107 -22.77 -40.02 -9.08
CA THR M 107 -23.45 -41.21 -9.57
C THR M 107 -24.92 -41.18 -9.16
N PRO M 108 -25.84 -41.42 -10.08
CA PRO M 108 -27.27 -41.34 -9.74
C PRO M 108 -27.61 -42.28 -8.58
N GLY M 109 -28.33 -41.74 -7.60
CA GLY M 109 -28.60 -42.45 -6.37
C GLY M 109 -27.59 -42.24 -5.28
N MET M 110 -26.50 -41.52 -5.54
CA MET M 110 -25.45 -41.28 -4.56
C MET M 110 -25.17 -39.80 -4.34
N ARG M 111 -26.12 -38.93 -4.69
CA ARG M 111 -26.00 -37.49 -4.51
C ARG M 111 -26.80 -37.10 -3.28
N HIS M 112 -26.10 -36.70 -2.22
CA HIS M 112 -26.70 -36.42 -0.92
C HIS M 112 -26.66 -34.93 -0.62
N SER M 113 -27.27 -34.56 0.50
CA SER M 113 -27.25 -33.20 0.99
C SER M 113 -27.71 -33.19 2.45
N LEU M 114 -27.12 -32.32 3.24
CA LEU M 114 -27.52 -32.16 4.62
C LEU M 114 -28.70 -31.19 4.70
N PRO M 115 -29.47 -31.22 5.80
CA PRO M 115 -30.78 -30.54 5.77
C PRO M 115 -30.73 -29.03 5.58
N ASN M 116 -29.73 -28.35 6.15
CA ASN M 116 -29.67 -26.90 6.10
C ASN M 116 -28.77 -26.37 5.00
N SER M 117 -28.33 -27.24 4.08
CA SER M 117 -27.52 -26.78 2.96
C SER M 117 -28.35 -25.94 1.99
N ARG M 118 -27.67 -25.29 1.05
CA ARG M 118 -28.37 -24.53 0.01
CA ARG M 118 -28.31 -24.46 0.02
C ARG M 118 -27.65 -24.75 -1.32
N ILE M 119 -28.45 -25.00 -2.35
CA ILE M 119 -27.96 -25.32 -3.68
C ILE M 119 -28.36 -24.21 -4.63
N MET M 120 -27.41 -23.74 -5.43
CA MET M 120 -27.66 -22.70 -6.42
C MET M 120 -27.03 -23.10 -7.75
N ILE M 121 -27.82 -23.00 -8.81
CA ILE M 121 -27.36 -23.27 -10.17
C ILE M 121 -27.31 -22.02 -11.03
N HIS M 122 -27.86 -20.90 -10.54
CA HIS M 122 -27.74 -19.62 -11.23
C HIS M 122 -26.28 -19.19 -11.30
N GLN M 123 -25.86 -18.68 -12.46
CA GLN M 123 -24.49 -18.23 -12.70
C GLN M 123 -24.37 -16.74 -12.48
N PRO M 124 -23.33 -16.29 -11.74
CA PRO M 124 -23.14 -14.88 -11.38
C PRO M 124 -22.76 -14.01 -12.58
N ILE M 135 -7.07 -12.53 -18.32
CA ILE M 135 -7.44 -13.48 -19.37
C ILE M 135 -8.95 -13.47 -19.57
N ALA M 136 -9.44 -12.46 -20.27
CA ALA M 136 -10.88 -12.29 -20.48
C ALA M 136 -11.35 -13.25 -21.58
N ILE M 137 -12.58 -13.06 -22.03
CA ILE M 137 -13.17 -13.91 -23.06
C ILE M 137 -14.12 -13.06 -23.90
N GLN M 138 -14.33 -13.49 -25.14
CA GLN M 138 -15.22 -12.75 -26.03
C GLN M 138 -16.67 -13.11 -25.73
N ALA M 139 -17.59 -12.32 -26.27
CA ALA M 139 -19.01 -12.54 -26.01
C ALA M 139 -19.48 -13.86 -26.60
N GLU M 140 -19.11 -14.14 -27.86
CA GLU M 140 -19.51 -15.40 -28.49
C GLU M 140 -18.89 -16.59 -27.77
N GLU M 141 -17.73 -16.39 -27.15
CA GLU M 141 -17.06 -17.45 -26.42
C GLU M 141 -17.58 -17.61 -25.00
N ILE M 142 -18.28 -16.59 -24.48
CA ILE M 142 -18.87 -16.70 -23.16
C ILE M 142 -20.18 -17.47 -23.20
N MET M 143 -20.98 -17.25 -24.25
CA MET M 143 -22.21 -18.01 -24.42
C MET M 143 -21.94 -19.45 -24.80
N LYS M 144 -20.75 -19.75 -25.35
CA LYS M 144 -20.38 -21.14 -25.56
C LYS M 144 -20.28 -21.89 -24.24
N LEU M 145 -19.84 -21.20 -23.19
CA LEU M 145 -19.74 -21.82 -21.88
C LEU M 145 -21.12 -22.03 -21.26
N LYS M 146 -22.03 -21.06 -21.45
CA LYS M 146 -23.38 -21.19 -20.91
C LYS M 146 -24.11 -22.39 -21.53
N LYS M 147 -24.11 -22.46 -22.87
CA LYS M 147 -24.69 -23.63 -23.54
C LYS M 147 -23.98 -24.91 -23.13
N GLN M 148 -22.67 -24.83 -22.85
CA GLN M 148 -21.95 -25.98 -22.32
C GLN M 148 -22.43 -26.35 -20.93
N LEU M 149 -22.82 -25.35 -20.13
CA LEU M 149 -23.38 -25.62 -18.81
C LEU M 149 -24.83 -26.11 -18.89
N TYR M 150 -25.61 -25.54 -19.82
CA TYR M 150 -26.99 -25.98 -20.01
C TYR M 150 -27.08 -27.48 -20.24
N ASN M 151 -26.23 -27.99 -21.14
CA ASN M 151 -26.31 -29.42 -21.50
C ASN M 151 -25.91 -30.31 -20.33
N ILE M 152 -24.91 -29.90 -19.56
CA ILE M 152 -24.45 -30.72 -18.44
C ILE M 152 -25.52 -30.82 -17.37
N TYR M 153 -26.17 -29.69 -17.04
CA TYR M 153 -27.26 -29.72 -16.07
C TYR M 153 -28.42 -30.57 -16.57
N ALA M 154 -28.89 -30.29 -17.78
CA ALA M 154 -30.03 -31.03 -18.33
C ALA M 154 -29.77 -32.53 -18.38
N LYS M 155 -28.52 -32.94 -18.59
CA LYS M 155 -28.20 -34.35 -18.63
C LYS M 155 -28.39 -35.01 -17.27
N HIS M 156 -27.93 -34.36 -16.21
CA HIS M 156 -27.94 -34.98 -14.89
C HIS M 156 -29.22 -34.72 -14.11
N THR M 157 -29.91 -33.61 -14.37
CA THR M 157 -31.20 -33.35 -13.74
C THR M 157 -32.37 -33.85 -14.57
N LYS M 158 -32.12 -34.45 -15.74
CA LYS M 158 -33.14 -35.06 -16.57
C LYS M 158 -34.24 -34.08 -16.96
N GLN M 159 -33.89 -32.80 -17.07
CA GLN M 159 -34.82 -31.76 -17.48
C GLN M 159 -34.56 -31.35 -18.92
N SER M 160 -35.49 -30.59 -19.47
CA SER M 160 -35.30 -30.07 -20.81
C SER M 160 -34.36 -28.88 -20.77
N LEU M 161 -33.72 -28.59 -21.91
CA LEU M 161 -32.82 -27.45 -21.97
C LEU M 161 -33.52 -26.15 -21.65
N GLN M 162 -34.77 -26.00 -22.10
CA GLN M 162 -35.52 -24.78 -21.83
C GLN M 162 -35.83 -24.61 -20.34
N VAL M 163 -36.08 -25.72 -19.62
CA VAL M 163 -36.34 -25.61 -18.20
C VAL M 163 -35.09 -25.13 -17.46
N ILE M 164 -33.93 -25.70 -17.80
CA ILE M 164 -32.68 -25.29 -17.16
C ILE M 164 -32.40 -23.82 -17.44
N GLU M 165 -32.57 -23.40 -18.69
CA GLU M 165 -32.34 -22.01 -19.06
C GLU M 165 -33.23 -21.07 -18.25
N SER M 166 -34.52 -21.39 -18.15
CA SER M 166 -35.43 -20.52 -17.41
C SER M 166 -35.15 -20.56 -15.92
N ALA M 167 -34.73 -21.71 -15.39
CA ALA M 167 -34.41 -21.82 -13.97
C ALA M 167 -33.12 -21.08 -13.65
N MET M 168 -32.07 -21.30 -14.45
CA MET M 168 -30.78 -20.64 -14.22
C MET M 168 -30.86 -19.12 -14.37
N GLU M 169 -31.96 -18.59 -14.90
CA GLU M 169 -32.11 -17.16 -15.04
C GLU M 169 -32.49 -16.49 -13.72
N ARG M 170 -32.96 -17.25 -12.75
CA ARG M 170 -33.44 -16.69 -11.48
C ARG M 170 -32.28 -16.67 -10.47
N ASP M 171 -31.96 -15.47 -9.99
CA ASP M 171 -30.95 -15.30 -8.96
C ASP M 171 -31.53 -15.78 -7.63
N ARG M 172 -31.40 -17.07 -7.34
CA ARG M 172 -32.08 -17.68 -6.21
C ARG M 172 -31.37 -18.95 -5.80
N TYR M 173 -31.59 -19.34 -4.54
CA TYR M 173 -31.10 -20.59 -3.98
C TYR M 173 -32.25 -21.56 -3.78
N MET M 174 -31.91 -22.84 -3.78
CA MET M 174 -32.89 -23.91 -3.54
C MET M 174 -32.60 -24.62 -2.24
N SER M 175 -33.66 -25.12 -1.62
CA SER M 175 -33.51 -25.95 -0.44
C SER M 175 -33.08 -27.35 -0.88
N PRO M 176 -32.52 -28.15 0.05
CA PRO M 176 -32.12 -29.51 -0.33
C PRO M 176 -33.25 -30.34 -0.89
N MET M 177 -34.47 -30.15 -0.38
CA MET M 177 -35.62 -30.87 -0.93
C MET M 177 -35.98 -30.37 -2.32
N GLU M 178 -35.86 -29.06 -2.55
CA GLU M 178 -36.07 -28.50 -3.89
C GLU M 178 -35.09 -29.08 -4.89
N ALA M 179 -33.80 -29.15 -4.52
CA ALA M 179 -32.81 -29.68 -5.45
C ALA M 179 -33.00 -31.17 -5.70
N GLN M 180 -33.62 -31.87 -4.75
CA GLN M 180 -33.99 -33.26 -4.99
C GLN M 180 -35.13 -33.37 -5.99
N GLU M 181 -36.15 -32.53 -5.82
CA GLU M 181 -37.29 -32.52 -6.73
C GLU M 181 -36.87 -32.09 -8.13
N PHE M 182 -35.80 -31.31 -8.24
CA PHE M 182 -35.32 -30.81 -9.52
C PHE M 182 -34.39 -31.78 -10.23
N GLY M 183 -33.80 -32.73 -9.50
CA GLY M 183 -32.87 -33.68 -10.08
C GLY M 183 -31.41 -33.42 -9.78
N ILE M 184 -31.10 -32.51 -8.85
CA ILE M 184 -29.72 -32.18 -8.56
C ILE M 184 -29.11 -33.18 -7.57
N LEU M 185 -29.90 -33.61 -6.59
CA LEU M 185 -29.45 -34.58 -5.61
C LEU M 185 -30.57 -35.59 -5.37
N ASP M 186 -30.19 -36.71 -4.75
CA ASP M 186 -31.08 -37.85 -4.60
C ASP M 186 -31.60 -38.05 -3.19
N LYS M 187 -30.77 -37.82 -2.18
CA LYS M 187 -31.14 -38.09 -0.80
C LYS M 187 -30.82 -36.88 0.08
N VAL M 188 -31.75 -36.57 0.99
CA VAL M 188 -31.53 -35.57 2.03
C VAL M 188 -31.56 -36.32 3.35
N LEU M 189 -30.42 -36.34 4.04
CA LEU M 189 -30.24 -37.18 5.23
C LEU M 189 -29.99 -36.31 6.45
N VAL M 190 -30.72 -36.60 7.53
CA VAL M 190 -30.42 -36.02 8.83
C VAL M 190 -29.50 -36.92 9.63
N HIS M 191 -29.79 -38.21 9.64
CA HIS M 191 -28.96 -39.26 10.24
C HIS M 191 -28.90 -40.43 9.27
N PRO M 192 -27.83 -41.24 9.33
CA PRO M 192 -27.72 -42.38 8.43
C PRO M 192 -28.67 -43.52 8.81
N TYR N 17 2.78 -39.30 2.10
CA TYR N 17 3.34 -39.04 0.78
C TYR N 17 2.55 -37.93 0.07
N ASP N 18 3.26 -36.96 -0.47
CA ASP N 18 2.63 -35.90 -1.23
C ASP N 18 2.05 -36.49 -2.52
N ILE N 19 0.81 -36.10 -2.84
CA ILE N 19 0.17 -36.65 -4.04
C ILE N 19 0.93 -36.26 -5.29
N TYR N 20 1.55 -35.07 -5.31
CA TYR N 20 2.30 -34.64 -6.48
C TYR N 20 3.55 -35.47 -6.68
N SER N 21 4.05 -36.12 -5.63
CA SER N 21 5.14 -37.08 -5.78
C SER N 21 4.64 -38.41 -6.31
N ARG N 22 3.41 -38.80 -5.97
CA ARG N 22 2.85 -40.04 -6.50
C ARG N 22 2.61 -39.93 -8.01
N LEU N 23 2.26 -38.73 -8.50
CA LEU N 23 2.17 -38.54 -9.95
C LEU N 23 3.48 -38.85 -10.64
N LEU N 24 4.60 -38.38 -10.06
CA LEU N 24 5.90 -38.62 -10.66
C LEU N 24 6.25 -40.10 -10.68
N ARG N 25 5.88 -40.83 -9.62
CA ARG N 25 6.08 -42.28 -9.61
C ARG N 25 5.25 -43.00 -10.67
N GLU N 26 4.27 -42.31 -11.26
CA GLU N 26 3.46 -42.87 -12.34
C GLU N 26 3.72 -42.17 -13.67
N ARG N 27 4.83 -41.42 -13.76
CA ARG N 27 5.27 -40.78 -15.00
C ARG N 27 4.24 -39.77 -15.52
N ILE N 28 3.77 -38.91 -14.63
CA ILE N 28 2.83 -37.84 -14.98
C ILE N 28 3.46 -36.50 -14.64
N VAL N 29 3.49 -35.60 -15.62
CA VAL N 29 4.02 -34.25 -15.45
C VAL N 29 2.86 -33.27 -15.62
N CYS N 30 2.64 -32.44 -14.60
CA CYS N 30 1.51 -31.51 -14.56
C CYS N 30 1.93 -30.13 -15.01
N VAL N 31 1.32 -29.65 -16.09
CA VAL N 31 1.48 -28.26 -16.53
C VAL N 31 0.17 -27.53 -16.29
N MET N 32 0.04 -26.93 -15.11
N MET N 32 0.05 -26.92 -15.11
CA MET N 32 -1.18 -26.24 -14.71
CA MET N 32 -1.16 -26.24 -14.68
C MET N 32 -0.86 -24.79 -14.40
C MET N 32 -0.86 -24.78 -14.39
N GLY N 33 -1.81 -23.91 -14.71
CA GLY N 33 -1.67 -22.50 -14.44
C GLY N 33 -0.77 -21.81 -15.45
N PRO N 34 -0.54 -20.51 -15.26
CA PRO N 34 0.33 -19.77 -16.17
C PRO N 34 1.74 -20.31 -16.17
N ILE N 35 2.46 -20.03 -17.24
CA ILE N 35 3.80 -20.56 -17.49
C ILE N 35 4.81 -19.43 -17.32
N ASP N 36 5.77 -19.62 -16.42
CA ASP N 36 6.89 -18.72 -16.28
C ASP N 36 8.18 -19.54 -16.25
N ASP N 37 9.32 -18.85 -16.11
CA ASP N 37 10.60 -19.54 -16.05
C ASP N 37 10.67 -20.51 -14.87
N SER N 38 9.90 -20.25 -13.82
CA SER N 38 9.89 -21.13 -12.66
C SER N 38 9.22 -22.46 -12.98
N VAL N 39 8.09 -22.41 -13.69
CA VAL N 39 7.39 -23.64 -14.05
C VAL N 39 8.24 -24.50 -14.97
N ALA N 40 8.89 -23.90 -15.96
CA ALA N 40 9.66 -24.65 -16.93
C ALA N 40 10.78 -25.46 -16.27
N SER N 41 11.44 -24.88 -15.27
CA SER N 41 12.51 -25.59 -14.58
C SER N 41 12.02 -26.89 -13.95
N LEU N 42 10.86 -26.84 -13.29
CA LEU N 42 10.29 -28.05 -12.72
C LEU N 42 9.94 -29.07 -13.80
N VAL N 43 9.21 -28.63 -14.83
CA VAL N 43 8.78 -29.55 -15.88
C VAL N 43 9.98 -30.17 -16.59
N ILE N 44 10.98 -29.35 -16.94
CA ILE N 44 12.16 -29.87 -17.63
C ILE N 44 12.93 -30.84 -16.74
N ALA N 45 13.09 -30.48 -15.46
CA ALA N 45 13.81 -31.37 -14.54
C ALA N 45 13.08 -32.70 -14.39
N GLN N 46 11.75 -32.66 -14.28
CA GLN N 46 10.98 -33.90 -14.18
C GLN N 46 11.07 -34.70 -15.47
N LEU N 47 11.11 -34.02 -16.62
CA LEU N 47 11.21 -34.73 -17.89
C LEU N 47 12.57 -35.40 -18.05
N LEU N 48 13.65 -34.66 -17.75
CA LEU N 48 14.97 -35.27 -17.77
C LEU N 48 15.06 -36.42 -16.77
N PHE N 49 14.36 -36.30 -15.64
CA PHE N 49 14.35 -37.36 -14.64
C PHE N 49 13.67 -38.61 -15.19
N LEU N 50 12.45 -38.47 -15.71
CA LEU N 50 11.70 -39.63 -16.18
C LEU N 50 12.40 -40.32 -17.33
N GLN N 51 13.17 -39.58 -18.13
CA GLN N 51 13.94 -40.21 -19.19
C GLN N 51 15.02 -41.13 -18.62
N SER N 52 15.63 -40.72 -17.51
CA SER N 52 16.65 -41.55 -16.87
C SER N 52 16.05 -42.84 -16.33
N GLU N 53 14.85 -42.78 -15.76
CA GLU N 53 14.19 -43.99 -15.29
C GLU N 53 13.93 -44.96 -16.42
N SER N 54 13.60 -44.44 -17.60
CA SER N 54 13.38 -45.26 -18.79
C SER N 54 13.30 -44.38 -20.03
N ASN N 55 14.22 -44.57 -20.97
CA ASN N 55 14.15 -43.85 -22.23
C ASN N 55 13.13 -44.45 -23.18
N LYS N 56 12.30 -45.39 -22.72
CA LYS N 56 11.29 -46.05 -23.53
C LYS N 56 9.88 -45.91 -22.96
N LYS N 57 9.72 -45.89 -21.66
CA LYS N 57 8.39 -45.75 -21.06
C LYS N 57 7.82 -44.37 -21.35
N PRO N 58 6.57 -44.27 -21.77
CA PRO N 58 6.02 -42.96 -22.13
C PRO N 58 5.79 -42.06 -20.93
N ILE N 59 5.63 -40.77 -21.21
CA ILE N 59 5.44 -39.74 -20.21
C ILE N 59 4.11 -39.03 -20.48
N HIS N 60 3.36 -38.75 -19.41
CA HIS N 60 2.06 -38.10 -19.50
C HIS N 60 2.15 -36.66 -19.03
N MET N 61 1.69 -35.73 -19.85
CA MET N 61 1.72 -34.31 -19.56
C MET N 61 0.29 -33.79 -19.49
N ALA N 62 -0.17 -33.50 -18.28
CA ALA N 62 -1.51 -32.95 -18.07
C ALA N 62 -1.46 -31.43 -18.15
N ILE N 63 -2.32 -30.85 -18.98
CA ILE N 63 -2.25 -29.43 -19.31
C ILE N 63 -3.57 -28.77 -18.94
N ASN N 64 -3.50 -27.75 -18.08
CA ASN N 64 -4.62 -26.87 -17.75
C ASN N 64 -4.02 -25.48 -17.57
N SER N 65 -3.65 -24.85 -18.69
CA SER N 65 -2.90 -23.61 -18.65
C SER N 65 -3.51 -22.57 -19.57
N PRO N 66 -3.51 -21.30 -19.15
CA PRO N 66 -3.95 -20.21 -20.03
C PRO N 66 -2.83 -19.60 -20.88
N GLY N 67 -1.61 -20.15 -20.81
CA GLY N 67 -0.48 -19.60 -21.52
C GLY N 67 0.66 -19.26 -20.56
N GLY N 68 1.43 -18.26 -20.93
CA GLY N 68 2.50 -17.82 -20.07
C GLY N 68 3.63 -17.20 -20.89
N VAL N 69 4.84 -17.30 -20.35
CA VAL N 69 6.01 -16.74 -21.01
C VAL N 69 6.34 -17.57 -22.25
N VAL N 70 6.63 -16.88 -23.35
CA VAL N 70 6.88 -17.57 -24.61
C VAL N 70 8.16 -18.40 -24.53
N THR N 71 9.26 -17.77 -24.08
CA THR N 71 10.53 -18.47 -23.98
C THR N 71 10.43 -19.66 -23.04
N ALA N 72 9.65 -19.52 -21.95
CA ALA N 72 9.47 -20.63 -21.03
C ALA N 72 8.71 -21.78 -21.68
N GLY N 73 7.70 -21.46 -22.50
CA GLY N 73 7.00 -22.51 -23.22
C GLY N 73 7.86 -23.18 -24.27
N LEU N 74 8.59 -22.37 -25.04
CA LEU N 74 9.53 -22.93 -26.02
C LEU N 74 10.62 -23.74 -25.34
N ALA N 75 10.98 -23.37 -24.11
CA ALA N 75 11.95 -24.15 -23.35
C ALA N 75 11.42 -25.54 -23.06
N ILE N 76 10.16 -25.63 -22.63
CA ILE N 76 9.53 -26.92 -22.42
C ILE N 76 9.38 -27.67 -23.74
N TYR N 77 8.99 -26.95 -24.80
CA TYR N 77 8.79 -27.57 -26.10
C TYR N 77 10.06 -28.24 -26.60
N ASP N 78 11.18 -27.50 -26.62
CA ASP N 78 12.44 -28.07 -27.09
C ASP N 78 12.82 -29.30 -26.27
N THR N 79 12.52 -29.30 -24.97
CA THR N 79 12.82 -30.46 -24.14
C THR N 79 11.91 -31.63 -24.46
N MET N 80 10.63 -31.37 -24.74
CA MET N 80 9.72 -32.45 -25.11
C MET N 80 10.17 -33.15 -26.38
N GLN N 81 10.63 -32.40 -27.37
CA GLN N 81 11.11 -33.01 -28.61
C GLN N 81 12.47 -33.66 -28.41
N TYR N 82 13.31 -33.08 -27.55
CA TYR N 82 14.67 -33.59 -27.36
C TYR N 82 14.66 -35.02 -26.82
N ILE N 83 13.93 -35.26 -25.74
CA ILE N 83 13.98 -36.57 -25.08
C ILE N 83 13.42 -37.64 -26.00
N LEU N 84 13.77 -38.89 -25.69
CA LEU N 84 13.39 -40.02 -26.52
C LEU N 84 12.07 -40.64 -26.12
N ASN N 85 11.57 -40.35 -24.93
CA ASN N 85 10.33 -40.97 -24.48
C ASN N 85 9.15 -40.46 -25.29
N PRO N 86 8.16 -41.31 -25.54
CA PRO N 86 6.88 -40.82 -26.07
C PRO N 86 6.16 -40.02 -25.00
N ILE N 87 5.44 -38.99 -25.45
CA ILE N 87 4.78 -38.06 -24.53
C ILE N 87 3.30 -38.02 -24.89
N CYS N 88 2.46 -38.47 -23.95
CA CYS N 88 1.01 -38.37 -24.10
C CYS N 88 0.55 -37.07 -23.47
N THR N 89 -0.07 -36.21 -24.28
CA THR N 89 -0.58 -34.92 -23.82
C THR N 89 -2.07 -35.01 -23.57
N TRP N 90 -2.51 -34.36 -22.49
CA TRP N 90 -3.91 -34.35 -22.08
C TRP N 90 -4.35 -32.92 -21.81
N CYS N 91 -5.34 -32.45 -22.57
CA CYS N 91 -5.93 -31.13 -22.34
C CYS N 91 -7.07 -31.29 -21.34
N VAL N 92 -6.90 -30.68 -20.17
CA VAL N 92 -7.89 -30.72 -19.10
C VAL N 92 -8.27 -29.29 -18.75
N GLY N 93 -9.57 -29.00 -18.77
CA GLY N 93 -10.02 -27.65 -18.53
C GLY N 93 -9.87 -26.74 -19.73
N GLN N 94 -8.64 -26.28 -19.97
CA GLN N 94 -8.36 -25.41 -21.10
C GLN N 94 -6.88 -25.49 -21.45
N ALA N 95 -6.57 -25.17 -22.69
CA ALA N 95 -5.20 -25.05 -23.16
C ALA N 95 -5.13 -23.89 -24.14
N ALA N 96 -4.68 -22.74 -23.66
CA ALA N 96 -4.60 -21.54 -24.47
C ALA N 96 -3.17 -21.07 -24.60
N SER N 97 -2.92 -20.31 -25.67
CA SER N 97 -1.62 -19.69 -25.98
C SER N 97 -0.55 -20.79 -26.00
N MET N 98 0.52 -20.67 -25.22
CA MET N 98 1.58 -21.69 -25.22
C MET N 98 1.08 -23.04 -24.74
N GLY N 99 -0.04 -23.08 -24.00
CA GLY N 99 -0.57 -24.35 -23.54
C GLY N 99 -1.02 -25.23 -24.69
N SER N 100 -1.65 -24.63 -25.70
CA SER N 100 -2.04 -25.39 -26.88
C SER N 100 -0.83 -25.83 -27.68
N LEU N 101 0.25 -25.04 -27.66
CA LEU N 101 1.47 -25.45 -28.34
C LEU N 101 2.07 -26.70 -27.70
N LEU N 102 2.12 -26.72 -26.37
CA LEU N 102 2.59 -27.91 -25.66
C LEU N 102 1.65 -29.09 -25.87
N LEU N 103 0.35 -28.82 -26.02
CA LEU N 103 -0.61 -29.88 -26.25
C LEU N 103 -0.37 -30.56 -27.59
N ALA N 104 -0.20 -29.78 -28.66
CA ALA N 104 0.03 -30.33 -29.98
C ALA N 104 1.42 -30.94 -30.13
N ALA N 105 2.35 -30.62 -29.23
CA ALA N 105 3.72 -31.11 -29.34
C ALA N 105 3.89 -32.55 -28.88
N GLY N 106 2.82 -33.20 -28.44
CA GLY N 106 2.91 -34.60 -28.05
C GLY N 106 3.16 -35.50 -29.24
N THR N 107 3.50 -36.75 -28.92
CA THR N 107 3.73 -37.73 -29.98
C THR N 107 2.43 -37.95 -30.75
N PRO N 108 2.46 -37.90 -32.08
CA PRO N 108 1.22 -38.04 -32.87
C PRO N 108 0.51 -39.35 -32.55
N GLY N 109 -0.78 -39.26 -32.32
CA GLY N 109 -1.57 -40.39 -31.86
C GLY N 109 -1.68 -40.50 -30.36
N MET N 110 -0.99 -39.65 -29.61
CA MET N 110 -1.02 -39.68 -28.16
C MET N 110 -1.44 -38.33 -27.58
N ARG N 111 -2.08 -37.49 -28.38
CA ARG N 111 -2.57 -36.19 -27.95
C ARG N 111 -4.07 -36.31 -27.67
N HIS N 112 -4.44 -36.24 -26.41
CA HIS N 112 -5.81 -36.47 -25.98
C HIS N 112 -6.44 -35.15 -25.51
N SER N 113 -7.73 -35.23 -25.21
CA SER N 113 -8.45 -34.08 -24.67
C SER N 113 -9.77 -34.57 -24.08
N LEU N 114 -10.19 -33.95 -22.99
CA LEU N 114 -11.46 -34.27 -22.36
C LEU N 114 -12.59 -33.49 -23.04
N PRO N 115 -13.84 -33.95 -22.90
CA PRO N 115 -14.90 -33.41 -23.79
C PRO N 115 -15.20 -31.94 -23.60
N ASN N 116 -15.14 -31.41 -22.39
CA ASN N 116 -15.53 -30.04 -22.11
C ASN N 116 -14.36 -29.06 -22.10
N SER N 117 -13.19 -29.48 -22.57
CA SER N 117 -12.05 -28.57 -22.62
C SER N 117 -12.26 -27.50 -23.69
N ARG N 118 -11.43 -26.46 -23.63
CA ARG N 118 -11.44 -25.37 -24.60
C ARG N 118 -10.00 -25.10 -25.02
N ILE N 119 -9.72 -25.26 -26.31
CA ILE N 119 -8.39 -25.08 -26.87
C ILE N 119 -8.33 -23.74 -27.59
N MET N 120 -7.27 -22.97 -27.33
CA MET N 120 -7.07 -21.67 -27.94
C MET N 120 -5.64 -21.56 -28.43
N ILE N 121 -5.46 -21.15 -29.69
CA ILE N 121 -4.14 -20.93 -30.27
C ILE N 121 -3.89 -19.47 -30.59
N HIS N 122 -4.91 -18.62 -30.49
CA HIS N 122 -4.71 -17.19 -30.67
C HIS N 122 -3.78 -16.69 -29.57
N GLN N 123 -2.87 -15.80 -29.94
CA GLN N 123 -1.94 -15.35 -28.91
C GLN N 123 -2.48 -14.08 -28.25
N PRO N 124 -2.52 -14.03 -26.93
CA PRO N 124 -3.13 -12.88 -26.25
C PRO N 124 -2.28 -11.62 -26.40
N SER N 125 -2.97 -10.50 -26.59
CA SER N 125 -2.33 -9.20 -26.75
C SER N 125 -1.76 -8.71 -25.43
N ILE N 135 12.08 -10.27 -20.03
CA ILE N 135 12.43 -8.88 -20.27
C ILE N 135 11.49 -8.27 -21.31
N ALA N 136 11.88 -7.10 -21.82
CA ALA N 136 11.14 -6.45 -22.89
C ALA N 136 11.67 -6.92 -24.24
N ILE N 137 11.08 -6.40 -25.32
CA ILE N 137 11.46 -6.82 -26.66
C ILE N 137 11.22 -5.66 -27.62
N GLN N 138 11.99 -5.65 -28.71
CA GLN N 138 11.78 -4.71 -29.79
C GLN N 138 10.70 -5.25 -30.73
N ALA N 139 10.27 -4.39 -31.66
CA ALA N 139 9.19 -4.78 -32.57
C ALA N 139 9.59 -5.95 -33.44
N GLU N 140 10.82 -5.93 -33.98
CA GLU N 140 11.28 -7.01 -34.84
C GLU N 140 11.36 -8.33 -34.08
N GLU N 141 11.81 -8.29 -32.83
CA GLU N 141 12.01 -9.53 -32.09
C GLU N 141 10.67 -10.15 -31.66
N ILE N 142 9.67 -9.31 -31.39
CA ILE N 142 8.34 -9.83 -31.10
C ILE N 142 7.80 -10.58 -32.31
N MET N 143 8.12 -10.10 -33.51
CA MET N 143 7.73 -10.80 -34.73
C MET N 143 8.50 -12.10 -34.91
N LYS N 144 9.81 -12.10 -34.62
CA LYS N 144 10.62 -13.30 -34.83
C LYS N 144 10.12 -14.47 -34.01
N LEU N 145 9.58 -14.22 -32.81
CA LEU N 145 8.99 -15.28 -32.02
C LEU N 145 7.64 -15.72 -32.58
N LYS N 146 6.85 -14.76 -33.09
CA LYS N 146 5.55 -15.10 -33.66
C LYS N 146 5.70 -16.03 -34.87
N LYS N 147 6.56 -15.65 -35.81
CA LYS N 147 6.85 -16.56 -36.93
C LYS N 147 7.46 -17.86 -36.44
N GLN N 148 8.21 -17.80 -35.33
CA GLN N 148 8.71 -19.03 -34.72
C GLN N 148 7.56 -19.86 -34.17
N LEU N 149 6.50 -19.22 -33.67
CA LEU N 149 5.32 -19.95 -33.23
C LEU N 149 4.53 -20.47 -34.43
N TYR N 150 4.46 -19.68 -35.50
CA TYR N 150 3.80 -20.12 -36.73
C TYR N 150 4.39 -21.43 -37.23
N ASN N 151 5.72 -21.51 -37.28
CA ASN N 151 6.37 -22.69 -37.83
C ASN N 151 6.19 -23.91 -36.94
N ILE N 152 6.23 -23.73 -35.62
CA ILE N 152 6.09 -24.87 -34.71
C ILE N 152 4.70 -25.47 -34.80
N TYR N 153 3.67 -24.63 -34.85
CA TYR N 153 2.30 -25.13 -35.00
C TYR N 153 2.16 -25.91 -36.30
N ALA N 154 2.56 -25.32 -37.42
CA ALA N 154 2.41 -25.96 -38.72
C ALA N 154 3.10 -27.32 -38.77
N LYS N 155 4.22 -27.48 -38.04
CA LYS N 155 4.91 -28.76 -38.06
C LYS N 155 4.09 -29.86 -37.40
N HIS N 156 3.47 -29.57 -36.25
CA HIS N 156 2.79 -30.60 -35.49
C HIS N 156 1.32 -30.76 -35.86
N THR N 157 0.68 -29.71 -36.37
CA THR N 157 -0.68 -29.82 -36.87
C THR N 157 -0.76 -30.13 -38.36
N LYS N 158 0.37 -30.06 -39.07
CA LYS N 158 0.45 -30.28 -40.52
C LYS N 158 -0.39 -29.30 -41.32
N GLN N 159 -0.88 -28.24 -40.70
CA GLN N 159 -1.56 -27.18 -41.42
C GLN N 159 -0.54 -26.33 -42.17
N SER N 160 -1.04 -25.50 -43.08
CA SER N 160 -0.18 -24.60 -43.81
C SER N 160 0.15 -23.37 -42.97
N LEU N 161 1.29 -22.74 -43.29
CA LEU N 161 1.67 -21.51 -42.62
C LEU N 161 0.65 -20.42 -42.86
N GLN N 162 0.04 -20.41 -44.04
CA GLN N 162 -0.95 -19.40 -44.39
C GLN N 162 -2.20 -19.51 -43.51
N VAL N 163 -2.62 -20.75 -43.19
CA VAL N 163 -3.78 -20.95 -42.33
C VAL N 163 -3.47 -20.53 -40.89
N ILE N 164 -2.30 -20.88 -40.38
CA ILE N 164 -1.95 -20.61 -38.99
C ILE N 164 -2.02 -19.11 -38.71
N GLU N 165 -1.47 -18.28 -39.60
CA GLU N 165 -1.54 -16.84 -39.41
C GLU N 165 -2.99 -16.38 -39.33
N SER N 166 -3.84 -16.86 -40.25
CA SER N 166 -5.23 -16.43 -40.25
C SER N 166 -6.00 -16.99 -39.05
N ALA N 167 -5.68 -18.20 -38.63
CA ALA N 167 -6.37 -18.79 -37.49
C ALA N 167 -5.97 -18.09 -36.19
N MET N 168 -4.66 -17.91 -35.97
CA MET N 168 -4.19 -17.20 -34.79
C MET N 168 -4.61 -15.73 -34.77
N GLU N 169 -5.13 -15.22 -35.88
CA GLU N 169 -5.62 -13.85 -35.92
C GLU N 169 -6.99 -13.70 -35.28
N ARG N 170 -7.73 -14.79 -35.14
CA ARG N 170 -9.08 -14.76 -34.61
C ARG N 170 -9.05 -15.04 -33.11
N ASP N 171 -9.56 -14.09 -32.32
CA ASP N 171 -9.66 -14.24 -30.87
C ASP N 171 -10.79 -15.20 -30.55
N ARG N 172 -10.47 -16.50 -30.45
CA ARG N 172 -11.51 -17.52 -30.36
C ARG N 172 -10.93 -18.78 -29.74
N TYR N 173 -11.83 -19.59 -29.17
CA TYR N 173 -11.51 -20.91 -28.63
C TYR N 173 -12.07 -21.98 -29.54
N MET N 174 -11.45 -23.15 -29.50
CA MET N 174 -11.93 -24.31 -30.27
C MET N 174 -12.35 -25.42 -29.32
N SER N 175 -13.35 -26.18 -29.75
CA SER N 175 -13.78 -27.37 -29.02
C SER N 175 -12.80 -28.51 -29.27
N PRO N 176 -12.81 -29.53 -28.42
CA PRO N 176 -11.90 -30.67 -28.65
C PRO N 176 -12.06 -31.29 -30.03
N MET N 177 -13.29 -31.38 -30.54
CA MET N 177 -13.48 -31.87 -31.90
C MET N 177 -13.01 -30.83 -32.92
N GLU N 178 -13.25 -29.56 -32.63
CA GLU N 178 -12.74 -28.49 -33.49
C GLU N 178 -11.21 -28.53 -33.55
N ALA N 179 -10.57 -28.63 -32.38
CA ALA N 179 -9.11 -28.69 -32.34
C ALA N 179 -8.57 -29.98 -32.92
N GLN N 180 -9.37 -31.05 -32.90
CA GLN N 180 -8.95 -32.30 -33.54
C GLN N 180 -8.96 -32.15 -35.06
N GLU N 181 -10.01 -31.53 -35.60
CA GLU N 181 -10.07 -31.28 -37.04
C GLU N 181 -8.92 -30.39 -37.50
N PHE N 182 -8.40 -29.56 -36.60
CA PHE N 182 -7.31 -28.65 -36.92
C PHE N 182 -5.94 -29.31 -36.88
N GLY N 183 -5.81 -30.42 -36.18
CA GLY N 183 -4.54 -31.12 -36.05
C GLY N 183 -3.81 -30.90 -34.75
N ILE N 184 -4.48 -30.32 -33.75
CA ILE N 184 -3.84 -30.01 -32.48
C ILE N 184 -3.86 -31.23 -31.56
N LEU N 185 -4.95 -31.98 -31.57
CA LEU N 185 -5.07 -33.18 -30.76
C LEU N 185 -5.71 -34.27 -31.60
N ASP N 186 -5.58 -35.50 -31.13
CA ASP N 186 -5.96 -36.68 -31.91
C ASP N 186 -7.22 -37.37 -31.42
N LYS N 187 -7.42 -37.48 -30.11
CA LYS N 187 -8.54 -38.23 -29.56
C LYS N 187 -9.27 -37.41 -28.51
N VAL N 188 -10.60 -37.50 -28.54
CA VAL N 188 -11.46 -36.91 -27.52
C VAL N 188 -12.14 -38.05 -26.77
N LEU N 189 -11.84 -38.18 -25.49
CA LEU N 189 -12.29 -39.31 -24.69
C LEU N 189 -13.23 -38.85 -23.59
N VAL N 190 -14.37 -39.52 -23.49
CA VAL N 190 -15.28 -39.36 -22.36
C VAL N 190 -14.99 -40.40 -21.27
N HIS N 191 -14.76 -41.64 -21.69
CA HIS N 191 -14.39 -42.76 -20.85
C HIS N 191 -13.22 -43.48 -21.50
N PRO N 192 -12.42 -44.21 -20.73
CA PRO N 192 -11.27 -44.90 -21.31
C PRO N 192 -11.71 -46.07 -22.16
N PRO N 193 -10.82 -46.60 -23.03
CA PRO N 193 -11.15 -47.72 -23.93
C PRO N 193 -11.71 -48.94 -23.21
C01 FJT O . 8.23 33.38 -23.69
C01 FJT O . 8.52 33.54 -23.58
C02 FJT O . 7.72 34.38 -22.91
C02 FJT O . 7.43 34.27 -23.19
C03 FJT O . 7.51 35.67 -23.45
C03 FJT O . 7.15 35.50 -23.82
C04 FJT O . 7.85 35.93 -24.77
C04 FJT O . 7.99 35.98 -24.82
C05 FJT O . 8.36 34.91 -25.57
C05 FJT O . 9.10 35.24 -25.22
C06 FJT O . 8.56 33.63 -25.04
C06 FJT O . 9.37 34.02 -24.61
C07 FJT O . 8.71 35.19 -27.02
C07 FJT O . 10.00 35.80 -26.32
C09 FJT O . 11.04 34.30 -27.20
C09 FJT O . 10.40 33.73 -27.72
C10 FJT O . 12.05 33.28 -27.72
C10 FJT O . 11.36 32.74 -28.38
C13 FJT O . 12.92 31.51 -28.63
C13 FJT O . 13.01 31.37 -28.77
C15 FJT O . 13.07 30.14 -29.29
C15 FJT O . 14.26 30.50 -28.62
C16 FJT O . 13.44 29.18 -28.18
C16 FJT O . 14.05 29.33 -27.67
C17 FJT O . 12.54 28.20 -27.78
C17 FJT O . 13.06 28.37 -27.90
C18 FJT O . 12.87 27.33 -26.77
C18 FJT O . 12.91 27.32 -27.02
C19 FJT O . 14.10 27.43 -26.14
C19 FJT O . 13.76 27.21 -25.92
C20 FJT O . 15.00 28.41 -26.53
C20 FJT O . 14.75 28.14 -25.70
C21 FJT O . 14.67 29.29 -27.55
C21 FJT O . 14.89 29.20 -26.58
C26 FJT O . 7.54 32.45 -21.74
C26 FJT O . 7.56 32.47 -21.82
F22 FJT O . 14.42 26.58 -25.13
F22 FJT O . 13.61 26.16 -25.05
N08 FJT O . 9.64 34.19 -27.55
N08 FJT O . 10.91 34.84 -26.92
N11 FJT O . 13.36 33.42 -27.69
N11 FJT O . 11.23 32.31 -29.62
N12 FJT O . 13.92 32.31 -28.26
N12 FJT O . 12.27 31.45 -29.87
O14 FJT O . 11.76 32.11 -28.30
O14 FJT O . 12.45 32.17 -27.84
O24 FJT O . 11.40 35.18 -26.48
O24 FJT O . 9.24 33.62 -27.87
O25 FJT O . 7.48 33.85 -21.61
O25 FJT O . 6.75 33.56 -22.17
O27 FJT O . 8.32 32.22 -22.89
O27 FJT O . 8.56 32.35 -22.80
CL1 FJT O . 10.96 28.07 -28.61
CL1 FJT O . 11.94 28.47 -29.29
C1 EDO P . 25.64 -0.98 -19.68
O1 EDO P . 25.29 -0.94 -21.06
C2 EDO P . 26.16 -2.36 -19.32
O2 EDO P . 26.71 -2.36 -18.00
C01 FJT Q . -10.18 27.76 -33.51
C01 FJT Q . -9.01 26.18 -32.61
C02 FJT Q . -9.54 26.77 -32.82
C02 FJT Q . -9.33 27.37 -32.00
C03 FJT Q . -9.32 25.52 -33.43
C03 FJT Q . -10.04 28.36 -32.72
C04 FJT Q . -9.74 25.30 -34.74
C04 FJT Q . -10.41 28.12 -34.03
C05 FJT Q . -10.38 26.32 -35.44
C05 FJT Q . -10.10 26.92 -34.66
C06 FJT Q . -10.61 27.54 -34.84
C06 FJT Q . -9.41 25.94 -33.96
C07 FJT Q . -10.85 26.07 -36.87
C07 FJT Q . -10.54 26.70 -36.10
C09 FJT Q . -10.24 23.72 -37.47
C09 FJT Q . -10.99 24.32 -36.76
C10 FJT Q . -10.61 22.24 -37.59
C10 FJT Q . -10.50 23.01 -37.36
C13 FJT Q . -10.49 20.12 -38.00
C13 FJT Q . -10.36 20.91 -37.94
C15 FJT Q . -9.95 18.75 -38.45
C15 FJT Q . -10.67 19.42 -38.11
C16 FJT Q . -9.03 18.18 -37.38
C16 FJT Q . -9.64 18.63 -37.32
C17 FJT Q . -9.52 17.73 -36.16
C17 FJT Q . -10.01 18.00 -36.14
C18 FJT Q . -8.64 17.21 -35.22
C18 FJT Q . -9.07 17.28 -35.41
C19 FJT Q . -7.29 17.14 -35.49
C19 FJT Q . -7.76 17.19 -35.87
C20 FJT Q . -6.80 17.59 -36.71
C20 FJT Q . -7.39 17.83 -37.04
C21 FJT Q . -7.66 18.11 -37.66
C21 FJT Q . -8.33 18.55 -37.77
C26 FJT Q . -9.34 28.65 -31.64
C26 FJT Q . -8.57 25.99 -30.41
F22 FJT Q . -6.43 16.63 -34.57
F22 FJT Q . -6.85 16.48 -35.15
N08 FJT Q . -11.21 24.67 -37.00
N08 FJT Q . -10.08 25.45 -36.65
N11 FJT Q . -11.77 21.70 -37.25
N11 FJT Q . -9.37 22.84 -38.04
N12 FJT Q . -11.69 20.36 -37.51
N12 FJT Q . -9.28 21.53 -38.40
O14 FJT Q . -9.81 21.27 -38.06
O14 FJT Q . -11.12 21.82 -37.29
O24 FJT Q . -9.14 24.08 -37.75
O24 FJT Q . -12.11 24.42 -36.40
O25 FJT Q . -9.23 27.26 -31.53
O25 FJT Q . -8.82 27.33 -30.69
O27 FJT Q . -10.27 28.89 -32.66
O27 FJT Q . -8.32 25.39 -31.67
CL1 FJT Q . -11.26 17.81 -35.81
CL1 FJT Q . -11.69 18.11 -35.56
C01 FJT R . -28.15 22.12 -23.37
C02 FJT R . -27.58 23.30 -23.75
C03 FJT R . -28.34 24.24 -24.48
C04 FJT R . -29.66 23.97 -24.79
C05 FJT R . -30.26 22.77 -24.40
C06 FJT R . -29.51 21.84 -23.70
C07 FJT R . -31.71 22.50 -24.76
C09 FJT R . -32.74 20.22 -24.34
C10 FJT R . -32.81 18.77 -24.78
C13 FJT R . -33.20 16.64 -24.84
C15 FJT R . -33.66 15.23 -24.47
C16 FJT R . -32.39 14.43 -24.19
C17 FJT R . -31.88 14.41 -22.91
C18 FJT R . -30.72 13.68 -22.64
C19 FJT R . -30.09 12.98 -23.65
C20 FJT R . -30.62 12.99 -24.94
C21 FJT R . -31.76 13.73 -25.20
C26 FJT R . -26.12 22.25 -22.39
F22 FJT R . -28.97 12.26 -23.39
N08 FJT R . -31.86 21.10 -25.10
N11 FJT R . -32.32 18.31 -25.91
N12 FJT R . -32.56 16.96 -25.96
O14 FJT R . -33.35 17.75 -24.10
O24 FJT R . -33.37 20.63 -23.42
O25 FJT R . -26.24 23.30 -23.30
O27 FJT R . -27.17 21.37 -22.67
CL1 FJT R . -32.68 15.32 -21.61
C01 FJT S . -34.21 28.80 -3.74
C01 FJT S . -33.68 25.53 -3.16
C02 FJT S . -33.01 28.15 -3.69
C02 FJT S . -33.18 26.58 -3.88
C03 FJT S . -32.95 26.78 -3.35
C03 FJT S . -33.89 27.81 -3.95
C04 FJT S . -34.13 26.08 -3.06
C04 FJT S . -35.10 27.93 -3.28
C05 FJT S . -35.35 26.75 -3.10
C05 FJT S . -35.61 26.87 -2.55
C06 FJT S . -35.40 28.09 -3.44
C06 FJT S . -34.92 25.67 -2.48
C07 FJT S . -36.66 26.03 -2.80
C07 FJT S . -36.95 27.03 -1.81
C09 FJT S . -37.95 25.05 -0.93
C09 FJT S . -37.91 25.34 -0.23
C10 FJT S . -38.12 24.20 0.34
C10 FJT S . -38.64 24.02 0.03
C13 FJT S . -38.62 22.55 1.67
C13 FJT S . -39.28 22.19 1.00
C15 FJT S . -39.12 21.21 2.21
C15 FJT S . -39.42 21.07 2.03
C16 FJT S . -38.18 20.07 1.81
C16 FJT S . -38.37 20.00 1.71
C17 FJT S . -36.88 20.01 2.29
C17 FJT S . -37.06 20.19 2.08
C18 FJT S . -36.04 18.96 1.92
C18 FJT S . -36.11 19.22 1.79
C19 FJT S . -36.52 17.97 1.07
C19 FJT S . -36.48 18.07 1.14
C20 FJT S . -37.81 18.03 0.59
C20 FJT S . -37.80 17.87 0.77
C21 FJT S . -38.64 19.07 0.96
C21 FJT S . -38.75 18.83 1.06
C26 FJT S . -32.66 30.18 -4.61
C26 FJT S . -31.60 24.99 -3.82
F22 FJT S . -35.70 16.94 0.70
F22 FJT S . -35.55 17.12 0.85
N08 FJT S . -36.67 25.21 -1.60
N08 FJT S . -37.63 25.78 -1.59
N11 FJT S . -37.79 24.56 1.57
N11 FJT S . -39.51 23.43 -0.76
N12 FJT S . -38.11 23.52 2.40
N12 FJT S . -39.92 22.27 -0.15
O14 FJT S . -38.64 22.96 0.39
O14 FJT S . -38.49 23.26 1.13
O24 FJT S . -38.91 25.58 -1.39
O24 FJT S . -37.58 26.02 0.68
O25 FJT S . -31.99 29.09 -4.03
O25 FJT S . -31.95 26.18 -4.45
O27 FJT S . -33.97 30.15 -4.11
O27 FJT S . -32.78 24.45 -3.27
CL1 FJT S . -36.25 21.27 3.38
CL1 FJT S . -36.57 21.69 2.92
C01 FJT T . -22.18 34.33 11.64
C01 FJT T . -22.02 33.72 13.04
C02 FJT T . -21.50 33.25 12.15
C02 FJT T . -22.18 34.44 11.89
C03 FJT T . -21.30 33.15 13.55
C03 FJT T . -22.85 35.68 11.91
C04 FJT T . -21.80 34.11 14.38
C04 FJT T . -23.36 36.16 13.12
C05 FJT T . -22.50 35.21 13.87
C05 FJT T . -23.21 35.43 14.29
C06 FJT T . -22.69 35.33 12.50
C06 FJT T . -22.55 34.22 14.26
C07 FJT T . -23.02 36.24 14.87
C07 FJT T . -23.78 36.00 15.58
C09 FJT T . -23.09 35.09 17.13
C09 FJT T . -22.17 35.34 17.40
C10 FJT T . -22.35 34.69 18.40
C10 FJT T . -21.80 34.54 18.64
C13 FJT T . -20.99 33.61 19.71
C13 FJT T . -21.76 33.06 20.24
C15 FJT T . -19.96 32.61 20.24
C15 FJT T . -22.06 31.86 21.15
C16 FJT T . -20.41 31.16 20.06
C16 FJT T . -21.71 30.50 20.54
C17 FJT T . -21.59 30.70 20.66
C17 FJT T . -20.50 30.23 19.91
C18 FJT T . -21.96 29.37 20.49
C18 FJT T . -20.26 28.96 19.40
C19 FJT T . -21.18 28.51 19.75
C19 FJT T . -21.21 27.96 19.52
C20 FJT T . -20.02 28.97 19.15
C20 FJT T . -22.41 28.22 20.14
C21 FJT T . -19.64 30.29 19.32
C21 FJT T . -22.65 29.49 20.66
C26 FJT T . -21.39 33.08 9.91
C26 FJT T . -21.14 32.49 11.34
F22 FJT T . -21.57 27.21 19.58
F22 FJT T . -20.96 26.72 19.01
N08 FJT T . -22.38 35.88 16.12
N08 FJT T . -23.47 35.20 16.77
N11 FJT T . -22.45 35.24 19.60
N11 FJT T . -20.81 34.86 19.46
N12 FJT T . -21.60 34.56 20.42
N12 FJT T . -20.78 33.93 20.47
O14 FJT T . -21.45 33.69 18.46
O14 FJT T . -22.40 33.43 19.12
O24 FJT T . -24.20 34.75 16.94
O24 FJT T . -21.38 36.10 16.94
O25 FJT T . -21.09 32.41 11.10
O25 FJT T . -21.57 33.73 10.82
O27 FJT T . -22.22 34.17 10.24
O27 FJT T . -21.33 32.53 12.74
CL1 FJT T . -22.61 31.79 21.62
CL1 FJT T . -19.20 31.44 19.72
C1 EDO U . -22.93 4.83 22.92
O1 EDO U . -22.03 5.87 22.51
C2 EDO U . -23.23 3.93 21.73
O2 EDO U . -24.01 2.81 22.15
C01 FJT V . -1.90 41.71 12.25
C01 FJT V . -1.19 40.65 12.35
C02 FJT V . -1.36 40.45 12.29
C02 FJT V . -2.36 41.10 11.80
C03 FJT V . -0.35 40.14 13.24
C03 FJT V . -2.68 42.49 11.88
C04 FJT V . 0.09 41.12 14.13
C04 FJT V . -1.82 43.36 12.52
C05 FJT V . -0.46 42.40 14.08
C05 FJT V . -0.64 42.90 13.08
C06 FJT V . -1.44 42.71 13.15
C06 FJT V . -0.31 41.55 13.01
C07 FJT V . 0.04 43.45 15.06
C07 FJT V . 0.29 43.89 13.78
C09 FJT V . 2.63 43.41 15.00
C09 FJT V . 0.67 42.63 15.92
C10 FJT V . 2.82 42.27 16.01
C10 FJT V . 1.60 41.94 16.91
C13 FJT V . 3.82 40.73 17.19
C13 FJT V . 3.31 40.91 17.78
C15 FJT V . 4.91 39.82 17.76
C15 FJT V . 4.64 40.18 17.93
C16 FJT V . 4.40 38.41 18.01
C16 FJT V . 4.32 38.71 18.16
C17 FJT V . 3.66 38.14 19.14
C17 FJT V . 4.65 37.77 17.21
C18 FJT V . 3.19 36.86 19.39
C18 FJT V . 4.35 36.44 17.41
C19 FJT V . 3.48 35.84 18.49
C19 FJT V . 3.70 36.04 18.57
C20 FJT V . 4.22 36.10 17.36
C20 FJT V . 3.36 36.99 19.53
C21 FJT V . 4.69 37.39 17.12
C21 FJT V . 3.67 38.32 19.33
C26 FJT V . -2.92 40.46 10.65
C26 FJT V . -2.26 38.87 11.43
F22 FJT V . 3.01 34.58 18.73
F22 FJT V . 3.40 34.73 18.77
N08 FJT V . 1.33 43.95 14.58
N08 FJT V . 1.19 43.24 14.71
N11 FJT V . 1.90 41.68 16.77
N11 FJT V . 1.38 41.81 18.21
N12 FJT V . 2.53 40.71 17.51
N12 FJT V . 2.45 41.16 18.76
O14 FJT V . 4.00 41.68 16.26
O14 FJT V . 2.79 41.39 16.64
O24 FJT V . 3.59 43.91 14.53
O24 FJT V . -0.50 42.65 16.14
O25 FJT V . -1.97 39.66 11.29
O25 FJT V . -3.04 40.02 11.22
O27 FJT V . -2.87 41.74 11.21
O27 FJT V . -1.11 39.26 12.14
CL1 FJT V . 3.29 39.46 20.29
CL1 FJT V . 5.49 38.28 15.71
C1 EDO W . 2.80 15.60 28.64
O1 EDO W . 3.33 14.85 27.54
C2 EDO W . 1.37 15.14 28.91
O2 EDO W . 1.39 13.86 29.56
C01 FJT X . 11.23 41.45 -4.06
C01 FJT X . 12.17 40.41 -3.52
C02 FJT X . 11.61 40.14 -3.92
C02 FJT X . 10.99 41.10 -3.61
C03 FJT X . 12.98 39.80 -3.91
C03 FJT X . 10.98 42.43 -4.08
C04 FJT X . 13.93 40.80 -4.05
C04 FJT X . 12.17 43.04 -4.45
C05 FJT X . 13.55 42.13 -4.20
C05 FJT X . 13.37 42.34 -4.37
C06 FJT X . 12.20 42.46 -4.20
C06 FJT X . 13.39 41.03 -3.91
C07 FJT X . 14.64 43.19 -4.35
C07 FJT X . 14.66 43.03 -4.79
C09 FJT X . 16.84 42.16 -3.67
C09 FJT X . 16.88 41.87 -4.82
C10 FJT X . 18.11 41.41 -4.08
C10 FJT X . 18.08 41.28 -4.08
C13 FJT X . 19.86 40.12 -4.04
C13 FJT X . 19.80 40.04 -3.61
C15 FJT X . 20.94 39.16 -3.56
C15 FJT X . 20.87 38.96 -3.71
C16 FJT X . 20.33 37.85 -3.05
C16 FJT X . 20.30 37.69 -3.11
C17 FJT X . 19.53 37.05 -3.85
C17 FJT X . 19.40 36.93 -3.85
C18 FJT X . 19.01 35.87 -3.35
C18 FJT X . 18.87 35.77 -3.31
C19 FJT X . 19.29 35.48 -2.05
C19 FJT X . 19.23 35.38 -2.03
C20 FJT X . 20.10 36.27 -1.25
C20 FJT X . 20.12 36.14 -1.29
C21 FJT X . 20.62 37.44 -1.76
C21 FJT X . 20.65 37.30 -1.83
C26 FJT X . 9.38 40.23 -3.59
C26 FJT X . 10.49 38.95 -3.14
F22 FJT X . 18.77 34.31 -1.57
F22 FJT X . 18.69 34.24 -1.50
N08 FJT X . 15.86 42.49 -4.70
N08 FJT X . 15.80 42.48 -4.07
N11 FJT X . 18.67 41.45 -5.28
N11 FJT X . 18.54 41.66 -2.90
N12 FJT X . 19.76 40.64 -5.24
N12 FJT X . 19.63 40.88 -2.60
O14 FJT X . 18.83 40.60 -3.30
O14 FJT X . 18.86 40.28 -4.52
O24 FJT X . 16.65 42.45 -2.54
O24 FJT X . 16.84 41.82 -6.01
O25 FJT X . 10.44 39.35 -3.79
O25 FJT X . 9.95 40.24 -3.16
O27 FJT X . 9.81 41.49 -4.03
O27 FJT X . 11.88 39.11 -3.03
CL1 FJT X . 19.12 37.51 -5.54
CL1 FJT X . 18.93 37.43 -5.50
C01 FJT Y . 18.03 -35.64 -14.43
C01 FJT Y . 17.98 -35.64 -14.44
C02 FJT Y . 17.65 -36.62 -13.53
C02 FJT Y . 17.64 -36.60 -13.53
C03 FJT Y . 18.22 -37.90 -13.60
C03 FJT Y . 18.22 -37.89 -13.60
C04 FJT Y . 19.16 -38.19 -14.58
C04 FJT Y . 19.15 -38.17 -14.59
C05 FJT Y . 19.55 -37.22 -15.49
C05 FJT Y . 19.50 -37.20 -15.53
C06 FJT Y . 19.00 -35.94 -15.42
C06 FJT Y . 18.93 -35.94 -15.47
C07 FJT Y . 20.59 -37.56 -16.54
C07 FJT Y . 20.51 -37.57 -16.60
C09 FJT Y . 20.14 -36.04 -18.51
C09 FJT Y . 20.08 -35.99 -18.53
C10 FJT Y . 20.56 -34.85 -19.37
C10 FJT Y . 20.58 -34.83 -19.39
C13 FJT Y . 20.58 -33.30 -20.90
C13 FJT Y . 20.73 -33.24 -20.88
C15 FJT Y . 20.16 -32.40 -22.07
C15 FJT Y . 20.40 -32.27 -22.03
C16 FJT Y . 19.46 -31.18 -21.50
C16 FJT Y . 19.45 -31.17 -21.58
C17 FJT Y . 18.18 -30.86 -21.90
C17 FJT Y . 19.83 -30.24 -20.62
C18 FJT Y . 17.54 -29.75 -21.38
C18 FJT Y . 18.94 -29.24 -20.23
C19 FJT Y . 18.18 -28.96 -20.45
C19 FJT Y . 17.68 -29.19 -20.80
C20 FJT Y . 19.47 -29.28 -20.03
C20 FJT Y . 17.30 -30.12 -21.76
C21 FJT Y . 20.10 -30.38 -20.56
C21 FJT Y . 18.19 -31.10 -22.14
C26 FJT Y . 16.71 -34.68 -12.87
C26 FJT Y . 16.69 -34.66 -12.87
F22 FJT Y . 17.55 -27.86 -19.94
F22 FJT Y . 16.81 -28.21 -20.42
N08 FJT Y . 20.96 -36.44 -17.38
N08 FJT Y . 20.92 -36.46 -17.44
N11 FJT Y . 21.69 -34.17 -19.25
N11 FJT Y . 21.77 -34.26 -19.27
N12 FJT Y . 21.69 -33.20 -20.21
N12 FJT Y . 21.86 -33.26 -20.20
O14 FJT Y . 19.86 -34.32 -20.40
O14 FJT Y . 19.93 -34.21 -20.39
O24 FJT Y . 19.13 -36.63 -18.75
O24 FJT Y . 19.05 -36.51 -18.77
O25 FJT Y . 16.68 -36.06 -12.66
O25 FJT Y . 16.69 -36.04 -12.64
O27 FJT Y . 17.30 -34.47 -14.13
O27 FJT Y . 17.26 -34.47 -14.14
CL1 FJT Y . 17.33 -31.87 -23.11
CL1 FJT Y . 21.45 -30.27 -19.86
C01 FJT Z . 33.03 -27.02 -1.07
C01 FJT Z . 32.72 -27.25 -1.06
C02 FJT Z . 32.50 -28.27 -0.87
C02 FJT Z . 32.10 -28.45 -0.89
C03 FJT Z . 33.35 -29.39 -0.75
C03 FJT Z . 32.88 -29.63 -0.71
C04 FJT Z . 34.73 -29.22 -0.86
C04 FJT Z . 34.26 -29.55 -0.70
C05 FJT Z . 35.27 -27.95 -1.06
C05 FJT Z . 34.90 -28.32 -0.88
C06 FJT Z . 34.43 -26.86 -1.17
C06 FJT Z . 34.15 -27.17 -1.07
C07 FJT Z . 36.78 -27.78 -1.18
C07 FJT Z . 36.42 -28.23 -0.89
C09 FJT Z . 37.43 -27.08 -3.55
C09 FJT Z . 37.06 -25.91 -1.57
C10 FJT Z . 37.37 -25.59 -3.25
C10 FJT Z . 37.43 -24.89 -2.65
C13 FJT Z . 37.83 -23.45 -3.32
C13 FJT Z . 38.07 -23.04 -3.58
C15 FJT Z . 38.47 -22.10 -3.68
C15 FJT Z . 38.56 -21.60 -3.74
C16 FJT Z . 37.37 -21.07 -3.90
C16 FJT Z . 37.34 -20.72 -4.00
C17 FJT Z . 36.81 -20.42 -2.81
C17 FJT Z . 36.58 -20.28 -2.92
C18 FJT Z . 35.80 -19.48 -3.01
C18 FJT Z . 35.49 -19.47 -3.13
C19 FJT Z . 35.37 -19.20 -4.29
C19 FJT Z . 35.13 -19.11 -4.42
C20 FJT Z . 35.93 -19.85 -5.38
C20 FJT Z . 35.88 -19.55 -5.49
C21 FJT Z . 36.94 -20.78 -5.18
C21 FJT Z . 36.98 -20.36 -5.28
C26 FJT Z . 30.81 -26.77 -0.71
C26 FJT Z . 30.51 -26.85 -0.89
F22 FJT Z . 34.38 -18.27 -4.49
F22 FJT Z . 34.03 -18.32 -4.62
N08 FJT Z . 37.15 -28.10 -2.54
N08 FJT Z . 36.78 -27.30 -1.93
N11 FJT Z . 36.55 -24.96 -2.43
N11 FJT Z . 37.39 -25.07 -3.96
N12 FJT Z . 36.84 -23.62 -2.46
N12 FJT Z . 37.78 -23.90 -4.55
O14 FJT Z . 38.16 -24.65 -3.82
O14 FJT Z . 37.85 -23.65 -2.40
O24 FJT Z . 37.73 -27.44 -4.64
O24 FJT Z . 36.99 -25.58 -0.44
O25 FJT Z . 31.10 -28.15 -0.80
O25 FJT Z . 30.71 -28.24 -0.92
O27 FJT Z . 31.96 -26.09 -1.13
O27 FJT Z . 31.74 -26.25 -1.23
CL1 FJT Z . 37.37 -20.79 -1.16
CL1 FJT Z . 37.07 -20.75 -1.26
C01 FJT AA . 30.64 -21.95 19.48
C01 FJT AA . 30.67 -21.95 19.38
C02 FJT AA . 30.26 -23.21 19.12
C02 FJT AA . 30.18 -23.20 19.18
C03 FJT AA . 30.85 -24.34 19.74
C03 FJT AA . 30.78 -24.31 19.82
C04 FJT AA . 31.83 -24.16 20.71
C04 FJT AA . 31.88 -24.12 20.65
C05 FJT AA . 32.23 -22.86 21.07
C05 FJT AA . 32.39 -22.85 20.85
C06 FJT AA . 31.63 -21.77 20.46
C06 FJT AA . 31.80 -21.75 20.22
C07 FJT AA . 33.30 -22.67 22.13
C07 FJT AA . 33.60 -22.63 21.76
C09 FJT AA . 34.32 -20.40 21.79
C09 FJT AA . 33.73 -20.25 22.53
C10 FJT AA . 34.41 -18.92 22.18
C10 FJT AA . 34.26 -18.83 22.38
C13 FJT AA . 33.95 -16.99 23.07
C13 FJT AA . 34.53 -16.69 22.69
C15 FJT AA . 33.23 -15.88 23.84
C15 FJT AA . 34.36 -15.28 23.25
C16 FJT AA . 32.51 -15.01 22.82
C16 FJT AA . 33.29 -14.58 22.43
C17 FJT AA . 33.20 -14.03 22.12
C17 FJT AA . 31.95 -14.89 22.61
C18 FJT AA . 32.54 -13.25 21.19
C18 FJT AA . 30.97 -14.25 21.87
C19 FJT AA . 31.18 -13.44 20.96
C19 FJT AA . 31.34 -13.30 20.94
C20 FJT AA . 30.50 -14.43 21.66
C20 FJT AA . 32.68 -12.98 20.75
C21 FJT AA . 31.16 -15.21 22.58
C21 FJT AA . 33.65 -13.62 21.50
C26 FJT AA . 29.07 -21.75 17.84
C26 FJT AA . 29.02 -21.79 17.84
F22 FJT AA . 30.52 -12.67 20.05
F22 FJT AA . 30.37 -12.67 20.21
N08 FJT AA . 33.40 -21.27 22.50
N08 FJT AA . 34.11 -21.29 21.59
N11 FJT AA . 35.37 -18.08 21.83
N11 FJT AA . 35.20 -18.42 21.54
N12 FJT AA . 35.08 -16.87 22.39
N12 FJT AA . 35.37 -17.07 21.74
O14 FJT AA . 33.52 -18.26 22.94
O14 FJT AA . 33.85 -17.78 23.10
O24 FJT AA . 34.98 -20.82 20.91
O24 FJT AA . 32.99 -20.51 23.42
O25 FJT AA . 29.25 -23.12 18.13
O25 FJT AA . 29.07 -23.11 18.30
O27 FJT AA . 29.89 -21.02 18.72
O27 FJT AA . 29.89 -21.03 18.62
CL1 FJT AA . 34.94 -13.78 22.41
CL1 FJT AA . 31.47 -16.13 23.82
C01 FJT BA . 13.24 -24.08 32.49
C01 FJT BA . 13.44 -24.16 32.25
C02 FJT BA . 13.75 -25.30 32.15
C02 FJT BA . 13.75 -25.38 31.72
C03 FJT BA . 13.96 -26.29 33.15
C03 FJT BA . 14.09 -26.47 32.57
C04 FJT BA . 13.64 -26.02 34.47
C04 FJT BA . 14.07 -26.30 33.95
C05 FJT BA . 13.12 -24.77 34.82
C05 FJT BA . 13.74 -25.06 34.49
C06 FJT BA . 12.92 -23.81 33.85
C06 FJT BA . 13.43 -23.99 33.66
C07 FJT BA . 12.77 -24.47 36.28
C07 FJT BA . 13.73 -24.88 36.01
C09 FJT BA . 13.37 -22.40 37.59
C09 FJT BA . 12.02 -23.78 37.46
C10 FJT BA . 11.89 -22.07 37.82
C10 FJT BA . 11.25 -22.55 37.91
C13 FJT BA . 9.97 -21.03 37.76
C13 FJT BA . 9.90 -20.84 37.93
C15 FJT BA . 8.90 -19.99 37.47
C15 FJT BA . 8.87 -19.80 37.51
C16 FJT BA . 9.49 -18.79 36.72
C16 FJT BA . 9.57 -18.60 36.86
C17 FJT BA . 10.47 -18.01 37.31
C17 FJT BA . 9.26 -18.25 35.57
C18 FJT BA . 11.00 -16.93 36.62
C18 FJT BA . 9.88 -17.18 34.95
C19 FJT BA . 10.54 -16.63 35.35
C19 FJT BA . 10.83 -16.46 35.66
C20 FJT BA . 9.55 -17.40 34.76
C20 FJT BA . 11.15 -16.80 36.96
C21 FJT BA . 9.03 -18.49 35.45
C21 FJT BA . 10.52 -17.89 37.57
C26 FJT BA . 13.30 -24.20 30.24
C26 FJT BA . 13.23 -24.00 30.00
F22 FJT BA . 11.06 -15.56 34.68
F22 FJT BA . 11.45 -15.40 35.06
N08 FJT BA . 13.77 -23.57 36.84
N08 FJT BA . 13.02 -23.68 36.41
N11 FJT BA . 11.02 -22.78 38.52
N11 FJT BA . 11.33 -21.97 39.10
N12 FJT BA . 9.82 -22.13 38.47
N12 FJT BA . 10.50 -20.90 39.11
O14 FJT BA . 11.26 -20.98 37.36
O14 FJT BA . 10.36 -21.85 37.18
O24 FJT BA . 14.20 -21.68 38.05
O24 FJT BA . 11.81 -24.82 37.97
O25 FJT BA . 13.99 -25.31 30.76
O25 FJT BA . 13.70 -25.29 30.31
O27 FJT BA . 13.15 -23.31 31.31
O27 FJT BA . 13.16 -23.27 31.20
CL1 FJT BA . 11.08 -18.38 38.95
CL1 FJT BA . 8.04 -19.21 34.68
C01 FJT CA . -5.25 -33.30 27.44
C01 FJT CA . -5.45 -33.49 27.49
C02 FJT CA . -5.65 -32.16 26.78
C02 FJT CA . -5.80 -32.34 26.84
C03 FJT CA . -6.95 -31.64 27.03
C03 FJT CA . -7.06 -31.75 27.08
C04 FJT CA . -7.79 -32.27 27.92
C04 FJT CA . -7.94 -32.35 27.96
C05 FJT CA . -7.38 -33.42 28.60
C05 FJT CA . -7.60 -33.52 28.62
C06 FJT CA . -6.11 -33.94 28.37
C06 FJT CA . -6.36 -34.10 28.40
C07 FJT CA . -8.34 -34.08 29.58
C07 FJT CA . -8.61 -34.14 29.58
C09 FJT CA . -10.08 -32.32 30.08
C09 FJT CA . -10.40 -32.39 29.92
C10 FJT CA . -11.45 -31.70 29.81
C10 FJT CA . -11.74 -31.78 29.49
C13 FJT CA . -13.00 -30.48 28.89
C13 FJT CA . -13.16 -30.50 28.47
C15 FJT CA . -13.70 -29.48 27.97
C15 FJT CA . -13.75 -29.40 27.57
C16 FJT CA . -13.25 -28.08 28.40
C16 FJT CA . -13.25 -28.02 27.99
C17 FJT CA . -12.56 -27.28 27.51
C17 FJT CA . -13.41 -27.54 29.29
C18 FJT CA . -12.15 -26.02 27.89
C18 FJT CA . -12.94 -26.28 29.62
C19 FJT CA . -12.43 -25.56 29.17
C19 FJT CA . -12.32 -25.49 28.67
C20 FJT CA . -13.12 -26.37 30.05
C20 FJT CA . -12.15 -25.97 27.38
C21 FJT CA . -13.52 -27.63 29.68
C21 FJT CA . -12.62 -27.24 27.04
C26 FJT CA . -3.59 -32.68 26.00
C26 FJT CA . -3.69 -32.84 26.22
F22 FJT CA . -12.02 -24.31 29.55
F22 FJT CA . -11.86 -24.26 29.01
N08 FJT CA . -9.66 -33.51 29.35
N08 FJT CA . -9.90 -33.56 29.22
N11 FJT CA . -12.58 -31.94 30.46
N11 FJT CA . -12.95 -32.14 29.89
N12 FJT CA . -13.55 -31.17 29.89
N12 FJT CA . -13.84 -31.33 29.25
O14 FJT CA . -11.70 -30.81 28.85
O14 FJT CA . -11.86 -30.78 28.61
O24 FJT CA . -9.34 -31.81 30.85
O24 FJT CA . -9.77 -31.90 30.78
O25 FJT CA . -4.62 -31.73 25.93
O25 FJT CA . -4.74 -31.94 26.00
O27 FJT CA . -3.94 -33.59 27.01
O27 FJT CA . -4.15 -33.86 27.06
CL1 FJT CA . -12.21 -27.89 25.87
CL1 FJT CA . -14.21 -28.51 30.54
C01 FJT DA . -12.72 -39.54 8.24
C01 FJT DA . -13.06 -39.63 8.38
C02 FJT DA . -11.89 -40.31 9.02
C02 FJT DA . -12.03 -40.39 8.88
C03 FJT DA . -12.17 -41.68 9.23
C03 FJT DA . -12.20 -41.77 9.09
C04 FJT DA . -13.29 -42.24 8.65
C04 FJT DA . -13.42 -42.37 8.78
C05 FJT DA . -14.13 -41.46 7.85
C05 FJT DA . -14.47 -41.61 8.28
C06 FJT DA . -13.86 -40.12 7.65
C06 FJT DA . -14.31 -40.24 8.08
C07 FJT DA . -15.36 -42.09 7.21
C07 FJT DA . -15.80 -42.29 7.97
C09 FJT DA . -17.76 -41.33 7.79
C09 FJT DA . -17.18 -41.72 5.97
C10 FJT DA . -18.08 -40.73 6.42
C10 FJT DA . -18.14 -40.81 5.21
C13 FJT DA . -19.17 -39.64 4.87
C13 FJT DA . -19.69 -39.35 4.73
C15 FJT DA . -20.24 -38.78 4.17
C15 FJT DA . -20.82 -38.32 4.84
C16 FJT DA . -20.07 -37.33 4.58
C16 FJT DA . -20.38 -36.88 5.05
C17 FJT DA . -19.11 -36.55 3.97
C17 FJT DA . -19.48 -36.21 4.23
C18 FJT DA . -18.95 -35.22 4.35
C18 FJT DA . -19.14 -34.89 4.49
C19 FJT DA . -19.78 -34.68 5.32
C19 FJT DA . -19.70 -34.22 5.56
C20 FJT DA . -20.74 -35.47 5.94
C20 FJT DA . -20.61 -34.87 6.37
C21 FJT DA . -20.88 -36.80 5.56
C21 FJT DA . -20.95 -36.19 6.12
C26 FJT DA . -10.88 -38.32 8.69
C26 FJT DA . -11.23 -38.31 8.48
F22 FJT DA . -19.63 -33.38 5.70
F22 FJT DA . -19.38 -32.92 5.80
N08 FJT DA . -16.48 -41.96 8.13
N08 FJT DA . -16.71 -41.38 7.30
N11 FJT DA . -17.40 -40.82 5.29
N11 FJT DA . -18.21 -40.71 3.90
N12 FJT DA . -18.07 -40.13 4.32
N12 FJT DA . -19.18 -39.81 3.59
O14 FJT DA . -19.18 -39.99 6.17
O14 FJT DA . -19.06 -39.97 5.75
O24 FJT DA . -18.59 -41.28 8.63
O24 FJT DA . -16.80 -42.72 5.46
O25 FJT DA . -10.84 -39.48 9.48
O25 FJT DA . -10.93 -39.54 9.09
O27 FJT DA . -12.20 -38.23 8.21
O27 FJT DA . -12.62 -38.29 8.28
CL1 FJT DA . -18.06 -37.23 2.70
CL1 FJT DA . -18.70 -37.00 2.83
C01 FJT EA . -2.24 -41.18 -10.34
C01 FJT EA . -2.35 -41.16 -10.23
C02 FJT EA . -2.06 -41.77 -9.12
C02 FJT EA . -2.03 -41.74 -9.04
C03 FJT EA . -1.87 -43.18 -9.04
C03 FJT EA . -1.80 -43.14 -8.97
C04 FJT EA . -1.85 -43.94 -10.20
C04 FJT EA . -1.89 -43.92 -10.12
C05 FJT EA . -2.02 -43.34 -11.45
C05 FJT EA . -2.22 -43.32 -11.34
C06 FJT EA . -2.21 -41.96 -11.53
C06 FJT EA . -2.44 -41.95 -11.40
C07 FJT EA . -2.00 -44.19 -12.71
C07 FJT EA . -2.32 -44.18 -12.59
C09 FJT EA . -4.06 -43.30 -13.85
C09 FJT EA . -3.34 -42.85 -14.46
C10 FJT EA . -4.69 -42.61 -15.05
C10 FJT EA . -4.53 -42.41 -15.29
C13 FJT EA . -4.93 -41.39 -16.84
C13 FJT EA . -5.69 -41.41 -16.84
C15 FJT EA . -4.62 -40.44 -18.01
C15 FJT EA . -6.06 -40.52 -18.03
C16 FJT EA . -5.16 -39.08 -17.59
C16 FJT EA . -6.06 -39.08 -17.53
C17 FJT EA . -4.27 -38.10 -17.18
C17 FJT EA . -4.87 -38.39 -17.37
C18 FJT EA . -4.76 -36.86 -16.80
C18 FJT EA . -4.87 -37.09 -16.92
C19 FJT EA . -6.12 -36.61 -16.81
C19 FJT EA . -6.07 -36.45 -16.63
C20 FJT EA . -7.00 -37.60 -17.21
C20 FJT EA . -7.26 -37.13 -16.80
C21 FJT EA . -6.52 -38.84 -17.60
C21 FJT EA . -7.27 -38.45 -17.25
C26 FJT EA . -2.34 -39.55 -8.75
C26 FJT EA . -2.33 -39.53 -8.66
F22 FJT EA . -6.60 -35.39 -16.43
F22 FJT EA . -6.06 -35.17 -16.20
N08 FJT EA . -2.62 -43.53 -13.83
N08 FJT EA . -3.49 -43.80 -13.37
N11 FJT EA . -5.95 -42.70 -15.45
N11 FJT EA . -5.80 -42.78 -15.15
N12 FJT EA . -6.10 -41.93 -16.57
N12 FJT EA . -6.53 -42.15 -16.12
O14 FJT EA . -4.05 -41.80 -15.91
O14 FJT EA . -4.47 -41.56 -16.33
O24 FJT EA . -4.74 -43.65 -12.95
O24 FJT EA . -2.26 -42.39 -14.69
O25 FJT EA . -2.12 -40.78 -8.13
O25 FJT EA . -2.01 -40.74 -8.04
O27 FJT EA . -2.42 -39.79 -10.14
O27 FJT EA . -2.52 -39.77 -10.03
CL1 FJT EA . -2.52 -38.41 -17.16
CL1 FJT EA . -3.32 -39.20 -17.73
C1 EDO FA . 4.48 -12.41 -28.23
O1 EDO FA . 5.72 -12.20 -27.56
C2 EDO FA . 4.64 -13.53 -29.24
O2 EDO FA . 3.35 -13.92 -29.73
#